data_6CS1
#
_entry.id   6CS1
#
_cell.length_a   1
_cell.length_b   1
_cell.length_c   1
_cell.angle_alpha   90.000
_cell.angle_beta   90.000
_cell.angle_gamma   90.000
#
_symmetry.space_group_name_H-M   'P 1'
#
loop_
_entity.id
_entity.type
_entity.pdbx_description
1 polymer 'Spike glycoprotein,Fibritin'
2 branched 2-acetamido-2-deoxy-beta-D-glucopyranose-(1-4)-2-acetamido-2-deoxy-beta-D-glucopyranose
3 branched beta-D-mannopyranose-(1-4)-2-acetamido-2-deoxy-beta-D-glucopyranose-(1-4)-2-acetamido-2-deoxy-beta-D-glucopyranose
4 branched alpha-D-mannopyranose-(1-3)-[alpha-D-mannopyranose-(1-6)]beta-D-mannopyranose-(1-4)-2-acetamido-2-deoxy-beta-D-glucopyranose-(1-4)-2-acetamido-2-deoxy-beta-D-glucopyranose
5 branched alpha-D-mannopyranose-(1-3)-beta-D-mannopyranose-(1-4)-2-acetamido-2-deoxy-beta-D-glucopyranose-(1-4)-2-acetamido-2-deoxy-beta-D-glucopyranose
6 non-polymer 2-acetamido-2-deoxy-beta-D-glucopyranose
#
_entity_poly.entity_id   1
_entity_poly.type   'polypeptide(L)'
_entity_poly.pdbx_seq_one_letter_code
;SDLDRCTTFDDVQAPNYTQHTSSMRGVYYPDEIFRSDTLYLTQDLFLPFYSNVTGFHTINHTFGNPVIPFKDGIYFAATE
KSNVVRGWVFGSTMNNKSQSVIIINNSTNVVIRACNFELCDNPFFAVSKPMGTQTHTMIFDNAFNCTFEYISDAFSLDVS
EKSGNFKHLREFVFKNKDGFLYVYKGYQPIDVVRDLPSGFNTLKPIFKLPLGINITNFRAILTAFSPAQDIWGTSAAAYF
VGYLKPTTFMLKYDENGTITDAVDCSQNPLAELKCSVKSFEIDKGIYQTSNFRVVPSGDVVRFPNITNLCPFGEVFNATK
FPSVYAWERKKISNCVADYSVLYNSTFFSTFKCYGVSATKLNDLCFSNVYADSFVVKGDDVRQIAPGQTGVIADYNYKLP
DDFMGCVLAWNTRNIDATSTGNYNYKYRYLRHGKLRPFERDISNVPFSPDGKPCTPPALNCYWPLNDYGFYTTTGIGYQP
YRVVVLSFELLNAPATVCGPKLSTDLIKNQCVNFNFNGLTGTGVLTPSSKRFQPFQQFGRDVSDFTDSVRDPKTSEILDI
SPCAFGGVSVITPGTNASSEVAVLYQDVNCTDVSTAIHADQLTPAWRIYSTGNNVFQTQAGCLIGAEHVDTSYECDIPIG
AGICASYHTVSLLRSTSQKSIVAYTMSLGADSSIAYSNNTIAIPTNFSISITTEVMPVSMAKTSVDCNMYICGDSTECAN
LLLQYGSFCTQLNRALSGIAAEQDRNTREVFAQVKQMYKTPTLKYFGGFNFSQILPDPLKPTKRSFIEDLLFNKVTLADA
GFMKQYGECLGDINARDLICAQKFNGLTVLPPLLTDDMIAAYTAALVSGTATAGWTFGAGAALQIPFAMQMAYRFNGIGV
TQNVLYENQKQIANQFNKAISQIQESLTTTSTALGKLQDVVNQNAQALNTLVKQLSSNFGAISSVLNDILSRLDPPEAEV
QIDRLITGRLQSLQTYVTQQLIRAAEIRASANLAATKMSECVLGQSKRVDFCGKGYHLMSFPQAAPHGVVFLHVTYVPSQ
ERNFTTAPAICHEGKAYFPREGVFVFNGTSWFITQRNFFSPQIITTDNTFVSGNCDVVIGIINNTVYDPLQPELDSFKEE
LDKYFKNHTSPDVDLGDISGINASVVNIQKEIDRLNEVAKNLNESLIDLQELGKYEQGSGYIPEAPRDGQAYVRKDGEWV
LLSTFLGRSLEVLFQ
;
_entity_poly.pdbx_strand_id   B,C,A
#
loop_
_chem_comp.id
_chem_comp.type
_chem_comp.name
_chem_comp.formula
BMA D-saccharide, beta linking beta-D-mannopyranose 'C6 H12 O6'
MAN D-saccharide, alpha linking alpha-D-mannopyranose 'C6 H12 O6'
NAG D-saccharide, beta linking 2-acetamido-2-deoxy-beta-D-glucopyranose 'C8 H15 N O6'
#
# COMPACT_ATOMS: atom_id res chain seq x y z
N ARG A 5 39.82 -50.05 -34.29
CA ARG A 5 40.57 -50.51 -33.12
C ARG A 5 40.73 -49.41 -32.08
N CYS A 6 41.42 -49.76 -31.00
CA CYS A 6 41.82 -48.81 -29.96
C CYS A 6 43.32 -48.84 -29.75
N THR A 7 44.02 -47.95 -30.46
CA THR A 7 45.38 -47.58 -30.15
C THR A 7 45.38 -46.12 -29.72
N THR A 8 46.54 -45.66 -29.26
CA THR A 8 46.72 -44.32 -28.73
C THR A 8 47.55 -43.50 -29.70
N PHE A 9 47.80 -42.25 -29.32
CA PHE A 9 48.83 -41.49 -30.01
C PHE A 9 50.20 -42.00 -29.58
N ASP A 10 51.18 -41.83 -30.47
CA ASP A 10 52.51 -42.38 -30.24
C ASP A 10 53.46 -41.37 -29.59
N ASP A 11 53.69 -40.24 -30.24
CA ASP A 11 54.64 -39.23 -29.76
C ASP A 11 53.89 -38.12 -29.03
N VAL A 12 53.29 -38.49 -27.91
CA VAL A 12 52.57 -37.51 -27.09
C VAL A 12 53.57 -36.58 -26.43
N GLN A 13 53.55 -35.31 -26.80
CA GLN A 13 54.43 -34.31 -26.21
C GLN A 13 53.69 -33.52 -25.14
N ALA A 14 54.43 -32.62 -24.49
CA ALA A 14 53.91 -31.89 -23.34
C ALA A 14 52.88 -30.86 -23.76
N PRO A 15 51.83 -30.66 -22.97
CA PRO A 15 50.81 -29.66 -23.32
C PRO A 15 51.32 -28.24 -23.16
N ASN A 16 50.50 -27.30 -23.64
CA ASN A 16 50.89 -25.90 -23.77
C ASN A 16 50.43 -25.04 -22.60
N TYR A 17 49.10 -25.01 -22.36
CA TYR A 17 48.45 -24.19 -21.33
C TYR A 17 48.79 -22.70 -21.47
N THR A 18 48.72 -22.20 -22.71
CA THR A 18 49.00 -20.79 -22.97
C THR A 18 47.75 -19.97 -22.68
N GLN A 19 47.94 -18.82 -22.03
CA GLN A 19 46.81 -18.01 -21.63
C GLN A 19 46.59 -16.88 -22.63
N HIS A 20 45.32 -16.58 -22.90
CA HIS A 20 44.96 -15.62 -23.93
C HIS A 20 43.88 -14.68 -23.37
N THR A 21 43.31 -13.84 -24.23
CA THR A 21 42.37 -12.81 -23.81
C THR A 21 41.04 -13.02 -24.50
N SER A 22 39.96 -13.08 -23.70
CA SER A 22 38.64 -13.54 -24.13
C SER A 22 37.76 -12.41 -24.67
N SER A 23 38.37 -11.43 -25.34
CA SER A 23 37.92 -10.05 -25.47
C SER A 23 36.44 -9.84 -25.77
N MET A 24 35.95 -10.32 -26.92
CA MET A 24 34.60 -9.97 -27.35
C MET A 24 33.87 -11.19 -27.90
N ARG A 25 34.10 -12.36 -27.32
CA ARG A 25 33.60 -13.60 -27.88
C ARG A 25 32.76 -14.36 -26.86
N GLY A 26 31.87 -15.19 -27.36
CA GLY A 26 31.02 -16.02 -26.52
C GLY A 26 29.57 -15.59 -26.43
N VAL A 27 29.09 -14.81 -27.39
CA VAL A 27 27.73 -14.28 -27.36
C VAL A 27 26.82 -15.20 -28.16
N TYR A 28 25.75 -15.69 -27.55
CA TYR A 28 24.87 -16.63 -28.22
C TYR A 28 23.43 -16.23 -27.99
N TYR A 29 22.52 -17.10 -28.40
CA TYR A 29 21.09 -16.87 -28.29
C TYR A 29 20.52 -17.84 -27.27
N PRO A 30 19.98 -17.38 -26.14
CA PRO A 30 19.47 -18.31 -25.13
C PRO A 30 18.05 -18.79 -25.41
N ASP A 31 17.30 -18.08 -26.21
CA ASP A 31 15.88 -18.34 -26.36
C ASP A 31 15.55 -18.78 -27.78
N GLU A 32 14.25 -18.98 -28.02
CA GLU A 32 13.69 -19.04 -29.36
C GLU A 32 12.66 -17.92 -29.54
N ILE A 33 12.87 -16.81 -28.84
CA ILE A 33 11.90 -15.72 -28.78
C ILE A 33 12.50 -14.50 -29.47
N PHE A 34 11.68 -13.83 -30.28
CA PHE A 34 12.13 -12.65 -31.00
C PHE A 34 11.83 -11.39 -30.20
N ARG A 35 12.80 -10.49 -30.15
CA ARG A 35 12.58 -9.10 -29.76
C ARG A 35 13.41 -8.22 -30.67
N SER A 36 13.07 -6.94 -30.71
CA SER A 36 13.74 -6.01 -31.60
C SER A 36 13.54 -4.60 -31.08
N ASP A 37 14.52 -3.74 -31.38
CA ASP A 37 14.56 -2.33 -30.96
C ASP A 37 14.38 -2.20 -29.46
N THR A 38 15.17 -2.97 -28.72
CA THR A 38 14.98 -3.08 -27.29
C THR A 38 16.34 -3.29 -26.63
N LEU A 39 16.32 -3.66 -25.36
CA LEU A 39 17.54 -3.88 -24.59
C LEU A 39 17.19 -4.86 -23.48
N TYR A 40 17.77 -6.05 -23.53
CA TYR A 40 17.28 -7.20 -22.78
C TYR A 40 18.35 -7.70 -21.82
N LEU A 41 18.26 -7.25 -20.57
CA LEU A 41 19.14 -7.71 -19.51
C LEU A 41 18.56 -8.95 -18.85
N THR A 42 19.41 -9.96 -18.65
CA THR A 42 19.05 -11.15 -17.88
C THR A 42 20.33 -11.88 -17.48
N GLN A 43 20.16 -12.96 -16.72
CA GLN A 43 21.25 -13.84 -16.30
C GLN A 43 21.14 -15.19 -16.98
N ASP A 44 22.26 -15.67 -17.53
CA ASP A 44 22.41 -17.06 -17.92
C ASP A 44 23.89 -17.41 -17.76
N LEU A 45 24.32 -18.54 -18.32
CA LEU A 45 25.71 -18.96 -18.24
C LEU A 45 26.50 -18.32 -19.37
N PHE A 46 27.64 -17.70 -19.04
CA PHE A 46 28.39 -16.94 -20.02
C PHE A 46 29.89 -16.97 -19.74
N LEU A 47 30.64 -16.44 -20.71
CA LEU A 47 32.08 -16.16 -20.64
C LEU A 47 32.29 -14.74 -20.14
N PRO A 48 33.19 -14.53 -19.17
CA PRO A 48 33.58 -13.16 -18.84
C PRO A 48 34.47 -12.57 -19.92
N PHE A 49 34.31 -11.27 -20.15
CA PHE A 49 35.25 -10.57 -21.01
C PHE A 49 36.62 -10.49 -20.34
N TYR A 50 37.65 -10.41 -21.17
CA TYR A 50 39.06 -10.30 -20.79
C TYR A 50 39.55 -11.44 -19.91
N SER A 51 38.84 -12.56 -19.83
CA SER A 51 39.31 -13.65 -19.01
C SER A 51 40.41 -14.41 -19.73
N ASN A 52 41.15 -15.22 -18.98
CA ASN A 52 42.13 -16.09 -19.60
C ASN A 52 41.47 -17.20 -20.40
N VAL A 53 42.15 -17.61 -21.47
CA VAL A 53 41.66 -18.63 -22.39
C VAL A 53 42.64 -19.78 -22.37
N THR A 54 42.13 -20.99 -22.15
CA THR A 54 42.93 -22.21 -22.19
C THR A 54 43.42 -22.44 -23.61
N GLY A 55 44.73 -22.28 -23.84
CA GLY A 55 45.27 -22.35 -25.17
C GLY A 55 45.99 -23.65 -25.49
N PHE A 56 45.42 -24.44 -26.39
CA PHE A 56 46.03 -25.71 -26.79
C PHE A 56 46.50 -25.56 -28.24
N HIS A 57 47.70 -25.02 -28.38
CA HIS A 57 48.36 -24.97 -29.68
C HIS A 57 48.75 -26.38 -30.10
N THR A 58 48.88 -26.57 -31.40
CA THR A 58 49.31 -27.86 -31.95
C THR A 58 50.65 -27.61 -32.64
N ILE A 59 51.73 -27.76 -31.89
CA ILE A 59 53.06 -27.67 -32.44
C ILE A 59 53.50 -29.11 -32.73
N ASN A 60 54.63 -29.25 -33.45
CA ASN A 60 55.04 -30.36 -34.31
C ASN A 60 54.62 -31.77 -33.89
N HIS A 61 54.74 -32.08 -32.60
CA HIS A 61 54.27 -33.37 -32.12
C HIS A 61 53.47 -33.28 -30.82
N THR A 62 52.98 -32.09 -30.45
CA THR A 62 52.20 -31.94 -29.23
C THR A 62 50.77 -32.43 -29.46
N PHE A 63 50.39 -33.52 -28.80
CA PHE A 63 49.03 -34.03 -28.82
C PHE A 63 48.35 -33.52 -27.55
N GLY A 64 47.79 -32.32 -27.65
CA GLY A 64 47.34 -31.53 -26.51
C GLY A 64 45.84 -31.73 -26.30
N ASN A 65 45.41 -32.98 -26.08
CA ASN A 65 44.01 -33.29 -25.82
C ASN A 65 43.85 -34.20 -24.60
N PRO A 66 43.94 -33.65 -23.39
CA PRO A 66 43.65 -34.44 -22.20
C PRO A 66 42.14 -34.54 -21.99
N VAL A 67 41.76 -35.25 -20.94
CA VAL A 67 40.37 -35.24 -20.49
C VAL A 67 40.19 -34.03 -19.59
N ILE A 68 39.32 -33.11 -20.01
CA ILE A 68 39.32 -31.76 -19.46
C ILE A 68 37.98 -31.54 -18.75
N PRO A 69 37.97 -30.90 -17.58
CA PRO A 69 36.69 -30.64 -16.88
C PRO A 69 35.76 -29.69 -17.63
N PHE A 70 34.47 -29.98 -17.51
CA PHE A 70 33.39 -29.32 -18.24
C PHE A 70 32.46 -28.58 -17.30
N LYS A 71 31.82 -29.31 -16.38
CA LYS A 71 31.16 -28.93 -15.13
C LYS A 71 29.84 -28.17 -15.27
N ASP A 72 29.67 -27.39 -16.33
CA ASP A 72 28.36 -26.91 -16.78
C ASP A 72 28.36 -26.76 -18.29
N GLY A 73 29.55 -26.53 -18.84
CA GLY A 73 29.67 -26.05 -20.19
C GLY A 73 31.05 -25.53 -20.53
N ILE A 74 31.44 -25.63 -21.80
CA ILE A 74 32.66 -25.01 -22.29
C ILE A 74 32.38 -24.22 -23.56
N TYR A 75 33.41 -23.50 -23.99
CA TYR A 75 33.46 -22.87 -25.31
C TYR A 75 34.57 -23.55 -26.08
N PHE A 76 34.24 -24.11 -27.24
CA PHE A 76 35.27 -24.58 -28.17
C PHE A 76 35.47 -23.53 -29.25
N ALA A 77 36.65 -22.92 -29.27
CA ALA A 77 37.03 -21.97 -30.29
C ALA A 77 38.34 -22.44 -30.93
N ALA A 78 38.44 -22.28 -32.25
CA ALA A 78 39.59 -22.82 -32.97
C ALA A 78 39.75 -22.08 -34.29
N THR A 79 40.88 -21.41 -34.46
CA THR A 79 41.30 -21.00 -35.79
C THR A 79 41.69 -22.25 -36.56
N GLU A 80 41.01 -22.54 -37.65
CA GLU A 80 41.23 -23.79 -38.36
C GLU A 80 41.44 -23.55 -39.85
N LYS A 81 42.41 -24.28 -40.39
CA LYS A 81 42.52 -24.54 -41.81
C LYS A 81 42.40 -26.02 -42.15
N SER A 82 42.53 -26.91 -41.14
CA SER A 82 42.45 -28.34 -41.33
C SER A 82 41.31 -29.01 -40.55
N ASN A 83 40.66 -28.26 -39.64
CA ASN A 83 39.65 -28.78 -38.71
C ASN A 83 40.21 -29.94 -37.88
N VAL A 84 41.23 -29.62 -37.09
CA VAL A 84 42.02 -30.62 -36.38
C VAL A 84 41.23 -31.29 -35.26
N VAL A 85 40.20 -30.63 -34.73
CA VAL A 85 39.24 -31.29 -33.85
C VAL A 85 37.96 -31.48 -34.63
N ARG A 86 37.54 -32.73 -34.79
CA ARG A 86 36.25 -33.05 -35.40
C ARG A 86 35.41 -33.93 -34.48
N GLY A 87 35.80 -34.12 -33.23
CA GLY A 87 35.09 -35.01 -32.34
C GLY A 87 35.31 -34.68 -30.88
N TRP A 88 34.34 -35.08 -30.06
CA TRP A 88 34.40 -34.88 -28.62
C TRP A 88 33.72 -36.06 -27.93
N VAL A 89 34.13 -36.32 -26.70
CA VAL A 89 33.57 -37.40 -25.89
C VAL A 89 33.03 -36.79 -24.61
N PHE A 90 31.72 -36.93 -24.39
CA PHE A 90 31.05 -36.29 -23.27
C PHE A 90 30.56 -37.33 -22.28
N GLY A 91 30.71 -37.04 -21.00
CA GLY A 91 30.27 -37.94 -19.94
C GLY A 91 31.02 -37.65 -18.65
N SER A 92 30.99 -38.64 -17.76
CA SER A 92 31.76 -38.58 -16.52
C SER A 92 33.01 -39.46 -16.57
N THR A 93 32.82 -40.77 -16.76
CA THR A 93 33.91 -41.73 -16.80
C THR A 93 34.37 -42.05 -18.22
N MET A 94 33.50 -41.81 -19.19
CA MET A 94 33.68 -41.85 -20.65
C MET A 94 33.80 -43.27 -21.21
N ASN A 95 34.01 -44.28 -20.38
CA ASN A 95 34.26 -45.61 -20.88
C ASN A 95 32.95 -46.40 -20.84
N ASN A 96 33.01 -47.70 -21.09
CA ASN A 96 31.82 -48.53 -21.10
C ASN A 96 31.38 -48.95 -19.70
N LYS A 97 31.30 -48.01 -18.78
CA LYS A 97 30.93 -48.24 -17.39
C LYS A 97 29.73 -47.40 -16.97
N SER A 98 29.69 -46.14 -17.40
CA SER A 98 28.48 -45.33 -17.41
C SER A 98 28.22 -44.90 -18.85
N GLN A 99 26.99 -44.47 -19.11
CA GLN A 99 26.63 -44.02 -20.45
C GLN A 99 27.30 -42.69 -20.74
N SER A 100 28.05 -42.64 -21.85
CA SER A 100 28.73 -41.42 -22.28
C SER A 100 28.26 -41.06 -23.69
N VAL A 101 28.70 -39.89 -24.16
CA VAL A 101 28.23 -39.32 -25.42
C VAL A 101 29.43 -38.99 -26.30
N ILE A 102 29.40 -39.44 -27.55
CA ILE A 102 30.44 -39.15 -28.51
C ILE A 102 29.81 -38.51 -29.74
N ILE A 103 30.31 -37.34 -30.11
CA ILE A 103 29.85 -36.59 -31.28
C ILE A 103 31.06 -36.32 -32.15
N ILE A 104 31.11 -36.97 -33.31
CA ILE A 104 32.27 -36.90 -34.20
C ILE A 104 31.81 -36.61 -35.62
N ASN A 105 32.77 -36.26 -36.46
CA ASN A 105 32.55 -36.02 -37.88
C ASN A 105 33.61 -36.80 -38.66
N ASN A 106 33.18 -37.78 -39.44
CA ASN A 106 34.09 -38.69 -40.14
C ASN A 106 34.39 -38.26 -41.57
N SER A 107 34.39 -36.96 -41.85
CA SER A 107 34.52 -36.29 -43.15
C SER A 107 33.36 -36.56 -44.10
N THR A 108 32.38 -37.36 -43.71
CA THR A 108 31.20 -37.63 -44.49
C THR A 108 29.95 -37.06 -43.84
N ASN A 109 29.75 -37.33 -42.56
CA ASN A 109 28.55 -36.92 -41.85
C ASN A 109 28.84 -36.89 -40.35
N VAL A 110 28.25 -35.92 -39.67
CA VAL A 110 28.41 -35.82 -38.22
C VAL A 110 27.53 -36.90 -37.59
N VAL A 111 28.16 -37.84 -36.91
CA VAL A 111 27.46 -38.96 -36.31
C VAL A 111 27.55 -38.84 -34.79
N ILE A 112 26.40 -38.97 -34.14
CA ILE A 112 26.27 -38.86 -32.69
C ILE A 112 25.80 -40.20 -32.17
N ARG A 113 26.47 -40.71 -31.12
CA ARG A 113 26.00 -41.88 -30.41
C ARG A 113 26.13 -41.62 -28.92
N ALA A 114 25.27 -42.28 -28.13
CA ALA A 114 25.25 -42.11 -26.68
C ALA A 114 24.98 -43.48 -26.05
N CYS A 115 26.06 -44.19 -25.72
CA CYS A 115 26.01 -45.60 -25.33
C CYS A 115 27.07 -45.83 -24.24
N ASN A 116 27.36 -47.10 -23.95
CA ASN A 116 28.54 -47.50 -23.18
C ASN A 116 29.65 -47.82 -24.18
N PHE A 117 30.69 -47.00 -24.21
CA PHE A 117 31.69 -47.05 -25.28
C PHE A 117 32.98 -47.69 -24.80
N GLU A 118 33.48 -48.66 -25.56
CA GLU A 118 34.81 -49.20 -25.37
C GLU A 118 35.79 -48.19 -25.95
N LEU A 119 36.16 -47.21 -25.12
CA LEU A 119 37.02 -46.15 -25.62
C LEU A 119 38.48 -46.58 -25.71
N CYS A 120 39.17 -45.95 -26.66
CA CYS A 120 40.61 -45.99 -26.71
C CYS A 120 41.17 -45.07 -25.63
N ASP A 121 42.44 -45.28 -25.26
CA ASP A 121 43.03 -44.43 -24.25
C ASP A 121 43.37 -43.05 -24.80
N ASN A 122 43.83 -42.98 -26.05
CA ASN A 122 43.96 -41.73 -26.78
C ASN A 122 43.33 -41.92 -28.14
N PRO A 123 42.03 -41.69 -28.27
CA PRO A 123 41.34 -41.92 -29.54
C PRO A 123 41.70 -40.84 -30.57
N PHE A 124 41.52 -41.19 -31.83
CA PHE A 124 41.98 -40.32 -32.91
C PHE A 124 41.20 -40.59 -34.18
N PHE A 125 41.40 -39.72 -35.16
CA PHE A 125 40.78 -39.77 -36.47
C PHE A 125 41.85 -40.15 -37.49
N ALA A 126 41.77 -41.38 -38.02
CA ALA A 126 42.77 -41.91 -38.92
C ALA A 126 42.70 -41.18 -40.26
N VAL A 127 43.65 -40.26 -40.47
CA VAL A 127 43.69 -39.42 -41.67
C VAL A 127 45.12 -39.46 -42.23
N SER A 128 45.25 -39.83 -43.50
CA SER A 128 46.50 -39.61 -44.21
C SER A 128 46.69 -38.12 -44.40
N LYS A 129 47.80 -37.58 -43.88
CA LYS A 129 47.99 -36.13 -43.86
C LYS A 129 48.23 -35.50 -45.23
N PRO A 130 49.17 -35.97 -46.09
CA PRO A 130 49.31 -35.31 -47.39
C PRO A 130 48.24 -35.72 -48.39
N MET A 131 47.51 -36.80 -48.13
CA MET A 131 46.51 -37.29 -49.08
C MET A 131 45.14 -36.64 -48.83
N GLY A 132 44.70 -36.58 -47.59
CA GLY A 132 43.43 -35.95 -47.29
C GLY A 132 42.26 -36.90 -47.39
N THR A 133 42.29 -37.99 -46.64
CA THR A 133 41.21 -38.96 -46.61
C THR A 133 41.04 -39.46 -45.19
N GLN A 134 39.85 -39.26 -44.62
CA GLN A 134 39.54 -39.75 -43.29
C GLN A 134 38.98 -41.16 -43.41
N THR A 135 39.73 -42.15 -42.94
CA THR A 135 39.42 -43.55 -43.20
C THR A 135 38.54 -44.15 -42.12
N HIS A 136 39.02 -44.16 -40.87
CA HIS A 136 38.29 -44.77 -39.77
C HIS A 136 38.38 -43.88 -38.54
N THR A 137 37.32 -43.89 -37.75
CA THR A 137 37.26 -43.18 -36.47
C THR A 137 37.63 -44.18 -35.39
N MET A 138 38.94 -44.29 -35.11
CA MET A 138 39.42 -45.20 -34.07
C MET A 138 39.15 -44.58 -32.69
N ILE A 139 37.88 -44.62 -32.31
CA ILE A 139 37.34 -43.97 -31.12
C ILE A 139 36.74 -45.05 -30.25
N PHE A 140 35.74 -45.73 -30.81
CA PHE A 140 35.02 -46.80 -30.16
C PHE A 140 35.30 -48.11 -30.89
N ASP A 141 35.17 -49.21 -30.18
CA ASP A 141 35.09 -50.53 -30.79
C ASP A 141 33.68 -51.09 -30.77
N ASN A 142 33.02 -50.99 -29.63
CA ASN A 142 31.65 -51.45 -29.47
C ASN A 142 30.88 -50.42 -28.66
N ALA A 143 29.56 -50.48 -28.78
CA ALA A 143 28.67 -49.58 -28.07
C ALA A 143 27.57 -50.39 -27.42
N PHE A 144 27.28 -50.09 -26.14
CA PHE A 144 26.36 -50.90 -25.35
C PHE A 144 25.35 -50.00 -24.66
N ASN A 145 24.14 -50.53 -24.48
CA ASN A 145 23.01 -49.89 -23.81
C ASN A 145 22.72 -48.51 -24.43
N CYS A 146 22.50 -48.54 -25.73
CA CYS A 146 22.43 -47.31 -26.51
C CYS A 146 21.12 -46.58 -26.28
N THR A 147 21.22 -45.28 -26.03
CA THR A 147 20.06 -44.44 -25.75
C THR A 147 19.52 -43.80 -27.02
N PHE A 148 20.38 -43.09 -27.76
CA PHE A 148 20.01 -42.64 -29.10
C PHE A 148 21.26 -42.45 -29.92
N GLU A 149 21.13 -42.75 -31.21
CA GLU A 149 22.19 -42.58 -32.19
C GLU A 149 21.70 -41.66 -33.31
N TYR A 150 22.54 -40.74 -33.74
CA TYR A 150 22.18 -39.79 -34.78
C TYR A 150 23.28 -39.68 -35.81
N ILE A 151 22.88 -39.44 -37.06
CA ILE A 151 23.76 -39.14 -38.18
C ILE A 151 23.23 -37.88 -38.86
N SER A 152 24.12 -36.93 -39.16
CA SER A 152 23.73 -35.66 -39.75
C SER A 152 23.68 -35.76 -41.27
N ASP A 153 23.64 -34.59 -41.92
CA ASP A 153 23.74 -34.47 -43.37
C ASP A 153 25.03 -35.07 -43.89
N ALA A 154 24.96 -35.65 -45.09
CA ALA A 154 26.15 -36.13 -45.78
C ALA A 154 26.78 -34.97 -46.53
N PHE A 155 27.96 -34.54 -46.08
CA PHE A 155 28.66 -33.43 -46.72
C PHE A 155 30.16 -33.70 -46.73
N SER A 156 30.81 -33.31 -47.82
CA SER A 156 32.24 -33.55 -47.99
C SER A 156 33.05 -32.47 -47.29
N LEU A 157 33.99 -32.90 -46.45
CA LEU A 157 34.91 -31.98 -45.78
C LEU A 157 36.34 -32.39 -46.07
N ASP A 158 37.16 -31.41 -46.45
CA ASP A 158 38.59 -31.65 -46.68
C ASP A 158 39.30 -31.85 -45.35
N VAL A 159 40.13 -32.90 -45.26
CA VAL A 159 40.80 -33.28 -44.03
C VAL A 159 42.32 -33.26 -44.19
N SER A 160 42.83 -32.60 -45.22
CA SER A 160 44.25 -32.66 -45.52
C SER A 160 45.03 -31.63 -44.70
N GLU A 161 46.34 -31.57 -44.93
CA GLU A 161 47.19 -30.52 -44.36
C GLU A 161 47.10 -29.31 -45.27
N LYS A 162 46.19 -28.39 -44.94
CA LYS A 162 46.04 -27.17 -45.71
C LYS A 162 47.25 -26.27 -45.51
N SER A 163 47.73 -25.70 -46.61
CA SER A 163 48.81 -24.72 -46.55
C SER A 163 48.22 -23.34 -46.25
N GLY A 164 49.10 -22.36 -46.07
CA GLY A 164 48.63 -21.04 -45.74
C GLY A 164 48.20 -20.95 -44.29
N ASN A 165 47.32 -20.00 -44.03
CA ASN A 165 46.92 -19.67 -42.68
C ASN A 165 45.47 -20.10 -42.46
N PHE A 166 44.95 -19.78 -41.27
CA PHE A 166 43.63 -20.22 -40.87
C PHE A 166 42.58 -19.36 -41.59
N LYS A 167 41.68 -20.01 -42.32
CA LYS A 167 40.61 -19.31 -42.99
C LYS A 167 39.24 -19.59 -42.39
N HIS A 168 39.16 -20.46 -41.39
CA HIS A 168 37.91 -20.78 -40.72
C HIS A 168 38.09 -20.61 -39.22
N LEU A 169 37.13 -19.95 -38.58
CA LEU A 169 37.09 -19.83 -37.13
C LEU A 169 35.78 -20.42 -36.65
N ARG A 170 35.83 -21.66 -36.17
CA ARG A 170 34.67 -22.27 -35.55
C ARG A 170 34.62 -21.87 -34.08
N GLU A 171 33.42 -21.52 -33.62
CA GLU A 171 33.19 -21.19 -32.21
C GLU A 171 31.94 -21.92 -31.77
N PHE A 172 32.05 -22.71 -30.71
CA PHE A 172 31.03 -23.66 -30.32
C PHE A 172 30.65 -23.45 -28.85
N VAL A 173 29.39 -23.74 -28.54
CA VAL A 173 28.85 -23.62 -27.18
C VAL A 173 28.21 -24.94 -26.81
N PHE A 174 28.67 -25.54 -25.71
CA PHE A 174 28.22 -26.85 -25.28
C PHE A 174 27.51 -26.67 -23.94
N LYS A 175 26.22 -27.05 -23.87
CA LYS A 175 25.41 -26.75 -22.69
C LYS A 175 24.69 -27.99 -22.19
N ASN A 176 25.20 -28.58 -21.11
CA ASN A 176 24.48 -29.65 -20.41
C ASN A 176 23.39 -29.02 -19.55
N LYS A 177 22.13 -29.36 -19.83
CA LYS A 177 21.02 -28.72 -19.14
C LYS A 177 19.81 -29.65 -19.20
N ASP A 178 19.47 -30.24 -18.04
CA ASP A 178 18.26 -31.05 -17.84
C ASP A 178 18.19 -32.24 -18.80
N GLY A 179 19.34 -32.84 -19.05
CA GLY A 179 19.44 -33.91 -20.04
C GLY A 179 19.39 -33.45 -21.47
N PHE A 180 19.36 -32.14 -21.72
CA PHE A 180 19.26 -31.59 -23.08
C PHE A 180 20.57 -30.89 -23.38
N LEU A 181 21.42 -31.53 -24.17
CA LEU A 181 22.66 -30.90 -24.59
C LEU A 181 22.39 -29.91 -25.69
N TYR A 182 22.91 -28.70 -25.54
CA TYR A 182 22.68 -27.63 -26.50
C TYR A 182 24.00 -27.26 -27.14
N VAL A 183 24.17 -27.65 -28.40
CA VAL A 183 25.40 -27.41 -29.15
C VAL A 183 25.14 -26.31 -30.16
N TYR A 184 25.86 -25.20 -30.02
CA TYR A 184 25.59 -24.00 -30.79
C TYR A 184 26.79 -23.73 -31.70
N LYS A 185 26.56 -23.05 -32.80
CA LYS A 185 27.58 -22.89 -33.83
C LYS A 185 27.70 -21.44 -34.26
N GLY A 186 28.93 -20.91 -34.20
CA GLY A 186 29.25 -19.61 -34.76
C GLY A 186 30.42 -19.77 -35.72
N TYR A 187 30.64 -18.72 -36.51
CA TYR A 187 31.68 -18.79 -37.52
C TYR A 187 32.19 -17.40 -37.89
N GLN A 188 33.51 -17.29 -38.05
CA GLN A 188 34.13 -16.11 -38.63
C GLN A 188 35.11 -16.53 -39.72
N PRO A 189 35.03 -15.94 -40.91
CA PRO A 189 36.14 -16.07 -41.87
C PRO A 189 37.32 -15.24 -41.41
N ILE A 190 38.50 -15.86 -41.35
CA ILE A 190 39.67 -15.27 -40.71
C ILE A 190 40.89 -15.41 -41.62
N ASP A 191 41.94 -14.70 -41.23
CA ASP A 191 43.29 -14.92 -41.76
C ASP A 191 44.26 -14.49 -40.65
N VAL A 192 44.66 -15.43 -39.80
CA VAL A 192 45.45 -15.15 -38.60
C VAL A 192 46.50 -16.22 -38.40
N VAL A 193 47.52 -15.89 -37.61
CA VAL A 193 48.55 -16.83 -37.20
C VAL A 193 48.81 -16.74 -35.70
N ARG A 194 48.12 -15.83 -35.03
CA ARG A 194 48.60 -15.30 -33.76
C ARG A 194 47.79 -15.82 -32.57
N ASP A 195 48.08 -15.22 -31.41
CA ASP A 195 47.66 -15.55 -30.06
C ASP A 195 46.17 -15.91 -29.91
N LEU A 196 45.30 -14.93 -30.17
CA LEU A 196 43.86 -15.09 -30.26
C LEU A 196 43.28 -13.88 -30.96
N PRO A 197 42.52 -14.09 -32.04
CA PRO A 197 41.89 -12.95 -32.75
C PRO A 197 40.81 -12.29 -31.91
N SER A 198 40.97 -10.99 -31.69
CA SER A 198 39.92 -10.21 -31.04
C SER A 198 38.78 -9.95 -32.02
N GLY A 199 37.60 -9.70 -31.47
CA GLY A 199 36.47 -9.37 -32.33
C GLY A 199 35.12 -9.77 -31.76
N PHE A 200 34.12 -8.93 -31.99
CA PHE A 200 32.77 -9.26 -31.61
C PHE A 200 32.22 -10.35 -32.50
N ASN A 201 31.53 -11.31 -31.90
CA ASN A 201 31.01 -12.44 -32.66
C ASN A 201 29.76 -12.98 -32.00
N THR A 202 28.86 -13.49 -32.81
CA THR A 202 27.56 -13.99 -32.38
C THR A 202 27.50 -15.50 -32.63
N LEU A 203 26.54 -16.14 -31.98
CA LEU A 203 26.32 -17.57 -32.20
C LEU A 203 24.83 -17.87 -32.31
N LYS A 204 24.53 -19.02 -32.89
CA LYS A 204 23.16 -19.42 -33.21
C LYS A 204 22.88 -20.84 -32.73
N PRO A 205 21.65 -21.11 -32.30
CA PRO A 205 21.32 -22.45 -31.82
C PRO A 205 21.02 -23.41 -32.95
N ILE A 206 21.51 -24.64 -32.80
CA ILE A 206 21.18 -25.70 -33.75
C ILE A 206 20.62 -26.91 -33.01
N PHE A 207 21.30 -27.36 -31.95
CA PHE A 207 21.10 -28.69 -31.40
C PHE A 207 20.35 -28.65 -30.07
N LYS A 208 19.26 -29.40 -30.01
CA LYS A 208 18.63 -29.83 -28.76
C LYS A 208 18.82 -31.34 -28.68
N LEU A 209 19.64 -31.80 -27.73
CA LEU A 209 20.06 -33.20 -27.71
C LEU A 209 19.61 -33.88 -26.43
N PRO A 210 18.51 -34.64 -26.47
CA PRO A 210 18.06 -35.37 -25.27
C PRO A 210 18.89 -36.59 -24.96
N LEU A 211 20.00 -36.39 -24.27
CA LEU A 211 20.96 -37.45 -23.97
C LEU A 211 20.71 -38.12 -22.62
N GLY A 212 20.61 -37.32 -21.56
CA GLY A 212 20.16 -37.83 -20.28
C GLY A 212 21.21 -38.50 -19.42
N ILE A 213 22.46 -38.07 -19.50
CA ILE A 213 23.51 -38.63 -18.67
C ILE A 213 24.08 -37.54 -17.77
N ASN A 214 25.06 -37.91 -16.95
CA ASN A 214 25.85 -36.93 -16.20
C ASN A 214 27.15 -36.70 -16.96
N ILE A 215 27.49 -35.43 -17.16
CA ILE A 215 28.70 -35.03 -17.89
C ILE A 215 29.54 -34.20 -16.94
N THR A 216 30.67 -34.75 -16.51
CA THR A 216 31.59 -34.00 -15.66
C THR A 216 32.78 -33.45 -16.43
N ASN A 217 33.22 -34.15 -17.47
CA ASN A 217 34.42 -33.74 -18.19
C ASN A 217 34.16 -33.70 -19.68
N PHE A 218 35.22 -33.51 -20.47
CA PHE A 218 35.14 -33.81 -21.90
C PHE A 218 36.52 -34.27 -22.36
N ARG A 219 36.51 -35.05 -23.43
CA ARG A 219 37.73 -35.42 -24.15
C ARG A 219 37.60 -34.94 -25.59
N ALA A 220 38.42 -33.94 -25.94
CA ALA A 220 38.50 -33.51 -27.33
C ALA A 220 39.32 -34.51 -28.13
N ILE A 221 38.93 -34.71 -29.38
CA ILE A 221 39.55 -35.71 -30.25
C ILE A 221 40.28 -34.98 -31.37
N LEU A 222 41.61 -35.10 -31.38
CA LEU A 222 42.39 -34.58 -32.49
C LEU A 222 42.15 -35.42 -33.74
N THR A 223 42.47 -34.81 -34.89
CA THR A 223 42.39 -35.50 -36.17
C THR A 223 43.82 -35.91 -36.52
N ALA A 224 44.09 -37.21 -36.42
CA ALA A 224 45.45 -37.73 -36.48
C ALA A 224 46.03 -37.61 -37.88
N PHE A 225 47.14 -36.90 -38.00
CA PHE A 225 47.66 -36.40 -39.27
C PHE A 225 49.05 -36.99 -39.55
N SER A 226 49.09 -38.17 -40.16
CA SER A 226 50.36 -38.73 -40.55
C SER A 226 50.23 -39.43 -41.90
N PRO A 227 51.28 -39.38 -42.73
CA PRO A 227 51.29 -40.15 -43.98
C PRO A 227 51.42 -41.65 -43.75
N ILE A 231 51.55 -45.17 -36.21
CA ILE A 231 52.15 -43.84 -36.31
C ILE A 231 51.10 -42.82 -36.71
N TRP A 232 50.86 -41.83 -35.84
CA TRP A 232 49.91 -40.76 -36.13
C TRP A 232 50.48 -39.43 -35.67
N GLY A 233 50.26 -38.39 -36.46
CA GLY A 233 50.91 -37.12 -36.23
C GLY A 233 50.01 -35.91 -36.23
N THR A 234 50.60 -34.73 -36.44
CA THR A 234 49.92 -33.45 -36.28
C THR A 234 50.00 -32.62 -37.56
N SER A 235 49.16 -31.57 -37.57
CA SER A 235 49.38 -30.40 -38.42
C SER A 235 49.17 -29.17 -37.54
N ALA A 236 49.76 -28.06 -37.97
CA ALA A 236 49.84 -26.87 -37.12
C ALA A 236 48.49 -26.18 -37.01
N ALA A 237 47.94 -26.17 -35.80
CA ALA A 237 46.72 -25.41 -35.50
C ALA A 237 46.70 -25.08 -34.01
N ALA A 238 45.55 -24.62 -33.53
CA ALA A 238 45.35 -24.28 -32.14
C ALA A 238 43.85 -24.27 -31.87
N TYR A 239 43.47 -24.67 -30.66
CA TYR A 239 42.07 -24.76 -30.31
C TYR A 239 41.93 -24.49 -28.82
N PHE A 240 40.82 -23.85 -28.45
CA PHE A 240 40.74 -23.11 -27.20
C PHE A 240 39.54 -23.58 -26.39
N VAL A 241 39.64 -23.43 -25.06
CA VAL A 241 38.63 -23.94 -24.13
C VAL A 241 38.23 -22.81 -23.19
N GLY A 242 36.93 -22.48 -23.17
CA GLY A 242 36.37 -21.51 -22.26
C GLY A 242 35.47 -22.15 -21.21
N TYR A 243 34.96 -21.31 -20.31
CA TYR A 243 34.14 -21.72 -19.18
C TYR A 243 32.88 -20.86 -19.14
N LEU A 244 31.72 -21.50 -19.03
CA LEU A 244 30.46 -20.76 -18.88
C LEU A 244 30.24 -20.45 -17.40
N LYS A 245 29.90 -19.20 -17.11
CA LYS A 245 29.71 -18.76 -15.74
C LYS A 245 28.41 -17.96 -15.62
N PRO A 246 27.67 -18.11 -14.50
CA PRO A 246 26.31 -17.54 -14.40
C PRO A 246 26.26 -16.05 -14.09
N THR A 247 26.72 -15.25 -15.04
CA THR A 247 26.71 -13.79 -14.90
C THR A 247 25.50 -13.20 -15.62
N THR A 248 25.35 -11.90 -15.50
CA THR A 248 24.23 -11.18 -16.09
C THR A 248 24.72 -10.39 -17.29
N PHE A 249 24.10 -10.60 -18.45
CA PHE A 249 24.42 -9.82 -19.64
C PHE A 249 23.22 -8.99 -20.07
N MET A 250 23.53 -7.83 -20.62
CA MET A 250 22.57 -6.91 -21.20
C MET A 250 22.81 -6.85 -22.70
N LEU A 251 21.75 -6.99 -23.47
CA LEU A 251 21.85 -7.34 -24.88
C LEU A 251 21.13 -6.30 -25.74
N LYS A 252 21.82 -5.74 -26.72
CA LYS A 252 21.17 -4.84 -27.66
C LYS A 252 20.62 -5.63 -28.83
N TYR A 253 19.34 -5.41 -29.14
CA TYR A 253 18.74 -5.92 -30.35
C TYR A 253 18.53 -4.79 -31.34
N ASP A 254 18.75 -5.07 -32.62
CA ASP A 254 18.52 -4.12 -33.69
C ASP A 254 17.08 -4.24 -34.16
N GLU A 255 16.76 -3.68 -35.33
CA GLU A 255 15.40 -3.79 -35.85
C GLU A 255 15.07 -5.21 -36.30
N ASN A 256 16.07 -6.02 -36.63
CA ASN A 256 15.84 -7.39 -37.07
C ASN A 256 16.12 -8.41 -35.99
N GLY A 257 16.40 -7.96 -34.76
CA GLY A 257 16.65 -8.89 -33.68
C GLY A 257 17.99 -9.59 -33.74
N THR A 258 18.99 -8.97 -34.37
CA THR A 258 20.35 -9.48 -34.37
C THR A 258 21.11 -8.75 -33.28
N ILE A 259 21.87 -9.49 -32.47
CA ILE A 259 22.66 -8.88 -31.42
C ILE A 259 23.75 -8.02 -32.03
N THR A 260 23.71 -6.74 -31.72
CA THR A 260 24.69 -5.78 -32.17
C THR A 260 25.62 -5.33 -31.07
N ASP A 261 25.13 -5.22 -29.84
CA ASP A 261 25.96 -4.88 -28.71
C ASP A 261 25.54 -5.71 -27.50
N ALA A 262 26.53 -6.06 -26.69
CA ALA A 262 26.32 -6.71 -25.40
C ALA A 262 27.49 -6.33 -24.51
N VAL A 263 27.26 -6.39 -23.20
CA VAL A 263 28.29 -5.99 -22.25
C VAL A 263 28.08 -6.77 -20.94
N ASP A 264 29.20 -7.09 -20.30
CA ASP A 264 29.21 -7.67 -18.96
C ASP A 264 28.71 -6.65 -17.94
N CYS A 265 28.26 -7.16 -16.80
CA CYS A 265 27.96 -6.34 -15.64
C CYS A 265 29.10 -6.30 -14.63
N SER A 266 29.98 -7.29 -14.62
CA SER A 266 30.94 -7.45 -13.52
C SER A 266 32.38 -7.19 -13.92
N GLN A 267 32.61 -6.43 -15.00
CA GLN A 267 33.99 -6.04 -15.31
C GLN A 267 34.48 -4.97 -14.36
N ASN A 268 33.84 -3.81 -14.39
CA ASN A 268 34.17 -2.69 -13.52
C ASN A 268 32.86 -2.07 -13.07
N PRO A 269 32.85 -1.15 -12.09
CA PRO A 269 31.60 -0.45 -11.76
C PRO A 269 31.01 0.36 -12.91
N LEU A 270 31.80 0.71 -13.94
CA LEU A 270 31.25 1.24 -15.17
C LEU A 270 30.31 0.23 -15.84
N ALA A 271 30.66 -1.05 -15.77
CA ALA A 271 29.88 -2.06 -16.47
C ALA A 271 28.52 -2.27 -15.82
N GLU A 272 28.49 -2.35 -14.49
CA GLU A 272 27.22 -2.50 -13.82
C GLU A 272 26.39 -1.22 -13.89
N LEU A 273 27.08 -0.08 -14.01
CA LEU A 273 26.40 1.19 -14.28
C LEU A 273 25.62 1.13 -15.59
N LYS A 274 26.22 0.53 -16.62
CA LYS A 274 25.49 0.30 -17.85
C LYS A 274 24.40 -0.72 -17.66
N CYS A 275 24.62 -1.70 -16.80
CA CYS A 275 23.56 -2.64 -16.45
C CYS A 275 22.49 -1.99 -15.59
N SER A 276 22.80 -0.90 -14.90
CA SER A 276 21.84 -0.27 -14.01
C SER A 276 20.81 0.55 -14.77
N VAL A 277 21.25 1.58 -15.48
CA VAL A 277 20.33 2.54 -16.09
C VAL A 277 19.81 2.07 -17.44
N LYS A 278 20.32 0.93 -17.94
CA LYS A 278 20.00 0.36 -19.25
C LYS A 278 20.27 1.37 -20.37
N SER A 279 21.50 1.86 -20.40
CA SER A 279 21.94 2.77 -21.42
C SER A 279 23.35 2.41 -21.85
N PHE A 280 23.74 2.89 -23.03
CA PHE A 280 25.09 2.69 -23.53
C PHE A 280 25.95 3.93 -23.43
N GLU A 281 25.37 5.11 -23.62
CA GLU A 281 26.01 6.37 -23.34
C GLU A 281 25.34 6.99 -22.12
N ILE A 282 26.15 7.37 -21.14
CA ILE A 282 25.65 7.84 -19.85
C ILE A 282 26.28 9.19 -19.58
N ASP A 283 25.45 10.15 -19.20
CA ASP A 283 25.92 11.51 -18.98
C ASP A 283 26.77 11.58 -17.71
N LYS A 284 27.58 12.64 -17.64
CA LYS A 284 28.38 12.92 -16.46
C LYS A 284 27.49 13.22 -15.26
N GLY A 285 27.79 12.59 -14.14
CA GLY A 285 27.06 12.86 -12.92
C GLY A 285 27.19 11.71 -11.92
N ILE A 286 26.52 11.91 -10.79
CA ILE A 286 26.45 10.90 -9.75
C ILE A 286 25.31 9.94 -10.08
N TYR A 287 25.54 8.67 -9.80
CA TYR A 287 24.54 7.64 -10.06
C TYR A 287 24.59 6.66 -8.90
N GLN A 288 23.53 6.62 -8.11
CA GLN A 288 23.43 5.64 -7.05
C GLN A 288 23.27 4.26 -7.65
N THR A 289 24.22 3.37 -7.37
CA THR A 289 24.14 2.00 -7.79
C THR A 289 23.89 1.10 -6.58
N SER A 290 23.95 -0.21 -6.79
CA SER A 290 23.51 -1.15 -5.77
C SER A 290 24.51 -1.22 -4.61
N ASN A 291 23.99 -1.61 -3.45
CA ASN A 291 24.73 -1.61 -2.20
C ASN A 291 25.73 -2.76 -2.13
N PHE A 292 26.54 -2.77 -1.08
CA PHE A 292 27.55 -3.79 -0.89
C PHE A 292 27.37 -4.50 0.45
N ARG A 293 28.06 -5.64 0.57
CA ARG A 293 28.20 -6.37 1.81
C ARG A 293 29.68 -6.63 2.05
N VAL A 294 30.00 -7.00 3.28
CA VAL A 294 31.35 -7.40 3.64
C VAL A 294 31.27 -8.82 4.19
N VAL A 295 31.97 -9.74 3.54
CA VAL A 295 31.87 -11.17 3.87
C VAL A 295 32.54 -11.44 5.21
N PRO A 296 31.89 -12.15 6.13
CA PRO A 296 32.57 -12.56 7.36
C PRO A 296 33.52 -13.71 7.12
N SER A 297 34.57 -13.77 7.94
CA SER A 297 35.57 -14.83 7.81
C SER A 297 36.16 -15.07 9.20
N GLY A 298 35.66 -16.11 9.88
CA GLY A 298 36.07 -16.42 11.23
C GLY A 298 34.84 -16.65 12.07
N ASP A 299 34.98 -17.49 13.08
CA ASP A 299 33.86 -17.85 13.95
C ASP A 299 34.37 -17.97 15.37
N VAL A 300 33.94 -17.07 16.23
CA VAL A 300 34.26 -17.15 17.65
C VAL A 300 33.13 -17.88 18.35
N VAL A 301 33.45 -19.06 18.89
CA VAL A 301 32.51 -19.88 19.62
C VAL A 301 33.01 -19.98 21.04
N ARG A 302 32.24 -19.43 21.98
CA ARG A 302 32.62 -19.42 23.40
C ARG A 302 31.38 -19.71 24.24
N PHE A 303 31.24 -20.96 24.64
CA PHE A 303 30.28 -21.38 25.65
C PHE A 303 30.82 -20.99 27.02
N PRO A 304 30.06 -21.20 28.12
CA PRO A 304 30.63 -20.95 29.45
C PRO A 304 31.84 -21.82 29.76
N ASN A 305 32.63 -21.33 30.71
CA ASN A 305 33.90 -21.91 31.10
C ASN A 305 33.63 -23.09 32.04
N ILE A 306 34.65 -23.50 32.81
CA ILE A 306 34.50 -24.60 33.75
C ILE A 306 33.40 -24.29 34.75
N THR A 307 32.41 -25.17 34.80
CA THR A 307 31.12 -24.90 35.42
C THR A 307 30.73 -26.16 36.18
N ASN A 308 29.45 -26.34 36.49
CA ASN A 308 29.00 -27.55 37.17
C ASN A 308 29.05 -28.70 36.15
N LEU A 309 30.26 -29.19 35.93
CA LEU A 309 30.50 -30.28 35.01
C LEU A 309 30.07 -31.58 35.67
N CYS A 310 29.64 -32.51 34.85
CA CYS A 310 29.24 -33.81 35.38
C CYS A 310 30.48 -34.56 35.83
N PRO A 311 30.52 -35.03 37.08
CA PRO A 311 31.70 -35.75 37.55
C PRO A 311 31.81 -37.14 36.94
N PHE A 312 32.24 -37.20 35.67
CA PHE A 312 32.49 -38.49 35.04
C PHE A 312 33.78 -39.12 35.56
N GLY A 313 34.62 -38.36 36.24
CA GLY A 313 35.68 -38.94 37.05
C GLY A 313 35.18 -39.62 38.31
N GLU A 314 33.90 -39.43 38.65
CA GLU A 314 33.22 -40.22 39.66
C GLU A 314 32.22 -41.18 39.04
N VAL A 315 32.23 -41.29 37.71
CA VAL A 315 31.38 -42.21 36.97
C VAL A 315 32.20 -43.21 36.16
N PHE A 316 33.12 -42.70 35.33
CA PHE A 316 34.04 -43.55 34.58
C PHE A 316 35.27 -43.89 35.42
N ASN A 317 35.72 -42.97 36.26
CA ASN A 317 36.92 -43.14 37.06
C ASN A 317 36.56 -43.33 38.54
N ALA A 318 35.36 -43.82 38.81
CA ALA A 318 35.01 -44.22 40.16
C ALA A 318 35.87 -45.40 40.57
N THR A 319 36.53 -45.25 41.71
CA THR A 319 37.47 -46.22 42.26
C THR A 319 36.97 -47.63 42.50
N LYS A 320 35.66 -47.85 42.45
CA LYS A 320 35.19 -49.22 42.66
C LYS A 320 33.93 -49.56 41.90
N PHE A 321 34.05 -49.95 40.64
CA PHE A 321 32.81 -50.31 39.92
C PHE A 321 32.20 -51.60 40.51
N PRO A 322 30.92 -51.60 40.88
CA PRO A 322 30.35 -52.84 41.44
C PRO A 322 30.35 -53.97 40.42
N SER A 323 29.86 -55.13 40.81
CA SER A 323 29.68 -56.19 39.84
C SER A 323 28.43 -55.93 39.02
N VAL A 324 28.24 -56.74 37.97
CA VAL A 324 27.22 -56.42 36.98
C VAL A 324 25.84 -56.90 37.44
N TYR A 325 25.77 -57.83 38.40
CA TYR A 325 24.47 -58.13 38.99
C TYR A 325 24.01 -57.01 39.90
N ALA A 326 24.94 -56.26 40.49
CA ALA A 326 24.60 -55.19 41.41
C ALA A 326 25.16 -53.86 40.91
N TRP A 327 24.93 -53.57 39.62
CA TRP A 327 25.47 -52.36 39.01
C TRP A 327 24.89 -51.10 39.63
N GLU A 328 25.69 -50.04 39.62
CA GLU A 328 25.37 -48.80 40.31
C GLU A 328 24.60 -47.87 39.38
N ARG A 329 23.42 -47.43 39.82
CA ARG A 329 22.59 -46.54 39.01
C ARG A 329 23.03 -45.10 39.24
N LYS A 330 24.09 -44.72 38.52
CA LYS A 330 24.52 -43.33 38.50
C LYS A 330 23.76 -42.61 37.40
N LYS A 331 22.95 -41.63 37.78
CA LYS A 331 22.23 -40.81 36.81
C LYS A 331 22.47 -39.35 37.14
N ILE A 332 22.95 -38.60 36.15
CA ILE A 332 23.24 -37.18 36.30
C ILE A 332 22.35 -36.43 35.32
N SER A 333 21.62 -35.44 35.83
CA SER A 333 20.76 -34.62 35.00
C SER A 333 21.01 -33.17 35.37
N ASN A 334 20.60 -32.28 34.45
CA ASN A 334 20.76 -30.82 34.55
C ASN A 334 22.24 -30.46 34.78
N CYS A 335 23.06 -30.79 33.80
CA CYS A 335 24.50 -30.77 33.99
C CYS A 335 25.19 -30.63 32.65
N VAL A 336 26.50 -30.42 32.71
CA VAL A 336 27.33 -30.17 31.54
C VAL A 336 28.23 -31.37 31.35
N ALA A 337 28.05 -32.08 30.22
CA ALA A 337 28.65 -33.39 30.02
C ALA A 337 30.07 -33.23 29.47
N ASP A 338 31.00 -32.87 30.37
CA ASP A 338 32.36 -32.51 29.96
C ASP A 338 33.13 -33.69 29.41
N TYR A 339 33.03 -34.84 30.08
CA TYR A 339 33.78 -36.06 29.79
C TYR A 339 35.29 -35.81 29.71
N SER A 340 35.81 -35.13 30.74
CA SER A 340 37.24 -34.87 30.80
C SER A 340 38.04 -36.14 31.05
N VAL A 341 37.41 -37.17 31.61
CA VAL A 341 38.06 -38.46 31.81
C VAL A 341 38.12 -39.27 30.52
N LEU A 342 37.43 -38.86 29.46
CA LEU A 342 37.56 -39.56 28.17
C LEU A 342 38.95 -39.37 27.57
N TYR A 343 39.32 -38.14 27.25
CA TYR A 343 40.60 -37.91 26.60
C TYR A 343 41.75 -38.09 27.57
N ASN A 344 41.52 -37.81 28.85
CA ASN A 344 42.56 -38.01 29.87
C ASN A 344 42.46 -39.39 30.51
N SER A 345 42.40 -40.40 29.64
CA SER A 345 42.57 -41.81 30.00
C SER A 345 42.97 -42.55 28.73
N THR A 346 43.98 -43.41 28.86
CA THR A 346 44.66 -44.01 27.72
C THR A 346 44.40 -45.50 27.62
N PHE A 347 43.14 -45.91 27.80
CA PHE A 347 42.81 -47.32 27.80
C PHE A 347 41.53 -47.66 27.03
N PHE A 348 40.90 -46.68 26.38
CA PHE A 348 39.62 -46.89 25.71
C PHE A 348 39.77 -47.74 24.46
N SER A 349 38.71 -48.51 24.17
CA SER A 349 38.77 -49.47 23.09
C SER A 349 37.57 -49.42 22.15
N THR A 350 36.40 -49.04 22.65
CA THR A 350 35.16 -49.28 21.90
C THR A 350 34.46 -48.00 21.42
N PHE A 351 34.07 -47.11 22.35
CA PHE A 351 33.21 -45.95 22.07
C PHE A 351 31.96 -46.34 21.28
N LYS A 352 31.27 -47.37 21.74
CA LYS A 352 30.12 -47.94 21.01
C LYS A 352 28.90 -47.03 21.16
N CYS A 353 28.94 -45.89 20.49
CA CYS A 353 27.82 -44.97 20.46
C CYS A 353 26.84 -45.38 19.37
N TYR A 354 25.57 -45.57 19.77
CA TYR A 354 24.57 -46.18 18.91
C TYR A 354 23.46 -45.18 18.58
N ALA A 358 38.29 -39.99 21.62
CA ALA A 358 37.46 -39.42 22.68
C ALA A 358 36.70 -38.20 22.18
N THR A 359 36.28 -38.24 20.91
CA THR A 359 35.64 -37.10 20.28
C THR A 359 34.19 -36.92 20.69
N LYS A 360 33.61 -37.86 21.45
CA LYS A 360 32.22 -37.79 21.84
C LYS A 360 31.99 -37.00 23.13
N LEU A 361 32.99 -36.24 23.59
CA LEU A 361 32.78 -35.32 24.69
C LEU A 361 32.13 -34.02 24.25
N ASN A 362 31.96 -33.83 22.95
CA ASN A 362 31.29 -32.68 22.38
C ASN A 362 30.08 -33.05 21.53
N ASP A 363 30.07 -34.24 20.94
CA ASP A 363 28.96 -34.67 20.09
C ASP A 363 27.72 -34.99 20.91
N LEU A 364 27.90 -35.63 22.06
CA LEU A 364 26.78 -36.19 22.81
C LEU A 364 26.02 -35.10 23.56
N CYS A 365 24.72 -35.02 23.32
CA CYS A 365 23.87 -34.01 23.94
C CYS A 365 22.45 -34.57 23.94
N PHE A 366 22.01 -35.07 25.09
CA PHE A 366 20.80 -35.88 25.14
C PHE A 366 20.19 -35.85 26.54
N SER A 367 19.27 -36.77 26.79
CA SER A 367 18.46 -36.85 28.00
C SER A 367 19.21 -37.48 29.18
N ASN A 368 18.46 -37.90 30.20
CA ASN A 368 18.96 -38.52 31.42
C ASN A 368 19.95 -39.64 31.16
N VAL A 369 21.19 -39.45 31.60
CA VAL A 369 22.22 -40.44 31.32
C VAL A 369 22.06 -41.56 32.33
N TYR A 370 21.82 -42.78 31.84
CA TYR A 370 21.88 -43.97 32.67
C TYR A 370 23.34 -44.44 32.75
N ALA A 371 24.15 -43.62 33.43
CA ALA A 371 25.60 -43.79 33.46
C ALA A 371 25.97 -44.90 34.45
N ASP A 372 25.61 -46.12 34.09
CA ASP A 372 25.57 -47.22 35.04
C ASP A 372 26.93 -47.90 35.16
N SER A 373 27.29 -48.25 36.39
CA SER A 373 28.65 -48.54 36.78
C SER A 373 28.81 -50.02 37.12
N PHE A 374 29.71 -50.70 36.41
CA PHE A 374 29.98 -52.13 36.54
C PHE A 374 31.21 -52.49 35.73
N VAL A 375 31.83 -53.62 36.09
CA VAL A 375 33.03 -54.13 35.40
C VAL A 375 32.72 -55.53 34.87
N VAL A 376 32.92 -55.72 33.56
CA VAL A 376 32.64 -56.97 32.89
C VAL A 376 33.96 -57.63 32.49
N LYS A 377 33.87 -58.87 31.99
CA LYS A 377 34.99 -59.50 31.29
C LYS A 377 35.15 -58.93 29.89
N GLY A 378 36.30 -59.25 29.29
CA GLY A 378 36.46 -59.02 27.86
C GLY A 378 35.55 -59.90 27.02
N ASP A 379 35.20 -61.08 27.53
CA ASP A 379 34.15 -61.91 26.93
C ASP A 379 32.76 -61.33 27.13
N ASP A 380 32.62 -60.34 28.01
CA ASP A 380 31.32 -59.82 28.37
C ASP A 380 31.09 -58.39 27.90
N VAL A 381 31.99 -57.83 27.10
CA VAL A 381 31.77 -56.50 26.54
C VAL A 381 30.78 -56.59 25.38
N ARG A 382 30.90 -57.64 24.56
CA ARG A 382 30.06 -57.80 23.37
C ARG A 382 28.61 -58.14 23.71
N GLN A 383 28.32 -58.49 24.96
CA GLN A 383 26.94 -58.71 25.40
C GLN A 383 26.22 -57.42 25.75
N ILE A 384 26.91 -56.27 25.73
CA ILE A 384 26.31 -55.01 26.12
C ILE A 384 26.04 -54.21 24.87
N ALA A 385 24.82 -54.33 24.33
CA ALA A 385 24.42 -53.83 23.02
C ALA A 385 22.90 -53.90 22.97
N PRO A 386 22.23 -53.42 21.91
CA PRO A 386 20.81 -53.77 21.73
C PRO A 386 20.60 -55.28 21.66
N GLY A 387 19.62 -55.76 22.41
CA GLY A 387 19.36 -57.18 22.51
C GLY A 387 20.44 -57.90 23.29
N GLN A 388 21.13 -58.83 22.60
CA GLN A 388 22.22 -59.64 23.16
C GLN A 388 21.76 -60.43 24.39
N THR A 389 20.65 -61.14 24.23
CA THR A 389 20.02 -61.84 25.34
C THR A 389 20.82 -63.08 25.74
N GLY A 390 21.95 -62.86 26.41
CA GLY A 390 22.78 -63.93 26.91
C GLY A 390 22.89 -63.93 28.42
N VAL A 391 24.06 -63.52 28.91
CA VAL A 391 24.35 -63.55 30.34
C VAL A 391 24.04 -62.22 31.01
N ILE A 392 24.50 -61.11 30.44
CA ILE A 392 24.34 -59.81 31.09
C ILE A 392 22.97 -59.22 30.85
N ALA A 393 22.54 -59.18 29.58
CA ALA A 393 21.29 -58.51 29.22
C ALA A 393 20.04 -59.28 29.61
N ASP A 394 20.18 -60.49 30.15
CA ASP A 394 19.06 -61.21 30.75
C ASP A 394 19.11 -61.26 32.26
N TYR A 395 20.29 -61.37 32.83
CA TYR A 395 20.45 -61.72 34.24
C TYR A 395 21.14 -60.65 35.06
N ASN A 396 22.01 -59.83 34.46
CA ASN A 396 22.83 -58.88 35.19
C ASN A 396 22.47 -57.43 34.89
N TYR A 397 22.50 -57.04 33.62
CA TYR A 397 22.33 -55.63 33.25
C TYR A 397 21.66 -55.58 31.88
N LYS A 398 20.37 -55.28 31.87
CA LYS A 398 19.59 -55.26 30.64
C LYS A 398 19.47 -53.83 30.12
N LEU A 399 19.79 -53.65 28.87
CA LEU A 399 19.62 -52.44 28.11
C LEU A 399 18.24 -52.40 27.47
N PRO A 400 17.66 -51.21 27.26
CA PRO A 400 16.37 -51.14 26.59
C PRO A 400 16.50 -51.44 25.10
N ASP A 401 15.42 -51.95 24.54
CA ASP A 401 15.37 -52.23 23.11
C ASP A 401 14.80 -51.06 22.31
N ASP A 402 14.50 -49.95 22.97
CA ASP A 402 14.08 -48.72 22.30
C ASP A 402 15.01 -47.55 22.55
N PHE A 403 15.51 -47.40 23.77
CA PHE A 403 16.47 -46.37 24.13
C PHE A 403 17.87 -46.98 24.17
N MET A 404 18.78 -46.43 23.38
CA MET A 404 20.12 -46.97 23.29
C MET A 404 21.12 -45.87 23.01
N GLY A 405 22.15 -45.80 23.86
CA GLY A 405 23.16 -44.77 23.70
C GLY A 405 24.56 -45.31 23.50
N CYS A 406 25.49 -44.90 24.36
CA CYS A 406 26.91 -45.15 24.16
C CYS A 406 27.42 -46.17 25.17
N VAL A 407 27.75 -47.37 24.70
CA VAL A 407 28.47 -48.36 25.50
C VAL A 407 29.95 -48.07 25.38
N LEU A 408 30.64 -48.03 26.51
CA LEU A 408 32.06 -47.72 26.53
C LEU A 408 32.80 -48.82 27.27
N ALA A 409 33.99 -49.17 26.78
CA ALA A 409 34.84 -50.14 27.45
C ALA A 409 36.27 -49.62 27.44
N TRP A 410 36.95 -49.70 28.58
CA TRP A 410 38.33 -49.26 28.67
C TRP A 410 39.12 -50.15 29.61
N ASN A 411 40.36 -50.45 29.23
CA ASN A 411 41.12 -51.57 29.76
C ASN A 411 41.71 -51.21 31.11
N THR A 412 41.17 -51.79 32.18
CA THR A 412 41.64 -51.50 33.52
C THR A 412 42.14 -52.74 34.26
N ARG A 413 42.99 -53.51 33.60
CA ARG A 413 43.67 -54.62 34.28
C ARG A 413 44.76 -54.15 35.22
N ASN A 414 45.13 -52.86 35.18
CA ASN A 414 46.14 -52.31 36.07
C ASN A 414 45.66 -52.16 37.50
N ILE A 415 44.35 -51.99 37.72
CA ILE A 415 43.78 -51.81 39.05
C ILE A 415 42.82 -52.92 39.42
N ASP A 416 41.94 -53.31 38.50
CA ASP A 416 40.87 -54.24 38.83
C ASP A 416 41.29 -55.70 38.78
N ALA A 417 42.47 -56.02 38.26
CA ALA A 417 42.89 -57.39 38.04
C ALA A 417 44.03 -57.78 38.99
N THR A 418 44.07 -59.07 39.32
CA THR A 418 45.10 -59.65 40.17
C THR A 418 45.57 -60.95 39.53
N SER A 419 46.88 -61.21 39.62
CA SER A 419 47.48 -62.39 38.97
C SER A 419 46.99 -63.71 39.57
N THR A 420 46.51 -63.71 40.81
CA THR A 420 45.96 -64.93 41.41
C THR A 420 44.47 -65.08 41.16
N GLY A 421 43.74 -63.97 40.99
CA GLY A 421 42.32 -64.04 40.70
C GLY A 421 41.48 -63.03 41.46
N ASN A 422 40.64 -62.30 40.72
CA ASN A 422 39.72 -61.34 41.33
C ASN A 422 38.37 -62.04 41.51
N TYR A 423 38.33 -62.87 42.56
CA TYR A 423 37.15 -63.67 42.86
C TYR A 423 36.08 -62.91 43.65
N ASN A 424 36.28 -61.61 43.90
CA ASN A 424 35.27 -60.81 44.60
C ASN A 424 34.19 -60.27 43.67
N TYR A 425 34.46 -60.23 42.37
CA TYR A 425 33.43 -59.92 41.37
C TYR A 425 32.84 -61.22 40.85
N LYS A 426 31.51 -61.29 40.77
CA LYS A 426 30.82 -62.47 40.27
C LYS A 426 29.70 -62.02 39.32
N TYR A 427 29.23 -62.96 38.49
CA TYR A 427 28.18 -62.64 37.52
C TYR A 427 27.17 -63.76 37.45
N ARG A 428 25.92 -63.39 37.14
CA ARG A 428 24.80 -64.31 37.27
C ARG A 428 24.63 -65.18 36.03
N TYR A 429 24.05 -66.36 36.26
CA TYR A 429 23.57 -67.21 35.18
C TYR A 429 22.21 -67.80 35.47
N LEU A 430 21.55 -67.42 36.57
CA LEU A 430 20.23 -67.90 36.96
C LEU A 430 19.36 -66.75 37.42
N ARG A 431 18.09 -66.78 37.04
CA ARG A 431 17.09 -65.77 37.39
C ARG A 431 15.71 -66.30 37.03
N HIS A 432 14.74 -66.10 37.93
CA HIS A 432 13.34 -66.35 37.59
C HIS A 432 12.90 -65.30 36.57
N GLY A 433 12.73 -65.71 35.33
CA GLY A 433 12.42 -64.76 34.28
C GLY A 433 13.65 -63.98 33.85
N LYS A 434 13.41 -62.81 33.27
CA LYS A 434 14.46 -61.94 32.79
C LYS A 434 14.20 -60.51 33.25
N LEU A 435 15.20 -59.66 33.07
CA LEU A 435 15.19 -58.32 33.61
C LEU A 435 14.24 -57.40 32.83
N ARG A 436 14.10 -56.19 33.34
CA ARG A 436 13.46 -55.04 32.73
C ARG A 436 14.53 -54.05 32.30
N PRO A 437 14.18 -53.03 31.48
CA PRO A 437 15.18 -51.99 31.14
C PRO A 437 15.68 -51.23 32.36
N PHE A 438 16.99 -51.34 32.59
CA PHE A 438 17.76 -50.75 33.68
C PHE A 438 17.25 -51.19 35.05
N GLU A 439 17.27 -52.51 35.27
CA GLU A 439 17.09 -53.08 36.59
C GLU A 439 18.12 -54.20 36.78
N ARG A 440 18.21 -54.66 38.02
CA ARG A 440 19.26 -55.56 38.47
C ARG A 440 18.65 -56.69 39.31
N ASP A 441 19.47 -57.68 39.61
CA ASP A 441 19.11 -58.73 40.56
C ASP A 441 20.27 -58.87 41.54
N ILE A 442 20.13 -58.30 42.74
CA ILE A 442 21.15 -58.45 43.77
C ILE A 442 20.95 -59.68 44.63
N SER A 443 19.88 -60.44 44.39
CA SER A 443 19.56 -61.61 45.22
C SER A 443 20.50 -62.74 44.82
N ASN A 444 21.66 -62.80 45.48
CA ASN A 444 22.62 -63.89 45.29
C ASN A 444 22.28 -65.04 46.25
N VAL A 445 21.09 -65.59 46.04
CA VAL A 445 20.54 -66.67 46.85
C VAL A 445 20.50 -67.90 45.96
N PRO A 446 20.88 -69.08 46.46
CA PRO A 446 20.82 -70.31 45.64
C PRO A 446 19.40 -70.61 45.16
N PHE A 447 19.32 -71.11 43.93
CA PHE A 447 18.12 -70.97 43.12
C PHE A 447 18.00 -72.16 42.17
N SER A 448 16.76 -72.52 41.86
CA SER A 448 16.50 -73.66 40.96
C SER A 448 16.63 -73.21 39.51
N PRO A 449 17.40 -73.94 38.68
CA PRO A 449 17.73 -73.42 37.34
C PRO A 449 16.58 -73.44 36.35
N ASP A 450 15.57 -74.28 36.56
CA ASP A 450 14.45 -74.36 35.63
C ASP A 450 13.28 -73.47 36.04
N GLY A 451 13.58 -72.20 36.31
CA GLY A 451 12.55 -71.20 36.56
C GLY A 451 11.75 -71.35 37.82
N LYS A 452 12.21 -72.20 38.75
CA LYS A 452 11.41 -72.41 39.95
C LYS A 452 12.01 -71.65 41.13
N PRO A 453 11.18 -71.13 42.04
CA PRO A 453 11.71 -70.43 43.22
C PRO A 453 12.34 -71.42 44.19
N CYS A 454 13.16 -70.87 45.09
CA CYS A 454 13.93 -71.70 46.01
C CYS A 454 14.09 -71.03 47.36
N THR A 455 13.97 -71.83 48.41
CA THR A 455 14.44 -71.47 49.75
C THR A 455 15.55 -72.44 50.10
N PRO A 456 16.82 -72.01 50.08
CA PRO A 456 17.91 -72.96 50.27
C PRO A 456 17.95 -73.49 51.70
N PRO A 457 18.40 -74.73 51.91
CA PRO A 457 19.05 -75.67 50.98
C PRO A 457 18.13 -76.67 50.26
N ALA A 458 17.05 -76.20 49.61
CA ALA A 458 16.11 -77.10 48.96
C ALA A 458 16.72 -77.77 47.72
N LEU A 459 15.93 -78.63 47.08
CA LEU A 459 16.45 -79.55 46.07
C LEU A 459 16.73 -78.83 44.76
N ASN A 460 17.89 -79.13 44.17
CA ASN A 460 18.38 -78.56 42.91
C ASN A 460 18.51 -77.04 42.99
N CYS A 461 18.98 -76.54 44.12
CA CYS A 461 19.22 -75.11 44.32
C CYS A 461 20.72 -74.87 44.26
N TYR A 462 21.16 -74.19 43.21
CA TYR A 462 22.57 -73.98 42.94
C TYR A 462 22.89 -72.50 43.04
N TRP A 463 24.16 -72.21 43.32
CA TRP A 463 24.65 -70.84 43.44
C TRP A 463 24.52 -70.12 42.10
N PRO A 464 23.73 -69.05 42.00
CA PRO A 464 23.46 -68.44 40.69
C PRO A 464 24.59 -67.57 40.16
N LEU A 465 25.73 -67.50 40.84
CA LEU A 465 26.82 -66.63 40.43
C LEU A 465 27.93 -67.45 39.79
N ASN A 466 28.37 -67.03 38.60
CA ASN A 466 29.61 -67.51 38.02
C ASN A 466 30.75 -66.56 38.39
N ASP A 467 31.95 -67.11 38.42
CA ASP A 467 33.14 -66.32 38.72
C ASP A 467 33.76 -65.81 37.43
N TYR A 468 34.16 -64.53 37.42
CA TYR A 468 34.89 -64.00 36.27
C TYR A 468 36.27 -64.62 36.18
N GLY A 469 37.09 -64.42 37.20
CA GLY A 469 38.48 -64.80 37.16
C GLY A 469 39.32 -63.78 36.43
N PHE A 470 39.28 -62.53 36.90
CA PHE A 470 40.08 -61.48 36.28
C PHE A 470 41.55 -61.68 36.60
N TYR A 471 42.35 -61.92 35.57
CA TYR A 471 43.78 -62.15 35.73
C TYR A 471 44.56 -61.04 35.05
N THR A 472 45.76 -60.78 35.55
CA THR A 472 46.73 -60.00 34.81
C THR A 472 47.51 -60.85 33.82
N THR A 473 47.47 -62.17 33.97
CA THR A 473 48.23 -63.11 33.14
C THR A 473 47.31 -63.96 32.27
N THR A 474 46.29 -63.32 31.68
CA THR A 474 45.31 -63.99 30.83
C THR A 474 45.26 -63.30 29.48
N GLY A 475 44.36 -63.77 28.63
CA GLY A 475 44.11 -63.14 27.34
C GLY A 475 43.14 -61.97 27.48
N ILE A 476 42.55 -61.60 26.35
CA ILE A 476 41.66 -60.44 26.31
C ILE A 476 40.33 -60.75 27.00
N GLY A 477 39.85 -61.98 26.85
CA GLY A 477 38.51 -62.35 27.27
C GLY A 477 38.30 -62.38 28.78
N TYR A 478 39.37 -62.46 29.57
CA TYR A 478 39.26 -62.51 31.02
C TYR A 478 39.82 -61.27 31.71
N GLN A 479 40.40 -60.33 30.97
CA GLN A 479 40.85 -59.08 31.58
C GLN A 479 39.66 -58.18 31.88
N PRO A 480 39.71 -57.40 32.96
CA PRO A 480 38.58 -56.51 33.30
C PRO A 480 38.59 -55.26 32.44
N TYR A 481 37.43 -54.92 31.91
CA TYR A 481 37.19 -53.60 31.34
C TYR A 481 36.17 -52.89 32.22
N ARG A 482 36.53 -51.70 32.70
CA ARG A 482 35.51 -50.80 33.22
C ARG A 482 34.55 -50.43 32.10
N VAL A 483 33.26 -50.58 32.34
CA VAL A 483 32.24 -50.34 31.33
C VAL A 483 31.13 -49.48 31.94
N VAL A 484 30.84 -48.35 31.31
CA VAL A 484 29.70 -47.52 31.68
C VAL A 484 28.92 -47.19 30.42
N VAL A 485 27.65 -47.57 30.40
CA VAL A 485 26.75 -47.23 29.29
C VAL A 485 26.30 -45.79 29.44
N LEU A 486 26.25 -45.05 28.34
CA LEU A 486 25.74 -43.70 28.30
C LEU A 486 24.48 -43.71 27.45
N SER A 487 23.36 -44.09 28.06
CA SER A 487 22.14 -44.38 27.32
C SER A 487 21.31 -43.13 27.09
N PHE A 488 20.69 -43.05 25.91
CA PHE A 488 20.04 -41.84 25.43
C PHE A 488 18.59 -41.77 25.93
N GLU A 489 18.43 -41.72 27.24
CA GLU A 489 17.09 -41.77 27.83
C GLU A 489 16.97 -40.92 29.09
N THR A 496 19.21 -35.12 31.72
CA THR A 496 19.35 -34.14 30.65
C THR A 496 20.68 -33.42 30.75
N VAL A 497 21.64 -33.83 29.91
CA VAL A 497 22.96 -33.21 29.90
C VAL A 497 23.21 -32.65 28.50
N CYS A 498 24.39 -32.04 28.32
CA CYS A 498 24.85 -31.71 26.99
C CYS A 498 26.37 -31.62 27.02
N GLY A 499 27.01 -32.21 26.03
CA GLY A 499 28.43 -32.03 25.86
C GLY A 499 28.72 -30.61 25.45
N PRO A 500 29.57 -29.91 26.20
CA PRO A 500 29.94 -28.55 25.82
C PRO A 500 30.79 -28.57 24.56
N LYS A 501 30.47 -27.69 23.64
CA LYS A 501 31.11 -27.73 22.34
C LYS A 501 32.29 -26.77 22.32
N LEU A 502 33.13 -26.93 21.31
CA LEU A 502 34.53 -26.50 21.40
C LEU A 502 34.67 -24.99 21.40
N SER A 503 35.43 -24.49 22.37
CA SER A 503 35.70 -23.07 22.48
C SER A 503 36.83 -22.67 21.55
N THR A 504 36.79 -21.43 21.10
CA THR A 504 37.78 -20.88 20.18
C THR A 504 38.38 -19.61 20.78
N ASP A 505 39.16 -18.91 19.97
CA ASP A 505 39.89 -17.73 20.41
C ASP A 505 39.00 -16.49 20.33
N LEU A 506 39.42 -15.44 21.04
CA LEU A 506 38.74 -14.14 21.03
C LEU A 506 39.50 -13.22 20.07
N ILE A 507 39.28 -13.43 18.78
CA ILE A 507 39.90 -12.60 17.75
C ILE A 507 38.95 -11.45 17.48
N LYS A 508 39.31 -10.28 18.00
CA LYS A 508 38.56 -9.06 17.76
C LYS A 508 39.00 -8.43 16.44
N ASN A 509 38.45 -7.24 16.16
CA ASN A 509 38.84 -6.37 15.04
C ASN A 509 38.60 -7.00 13.68
N GLN A 510 37.66 -7.94 13.58
CA GLN A 510 37.39 -8.60 12.31
C GLN A 510 35.89 -8.73 12.08
N CYS A 511 35.50 -8.55 10.82
CA CYS A 511 34.15 -8.87 10.35
C CYS A 511 34.01 -10.38 10.33
N VAL A 512 33.30 -10.93 11.32
CA VAL A 512 33.21 -12.37 11.54
C VAL A 512 31.79 -12.75 11.94
N ASN A 513 31.52 -14.05 11.90
CA ASN A 513 30.37 -14.58 12.62
C ASN A 513 30.78 -14.85 14.07
N PHE A 514 29.79 -15.19 14.89
CA PHE A 514 30.06 -15.62 16.25
C PHE A 514 28.90 -16.48 16.74
N ASN A 515 29.16 -17.20 17.83
CA ASN A 515 28.12 -17.95 18.51
C ASN A 515 28.55 -18.08 19.96
N PHE A 516 27.91 -17.32 20.83
CA PHE A 516 28.11 -17.43 22.26
C PHE A 516 26.95 -18.25 22.83
N ASN A 517 26.85 -18.31 24.16
CA ASN A 517 25.87 -19.16 24.83
C ASN A 517 24.48 -18.62 24.58
N GLY A 518 23.78 -19.21 23.61
CA GLY A 518 22.48 -18.73 23.18
C GLY A 518 22.50 -17.49 22.33
N LEU A 519 23.65 -16.83 22.18
CA LEU A 519 23.76 -15.60 21.41
C LEU A 519 24.62 -15.86 20.18
N THR A 520 24.17 -15.37 19.04
CA THR A 520 24.90 -15.54 17.79
C THR A 520 24.52 -14.40 16.86
N GLY A 521 25.12 -14.40 15.68
CA GLY A 521 24.89 -13.39 14.69
C GLY A 521 26.20 -13.01 14.03
N THR A 522 26.19 -11.87 13.35
CA THR A 522 27.36 -11.37 12.66
C THR A 522 27.86 -10.12 13.37
N GLY A 523 29.12 -9.79 13.14
CA GLY A 523 29.64 -8.52 13.57
C GLY A 523 31.10 -8.58 13.95
N VAL A 524 31.57 -7.47 14.50
CA VAL A 524 32.96 -7.27 14.88
C VAL A 524 33.03 -7.15 16.39
N LEU A 525 34.01 -7.80 17.00
CA LEU A 525 34.16 -7.79 18.44
C LEU A 525 35.16 -6.72 18.87
N THR A 526 34.96 -6.20 20.08
CA THR A 526 35.88 -5.26 20.72
C THR A 526 35.58 -5.22 22.21
N PRO A 527 36.57 -4.96 23.05
CA PRO A 527 36.30 -4.79 24.49
C PRO A 527 35.47 -3.57 24.76
N SER A 528 34.72 -3.61 25.86
CA SER A 528 33.71 -2.61 26.14
C SER A 528 34.00 -1.88 27.45
N SER A 529 33.37 -0.72 27.59
CA SER A 529 33.45 0.10 28.79
C SER A 529 32.15 0.10 29.58
N LYS A 530 31.18 -0.73 29.20
CA LYS A 530 29.91 -0.76 29.89
C LYS A 530 30.06 -1.50 31.20
N ARG A 531 29.48 -0.93 32.26
CA ARG A 531 29.56 -1.50 33.60
C ARG A 531 28.36 -2.42 33.80
N PHE A 532 28.56 -3.71 33.51
CA PHE A 532 27.49 -4.67 33.69
C PHE A 532 27.24 -4.95 35.17
N GLN A 533 26.06 -5.42 35.45
CA GLN A 533 25.78 -5.96 36.75
C GLN A 533 26.21 -7.41 36.82
N PRO A 534 26.50 -7.93 38.02
CA PRO A 534 26.89 -9.34 38.14
C PRO A 534 25.78 -10.32 37.78
N PHE A 535 24.51 -9.95 37.91
CA PHE A 535 23.42 -10.84 37.52
C PHE A 535 23.09 -10.74 36.03
N GLN A 536 23.93 -10.09 35.23
CA GLN A 536 23.65 -9.86 33.83
C GLN A 536 24.47 -10.78 32.94
N GLN A 537 24.07 -10.85 31.68
CA GLN A 537 24.75 -11.58 30.63
C GLN A 537 25.04 -10.74 29.41
N PHE A 538 24.13 -9.86 29.03
CA PHE A 538 24.23 -9.12 27.77
C PHE A 538 23.32 -7.90 27.84
N GLY A 539 23.42 -7.04 26.82
CA GLY A 539 22.64 -5.84 26.77
C GLY A 539 22.18 -5.52 25.36
N ARG A 540 21.30 -4.51 25.27
CA ARG A 540 20.67 -4.15 24.01
C ARG A 540 20.79 -2.64 23.78
N ASP A 541 20.44 -2.25 22.56
CA ASP A 541 20.41 -0.85 22.14
C ASP A 541 19.03 -0.26 22.42
N VAL A 542 18.71 0.88 21.81
CA VAL A 542 17.36 1.43 21.91
C VAL A 542 16.34 0.59 21.17
N SER A 543 16.78 -0.27 20.25
CA SER A 543 15.93 -1.31 19.69
C SER A 543 15.92 -2.51 20.64
N ASP A 544 15.42 -3.65 20.16
CA ASP A 544 15.50 -4.90 20.91
C ASP A 544 16.62 -5.80 20.41
N PHE A 545 17.57 -5.25 19.65
CA PHE A 545 18.69 -6.02 19.15
C PHE A 545 19.81 -6.02 20.19
N THR A 546 20.49 -7.15 20.33
CA THR A 546 21.54 -7.29 21.33
C THR A 546 22.86 -6.78 20.76
N ASP A 547 23.48 -5.83 21.46
CA ASP A 547 24.72 -5.23 21.01
C ASP A 547 25.90 -5.50 21.92
N SER A 548 25.69 -5.55 23.24
CA SER A 548 26.75 -5.78 24.19
C SER A 548 26.56 -7.13 24.86
N VAL A 549 27.67 -7.76 25.22
CA VAL A 549 27.64 -9.12 25.73
C VAL A 549 28.84 -9.33 26.64
N ARG A 550 28.60 -9.96 27.79
CA ARG A 550 29.70 -10.43 28.62
C ARG A 550 30.03 -11.86 28.23
N ASP A 551 31.32 -12.15 28.07
CA ASP A 551 31.77 -13.47 27.66
C ASP A 551 31.48 -14.47 28.76
N PRO A 552 30.73 -15.55 28.50
CA PRO A 552 30.52 -16.58 29.52
C PRO A 552 31.77 -17.38 29.86
N LYS A 553 32.85 -17.24 29.10
CA LYS A 553 34.07 -17.94 29.41
C LYS A 553 35.02 -17.11 30.26
N THR A 554 35.17 -15.81 29.99
CA THR A 554 36.17 -15.01 30.68
C THR A 554 35.63 -13.75 31.36
N SER A 555 34.31 -13.51 31.31
CA SER A 555 33.64 -12.38 31.95
C SER A 555 34.15 -11.02 31.45
N GLU A 556 34.66 -10.97 30.22
CA GLU A 556 35.07 -9.71 29.63
C GLU A 556 33.90 -9.08 28.90
N ILE A 557 33.75 -7.77 29.08
CA ILE A 557 32.60 -7.04 28.55
C ILE A 557 32.90 -6.73 27.09
N LEU A 558 32.02 -7.16 26.19
CA LEU A 558 32.23 -6.97 24.77
C LEU A 558 31.10 -6.14 24.16
N ASP A 559 31.46 -5.33 23.17
CA ASP A 559 30.50 -4.68 22.29
C ASP A 559 30.64 -5.27 20.90
N ILE A 560 29.55 -5.25 20.14
CA ILE A 560 29.52 -5.85 18.82
C ILE A 560 29.09 -4.78 17.82
N SER A 561 29.94 -4.49 16.87
CA SER A 561 29.64 -3.56 15.81
C SER A 561 28.89 -4.26 14.69
N PRO A 562 28.13 -3.53 13.89
CA PRO A 562 27.71 -4.07 12.59
C PRO A 562 28.92 -4.29 11.73
N CYS A 563 28.86 -5.34 10.91
CA CYS A 563 30.07 -5.92 10.35
C CYS A 563 30.67 -4.99 9.30
N ALA A 564 29.87 -4.66 8.28
CA ALA A 564 29.81 -3.39 7.53
C ALA A 564 28.71 -3.54 6.49
N PHE A 565 28.23 -2.41 5.98
CA PHE A 565 27.33 -2.34 4.83
C PHE A 565 27.34 -0.90 4.36
N GLY A 566 26.49 -0.59 3.41
CA GLY A 566 26.35 0.77 2.91
C GLY A 566 26.06 0.76 1.43
N GLY A 567 25.82 1.96 0.90
CA GLY A 567 25.58 2.10 -0.52
C GLY A 567 26.87 2.32 -1.30
N VAL A 568 26.75 2.25 -2.62
CA VAL A 568 27.86 2.53 -3.53
C VAL A 568 27.43 3.64 -4.46
N SER A 569 28.30 4.62 -4.64
CA SER A 569 28.15 5.63 -5.68
C SER A 569 29.18 5.39 -6.77
N VAL A 570 28.89 5.91 -7.96
CA VAL A 570 29.82 5.88 -9.09
C VAL A 570 29.88 7.28 -9.69
N ILE A 571 31.08 7.83 -9.81
CA ILE A 571 31.31 9.11 -10.45
C ILE A 571 31.94 8.87 -11.81
N THR A 572 31.24 9.26 -12.86
CA THR A 572 31.83 9.24 -14.19
C THR A 572 31.88 10.65 -14.78
N PRO A 573 32.90 10.95 -15.57
CA PRO A 573 32.91 12.19 -16.34
C PRO A 573 32.14 12.11 -17.65
N GLY A 574 31.39 11.03 -17.88
CA GLY A 574 30.70 10.86 -19.15
C GLY A 574 31.38 9.83 -20.02
N THR A 575 30.59 8.95 -20.65
CA THR A 575 31.17 7.85 -21.40
C THR A 575 31.79 8.31 -22.71
N ASN A 576 31.36 9.45 -23.26
CA ASN A 576 31.95 9.93 -24.50
C ASN A 576 33.37 10.45 -24.27
N ALA A 577 33.60 11.06 -23.11
CA ALA A 577 34.80 11.83 -22.85
C ALA A 577 35.90 10.96 -22.28
N SER A 578 35.60 10.26 -21.20
CA SER A 578 36.53 9.30 -20.63
C SER A 578 35.81 7.96 -20.48
N SER A 579 36.51 7.02 -19.89
CA SER A 579 35.94 5.71 -19.61
C SER A 579 36.30 5.22 -18.21
N GLU A 580 36.89 6.08 -17.38
CA GLU A 580 37.22 5.70 -16.02
C GLU A 580 36.05 6.03 -15.09
N VAL A 581 36.08 5.42 -13.92
CA VAL A 581 35.07 5.67 -12.89
C VAL A 581 35.75 5.94 -11.56
N ALA A 582 35.15 6.85 -10.81
CA ALA A 582 35.42 7.00 -9.39
C ALA A 582 34.23 6.47 -8.62
N VAL A 583 34.49 5.74 -7.53
CA VAL A 583 33.42 5.15 -6.75
C VAL A 583 33.51 5.63 -5.31
N LEU A 584 32.35 5.71 -4.67
CA LEU A 584 32.26 6.08 -3.26
C LEU A 584 31.69 4.91 -2.48
N TYR A 585 32.35 4.58 -1.38
CA TYR A 585 31.88 3.59 -0.43
C TYR A 585 31.15 4.37 0.67
N GLN A 586 29.83 4.39 0.59
CA GLN A 586 29.03 5.35 1.33
C GLN A 586 28.95 5.06 2.82
N ASP A 587 29.51 5.98 3.61
CA ASP A 587 29.48 6.00 5.07
C ASP A 587 30.12 4.75 5.66
N VAL A 588 31.41 4.56 5.42
CA VAL A 588 32.19 3.47 6.04
C VAL A 588 33.57 4.01 6.38
N ASN A 589 34.29 3.26 7.21
CA ASN A 589 35.66 3.64 7.59
C ASN A 589 36.60 3.27 6.45
N CYS A 590 37.85 3.68 6.54
CA CYS A 590 38.80 3.44 5.46
C CYS A 590 39.83 2.36 5.76
N THR A 591 39.88 1.83 6.98
CA THR A 591 40.90 0.81 7.23
C THR A 591 40.34 -0.61 7.07
N ASP A 592 39.06 -0.83 7.36
CA ASP A 592 38.50 -2.15 7.18
C ASP A 592 38.15 -2.42 5.72
N VAL A 593 37.67 -1.39 5.02
CA VAL A 593 37.27 -1.54 3.63
C VAL A 593 38.49 -1.74 2.74
N SER A 594 39.53 -0.92 2.97
CA SER A 594 40.78 -1.05 2.22
C SER A 594 41.45 -2.39 2.44
N THR A 595 41.29 -2.98 3.63
CA THR A 595 41.70 -4.36 3.80
C THR A 595 40.79 -5.28 3.01
N ALA A 596 39.48 -5.04 3.03
CA ALA A 596 38.54 -5.88 2.30
C ALA A 596 38.66 -5.71 0.79
N ILE A 597 39.37 -4.68 0.32
CA ILE A 597 39.87 -4.66 -1.05
C ILE A 597 40.74 -5.88 -1.31
N HIS A 598 41.82 -6.01 -0.55
CA HIS A 598 42.80 -7.04 -0.85
C HIS A 598 42.46 -8.37 -0.22
N ALA A 599 41.62 -8.38 0.81
CA ALA A 599 41.16 -9.62 1.41
C ALA A 599 39.99 -10.24 0.66
N ASP A 600 39.48 -9.54 -0.37
CA ASP A 600 38.43 -10.02 -1.26
C ASP A 600 37.15 -10.35 -0.48
N GLN A 601 36.63 -9.34 0.21
CA GLN A 601 35.50 -9.52 1.08
C GLN A 601 34.25 -8.80 0.61
N LEU A 602 34.29 -8.13 -0.54
CA LEU A 602 33.12 -7.42 -1.02
C LEU A 602 32.21 -8.34 -1.82
N THR A 603 30.91 -8.13 -1.65
CA THR A 603 29.92 -8.57 -2.62
C THR A 603 29.23 -7.30 -3.11
N PRO A 604 29.32 -6.94 -4.40
CA PRO A 604 29.96 -7.69 -5.48
C PRO A 604 31.48 -7.53 -5.53
N ALA A 605 32.14 -8.55 -6.04
CA ALA A 605 33.54 -8.46 -6.39
C ALA A 605 33.69 -7.96 -7.82
N TRP A 606 34.88 -7.48 -8.15
CA TRP A 606 35.15 -7.00 -9.49
C TRP A 606 36.30 -7.79 -10.09
N ARG A 607 36.10 -8.26 -11.32
CA ARG A 607 37.13 -9.04 -11.98
C ARG A 607 38.29 -8.16 -12.46
N ILE A 608 38.02 -6.89 -12.72
CA ILE A 608 39.06 -5.90 -12.99
C ILE A 608 38.88 -4.78 -11.98
N TYR A 609 39.86 -4.62 -11.10
CA TYR A 609 39.72 -3.74 -9.96
C TYR A 609 41.09 -3.33 -9.46
N SER A 610 41.18 -2.11 -8.96
CA SER A 610 42.41 -1.64 -8.32
C SER A 610 42.08 -0.50 -7.37
N THR A 611 43.02 -0.26 -6.44
CA THR A 611 42.86 0.83 -5.48
C THR A 611 43.11 2.18 -6.13
N GLY A 612 44.24 2.31 -6.82
CA GLY A 612 44.71 3.60 -7.28
C GLY A 612 45.44 4.41 -6.24
N ASN A 613 45.67 3.84 -5.05
CA ASN A 613 46.33 4.49 -3.90
C ASN A 613 45.63 5.78 -3.46
N ASN A 614 44.32 5.85 -3.70
CA ASN A 614 43.53 7.06 -3.50
C ASN A 614 42.49 6.76 -2.43
N VAL A 615 42.85 6.97 -1.17
CA VAL A 615 41.96 6.69 -0.06
C VAL A 615 41.82 7.97 0.75
N PHE A 616 40.61 8.53 0.76
CA PHE A 616 40.34 9.75 1.51
C PHE A 616 39.05 9.58 2.29
N GLN A 617 39.10 9.97 3.56
CA GLN A 617 38.04 9.67 4.51
C GLN A 617 37.16 10.90 4.67
N THR A 618 35.94 10.81 4.16
CA THR A 618 34.99 11.90 4.17
C THR A 618 33.79 11.52 5.01
N GLN A 619 32.94 12.51 5.31
CA GLN A 619 31.75 12.25 6.10
C GLN A 619 30.68 11.52 5.30
N ALA A 620 30.77 11.52 3.98
CA ALA A 620 29.89 10.67 3.19
C ALA A 620 30.46 9.27 2.99
N GLY A 621 31.75 9.09 3.22
CA GLY A 621 32.35 7.78 3.09
C GLY A 621 33.80 7.90 2.64
N CYS A 622 34.31 6.83 2.05
CA CYS A 622 35.70 6.77 1.62
C CYS A 622 35.74 6.82 0.10
N LEU A 623 36.28 7.92 -0.43
CA LEU A 623 36.55 8.05 -1.85
C LEU A 623 37.68 7.12 -2.25
N ILE A 624 37.44 6.27 -3.23
CA ILE A 624 38.49 5.46 -3.84
C ILE A 624 38.37 5.58 -5.35
N GLY A 625 39.43 6.08 -5.97
CA GLY A 625 39.48 6.24 -7.41
C GLY A 625 39.94 7.60 -7.85
N ALA A 626 39.60 8.63 -7.09
CA ALA A 626 39.81 10.01 -7.52
C ALA A 626 40.94 10.67 -6.74
N GLU A 627 41.41 11.79 -7.28
CA GLU A 627 42.63 12.44 -6.81
C GLU A 627 42.29 13.72 -6.07
N HIS A 628 42.88 13.90 -4.89
CA HIS A 628 42.61 15.07 -4.07
C HIS A 628 43.69 16.11 -4.27
N VAL A 629 43.29 17.30 -4.70
CA VAL A 629 44.05 18.52 -4.52
C VAL A 629 43.10 19.54 -3.92
N ASP A 630 43.46 20.09 -2.76
CA ASP A 630 42.56 20.98 -2.02
C ASP A 630 42.72 22.42 -2.49
N THR A 631 42.28 22.65 -3.72
CA THR A 631 42.06 24.00 -4.23
C THR A 631 40.57 24.31 -4.18
N SER A 632 40.23 25.56 -4.46
CA SER A 632 38.86 26.03 -4.41
C SER A 632 38.30 26.02 -5.82
N TYR A 633 37.62 24.95 -6.20
CA TYR A 633 36.97 24.86 -7.49
C TYR A 633 35.46 24.96 -7.31
N GLU A 634 34.75 24.99 -8.43
CA GLU A 634 33.30 25.07 -8.41
C GLU A 634 32.70 23.68 -8.46
N CYS A 635 31.49 23.55 -7.92
CA CYS A 635 30.88 22.25 -7.71
C CYS A 635 30.08 21.82 -8.93
N ASP A 636 30.47 20.68 -9.51
CA ASP A 636 29.76 20.04 -10.60
C ASP A 636 29.21 18.69 -10.21
N ILE A 637 30.04 17.80 -9.68
CA ILE A 637 29.63 16.45 -9.30
C ILE A 637 29.54 16.40 -7.78
N PRO A 638 28.36 16.56 -7.20
CA PRO A 638 28.25 16.68 -5.74
C PRO A 638 28.53 15.37 -5.04
N ILE A 639 29.36 15.42 -4.00
CA ILE A 639 29.72 14.26 -3.21
C ILE A 639 29.02 14.32 -1.85
N GLY A 640 29.32 15.33 -1.06
CA GLY A 640 28.74 15.51 0.26
C GLY A 640 29.74 16.22 1.14
N ALA A 641 29.21 16.89 2.16
CA ALA A 641 29.97 17.49 3.27
C ALA A 641 30.97 18.54 2.79
N GLY A 642 30.59 19.30 1.77
CA GLY A 642 31.45 20.34 1.25
C GLY A 642 32.45 19.91 0.21
N ILE A 643 32.42 18.64 -0.20
CA ILE A 643 33.37 18.11 -1.16
C ILE A 643 32.60 17.79 -2.44
N CYS A 644 33.21 18.08 -3.58
CA CYS A 644 32.53 17.99 -4.85
C CYS A 644 33.55 17.55 -5.88
N ALA A 645 33.13 16.69 -6.80
CA ALA A 645 34.05 16.12 -7.76
C ALA A 645 34.00 16.86 -9.10
N SER A 646 35.05 16.67 -9.89
CA SER A 646 35.13 17.18 -11.24
C SER A 646 36.21 16.40 -11.97
N TYR A 647 36.26 16.59 -13.28
CA TYR A 647 37.19 15.89 -14.15
C TYR A 647 38.13 16.92 -14.74
N HIS A 648 39.32 17.03 -14.17
CA HIS A 648 40.26 18.08 -14.55
C HIS A 648 41.57 17.48 -15.03
N THR A 649 42.35 18.33 -15.70
CA THR A 649 43.60 17.93 -16.33
C THR A 649 44.77 18.51 -15.56
N VAL A 650 45.67 17.66 -15.10
CA VAL A 650 46.91 18.11 -14.48
C VAL A 650 48.10 17.53 -15.23
N LYS A 659 44.28 14.65 -16.10
CA LYS A 659 43.23 14.14 -16.98
C LYS A 659 42.39 13.12 -16.23
N SER A 660 42.24 13.35 -14.94
CA SER A 660 41.62 12.39 -14.04
C SER A 660 40.40 13.00 -13.37
N ILE A 661 39.65 12.14 -12.68
CA ILE A 661 38.60 12.62 -11.80
C ILE A 661 39.25 13.24 -10.57
N VAL A 662 38.86 14.47 -10.27
CA VAL A 662 39.53 15.27 -9.26
C VAL A 662 38.56 15.62 -8.14
N ALA A 663 39.11 15.76 -6.95
CA ALA A 663 38.36 16.18 -5.78
C ALA A 663 38.99 17.44 -5.20
N TYR A 664 38.18 18.20 -4.48
CA TYR A 664 38.57 19.52 -4.01
C TYR A 664 37.58 19.97 -2.94
N THR A 665 37.69 21.22 -2.56
CA THR A 665 36.74 21.88 -1.66
C THR A 665 36.05 22.98 -2.47
N MET A 666 34.76 23.18 -2.20
CA MET A 666 33.91 23.96 -3.09
C MET A 666 34.17 25.45 -2.94
N SER A 667 34.23 26.15 -4.07
CA SER A 667 34.26 27.61 -4.05
C SER A 667 32.87 28.15 -3.77
N LEU A 668 32.79 29.08 -2.83
CA LEU A 668 31.52 29.71 -2.46
C LEU A 668 31.36 31.07 -3.13
N GLY A 669 31.83 31.20 -4.36
CA GLY A 669 31.89 32.50 -4.99
C GLY A 669 33.26 33.12 -4.82
N ALA A 670 33.58 34.04 -5.73
CA ALA A 670 34.86 34.71 -5.69
C ALA A 670 34.92 35.70 -4.53
N ASP A 671 36.13 35.98 -4.09
CA ASP A 671 36.34 36.91 -2.99
C ASP A 671 36.46 38.32 -3.55
N SER A 672 35.67 39.24 -3.02
CA SER A 672 35.75 40.64 -3.40
C SER A 672 35.27 41.49 -2.24
N SER A 673 35.08 42.79 -2.49
CA SER A 673 34.77 43.74 -1.44
C SER A 673 34.21 45.01 -2.04
N ILE A 674 33.47 45.75 -1.21
CA ILE A 674 33.12 47.14 -1.48
C ILE A 674 33.88 48.00 -0.48
N ALA A 675 34.74 48.87 -0.98
CA ALA A 675 35.32 49.89 -0.13
C ALA A 675 34.23 50.87 0.30
N TYR A 676 34.13 51.10 1.60
CA TYR A 676 33.09 51.96 2.13
C TYR A 676 33.62 53.36 2.36
N SER A 677 32.80 54.34 2.01
CA SER A 677 33.04 55.72 2.38
C SER A 677 31.70 56.40 2.55
N ASN A 678 31.52 57.08 3.67
CA ASN A 678 30.25 57.71 4.04
C ASN A 678 29.90 58.93 3.19
N ASN A 679 30.67 59.25 2.15
CA ASN A 679 30.31 60.25 1.18
C ASN A 679 30.42 59.78 -0.27
N THR A 680 31.15 58.71 -0.54
CA THR A 680 31.44 58.30 -1.90
C THR A 680 30.36 57.36 -2.42
N ILE A 681 29.85 57.64 -3.62
CA ILE A 681 28.83 56.83 -4.26
C ILE A 681 29.34 56.43 -5.63
N ALA A 682 28.80 55.33 -6.15
CA ALA A 682 29.04 54.91 -7.52
C ALA A 682 27.71 54.76 -8.23
N ILE A 683 27.55 55.47 -9.36
CA ILE A 683 26.31 55.43 -10.12
C ILE A 683 26.61 54.99 -11.55
N PRO A 684 25.91 54.01 -12.08
CA PRO A 684 26.13 53.61 -13.47
C PRO A 684 25.56 54.62 -14.45
N THR A 685 26.11 54.59 -15.66
CA THR A 685 25.70 55.46 -16.75
C THR A 685 25.13 54.69 -17.93
N ASN A 686 25.80 53.62 -18.34
CA ASN A 686 25.42 52.82 -19.48
C ASN A 686 24.55 51.66 -19.02
N PHE A 687 24.04 50.89 -19.98
CA PHE A 687 23.31 49.67 -19.66
C PHE A 687 23.36 48.74 -20.85
N SER A 688 22.71 47.59 -20.71
CA SER A 688 22.51 46.65 -21.79
C SER A 688 21.26 45.84 -21.49
N ILE A 689 20.39 45.72 -22.48
CA ILE A 689 19.19 44.89 -22.34
C ILE A 689 19.56 43.45 -22.69
N SER A 690 19.10 42.51 -21.86
CA SER A 690 19.29 41.08 -22.12
C SER A 690 17.95 40.37 -22.11
N ILE A 691 17.99 39.09 -22.47
CA ILE A 691 16.81 38.24 -22.58
C ILE A 691 16.97 37.02 -21.68
N THR A 692 15.98 36.79 -20.83
CA THR A 692 16.00 35.73 -19.84
C THR A 692 15.17 34.54 -20.28
N THR A 693 15.78 33.35 -20.27
CA THR A 693 15.04 32.11 -20.47
C THR A 693 14.45 31.63 -19.15
N GLU A 694 13.14 31.37 -19.14
CA GLU A 694 12.49 30.82 -17.96
C GLU A 694 11.51 29.74 -18.38
N VAL A 695 11.65 28.55 -17.80
CA VAL A 695 10.93 27.36 -18.25
C VAL A 695 10.28 26.70 -17.05
N MET A 696 9.00 26.37 -17.17
CA MET A 696 8.30 25.68 -16.10
C MET A 696 7.19 24.83 -16.70
N PRO A 697 6.81 23.73 -16.05
CA PRO A 697 5.76 22.87 -16.57
C PRO A 697 4.37 23.27 -16.06
N VAL A 698 3.36 22.88 -16.83
CA VAL A 698 1.98 23.23 -16.53
C VAL A 698 1.07 22.03 -16.38
N SER A 699 1.43 20.88 -16.96
CA SER A 699 0.59 19.69 -16.88
C SER A 699 1.46 18.48 -17.18
N MET A 700 0.89 17.30 -16.95
CA MET A 700 1.60 16.06 -17.18
C MET A 700 0.73 15.12 -18.00
N ALA A 701 1.26 13.95 -18.31
CA ALA A 701 0.55 13.00 -19.16
C ALA A 701 -0.51 12.27 -18.33
N LYS A 702 -1.77 12.65 -18.54
CA LYS A 702 -2.87 12.00 -17.83
C LYS A 702 -3.04 10.57 -18.30
N THR A 703 -3.29 9.67 -17.36
CA THR A 703 -3.35 8.24 -17.65
C THR A 703 -4.70 7.68 -17.27
N SER A 704 -4.94 6.45 -17.73
CA SER A 704 -6.11 5.69 -17.34
C SER A 704 -5.75 4.22 -17.41
N VAL A 705 -6.34 3.44 -16.52
CA VAL A 705 -6.00 2.02 -16.39
C VAL A 705 -7.28 1.21 -16.30
N ASP A 706 -7.48 0.32 -17.26
CA ASP A 706 -8.41 -0.78 -17.05
C ASP A 706 -7.80 -1.74 -16.04
N CYS A 707 -8.50 -1.93 -14.92
CA CYS A 707 -8.01 -2.84 -13.89
C CYS A 707 -8.00 -4.28 -14.37
N ASN A 708 -9.06 -4.69 -15.07
CA ASN A 708 -9.24 -6.09 -15.42
C ASN A 708 -8.24 -6.55 -16.47
N MET A 709 -7.82 -5.66 -17.36
CA MET A 709 -6.70 -5.98 -18.23
C MET A 709 -5.39 -6.03 -17.48
N TYR A 710 -5.21 -5.21 -16.46
CA TYR A 710 -3.93 -5.12 -15.81
C TYR A 710 -3.71 -6.21 -14.77
N ILE A 711 -4.76 -6.56 -14.03
CA ILE A 711 -4.60 -7.50 -12.92
C ILE A 711 -4.24 -8.89 -13.43
N CYS A 712 -5.00 -9.40 -14.38
CA CYS A 712 -4.74 -10.74 -14.87
C CYS A 712 -4.42 -10.79 -16.35
N GLY A 713 -5.26 -10.20 -17.20
CA GLY A 713 -5.16 -10.44 -18.62
C GLY A 713 -6.33 -11.24 -19.17
N ASP A 714 -7.55 -10.87 -18.73
CA ASP A 714 -8.82 -11.35 -19.29
C ASP A 714 -8.99 -12.86 -19.11
N SER A 715 -9.01 -13.30 -17.85
CA SER A 715 -9.29 -14.68 -17.50
C SER A 715 -10.60 -14.77 -16.73
N THR A 716 -11.27 -15.93 -16.87
CA THR A 716 -12.55 -16.13 -16.20
C THR A 716 -12.37 -16.29 -14.71
N GLU A 717 -11.33 -17.03 -14.30
CA GLU A 717 -11.08 -17.22 -12.88
C GLU A 717 -10.41 -16.02 -12.23
N CYS A 718 -10.05 -15.00 -13.00
CA CYS A 718 -9.61 -13.74 -12.42
C CYS A 718 -10.76 -12.99 -11.78
N ALA A 719 -11.75 -12.61 -12.59
CA ALA A 719 -12.80 -11.72 -12.13
C ALA A 719 -13.80 -12.40 -11.21
N ASN A 720 -13.86 -13.73 -11.25
CA ASN A 720 -14.73 -14.47 -10.35
C ASN A 720 -14.29 -14.29 -8.91
N LEU A 721 -12.98 -14.35 -8.67
CA LEU A 721 -12.46 -14.06 -7.33
C LEU A 721 -12.34 -12.57 -7.08
N LEU A 722 -12.22 -11.77 -8.15
CA LEU A 722 -12.07 -10.32 -7.96
C LEU A 722 -13.37 -9.69 -7.47
N LEU A 723 -14.52 -10.25 -7.84
CA LEU A 723 -15.79 -9.72 -7.37
C LEU A 723 -16.03 -9.95 -5.89
N GLN A 724 -15.27 -10.84 -5.25
CA GLN A 724 -15.35 -10.98 -3.80
C GLN A 724 -14.69 -9.84 -3.06
N TYR A 725 -13.96 -8.98 -3.76
CA TYR A 725 -13.47 -7.74 -3.19
C TYR A 725 -14.44 -6.59 -3.40
N GLY A 726 -15.43 -6.78 -4.25
CA GLY A 726 -16.48 -5.79 -4.40
C GLY A 726 -15.98 -4.56 -5.14
N SER A 727 -16.26 -3.40 -4.56
CA SER A 727 -15.93 -2.12 -5.19
C SER A 727 -14.46 -1.84 -4.99
N PHE A 728 -13.67 -2.15 -5.99
CA PHE A 728 -12.28 -1.75 -5.93
C PHE A 728 -11.84 -0.99 -7.16
N CYS A 729 -12.31 -1.39 -8.34
CA CYS A 729 -11.92 -0.68 -9.55
C CYS A 729 -12.62 0.67 -9.66
N THR A 730 -13.74 0.85 -8.96
CA THR A 730 -14.45 2.12 -8.98
C THR A 730 -13.60 3.22 -8.37
N GLN A 731 -12.98 2.94 -7.23
CA GLN A 731 -12.27 3.96 -6.48
C GLN A 731 -10.92 4.27 -7.08
N LEU A 732 -10.45 3.46 -8.01
CA LEU A 732 -9.26 3.79 -8.76
C LEU A 732 -9.59 4.33 -10.14
N ASN A 733 -10.86 4.44 -10.48
CA ASN A 733 -11.27 5.19 -11.66
C ASN A 733 -11.33 6.67 -11.36
N ARG A 734 -12.06 7.04 -10.30
CA ARG A 734 -12.40 8.43 -10.04
C ARG A 734 -11.17 9.24 -9.67
N ALA A 735 -10.25 8.65 -8.90
CA ALA A 735 -9.02 9.36 -8.55
C ALA A 735 -8.16 9.57 -9.79
N LEU A 736 -8.05 8.55 -10.63
CA LEU A 736 -7.34 8.73 -11.88
C LEU A 736 -8.14 9.55 -12.87
N SER A 737 -9.47 9.59 -12.71
CA SER A 737 -10.23 10.63 -13.39
C SER A 737 -9.93 11.99 -12.80
N GLY A 738 -9.79 12.05 -11.47
CA GLY A 738 -9.54 13.31 -10.78
C GLY A 738 -8.18 13.88 -11.05
N ILE A 739 -7.23 13.08 -11.52
CA ILE A 739 -5.99 13.63 -12.03
C ILE A 739 -6.18 14.18 -13.42
N ALA A 740 -6.86 13.44 -14.29
CA ALA A 740 -6.97 13.81 -15.70
C ALA A 740 -7.81 15.04 -15.92
N ALA A 741 -8.77 15.31 -15.02
CA ALA A 741 -9.64 16.46 -15.21
C ALA A 741 -8.94 17.77 -14.90
N GLU A 742 -7.82 17.73 -14.17
CA GLU A 742 -7.16 18.95 -13.77
C GLU A 742 -5.90 19.24 -14.57
N GLN A 743 -5.46 18.32 -15.41
CA GLN A 743 -4.31 18.61 -16.23
C GLN A 743 -4.67 19.48 -17.41
N ASP A 744 -5.84 19.25 -18.00
CA ASP A 744 -6.34 20.18 -19.01
C ASP A 744 -6.76 21.50 -18.37
N ARG A 745 -7.39 21.42 -17.19
CA ARG A 745 -7.95 22.59 -16.52
C ARG A 745 -6.87 23.55 -16.05
N ASN A 746 -5.68 23.03 -15.73
CA ASN A 746 -4.57 23.91 -15.42
C ASN A 746 -3.89 24.42 -16.68
N THR A 747 -3.90 23.64 -17.75
CA THR A 747 -3.50 24.16 -19.04
C THR A 747 -4.52 25.18 -19.56
N ARG A 748 -5.79 24.95 -19.23
CA ARG A 748 -6.87 25.87 -19.59
C ARG A 748 -6.66 27.25 -18.96
N GLU A 749 -6.56 27.28 -17.64
CA GLU A 749 -6.62 28.53 -16.92
C GLU A 749 -5.34 29.34 -17.03
N VAL A 750 -4.22 28.71 -17.42
CA VAL A 750 -3.00 29.47 -17.67
C VAL A 750 -3.07 30.19 -19.01
N PHE A 751 -3.28 29.46 -20.09
CA PHE A 751 -3.21 30.07 -21.42
C PHE A 751 -4.43 30.93 -21.70
N ALA A 752 -5.62 30.33 -21.66
CA ALA A 752 -6.83 31.03 -22.05
C ALA A 752 -7.27 31.97 -20.93
N GLN A 753 -6.62 33.13 -20.88
CA GLN A 753 -7.14 34.26 -20.14
C GLN A 753 -7.33 35.48 -21.02
N VAL A 754 -6.95 35.40 -22.29
CA VAL A 754 -7.31 36.40 -23.27
C VAL A 754 -8.60 35.94 -23.93
N LYS A 755 -9.61 36.80 -23.91
CA LYS A 755 -10.95 36.42 -24.36
C LYS A 755 -11.26 36.93 -25.76
N GLN A 756 -10.24 37.36 -26.51
CA GLN A 756 -10.40 37.68 -27.92
C GLN A 756 -9.18 37.15 -28.68
N MET A 757 -9.43 36.47 -29.79
CA MET A 757 -8.33 36.12 -30.68
C MET A 757 -7.96 37.34 -31.50
N TYR A 758 -6.67 37.63 -31.59
CA TYR A 758 -6.22 38.81 -32.29
C TYR A 758 -5.43 38.42 -33.53
N LYS A 759 -5.64 39.17 -34.61
CA LYS A 759 -5.04 38.83 -35.88
C LYS A 759 -3.56 39.13 -35.87
N THR A 760 -2.80 38.29 -36.54
CA THR A 760 -1.36 38.45 -36.64
C THR A 760 -1.05 39.70 -37.45
N PRO A 761 -0.16 40.58 -36.98
CA PRO A 761 0.14 41.80 -37.74
C PRO A 761 0.92 41.50 -39.01
N THR A 762 0.61 42.26 -40.06
CA THR A 762 1.18 42.02 -41.38
C THR A 762 2.68 42.29 -41.39
N LEU A 763 3.06 43.53 -41.15
CA LEU A 763 4.46 43.81 -40.89
C LEU A 763 4.79 43.30 -39.49
N LYS A 764 6.03 42.87 -39.31
CA LYS A 764 6.47 42.24 -38.08
C LYS A 764 7.79 42.82 -37.61
N TYR A 765 8.03 44.09 -37.93
CA TYR A 765 9.30 44.78 -37.69
C TYR A 765 8.96 46.19 -37.23
N PHE A 766 8.86 46.40 -35.92
CA PHE A 766 8.18 47.55 -35.35
C PHE A 766 9.20 48.47 -34.70
N GLY A 767 9.49 49.59 -35.37
CA GLY A 767 10.41 50.56 -34.81
C GLY A 767 11.82 50.06 -34.67
N GLY A 768 12.26 49.19 -35.57
CA GLY A 768 13.53 48.52 -35.44
C GLY A 768 13.48 47.24 -34.64
N PHE A 769 12.42 47.01 -33.87
CA PHE A 769 12.26 45.76 -33.14
C PHE A 769 11.72 44.69 -34.09
N ASN A 770 12.44 43.58 -34.19
CA ASN A 770 12.14 42.53 -35.15
C ASN A 770 11.44 41.39 -34.40
N PHE A 771 10.12 41.30 -34.57
CA PHE A 771 9.30 40.31 -33.90
C PHE A 771 9.09 39.07 -34.76
N SER A 772 10.00 38.81 -35.70
CA SER A 772 9.81 37.77 -36.70
C SER A 772 9.80 36.38 -36.09
N GLN A 773 10.89 36.01 -35.43
CA GLN A 773 11.06 34.66 -34.92
C GLN A 773 10.22 34.37 -33.68
N ILE A 774 9.50 35.35 -33.15
CA ILE A 774 8.64 35.15 -32.01
C ILE A 774 7.17 35.07 -32.42
N LEU A 775 6.76 35.90 -33.37
CA LEU A 775 5.46 35.73 -33.96
C LEU A 775 5.44 34.49 -34.85
N PRO A 776 4.28 33.85 -35.02
CA PRO A 776 4.21 32.72 -35.95
C PRO A 776 4.39 33.18 -37.39
N ASP A 777 5.23 32.47 -38.12
CA ASP A 777 5.58 32.86 -39.48
C ASP A 777 4.53 32.34 -40.46
N PRO A 778 3.76 33.22 -41.10
CA PRO A 778 2.66 32.76 -41.97
C PRO A 778 3.09 32.28 -43.34
N LEU A 779 4.40 32.15 -43.60
CA LEU A 779 4.84 31.58 -44.86
C LEU A 779 4.83 30.07 -44.82
N LYS A 780 5.25 29.48 -43.70
CA LYS A 780 5.14 28.04 -43.58
C LYS A 780 3.87 27.67 -42.80
N PRO A 781 3.14 26.62 -43.23
CA PRO A 781 1.88 26.25 -42.57
C PRO A 781 2.06 25.46 -41.27
N THR A 782 2.79 26.06 -40.32
CA THR A 782 2.97 25.46 -39.01
C THR A 782 2.15 26.16 -37.93
N LYS A 783 1.80 27.43 -38.16
CA LYS A 783 1.16 28.32 -37.18
C LYS A 783 1.97 28.39 -35.89
N ARG A 784 3.28 28.35 -36.04
CA ARG A 784 4.23 28.32 -34.94
C ARG A 784 5.38 29.24 -35.30
N SER A 785 6.01 29.82 -34.27
CA SER A 785 7.19 30.61 -34.55
C SER A 785 8.39 29.68 -34.74
N PHE A 786 9.51 30.28 -35.14
CA PHE A 786 10.70 29.47 -35.38
C PHE A 786 11.34 29.01 -34.07
N ILE A 787 11.21 29.81 -33.01
CA ILE A 787 11.74 29.41 -31.71
C ILE A 787 10.93 28.26 -31.15
N GLU A 788 9.62 28.26 -31.40
CA GLU A 788 8.76 27.18 -30.92
C GLU A 788 9.09 25.86 -31.57
N ASP A 789 9.40 25.87 -32.87
CA ASP A 789 9.83 24.64 -33.51
C ASP A 789 11.22 24.21 -33.08
N LEU A 790 12.04 25.15 -32.59
CA LEU A 790 13.28 24.75 -31.95
C LEU A 790 13.05 24.15 -30.59
N LEU A 791 11.90 24.43 -29.95
CA LEU A 791 11.59 23.82 -28.68
C LEU A 791 11.15 22.37 -28.83
N PHE A 792 10.53 22.02 -29.96
CA PHE A 792 10.22 20.63 -30.22
C PHE A 792 11.48 19.80 -30.41
N ASN A 793 12.49 20.39 -31.04
CA ASN A 793 13.63 19.64 -31.57
C ASN A 793 14.51 19.01 -30.50
N LYS A 794 14.54 19.58 -29.29
CA LYS A 794 15.47 19.12 -28.29
C LYS A 794 14.82 18.29 -27.19
N VAL A 795 13.50 18.13 -27.22
CA VAL A 795 12.81 17.30 -26.23
C VAL A 795 12.06 16.14 -26.85
N THR A 796 11.90 16.12 -28.17
CA THR A 796 11.12 15.08 -28.82
C THR A 796 11.85 13.73 -28.81
N GLN A 805 5.38 -0.08 -24.51
CA GLN A 805 5.16 1.14 -23.76
C GLN A 805 3.75 1.16 -23.18
N TYR A 806 2.81 1.70 -23.94
CA TYR A 806 1.45 1.90 -23.48
C TYR A 806 0.54 2.12 -24.68
N GLY A 807 -0.75 1.93 -24.46
CA GLY A 807 -1.73 2.14 -25.52
C GLY A 807 -1.84 3.61 -25.84
N GLU A 808 -1.75 3.94 -27.12
CA GLU A 808 -1.77 5.33 -27.55
C GLU A 808 -2.24 5.41 -29.00
N CYS A 809 -3.20 6.28 -29.27
CA CYS A 809 -3.69 6.51 -30.62
C CYS A 809 -3.17 7.83 -31.15
N LEU A 810 -2.73 7.84 -32.41
CA LEU A 810 -2.29 9.07 -33.04
C LEU A 810 -3.15 9.40 -34.25
N LEU A 818 -5.08 8.63 -38.67
CA LEU A 818 -5.15 8.73 -37.22
C LEU A 818 -4.97 7.36 -36.59
N ILE A 819 -3.72 6.89 -36.57
CA ILE A 819 -3.43 5.49 -36.28
C ILE A 819 -3.63 5.23 -34.79
N CYS A 820 -4.47 4.25 -34.49
CA CYS A 820 -4.72 3.84 -33.11
C CYS A 820 -4.04 2.51 -32.82
N ALA A 821 -3.41 2.42 -31.65
CA ALA A 821 -2.74 1.23 -31.17
C ALA A 821 -3.27 0.90 -29.78
N GLN A 822 -2.98 -0.31 -29.33
CA GLN A 822 -3.61 -0.81 -28.12
C GLN A 822 -2.76 -1.96 -27.59
N LYS A 823 -2.33 -1.88 -26.34
CA LYS A 823 -1.39 -2.83 -25.77
C LYS A 823 -2.10 -3.78 -24.80
N PHE A 824 -1.39 -4.85 -24.43
CA PHE A 824 -2.00 -5.92 -23.64
C PHE A 824 -2.20 -5.52 -22.19
N ASN A 825 -1.15 -4.98 -21.58
CA ASN A 825 -1.30 -4.34 -20.28
C ASN A 825 -2.28 -3.17 -20.37
N GLY A 826 -3.18 -3.07 -19.40
CA GLY A 826 -4.26 -2.10 -19.47
C GLY A 826 -3.81 -0.68 -19.22
N LEU A 827 -2.97 -0.17 -20.11
CA LEU A 827 -2.29 1.11 -19.92
C LEU A 827 -2.59 2.00 -21.10
N THR A 828 -3.33 3.08 -20.86
CA THR A 828 -3.63 4.03 -21.90
C THR A 828 -3.36 5.44 -21.39
N VAL A 829 -3.02 6.32 -22.33
CA VAL A 829 -2.78 7.74 -22.07
C VAL A 829 -3.68 8.53 -23.01
N LEU A 830 -4.60 9.26 -22.45
CA LEU A 830 -5.46 10.06 -23.29
C LEU A 830 -4.72 11.28 -23.81
N PRO A 831 -4.98 11.70 -25.05
CA PRO A 831 -4.47 12.99 -25.50
C PRO A 831 -5.22 14.11 -24.81
N PRO A 832 -4.61 15.29 -24.68
CA PRO A 832 -5.25 16.38 -23.93
C PRO A 832 -6.42 16.99 -24.68
N LEU A 833 -7.21 17.77 -23.95
CA LEU A 833 -8.35 18.47 -24.54
C LEU A 833 -7.88 19.54 -25.51
N LEU A 834 -6.90 20.33 -25.10
CA LEU A 834 -6.42 21.42 -25.92
C LEU A 834 -5.26 20.90 -26.76
N THR A 835 -5.43 20.91 -28.08
CA THR A 835 -4.36 20.50 -28.97
C THR A 835 -3.25 21.55 -28.98
N ASP A 836 -2.07 21.14 -29.43
CA ASP A 836 -0.90 22.01 -29.33
C ASP A 836 -0.95 23.13 -30.36
N ASP A 837 -1.65 22.92 -31.48
CA ASP A 837 -1.84 24.01 -32.42
C ASP A 837 -2.75 25.08 -31.83
N MET A 838 -3.76 24.67 -31.07
CA MET A 838 -4.59 25.63 -30.36
C MET A 838 -3.80 26.37 -29.28
N ILE A 839 -2.86 25.67 -28.64
CA ILE A 839 -1.96 26.31 -27.69
C ILE A 839 -1.09 27.34 -28.41
N ALA A 840 -0.65 27.01 -29.62
CA ALA A 840 0.10 27.97 -30.42
C ALA A 840 -0.76 29.13 -30.87
N ALA A 841 -2.08 28.97 -30.90
CA ALA A 841 -2.94 30.07 -31.31
C ALA A 841 -3.14 31.08 -30.17
N TYR A 842 -3.27 30.59 -28.93
CA TYR A 842 -3.31 31.51 -27.79
C TYR A 842 -1.97 32.19 -27.60
N THR A 843 -0.88 31.47 -27.87
CA THR A 843 0.45 32.06 -27.80
C THR A 843 0.62 33.15 -28.86
N ALA A 844 0.05 32.92 -30.04
CA ALA A 844 0.17 33.88 -31.13
C ALA A 844 -0.57 35.18 -30.83
N ALA A 845 -1.86 35.07 -30.48
CA ALA A 845 -2.67 36.26 -30.26
C ALA A 845 -2.22 37.04 -29.04
N LEU A 846 -1.60 36.38 -28.06
CA LEU A 846 -1.12 37.10 -26.88
C LEU A 846 0.13 37.90 -27.18
N VAL A 847 1.08 37.31 -27.91
CA VAL A 847 2.27 38.06 -28.32
C VAL A 847 1.89 39.16 -29.31
N SER A 848 0.93 38.88 -30.19
CA SER A 848 0.41 39.90 -31.10
C SER A 848 -0.39 40.97 -30.36
N GLY A 849 -0.91 40.66 -29.18
CA GLY A 849 -1.56 41.67 -28.38
C GLY A 849 -0.57 42.67 -27.84
N THR A 850 0.41 42.21 -27.07
CA THR A 850 1.34 43.11 -26.40
C THR A 850 2.35 43.72 -27.35
N ALA A 851 2.51 43.17 -28.56
CA ALA A 851 3.27 43.87 -29.58
C ALA A 851 2.48 45.01 -30.21
N THR A 852 1.19 45.08 -29.96
CA THR A 852 0.36 46.16 -30.48
C THR A 852 -0.35 46.94 -29.39
N ALA A 853 -0.99 46.26 -28.44
CA ALA A 853 -1.84 46.95 -27.47
C ALA A 853 -1.07 47.45 -26.26
N GLY A 854 0.10 46.91 -25.97
CA GLY A 854 0.88 47.41 -24.85
C GLY A 854 0.41 46.85 -23.51
N TRP A 855 0.63 47.65 -22.47
CA TRP A 855 0.43 47.20 -21.09
C TRP A 855 -1.00 47.37 -20.61
N THR A 856 -1.87 48.03 -21.38
CA THR A 856 -3.29 48.06 -21.08
C THR A 856 -4.02 46.88 -21.68
N PHE A 857 -3.29 45.90 -22.21
CA PHE A 857 -3.91 44.70 -22.76
C PHE A 857 -4.61 43.90 -21.67
N GLY A 858 -4.02 43.85 -20.48
CA GLY A 858 -4.63 43.24 -19.33
C GLY A 858 -5.59 44.10 -18.56
N ALA A 859 -5.67 45.39 -18.93
CA ALA A 859 -6.65 46.27 -18.31
C ALA A 859 -8.08 45.95 -18.74
N GLY A 860 -8.24 45.27 -19.88
CA GLY A 860 -9.55 44.98 -20.42
C GLY A 860 -9.47 44.69 -21.89
N ALA A 861 -10.27 45.40 -22.69
CA ALA A 861 -10.17 45.32 -24.14
C ALA A 861 -8.83 45.88 -24.58
N ALA A 862 -8.28 45.29 -25.64
CA ALA A 862 -6.99 45.71 -26.16
C ALA A 862 -7.10 47.09 -26.77
N LEU A 863 -6.19 47.98 -26.39
CA LEU A 863 -6.23 49.37 -26.82
C LEU A 863 -4.94 49.69 -27.55
N GLN A 864 -5.06 50.20 -28.78
CA GLN A 864 -3.93 50.44 -29.64
C GLN A 864 -3.00 51.50 -29.07
N ILE A 865 -1.72 51.35 -29.36
CA ILE A 865 -0.67 52.29 -28.97
C ILE A 865 0.49 52.03 -29.91
N PRO A 866 1.21 53.05 -30.35
CA PRO A 866 2.47 52.80 -31.04
C PRO A 866 3.46 52.16 -30.07
N PHE A 867 4.38 51.37 -30.62
CA PHE A 867 5.12 50.45 -29.78
C PHE A 867 6.23 51.15 -29.01
N ALA A 868 6.86 52.14 -29.61
CA ALA A 868 7.83 52.95 -28.87
C ALA A 868 7.15 53.78 -27.79
N MET A 869 5.87 54.12 -27.99
CA MET A 869 5.13 54.87 -27.00
C MET A 869 4.93 54.06 -25.72
N GLN A 870 4.58 52.79 -25.87
CA GLN A 870 4.30 51.98 -24.69
C GLN A 870 5.56 51.50 -24.00
N MET A 871 6.68 51.41 -24.72
CA MET A 871 7.93 51.02 -24.07
C MET A 871 8.44 52.11 -23.14
N ALA A 872 8.18 53.38 -23.49
CA ALA A 872 8.59 54.50 -22.65
C ALA A 872 7.83 54.52 -21.34
N TYR A 873 6.63 53.94 -21.30
CA TYR A 873 5.95 53.76 -20.03
C TYR A 873 6.73 52.82 -19.12
N ARG A 874 7.31 51.76 -19.70
CA ARG A 874 7.97 50.75 -18.89
C ARG A 874 9.34 51.20 -18.39
N PHE A 875 9.93 52.23 -19.00
CA PHE A 875 11.10 52.83 -18.39
C PHE A 875 10.73 53.66 -17.17
N ASN A 876 9.54 54.27 -17.19
CA ASN A 876 9.09 55.03 -16.05
C ASN A 876 8.75 54.14 -14.86
N GLY A 877 8.42 52.87 -15.12
CA GLY A 877 8.12 51.97 -14.03
C GLY A 877 9.33 51.59 -13.21
N ILE A 878 10.50 51.57 -13.82
CA ILE A 878 11.73 51.19 -13.13
C ILE A 878 12.59 52.39 -12.77
N GLY A 879 12.03 53.59 -12.82
CA GLY A 879 12.79 54.77 -12.44
C GLY A 879 13.82 55.18 -13.47
N VAL A 880 13.46 55.13 -14.75
CA VAL A 880 14.35 55.48 -15.85
C VAL A 880 13.62 56.50 -16.71
N THR A 881 14.31 57.58 -17.07
CA THR A 881 13.68 58.62 -17.86
C THR A 881 13.44 58.17 -19.30
N GLN A 882 12.44 58.78 -19.92
CA GLN A 882 12.07 58.47 -21.30
C GLN A 882 13.04 59.04 -22.31
N ASN A 883 14.02 59.86 -21.87
CA ASN A 883 15.14 60.23 -22.71
C ASN A 883 15.91 59.01 -23.18
N VAL A 884 16.03 58.01 -22.30
CA VAL A 884 16.83 56.82 -22.55
C VAL A 884 16.28 56.05 -23.75
N LEU A 885 14.95 56.01 -23.91
CA LEU A 885 14.39 55.28 -25.02
C LEU A 885 14.54 56.03 -26.33
N TYR A 886 13.93 57.22 -26.44
CA TYR A 886 13.76 57.88 -27.72
C TYR A 886 15.07 58.37 -28.30
N GLU A 887 16.00 58.79 -27.46
CA GLU A 887 17.28 59.27 -27.94
C GLU A 887 18.21 58.15 -28.35
N ASN A 888 17.80 56.89 -28.15
CA ASN A 888 18.72 55.78 -28.31
C ASN A 888 18.10 54.62 -29.06
N GLN A 889 17.05 54.86 -29.86
CA GLN A 889 16.25 53.79 -30.47
C GLN A 889 17.02 52.95 -31.49
N LYS A 890 18.17 53.42 -31.95
CA LYS A 890 18.96 52.65 -32.90
C LYS A 890 19.58 51.42 -32.23
N GLN A 891 20.44 51.65 -31.23
CA GLN A 891 21.19 50.57 -30.61
C GLN A 891 20.38 49.81 -29.56
N ILE A 892 19.24 50.36 -29.12
CA ILE A 892 18.29 49.58 -28.36
C ILE A 892 17.76 48.42 -29.21
N ALA A 893 17.35 48.73 -30.43
CA ALA A 893 16.89 47.70 -31.34
C ALA A 893 18.03 46.83 -31.85
N ASN A 894 19.26 47.37 -31.86
CA ASN A 894 20.39 46.57 -32.27
C ASN A 894 20.77 45.56 -31.21
N GLN A 895 20.65 45.91 -29.93
CA GLN A 895 20.91 44.93 -28.88
C GLN A 895 19.72 44.04 -28.58
N PHE A 896 18.50 44.51 -28.85
CA PHE A 896 17.34 43.66 -28.66
C PHE A 896 17.30 42.54 -29.69
N ASN A 897 17.49 42.89 -30.96
CA ASN A 897 17.40 41.90 -32.02
C ASN A 897 18.58 40.94 -31.99
N LYS A 898 19.76 41.42 -31.56
CA LYS A 898 20.90 40.54 -31.41
C LYS A 898 20.68 39.53 -30.29
N ALA A 899 20.06 39.98 -29.20
CA ALA A 899 19.82 39.08 -28.08
C ALA A 899 18.75 38.04 -28.40
N ILE A 900 17.89 38.29 -29.39
CA ILE A 900 16.99 37.26 -29.86
C ILE A 900 17.77 36.15 -30.55
N SER A 901 18.67 36.54 -31.46
CA SER A 901 19.44 35.56 -32.22
C SER A 901 20.45 34.82 -31.35
N GLN A 902 20.88 35.43 -30.25
CA GLN A 902 21.77 34.72 -29.34
C GLN A 902 21.01 33.64 -28.56
N ILE A 903 19.74 33.90 -28.25
CA ILE A 903 18.91 32.86 -27.65
C ILE A 903 18.48 31.85 -28.71
N GLN A 904 18.38 32.29 -29.97
CA GLN A 904 18.19 31.35 -31.07
C GLN A 904 19.38 30.40 -31.18
N GLU A 905 20.59 30.90 -30.91
CA GLU A 905 21.76 30.03 -30.79
C GLU A 905 21.63 29.09 -29.61
N SER A 906 21.01 29.54 -28.52
CA SER A 906 21.04 28.82 -27.25
C SER A 906 20.28 27.50 -27.33
N LEU A 907 19.12 27.52 -27.99
CA LEU A 907 18.38 26.27 -28.21
C LEU A 907 19.10 25.36 -29.19
N THR A 908 19.80 25.91 -30.16
CA THR A 908 20.45 25.07 -31.15
C THR A 908 21.76 24.49 -30.61
N THR A 909 22.47 25.25 -29.77
CA THR A 909 23.84 24.87 -29.37
C THR A 909 23.84 23.65 -28.47
N THR A 910 23.25 23.78 -27.29
CA THR A 910 23.24 22.73 -26.28
C THR A 910 21.82 22.49 -25.78
N SER A 911 21.70 21.72 -24.71
CA SER A 911 20.42 21.33 -24.16
C SER A 911 20.51 21.48 -22.64
N THR A 912 19.58 20.85 -21.94
CA THR A 912 19.39 20.78 -20.47
C THR A 912 18.94 22.10 -19.87
N ALA A 913 18.52 23.06 -20.67
CA ALA A 913 17.74 24.17 -20.15
C ALA A 913 16.25 23.85 -20.12
N LEU A 914 15.86 22.72 -20.70
CA LEU A 914 14.48 22.28 -20.74
C LEU A 914 14.29 20.99 -19.93
N GLY A 915 15.21 20.70 -19.01
CA GLY A 915 15.18 19.46 -18.28
C GLY A 915 14.05 19.36 -17.28
N LYS A 916 13.56 20.52 -16.80
CA LYS A 916 12.35 20.51 -15.98
C LYS A 916 11.15 19.99 -16.75
N LEU A 917 11.13 20.22 -18.06
CA LEU A 917 10.10 19.57 -18.86
C LEU A 917 10.45 18.11 -19.08
N GLN A 918 11.74 17.78 -19.09
CA GLN A 918 12.13 16.39 -19.32
C GLN A 918 11.84 15.52 -18.12
N ASP A 919 11.87 16.10 -16.91
CA ASP A 919 11.52 15.36 -15.71
C ASP A 919 10.06 14.96 -15.69
N VAL A 920 9.20 15.76 -16.33
CA VAL A 920 7.80 15.38 -16.50
C VAL A 920 7.71 14.13 -17.36
N VAL A 921 8.56 14.04 -18.38
CA VAL A 921 8.60 12.84 -19.22
C VAL A 921 9.20 11.68 -18.45
N ASN A 922 10.28 11.92 -17.69
CA ASN A 922 10.98 10.85 -16.99
C ASN A 922 10.13 10.25 -15.87
N GLN A 923 9.46 11.11 -15.08
CA GLN A 923 8.61 10.60 -14.02
C GLN A 923 7.34 9.96 -14.58
N ASN A 924 6.92 10.36 -15.77
CA ASN A 924 5.94 9.56 -16.48
C ASN A 924 6.53 8.22 -16.92
N ALA A 925 7.81 8.19 -17.25
CA ALA A 925 8.39 7.01 -17.90
C ALA A 925 8.61 5.89 -16.90
N GLN A 926 9.43 6.13 -15.87
CA GLN A 926 9.83 5.04 -14.99
C GLN A 926 8.72 4.61 -14.06
N ALA A 927 7.72 5.46 -13.84
CA ALA A 927 6.54 5.03 -13.11
C ALA A 927 5.75 4.00 -13.90
N LEU A 928 5.76 4.11 -15.23
CA LEU A 928 5.13 3.08 -16.06
C LEU A 928 5.88 1.76 -15.96
N ASN A 929 7.19 1.78 -16.16
CA ASN A 929 7.97 0.56 -16.18
C ASN A 929 8.02 -0.12 -14.82
N THR A 930 7.95 0.66 -13.75
CA THR A 930 7.76 0.08 -12.44
C THR A 930 6.39 -0.56 -12.33
N LEU A 931 5.36 0.12 -12.82
CA LEU A 931 4.02 -0.45 -12.88
C LEU A 931 3.96 -1.66 -13.81
N VAL A 932 4.75 -1.65 -14.87
CA VAL A 932 4.80 -2.81 -15.76
C VAL A 932 5.46 -3.99 -15.07
N LYS A 933 6.71 -3.81 -14.66
CA LYS A 933 7.51 -4.99 -14.36
C LYS A 933 7.37 -5.48 -12.95
N GLN A 934 6.24 -5.20 -12.30
CA GLN A 934 5.85 -5.99 -11.14
C GLN A 934 4.66 -6.88 -11.45
N LEU A 935 4.33 -7.06 -12.73
CA LEU A 935 3.46 -8.16 -13.11
C LEU A 935 4.16 -9.50 -12.94
N SER A 936 5.43 -9.56 -13.34
CA SER A 936 6.18 -10.82 -13.32
C SER A 936 6.59 -11.25 -11.92
N SER A 937 6.41 -10.41 -10.91
CA SER A 937 6.68 -10.83 -9.55
C SER A 937 5.62 -11.82 -9.08
N ASN A 938 6.04 -12.77 -8.26
CA ASN A 938 5.15 -13.87 -7.87
C ASN A 938 4.22 -13.47 -6.74
N PHE A 939 4.72 -12.66 -5.80
CA PHE A 939 4.04 -12.28 -4.56
C PHE A 939 3.62 -13.52 -3.75
N GLY A 940 4.52 -14.48 -3.66
CA GLY A 940 4.27 -15.69 -2.91
C GLY A 940 3.67 -16.83 -3.70
N ALA A 941 3.14 -16.55 -4.88
CA ALA A 941 2.54 -17.58 -5.71
C ALA A 941 3.64 -18.41 -6.38
N ILE A 942 3.23 -19.56 -6.93
CA ILE A 942 4.21 -20.45 -7.55
C ILE A 942 4.59 -19.95 -8.95
N SER A 943 3.79 -19.05 -9.54
CA SER A 943 4.13 -18.51 -10.85
C SER A 943 3.59 -17.10 -10.98
N SER A 944 3.95 -16.48 -12.10
CA SER A 944 3.45 -15.15 -12.47
C SER A 944 2.21 -15.25 -13.35
N VAL A 945 2.19 -16.18 -14.30
CA VAL A 945 1.04 -16.40 -15.16
C VAL A 945 -0.07 -17.06 -14.35
N LEU A 946 -1.30 -16.62 -14.57
CA LEU A 946 -2.45 -17.23 -13.91
C LEU A 946 -2.61 -18.69 -14.32
N ASN A 947 -2.50 -18.97 -15.61
CA ASN A 947 -2.81 -20.31 -16.11
C ASN A 947 -1.79 -21.35 -15.67
N ASP A 948 -0.57 -20.92 -15.38
CA ASP A 948 0.43 -21.84 -14.84
C ASP A 948 0.04 -22.30 -13.44
N ILE A 949 -0.49 -21.40 -12.62
CA ILE A 949 -0.99 -21.79 -11.32
C ILE A 949 -2.35 -22.46 -11.46
N LEU A 950 -3.12 -22.07 -12.48
CA LEU A 950 -4.44 -22.64 -12.69
C LEU A 950 -4.36 -24.08 -13.17
N SER A 951 -3.38 -24.39 -14.02
CA SER A 951 -3.24 -25.76 -14.52
C SER A 951 -2.55 -26.66 -13.51
N ARG A 952 -1.35 -26.28 -13.08
CA ARG A 952 -0.48 -27.17 -12.33
C ARG A 952 -0.86 -27.34 -10.86
N LEU A 953 -1.98 -26.76 -10.42
CA LEU A 953 -2.44 -26.94 -9.05
C LEU A 953 -3.96 -27.11 -9.04
N ASP A 954 -4.51 -27.31 -7.82
CA ASP A 954 -5.89 -27.62 -7.54
C ASP A 954 -6.59 -26.47 -6.82
N PRO A 955 -7.88 -26.27 -7.09
CA PRO A 955 -8.65 -25.13 -6.47
C PRO A 955 -8.71 -25.12 -4.95
N PRO A 956 -8.39 -26.21 -4.22
CA PRO A 956 -8.02 -25.98 -2.81
C PRO A 956 -6.74 -25.18 -2.60
N GLU A 957 -5.82 -25.15 -3.56
CA GLU A 957 -4.57 -24.42 -3.36
C GLU A 957 -4.30 -23.43 -4.48
N ALA A 958 -4.71 -23.78 -5.71
CA ALA A 958 -4.55 -22.87 -6.84
C ALA A 958 -5.35 -21.60 -6.65
N GLU A 959 -6.55 -21.71 -6.06
CA GLU A 959 -7.37 -20.55 -5.79
C GLU A 959 -6.74 -19.62 -4.76
N VAL A 960 -6.04 -20.20 -3.78
CA VAL A 960 -5.44 -19.38 -2.73
C VAL A 960 -4.17 -18.69 -3.23
N GLN A 961 -3.35 -19.40 -4.01
CA GLN A 961 -2.14 -18.76 -4.53
C GLN A 961 -2.46 -17.70 -5.56
N ILE A 962 -3.51 -17.88 -6.36
CA ILE A 962 -3.90 -16.79 -7.25
C ILE A 962 -4.67 -15.72 -6.50
N ASP A 963 -5.20 -16.04 -5.32
CA ASP A 963 -5.73 -14.99 -4.47
C ASP A 963 -4.59 -14.12 -3.94
N ARG A 964 -3.43 -14.73 -3.70
CA ARG A 964 -2.24 -13.95 -3.40
C ARG A 964 -1.77 -13.17 -4.62
N LEU A 965 -2.01 -13.71 -5.82
CA LEU A 965 -1.65 -13.01 -7.04
C LEU A 965 -2.52 -11.78 -7.26
N ILE A 966 -3.79 -11.84 -6.84
CA ILE A 966 -4.66 -10.67 -6.89
C ILE A 966 -4.11 -9.59 -5.97
N THR A 967 -4.02 -9.89 -4.68
CA THR A 967 -3.64 -8.91 -3.67
C THR A 967 -2.21 -8.43 -3.83
N GLY A 968 -1.35 -9.25 -4.44
CA GLY A 968 -0.01 -8.79 -4.77
C GLY A 968 -0.02 -7.67 -5.78
N ARG A 969 -0.99 -7.68 -6.69
CA ARG A 969 -1.10 -6.63 -7.69
C ARG A 969 -2.13 -5.57 -7.33
N LEU A 970 -2.95 -5.77 -6.30
CA LEU A 970 -3.88 -4.73 -5.88
C LEU A 970 -3.13 -3.53 -5.33
N GLN A 971 -2.14 -3.78 -4.47
CA GLN A 971 -1.34 -2.70 -3.93
C GLN A 971 -0.41 -2.10 -4.97
N SER A 972 -0.05 -2.89 -5.99
CA SER A 972 0.75 -2.36 -7.10
C SER A 972 0.01 -1.26 -7.82
N LEU A 973 -1.31 -1.39 -7.96
CA LEU A 973 -2.14 -0.30 -8.45
C LEU A 973 -2.13 0.87 -7.49
N GLN A 974 -2.41 0.59 -6.22
CA GLN A 974 -2.59 1.65 -5.23
C GLN A 974 -1.30 2.40 -4.97
N THR A 975 -0.17 1.73 -5.13
CA THR A 975 1.10 2.43 -5.16
C THR A 975 1.18 3.36 -6.35
N TYR A 976 0.73 2.90 -7.52
CA TYR A 976 0.84 3.71 -8.73
C TYR A 976 -0.13 4.87 -8.71
N VAL A 977 -1.30 4.68 -8.12
CA VAL A 977 -2.23 5.78 -7.93
C VAL A 977 -1.65 6.80 -6.97
N THR A 978 -0.86 6.35 -6.00
CA THR A 978 -0.35 7.23 -4.95
C THR A 978 0.63 8.24 -5.51
N GLN A 979 1.72 7.76 -6.13
CA GLN A 979 2.76 8.66 -6.61
C GLN A 979 2.28 9.52 -7.77
N GLN A 980 1.33 9.02 -8.57
CA GLN A 980 0.73 9.87 -9.58
C GLN A 980 -0.15 10.93 -8.96
N LEU A 981 -0.70 10.67 -7.79
CA LEU A 981 -1.45 11.73 -7.12
C LEU A 981 -0.52 12.75 -6.46
N ILE A 982 0.67 12.32 -6.06
CA ILE A 982 1.61 13.19 -5.35
C ILE A 982 2.08 14.31 -6.25
N ARG A 983 2.74 13.96 -7.36
CA ARG A 983 3.29 14.98 -8.24
C ARG A 983 2.23 15.71 -9.02
N ALA A 984 0.99 15.20 -9.03
CA ALA A 984 -0.13 15.99 -9.54
C ALA A 984 -0.30 17.27 -8.76
N ALA A 985 -0.17 17.20 -7.43
CA ALA A 985 -0.19 18.42 -6.63
C ALA A 985 1.06 19.24 -6.82
N GLU A 986 2.18 18.60 -7.18
CA GLU A 986 3.40 19.35 -7.44
C GLU A 986 3.30 20.16 -8.71
N ILE A 987 2.61 19.63 -9.72
CA ILE A 987 2.50 20.35 -10.98
C ILE A 987 1.52 21.51 -10.86
N ARG A 988 0.42 21.31 -10.13
CA ARG A 988 -0.52 22.40 -9.86
C ARG A 988 0.13 23.54 -9.12
N ALA A 989 1.06 23.22 -8.20
CA ALA A 989 1.88 24.24 -7.56
C ALA A 989 2.70 25.01 -8.59
N SER A 990 3.38 24.30 -9.49
CA SER A 990 4.10 24.96 -10.56
C SER A 990 3.16 25.55 -11.61
N ALA A 991 1.90 25.12 -11.64
CA ALA A 991 0.96 25.71 -12.58
C ALA A 991 0.53 27.10 -12.14
N ASN A 992 0.24 27.26 -10.84
CA ASN A 992 -0.18 28.57 -10.35
C ASN A 992 0.94 29.59 -10.36
N LEU A 993 2.20 29.16 -10.44
CA LEU A 993 3.24 30.11 -10.82
C LEU A 993 3.02 30.59 -12.25
N ALA A 994 2.82 29.65 -13.17
CA ALA A 994 2.65 29.98 -14.58
C ALA A 994 1.38 30.76 -14.84
N ALA A 995 0.35 30.57 -14.00
CA ALA A 995 -0.83 31.41 -14.08
C ALA A 995 -0.50 32.83 -13.65
N THR A 996 0.20 32.98 -12.53
CA THR A 996 0.58 34.31 -12.07
C THR A 996 1.68 34.91 -12.93
N LYS A 997 2.67 34.10 -13.32
CA LYS A 997 3.74 34.64 -14.15
C LYS A 997 3.32 34.86 -15.59
N MET A 998 2.10 34.51 -15.98
CA MET A 998 1.59 35.06 -17.22
C MET A 998 0.80 36.34 -16.97
N SER A 999 -0.03 36.35 -15.92
CA SER A 999 -0.88 37.51 -15.68
C SER A 999 -0.09 38.69 -15.14
N GLU A 1000 0.73 38.45 -14.12
CA GLU A 1000 1.46 39.54 -13.50
C GLU A 1000 2.82 39.80 -14.16
N CYS A 1001 3.08 39.20 -15.29
CA CYS A 1001 4.36 39.46 -15.91
C CYS A 1001 4.25 39.78 -17.40
N VAL A 1002 3.28 39.20 -18.09
CA VAL A 1002 3.08 39.54 -19.50
C VAL A 1002 2.07 40.67 -19.63
N LEU A 1003 1.10 40.76 -18.72
CA LEU A 1003 0.01 41.69 -18.85
C LEU A 1003 0.17 42.94 -18.00
N GLY A 1004 1.29 43.10 -17.33
CA GLY A 1004 1.56 44.27 -16.52
C GLY A 1004 3.04 44.54 -16.47
N GLN A 1005 3.50 45.10 -15.35
CA GLN A 1005 4.92 45.29 -15.10
C GLN A 1005 5.25 44.70 -13.74
N SER A 1006 6.28 43.87 -13.69
CA SER A 1006 6.62 43.18 -12.45
C SER A 1006 7.38 44.13 -11.52
N LYS A 1007 7.05 44.03 -10.23
CA LYS A 1007 7.65 44.85 -9.21
C LYS A 1007 8.81 44.19 -8.49
N ARG A 1008 8.88 42.86 -8.51
CA ARG A 1008 9.63 42.11 -7.52
C ARG A 1008 10.92 41.59 -8.14
N VAL A 1009 12.03 41.77 -7.41
CA VAL A 1009 13.36 41.50 -7.93
C VAL A 1009 13.57 39.99 -8.04
N ASP A 1010 14.11 39.56 -9.19
CA ASP A 1010 14.48 38.20 -9.61
C ASP A 1010 13.25 37.34 -9.91
N PHE A 1011 12.08 37.87 -9.60
CA PHE A 1011 10.83 37.38 -10.15
C PHE A 1011 10.75 37.90 -11.57
N CYS A 1012 10.39 37.03 -12.52
CA CYS A 1012 10.49 37.27 -13.97
C CYS A 1012 11.92 37.63 -14.38
N GLY A 1013 12.89 36.94 -13.81
CA GLY A 1013 14.27 37.07 -14.23
C GLY A 1013 15.02 38.16 -13.46
N LYS A 1014 16.34 38.07 -13.54
CA LYS A 1014 17.21 38.97 -12.80
C LYS A 1014 17.25 40.34 -13.48
N GLY A 1015 17.52 41.36 -12.67
CA GLY A 1015 17.47 42.72 -13.16
C GLY A 1015 16.03 43.18 -13.34
N TYR A 1016 15.90 44.36 -13.89
CA TYR A 1016 14.59 44.97 -14.00
C TYR A 1016 13.91 44.44 -15.26
N HIS A 1017 13.03 43.46 -15.03
CA HIS A 1017 12.02 43.05 -15.97
C HIS A 1017 11.30 44.24 -16.59
N LEU A 1018 11.25 44.26 -17.92
CA LEU A 1018 10.48 45.29 -18.62
C LEU A 1018 9.13 44.75 -19.08
N MET A 1019 9.15 43.72 -19.91
CA MET A 1019 7.97 42.91 -20.15
C MET A 1019 8.46 41.51 -20.50
N SER A 1020 7.54 40.66 -20.95
CA SER A 1020 7.88 39.26 -21.12
C SER A 1020 7.04 38.65 -22.24
N PHE A 1021 7.66 37.70 -22.94
CA PHE A 1021 7.02 36.99 -24.04
C PHE A 1021 6.79 35.54 -23.65
N PRO A 1022 5.55 35.08 -23.60
CA PRO A 1022 5.30 33.65 -23.36
C PRO A 1022 5.53 32.86 -24.63
N GLN A 1023 5.89 31.58 -24.43
CA GLN A 1023 6.08 30.66 -25.54
C GLN A 1023 5.49 29.30 -25.16
N ALA A 1024 5.02 28.58 -26.17
CA ALA A 1024 4.46 27.26 -25.96
C ALA A 1024 5.54 26.19 -26.07
N ALA A 1025 5.26 25.04 -25.44
CA ALA A 1025 6.18 23.92 -25.40
C ALA A 1025 5.37 22.67 -25.07
N PRO A 1026 5.88 21.48 -25.40
CA PRO A 1026 5.22 20.26 -24.90
C PRO A 1026 5.37 20.16 -23.39
N HIS A 1027 4.22 20.06 -22.71
CA HIS A 1027 4.10 19.89 -21.27
C HIS A 1027 4.70 21.07 -20.49
N GLY A 1028 4.69 22.27 -21.05
CA GLY A 1028 5.22 23.39 -20.31
C GLY A 1028 5.19 24.68 -21.09
N VAL A 1029 5.82 25.70 -20.51
CA VAL A 1029 5.86 27.06 -21.03
C VAL A 1029 7.28 27.58 -20.91
N VAL A 1030 7.81 28.16 -21.98
CA VAL A 1030 9.08 28.88 -21.95
C VAL A 1030 8.76 30.37 -21.90
N PHE A 1031 9.45 31.09 -21.02
CA PHE A 1031 9.30 32.54 -20.93
C PHE A 1031 10.54 33.25 -21.44
N LEU A 1032 10.32 34.46 -21.94
CA LEU A 1032 11.38 35.34 -22.45
C LEU A 1032 11.20 36.71 -21.85
N HIS A 1033 12.06 37.07 -20.90
CA HIS A 1033 11.92 38.31 -20.15
C HIS A 1033 12.87 39.37 -20.68
N VAL A 1034 12.39 40.61 -20.73
CA VAL A 1034 13.16 41.75 -21.19
C VAL A 1034 13.73 42.47 -19.98
N THR A 1035 15.05 42.49 -19.85
CA THR A 1035 15.72 42.90 -18.63
C THR A 1035 16.45 44.23 -18.79
N TYR A 1036 16.53 44.96 -17.69
CA TYR A 1036 17.37 46.14 -17.57
C TYR A 1036 18.53 45.83 -16.64
N VAL A 1037 19.76 45.90 -17.15
CA VAL A 1037 20.96 45.76 -16.34
C VAL A 1037 21.91 46.91 -16.67
N PRO A 1038 22.26 47.74 -15.71
CA PRO A 1038 23.14 48.88 -15.99
C PRO A 1038 24.61 48.50 -15.98
N SER A 1039 25.45 49.45 -16.41
CA SER A 1039 26.89 49.25 -16.47
C SER A 1039 27.58 50.62 -16.47
N GLN A 1040 28.92 50.57 -16.46
CA GLN A 1040 29.81 51.74 -16.58
C GLN A 1040 29.58 52.74 -15.45
N GLU A 1041 29.94 52.29 -14.25
CA GLU A 1041 29.79 53.10 -13.05
C GLU A 1041 30.95 54.09 -12.94
N ARG A 1042 30.78 55.09 -12.08
CA ARG A 1042 31.77 56.13 -11.84
C ARG A 1042 31.65 56.56 -10.39
N ASN A 1043 32.77 56.91 -9.78
CA ASN A 1043 32.75 57.35 -8.40
C ASN A 1043 32.36 58.81 -8.29
N PHE A 1044 31.64 59.15 -7.23
CA PHE A 1044 31.14 60.50 -7.02
C PHE A 1044 31.14 60.81 -5.53
N THR A 1045 30.50 61.92 -5.17
CA THR A 1045 30.37 62.33 -3.78
C THR A 1045 28.97 62.87 -3.54
N THR A 1046 28.32 62.38 -2.49
CA THR A 1046 26.96 62.75 -2.16
C THR A 1046 26.92 63.97 -1.25
N ALA A 1047 25.71 64.48 -1.09
CA ALA A 1047 25.35 65.48 -0.10
C ALA A 1047 23.90 65.23 0.24
N PRO A 1048 23.57 64.89 1.48
CA PRO A 1048 22.17 64.63 1.82
C PRO A 1048 21.31 65.89 1.83
N ALA A 1049 21.90 67.03 2.12
CA ALA A 1049 21.26 68.31 1.91
C ALA A 1049 22.37 69.32 1.65
N ILE A 1050 21.98 70.54 1.31
CA ILE A 1050 22.95 71.61 1.05
C ILE A 1050 22.49 72.88 1.73
N CYS A 1051 23.46 73.65 2.20
CA CYS A 1051 23.19 74.86 2.95
C CYS A 1051 23.27 76.04 2.00
N HIS A 1052 22.22 76.86 2.00
CA HIS A 1052 22.07 77.98 1.08
C HIS A 1052 20.95 78.86 1.61
N GLU A 1053 21.18 80.18 1.58
CA GLU A 1053 20.31 81.21 2.18
C GLU A 1053 20.10 80.97 3.68
N GLY A 1054 21.05 80.30 4.33
CA GLY A 1054 20.85 79.85 5.70
C GLY A 1054 19.73 78.85 5.86
N LYS A 1055 19.46 78.04 4.84
CA LYS A 1055 18.36 77.11 4.84
C LYS A 1055 18.84 75.69 4.55
N ALA A 1056 17.97 74.73 4.84
CA ALA A 1056 18.22 73.31 4.56
C ALA A 1056 17.49 72.93 3.27
N TYR A 1057 18.24 72.48 2.28
CA TYR A 1057 17.67 72.13 0.98
C TYR A 1057 17.78 70.62 0.77
N PHE A 1058 16.65 69.94 0.93
CA PHE A 1058 16.52 68.51 0.76
C PHE A 1058 16.32 68.17 -0.70
N PRO A 1059 16.70 66.97 -1.13
CA PRO A 1059 16.36 66.56 -2.49
C PRO A 1059 14.94 66.02 -2.54
N ARG A 1060 14.21 66.43 -3.58
CA ARG A 1060 12.85 65.90 -3.75
C ARG A 1060 12.90 64.43 -4.14
N GLU A 1061 13.81 64.09 -5.06
CA GLU A 1061 14.21 62.72 -5.30
C GLU A 1061 15.64 62.74 -5.82
N GLY A 1062 16.23 61.56 -5.91
CA GLY A 1062 17.62 61.48 -6.28
C GLY A 1062 18.51 61.96 -5.13
N VAL A 1063 19.78 62.16 -5.47
CA VAL A 1063 20.79 62.60 -4.51
C VAL A 1063 21.58 63.76 -5.09
N PHE A 1064 21.99 64.68 -4.22
CA PHE A 1064 22.86 65.77 -4.63
C PHE A 1064 24.26 65.23 -4.85
N VAL A 1065 24.74 65.29 -6.07
CA VAL A 1065 26.00 64.66 -6.47
C VAL A 1065 26.98 65.73 -6.89
N PHE A 1066 28.13 65.75 -6.24
CA PHE A 1066 29.24 66.63 -6.61
C PHE A 1066 30.37 65.78 -7.15
N ASN A 1067 30.72 65.99 -8.42
CA ASN A 1067 31.72 65.18 -9.10
C ASN A 1067 33.11 65.79 -9.09
N GLY A 1068 33.32 66.86 -8.34
CA GLY A 1068 34.55 67.61 -8.40
C GLY A 1068 34.47 68.88 -9.22
N THR A 1069 33.35 69.10 -9.91
CA THR A 1069 33.15 70.34 -10.67
C THR A 1069 31.97 71.15 -10.15
N SER A 1070 30.79 70.54 -10.04
CA SER A 1070 29.61 71.23 -9.53
C SER A 1070 28.60 70.19 -9.07
N TRP A 1071 27.62 70.65 -8.32
CA TRP A 1071 26.55 69.79 -7.85
C TRP A 1071 25.46 69.66 -8.90
N PHE A 1072 24.75 68.54 -8.81
CA PHE A 1072 23.67 68.20 -9.72
C PHE A 1072 22.89 67.03 -9.13
N ILE A 1073 21.57 67.08 -9.28
CA ILE A 1073 20.72 65.97 -8.91
C ILE A 1073 20.77 64.94 -10.04
N THR A 1074 20.90 63.67 -9.67
CA THR A 1074 20.75 62.60 -10.64
C THR A 1074 20.06 61.43 -9.97
N GLN A 1075 19.68 60.46 -10.78
CA GLN A 1075 19.18 59.19 -10.28
C GLN A 1075 20.33 58.19 -10.18
N ARG A 1076 20.05 57.07 -9.52
CA ARG A 1076 21.04 56.01 -9.44
C ARG A 1076 20.97 55.10 -10.66
N ASN A 1077 19.80 54.99 -11.28
CA ASN A 1077 19.64 54.13 -12.45
C ASN A 1077 20.45 54.61 -13.66
N PHE A 1078 20.78 55.90 -13.71
CA PHE A 1078 21.39 56.49 -14.89
C PHE A 1078 22.00 57.82 -14.50
N PHE A 1079 23.10 58.16 -15.17
CA PHE A 1079 23.75 59.44 -14.97
C PHE A 1079 23.05 60.49 -15.81
N SER A 1080 22.44 61.47 -15.15
CA SER A 1080 21.78 62.58 -15.83
C SER A 1080 21.84 63.81 -14.94
N PRO A 1081 22.70 64.77 -15.25
CA PRO A 1081 22.94 65.90 -14.34
C PRO A 1081 21.84 66.96 -14.34
N GLN A 1082 20.77 66.69 -13.59
CA GLN A 1082 19.75 67.72 -13.36
C GLN A 1082 20.33 68.79 -12.45
N ILE A 1083 20.44 70.01 -12.96
CA ILE A 1083 21.01 71.11 -12.20
C ILE A 1083 19.98 71.56 -11.17
N ILE A 1084 20.46 72.00 -10.02
CA ILE A 1084 19.59 72.29 -8.86
C ILE A 1084 18.81 73.56 -9.16
N THR A 1085 17.52 73.42 -9.37
CA THR A 1085 16.63 74.54 -9.64
C THR A 1085 15.94 74.97 -8.36
N THR A 1086 14.92 75.82 -8.52
CA THR A 1086 14.13 76.27 -7.38
C THR A 1086 13.27 75.15 -6.80
N ASP A 1087 12.79 74.21 -7.63
CA ASP A 1087 11.81 73.24 -7.17
C ASP A 1087 12.15 71.78 -7.45
N ASN A 1088 13.33 71.47 -8.00
CA ASN A 1088 13.75 70.08 -7.93
C ASN A 1088 14.28 69.71 -6.55
N THR A 1089 14.58 70.70 -5.71
CA THR A 1089 14.80 70.55 -4.29
C THR A 1089 13.61 71.14 -3.53
N PHE A 1090 13.65 71.05 -2.21
CA PHE A 1090 12.61 71.67 -1.39
C PHE A 1090 13.18 72.02 -0.03
N VAL A 1091 12.38 72.76 0.74
CA VAL A 1091 12.82 73.40 1.97
C VAL A 1091 12.04 72.82 3.13
N SER A 1092 12.74 72.44 4.19
CA SER A 1092 12.11 72.12 5.46
C SER A 1092 13.10 72.50 6.56
N GLY A 1093 12.77 73.52 7.34
CA GLY A 1093 13.65 74.02 8.36
C GLY A 1093 14.80 74.84 7.79
N ASN A 1094 15.55 75.45 8.71
CA ASN A 1094 16.71 76.20 8.32
C ASN A 1094 17.94 75.31 8.28
N CYS A 1095 19.08 75.88 7.92
CA CYS A 1095 20.34 75.16 7.83
C CYS A 1095 20.85 74.82 9.23
N ASP A 1096 21.95 74.05 9.26
CA ASP A 1096 22.68 73.67 10.47
C ASP A 1096 21.83 72.89 11.47
N VAL A 1097 20.82 72.18 10.98
CA VAL A 1097 20.01 71.29 11.80
C VAL A 1097 20.44 69.84 11.64
N VAL A 1098 20.56 69.40 10.39
CA VAL A 1098 21.07 68.08 10.07
C VAL A 1098 22.59 68.11 10.13
N ILE A 1099 23.21 66.94 10.10
CA ILE A 1099 24.66 66.82 10.21
C ILE A 1099 25.22 66.34 8.87
N GLY A 1100 26.31 66.95 8.43
CA GLY A 1100 27.02 66.48 7.26
C GLY A 1100 26.49 67.03 5.96
N ILE A 1101 26.48 68.36 5.82
CA ILE A 1101 26.02 69.02 4.61
C ILE A 1101 27.08 70.01 4.16
N ILE A 1102 26.99 70.42 2.89
CA ILE A 1102 27.99 71.26 2.26
C ILE A 1102 27.32 72.55 1.81
N ASN A 1103 27.98 73.67 2.09
CA ASN A 1103 27.44 74.99 1.78
C ASN A 1103 27.45 75.17 0.26
N ASN A 1104 26.34 75.60 -0.31
CA ASN A 1104 26.17 75.49 -1.76
C ASN A 1104 25.36 76.67 -2.28
N THR A 1105 25.37 76.82 -3.61
CA THR A 1105 24.57 77.78 -4.34
C THR A 1105 23.38 77.08 -5.00
N VAL A 1106 22.23 77.75 -5.01
CA VAL A 1106 21.03 77.23 -5.68
C VAL A 1106 20.38 78.40 -6.42
N TYR A 1107 20.18 78.25 -7.73
CA TYR A 1107 19.28 79.16 -8.41
C TYR A 1107 17.84 78.76 -8.12
N ARG B 5 9.40 -32.38 63.05
CA ARG B 5 8.41 -32.68 64.06
C ARG B 5 7.33 -31.61 64.08
N CYS B 6 6.07 -32.03 64.07
CA CYS B 6 4.97 -31.07 64.19
C CYS B 6 4.81 -30.62 65.63
N THR B 7 5.26 -29.41 65.91
CA THR B 7 4.85 -28.64 67.06
C THR B 7 4.34 -27.32 66.51
N THR B 8 3.24 -26.84 67.06
CA THR B 8 2.55 -25.68 66.53
C THR B 8 2.56 -24.55 67.59
N PHE B 9 1.82 -23.49 67.30
CA PHE B 9 1.72 -22.34 68.20
C PHE B 9 0.41 -22.37 68.96
N ASP B 10 0.50 -22.41 70.29
CA ASP B 10 -0.61 -22.11 71.17
C ASP B 10 -0.45 -20.76 71.85
N ASP B 11 0.74 -20.18 71.80
CA ASP B 11 1.03 -18.88 72.43
C ASP B 11 0.67 -17.76 71.44
N VAL B 12 -0.64 -17.61 71.23
CA VAL B 12 -1.19 -16.80 70.14
C VAL B 12 -2.14 -15.76 70.73
N GLN B 13 -1.87 -14.49 70.43
CA GLN B 13 -2.78 -13.40 70.76
C GLN B 13 -3.73 -13.13 69.59
N ALA B 14 -4.45 -12.01 69.67
CA ALA B 14 -5.37 -11.63 68.60
C ALA B 14 -4.59 -11.14 67.38
N PRO B 15 -5.12 -11.37 66.17
CA PRO B 15 -4.46 -10.83 64.98
C PRO B 15 -4.66 -9.33 64.86
N ASN B 16 -3.82 -8.71 64.03
CA ASN B 16 -3.83 -7.26 63.87
C ASN B 16 -4.45 -6.82 62.55
N TYR B 17 -3.91 -7.30 61.41
CA TYR B 17 -4.36 -6.95 60.06
C TYR B 17 -4.37 -5.43 59.84
N THR B 18 -3.28 -4.78 60.22
CA THR B 18 -3.23 -3.32 60.18
C THR B 18 -3.02 -2.85 58.74
N GLN B 19 -3.88 -1.95 58.29
CA GLN B 19 -3.87 -1.49 56.92
C GLN B 19 -2.73 -0.51 56.70
N HIS B 20 -1.89 -0.76 55.69
CA HIS B 20 -0.79 0.12 55.35
C HIS B 20 -0.76 0.33 53.85
N THR B 21 0.11 1.24 53.41
CA THR B 21 0.23 1.59 52.01
C THR B 21 1.30 0.75 51.31
N SER B 22 1.28 0.81 49.98
CA SER B 22 2.29 0.20 49.13
C SER B 22 3.05 1.26 48.34
N SER B 23 3.40 2.35 49.02
CA SER B 23 3.64 3.69 48.47
C SER B 23 4.48 3.76 47.20
N MET B 24 5.76 3.44 47.28
CA MET B 24 6.60 3.46 46.09
C MET B 24 7.58 2.30 46.08
N ARG B 25 7.21 1.18 46.68
CA ARG B 25 8.12 0.05 46.75
C ARG B 25 7.60 -1.07 45.86
N GLY B 26 8.39 -2.14 45.78
CA GLY B 26 8.04 -3.25 44.93
C GLY B 26 8.55 -3.13 43.51
N VAL B 27 9.73 -2.54 43.32
CA VAL B 27 10.32 -2.37 42.01
C VAL B 27 11.55 -3.26 41.93
N TYR B 28 11.63 -4.09 40.91
CA TYR B 28 12.72 -5.04 40.75
C TYR B 28 13.29 -4.94 39.35
N TYR B 29 14.52 -5.41 39.21
CA TYR B 29 15.02 -5.73 37.89
C TYR B 29 14.21 -6.88 37.32
N PRO B 30 13.58 -6.72 36.16
CA PRO B 30 12.80 -7.84 35.61
C PRO B 30 13.65 -8.99 35.12
N ASP B 31 14.79 -8.71 34.51
CA ASP B 31 15.69 -9.73 33.98
C ASP B 31 17.07 -9.13 33.82
N GLU B 32 17.95 -9.86 33.14
CA GLU B 32 19.37 -9.53 33.05
C GLU B 32 19.70 -8.58 31.91
N ILE B 33 18.70 -7.95 31.31
CA ILE B 33 18.91 -7.13 30.12
C ILE B 33 19.56 -5.82 30.55
N PHE B 34 20.85 -5.66 30.24
CA PHE B 34 21.56 -4.42 30.52
C PHE B 34 21.04 -3.34 29.60
N ARG B 35 20.28 -2.40 30.15
CA ARG B 35 19.81 -1.26 29.38
C ARG B 35 20.26 0.02 30.05
N SER B 36 20.56 1.04 29.25
CA SER B 36 21.32 2.19 29.70
C SER B 36 20.71 3.48 29.18
N ASP B 37 20.25 4.32 30.11
CA ASP B 37 19.86 5.71 29.86
C ASP B 37 18.72 5.80 28.85
N THR B 38 17.64 5.08 29.15
CA THR B 38 16.48 5.06 28.26
C THR B 38 15.22 4.96 29.10
N LEU B 39 14.09 5.09 28.42
CA LEU B 39 12.78 4.94 29.02
C LEU B 39 12.21 3.63 28.50
N TYR B 40 12.32 2.59 29.31
CA TYR B 40 11.90 1.26 28.94
C TYR B 40 10.52 0.96 29.53
N LEU B 41 9.70 0.27 28.77
CA LEU B 41 8.33 -0.03 29.16
C LEU B 41 8.10 -1.52 29.04
N THR B 42 7.41 -2.09 30.02
CA THR B 42 7.15 -3.53 30.02
C THR B 42 5.84 -3.82 30.75
N GLN B 43 5.47 -5.10 30.72
CA GLN B 43 4.29 -5.61 31.39
C GLN B 43 4.66 -6.88 32.12
N ASP B 44 4.57 -6.87 33.45
CA ASP B 44 4.87 -8.05 34.24
C ASP B 44 4.05 -7.93 35.53
N LEU B 45 4.22 -8.90 36.42
CA LEU B 45 3.60 -8.83 37.74
C LEU B 45 4.37 -7.84 38.59
N PHE B 46 3.69 -6.80 39.05
CA PHE B 46 4.35 -5.76 39.83
C PHE B 46 3.53 -5.44 41.07
N LEU B 47 4.19 -4.84 42.04
CA LEU B 47 3.49 -4.30 43.18
C LEU B 47 2.83 -2.99 42.78
N PRO B 48 1.51 -2.87 42.93
CA PRO B 48 0.85 -1.61 42.63
C PRO B 48 1.29 -0.48 43.52
N PHE B 49 1.29 0.72 42.97
CA PHE B 49 1.60 1.90 43.75
C PHE B 49 0.41 2.28 44.59
N TYR B 50 0.66 2.47 45.90
CA TYR B 50 -0.29 3.04 46.85
C TYR B 50 -1.54 2.17 47.03
N SER B 51 -1.31 0.89 47.24
CA SER B 51 -2.38 -0.07 47.49
C SER B 51 -2.25 -0.60 48.92
N ASN B 52 -3.18 -1.46 49.31
CA ASN B 52 -3.27 -1.91 50.69
C ASN B 52 -2.27 -3.01 50.98
N VAL B 53 -1.50 -2.83 52.05
CA VAL B 53 -0.52 -3.81 52.52
C VAL B 53 -0.91 -4.23 53.92
N THR B 54 -1.04 -5.54 54.11
CA THR B 54 -1.54 -6.08 55.37
C THR B 54 -0.42 -6.17 56.39
N GLY B 55 -0.62 -5.56 57.55
CA GLY B 55 0.38 -5.47 58.60
C GLY B 55 0.48 -6.64 59.55
N PHE B 56 1.12 -7.72 59.12
CA PHE B 56 1.34 -8.87 59.98
C PHE B 56 2.38 -8.58 61.05
N HIS B 57 1.94 -8.15 62.22
CA HIS B 57 2.83 -7.80 63.32
C HIS B 57 2.97 -8.99 64.27
N THR B 58 4.12 -9.03 64.95
CA THR B 58 4.35 -9.91 66.09
C THR B 58 5.02 -9.10 67.18
N ILE B 59 4.44 -9.06 68.37
CA ILE B 59 5.11 -8.49 69.55
C ILE B 59 4.92 -9.44 70.72
N ASN B 60 5.87 -10.37 70.87
CA ASN B 60 6.15 -11.25 72.01
C ASN B 60 5.09 -12.34 72.26
N HIS B 61 3.85 -12.13 71.82
CA HIS B 61 2.83 -13.18 71.80
C HIS B 61 1.91 -13.12 70.59
N THR B 62 1.76 -11.95 69.95
CA THR B 62 0.93 -11.82 68.77
C THR B 62 1.57 -12.56 67.61
N PHE B 63 0.76 -13.28 66.83
CA PHE B 63 1.28 -14.04 65.71
C PHE B 63 0.28 -14.00 64.57
N GLY B 64 0.68 -13.46 63.43
CA GLY B 64 -0.22 -13.26 62.29
C GLY B 64 0.23 -14.17 61.15
N ASN B 65 -0.19 -15.44 61.21
CA ASN B 65 0.05 -16.37 60.10
C ASN B 65 -0.96 -17.52 60.11
N PRO B 66 -2.15 -17.33 59.55
CA PRO B 66 -2.96 -18.48 59.13
C PRO B 66 -2.54 -18.95 57.75
N VAL B 67 -3.33 -19.83 57.14
CA VAL B 67 -3.14 -20.18 55.73
C VAL B 67 -3.33 -18.94 54.87
N ILE B 68 -2.27 -18.46 54.26
CA ILE B 68 -2.28 -17.23 53.48
C ILE B 68 -2.02 -17.60 52.03
N PRO B 69 -2.92 -17.28 51.10
CA PRO B 69 -2.77 -17.76 49.73
C PRO B 69 -1.74 -16.97 48.94
N PHE B 70 -1.17 -17.65 47.96
CA PHE B 70 -0.11 -17.12 47.10
C PHE B 70 -0.71 -16.33 45.94
N LYS B 71 -1.46 -17.02 45.08
CA LYS B 71 -2.43 -16.53 44.10
C LYS B 71 -1.84 -15.79 42.90
N ASP B 72 -0.67 -15.21 43.04
CA ASP B 72 -0.08 -14.40 41.96
C ASP B 72 1.42 -14.56 41.81
N GLY B 73 2.14 -14.84 42.87
CA GLY B 73 3.44 -14.23 43.04
C GLY B 73 3.24 -13.10 44.03
N ILE B 74 4.03 -13.06 45.10
CA ILE B 74 3.72 -12.16 46.20
C ILE B 74 4.88 -11.21 46.45
N TYR B 75 4.54 -10.10 47.10
CA TYR B 75 5.51 -9.17 47.66
C TYR B 75 5.70 -9.47 49.14
N PHE B 76 6.90 -9.21 49.65
CA PHE B 76 7.16 -9.45 51.06
C PHE B 76 8.11 -8.39 51.62
N ALA B 77 7.77 -7.87 52.79
CA ALA B 77 8.66 -6.98 53.52
C ALA B 77 8.98 -7.59 54.87
N ALA B 78 10.14 -7.22 55.40
CA ALA B 78 10.57 -7.72 56.71
C ALA B 78 11.33 -6.61 57.42
N THR B 79 10.80 -6.18 58.56
CA THR B 79 11.41 -5.16 59.40
C THR B 79 11.84 -5.85 60.69
N GLU B 80 13.13 -6.15 60.81
CA GLU B 80 13.60 -7.07 61.83
C GLU B 80 14.75 -6.51 62.62
N LYS B 81 14.66 -6.67 63.94
CA LYS B 81 15.81 -6.62 64.85
C LYS B 81 16.13 -7.97 65.46
N SER B 82 15.13 -8.85 65.63
CA SER B 82 15.31 -10.18 66.16
C SER B 82 15.35 -11.25 65.09
N ASN B 83 14.99 -10.91 63.84
CA ASN B 83 14.98 -11.80 62.68
C ASN B 83 14.10 -13.03 62.91
N VAL B 84 12.81 -12.76 63.17
CA VAL B 84 11.83 -13.82 63.26
C VAL B 84 11.63 -14.48 61.90
N VAL B 85 11.76 -13.70 60.82
CA VAL B 85 11.55 -14.19 59.46
C VAL B 85 12.84 -14.83 58.97
N ARG B 86 12.83 -16.15 58.82
CA ARG B 86 13.92 -16.85 58.14
C ARG B 86 13.47 -17.93 57.18
N GLY B 87 12.19 -18.26 57.13
CA GLY B 87 11.77 -19.39 56.31
C GLY B 87 10.33 -19.30 55.87
N TRP B 88 10.01 -20.10 54.85
CA TRP B 88 8.67 -20.18 54.30
C TRP B 88 8.42 -21.59 53.82
N VAL B 89 7.17 -22.01 53.86
CA VAL B 89 6.75 -23.21 53.17
C VAL B 89 6.04 -22.76 51.91
N PHE B 90 6.02 -23.61 50.89
CA PHE B 90 5.30 -23.31 49.66
C PHE B 90 4.69 -24.59 49.12
N GLY B 91 3.61 -24.43 48.37
CA GLY B 91 2.98 -25.55 47.73
C GLY B 91 1.52 -25.25 47.48
N SER B 92 0.78 -26.32 47.17
CA SER B 92 -0.64 -26.23 46.91
C SER B 92 -1.49 -26.88 47.99
N THR B 93 -1.01 -27.97 48.58
CA THR B 93 -1.81 -28.80 49.47
C THR B 93 -1.59 -28.50 50.95
N MET B 94 -0.44 -27.92 51.29
CA MET B 94 -0.03 -27.61 52.68
C MET B 94 0.01 -28.86 53.56
N ASN B 95 0.32 -30.02 52.96
CA ASN B 95 0.69 -31.24 53.67
C ASN B 95 1.48 -32.12 52.70
N ASN B 96 1.69 -33.38 53.07
CA ASN B 96 2.48 -34.29 52.26
C ASN B 96 1.75 -34.85 51.05
N LYS B 97 0.53 -34.38 50.76
CA LYS B 97 -0.24 -34.96 49.67
C LYS B 97 0.31 -34.59 48.30
N SER B 98 1.13 -33.55 48.21
CA SER B 98 1.85 -33.22 47.00
C SER B 98 3.22 -32.67 47.36
N GLN B 99 4.05 -32.48 46.35
CA GLN B 99 5.40 -31.98 46.53
C GLN B 99 5.36 -30.53 46.95
N SER B 100 5.85 -30.24 48.16
CA SER B 100 5.83 -28.90 48.73
C SER B 100 7.24 -28.41 48.96
N VAL B 101 7.44 -27.10 48.85
CA VAL B 101 8.76 -26.49 48.95
C VAL B 101 8.93 -25.84 50.31
N ILE B 102 9.97 -26.26 51.02
CA ILE B 102 10.45 -25.60 52.23
C ILE B 102 11.80 -24.98 51.92
N ILE B 103 11.93 -23.69 52.19
CA ILE B 103 13.21 -22.98 52.11
C ILE B 103 13.37 -22.19 53.40
N ILE B 104 14.37 -22.54 54.19
CA ILE B 104 14.56 -21.96 55.51
C ILE B 104 16.03 -21.60 55.70
N ASN B 105 16.25 -20.67 56.63
CA ASN B 105 17.59 -20.33 57.12
C ASN B 105 17.74 -20.99 58.48
N ASN B 106 18.56 -22.04 58.54
CA ASN B 106 18.81 -22.75 59.78
C ASN B 106 19.94 -22.14 60.62
N SER B 107 20.35 -20.91 60.30
CA SER B 107 21.46 -20.15 60.86
C SER B 107 22.82 -20.81 60.64
N THR B 108 22.90 -21.84 59.80
CA THR B 108 24.16 -22.35 59.27
C THR B 108 24.21 -22.24 57.76
N ASN B 109 23.11 -22.54 57.08
CA ASN B 109 23.01 -22.47 55.64
C ASN B 109 21.64 -21.90 55.30
N VAL B 110 21.24 -22.00 54.04
CA VAL B 110 19.84 -21.84 53.64
C VAL B 110 19.48 -23.08 52.83
N VAL B 111 18.60 -23.91 53.37
CA VAL B 111 18.33 -25.22 52.79
C VAL B 111 17.05 -25.15 51.99
N ILE B 112 17.13 -25.54 50.72
CA ILE B 112 15.97 -25.70 49.86
C ILE B 112 15.57 -27.17 49.93
N ARG B 113 14.27 -27.42 50.10
CA ARG B 113 13.75 -28.77 50.15
C ARG B 113 12.45 -28.81 49.36
N ALA B 114 12.28 -29.86 48.54
CA ALA B 114 11.03 -30.05 47.81
C ALA B 114 10.68 -31.54 47.81
N CYS B 115 9.95 -31.96 48.83
CA CYS B 115 9.56 -33.35 49.05
C CYS B 115 8.10 -33.34 49.49
N ASN B 116 7.62 -34.47 50.01
CA ASN B 116 6.31 -34.50 50.67
C ASN B 116 6.54 -34.40 52.17
N PHE B 117 6.02 -33.34 52.77
CA PHE B 117 6.23 -33.04 54.18
C PHE B 117 4.88 -33.01 54.88
N GLU B 118 4.77 -33.74 55.98
CA GLU B 118 3.55 -33.65 56.79
C GLU B 118 3.59 -32.31 57.51
N LEU B 119 2.94 -31.32 56.93
CA LEU B 119 3.12 -29.95 57.35
C LEU B 119 2.28 -29.63 58.58
N CYS B 120 2.85 -28.81 59.45
CA CYS B 120 2.25 -28.47 60.74
C CYS B 120 1.34 -27.25 60.58
N ASP B 121 0.56 -26.97 61.63
CA ASP B 121 -0.33 -25.81 61.58
C ASP B 121 0.45 -24.52 61.75
N ASN B 122 1.30 -24.44 62.77
CA ASN B 122 2.26 -23.35 62.92
C ASN B 122 3.66 -23.93 63.10
N PRO B 123 4.31 -24.36 62.01
CA PRO B 123 5.69 -24.83 62.12
C PRO B 123 6.64 -23.68 62.39
N PHE B 124 7.74 -23.97 63.10
CA PHE B 124 8.58 -22.89 63.59
C PHE B 124 10.03 -23.33 63.68
N PHE B 125 10.84 -22.45 64.29
CA PHE B 125 12.24 -22.66 64.59
C PHE B 125 12.36 -22.71 66.11
N ALA B 126 12.78 -23.87 66.64
CA ALA B 126 12.85 -24.05 68.07
C ALA B 126 14.04 -23.29 68.65
N VAL B 127 13.83 -22.00 68.95
CA VAL B 127 14.89 -21.07 69.34
C VAL B 127 14.49 -20.44 70.67
N SER B 128 15.45 -20.26 71.56
CA SER B 128 15.20 -19.70 72.88
C SER B 128 15.46 -18.19 72.89
N LYS B 129 14.88 -17.51 73.90
CA LYS B 129 14.93 -16.04 73.96
C LYS B 129 16.26 -15.47 74.47
N PRO B 130 16.86 -15.89 75.60
CA PRO B 130 18.16 -15.30 75.96
C PRO B 130 19.37 -16.09 75.50
N MET B 131 19.19 -17.31 75.00
CA MET B 131 20.32 -18.17 74.67
C MET B 131 20.88 -17.80 73.31
N GLY B 132 20.02 -17.66 72.31
CA GLY B 132 20.48 -17.36 70.97
C GLY B 132 20.94 -18.58 70.21
N THR B 133 20.23 -19.70 70.34
CA THR B 133 20.54 -20.93 69.62
C THR B 133 19.27 -21.50 69.00
N GLN B 134 19.38 -21.96 67.76
CA GLN B 134 18.34 -22.78 67.15
C GLN B 134 18.63 -24.25 67.42
N THR B 135 17.65 -24.95 67.97
CA THR B 135 17.83 -26.39 68.20
C THR B 135 17.22 -27.21 67.07
N HIS B 136 15.94 -27.02 66.78
CA HIS B 136 15.22 -27.92 65.89
C HIS B 136 14.42 -27.14 64.86
N THR B 137 14.37 -27.68 63.65
CA THR B 137 13.56 -27.14 62.57
C THR B 137 12.18 -27.80 62.66
N MET B 138 11.36 -27.28 63.58
CA MET B 138 10.06 -27.88 63.90
C MET B 138 9.06 -27.65 62.78
N ILE B 139 9.29 -28.31 61.63
CA ILE B 139 8.58 -28.02 60.40
C ILE B 139 7.90 -29.25 59.83
N PHE B 140 8.58 -30.38 59.83
CA PHE B 140 8.25 -31.54 59.01
C PHE B 140 8.12 -32.76 59.89
N ASP B 141 7.13 -33.60 59.61
CA ASP B 141 7.12 -34.90 60.25
C ASP B 141 7.78 -35.96 59.38
N ASN B 142 7.68 -35.84 58.07
CA ASN B 142 8.28 -36.80 57.15
C ASN B 142 8.82 -36.05 55.94
N ALA B 143 9.69 -36.72 55.19
CA ALA B 143 10.32 -36.11 54.02
C ALA B 143 10.51 -37.21 52.97
N PHE B 144 9.73 -37.17 51.90
CA PHE B 144 9.72 -38.25 50.94
C PHE B 144 9.18 -37.74 49.61
N ASN B 145 9.44 -38.53 48.56
CA ASN B 145 9.15 -38.21 47.15
C ASN B 145 9.74 -36.85 46.76
N CYS B 146 11.04 -36.75 46.97
CA CYS B 146 11.74 -35.48 46.80
C CYS B 146 11.94 -35.17 45.32
N THR B 147 11.87 -33.88 45.00
CA THR B 147 12.10 -33.42 43.63
C THR B 147 13.32 -32.52 43.49
N PHE B 148 13.60 -31.65 44.46
CA PHE B 148 14.83 -30.87 44.44
C PHE B 148 15.22 -30.46 45.84
N GLU B 149 16.51 -30.55 46.14
CA GLU B 149 17.06 -30.02 47.38
C GLU B 149 18.34 -29.25 47.08
N TYR B 150 18.61 -28.23 47.89
CA TYR B 150 19.81 -27.44 47.76
C TYR B 150 20.20 -26.86 49.12
N ILE B 151 21.50 -26.81 49.37
CA ILE B 151 22.09 -26.23 50.57
C ILE B 151 22.93 -25.03 50.16
N SER B 152 22.75 -23.91 50.85
CA SER B 152 23.42 -22.67 50.47
C SER B 152 24.79 -22.59 51.13
N ASP B 153 25.37 -21.38 51.15
CA ASP B 153 26.65 -21.09 51.75
C ASP B 153 26.61 -21.26 53.26
N ALA B 154 27.79 -21.35 53.85
CA ALA B 154 27.96 -21.57 55.28
C ALA B 154 28.16 -20.24 55.99
N PHE B 155 27.27 -19.93 56.94
CA PHE B 155 27.30 -18.65 57.63
C PHE B 155 26.53 -18.79 58.93
N SER B 156 27.11 -18.27 60.02
CA SER B 156 26.50 -18.35 61.33
C SER B 156 25.78 -17.04 61.64
N LEU B 157 24.50 -17.14 62.00
CA LEU B 157 23.64 -15.98 62.17
C LEU B 157 23.12 -15.91 63.61
N ASP B 158 23.06 -14.70 64.14
CA ASP B 158 22.52 -14.47 65.48
C ASP B 158 21.01 -14.62 65.46
N VAL B 159 20.48 -15.49 66.33
CA VAL B 159 19.06 -15.81 66.36
C VAL B 159 18.41 -15.38 67.69
N SER B 160 19.02 -14.43 68.39
CA SER B 160 18.57 -14.05 69.72
C SER B 160 17.47 -13.00 69.66
N GLU B 161 16.86 -12.74 70.81
CA GLU B 161 15.82 -11.72 70.94
C GLU B 161 16.46 -10.37 71.23
N LYS B 162 16.17 -9.39 70.39
CA LYS B 162 16.71 -8.05 70.54
C LYS B 162 15.61 -7.08 70.94
N SER B 163 16.02 -5.92 71.43
CA SER B 163 15.13 -4.85 71.86
C SER B 163 15.46 -3.58 71.07
N GLY B 164 14.68 -2.53 71.32
CA GLY B 164 14.88 -1.27 70.62
C GLY B 164 14.04 -1.15 69.36
N ASN B 165 14.62 -0.61 68.31
CA ASN B 165 13.93 -0.42 67.04
C ASN B 165 14.55 -1.30 65.96
N PHE B 166 13.93 -1.27 64.78
CA PHE B 166 14.28 -2.17 63.69
C PHE B 166 15.48 -1.64 62.93
N LYS B 167 16.55 -2.45 62.88
CA LYS B 167 17.81 -2.01 62.29
C LYS B 167 17.72 -1.93 60.77
N HIS B 168 17.26 -3.00 60.13
CA HIS B 168 17.41 -3.12 58.70
C HIS B 168 16.10 -3.58 58.08
N LEU B 169 16.02 -3.42 56.76
CA LEU B 169 14.79 -3.59 56.00
C LEU B 169 15.02 -4.67 54.95
N ARG B 170 14.40 -5.83 55.14
CA ARG B 170 14.51 -6.93 54.19
C ARG B 170 13.27 -6.94 53.29
N GLU B 171 13.50 -6.84 51.98
CA GLU B 171 12.44 -6.72 50.99
C GLU B 171 12.52 -7.91 50.05
N PHE B 172 11.45 -8.70 49.99
CA PHE B 172 11.43 -9.94 49.25
C PHE B 172 10.28 -9.96 48.25
N VAL B 173 10.53 -10.54 47.07
CA VAL B 173 9.48 -10.75 46.08
C VAL B 173 9.55 -12.21 45.64
N PHE B 174 8.47 -12.94 45.87
CA PHE B 174 8.38 -14.36 45.58
C PHE B 174 7.36 -14.56 44.46
N LYS B 175 7.79 -15.18 43.37
CA LYS B 175 6.93 -15.38 42.21
C LYS B 175 7.19 -16.76 41.60
N ASN B 176 6.12 -17.51 41.38
CA ASN B 176 6.20 -18.82 40.76
C ASN B 176 5.73 -18.72 39.31
N LYS B 177 6.55 -19.20 38.39
CA LYS B 177 6.27 -19.11 36.97
C LYS B 177 7.14 -20.11 36.24
N ASP B 178 6.50 -20.98 35.46
CA ASP B 178 7.17 -21.94 34.56
C ASP B 178 8.08 -22.89 35.32
N GLY B 179 7.64 -23.30 36.52
CA GLY B 179 8.45 -24.13 37.38
C GLY B 179 9.64 -23.44 38.00
N PHE B 180 9.71 -22.10 37.92
CA PHE B 180 10.84 -21.32 38.41
C PHE B 180 10.35 -20.37 39.48
N LEU B 181 10.81 -20.58 40.72
CA LEU B 181 10.55 -19.64 41.79
C LEU B 181 11.44 -18.43 41.60
N TYR B 182 10.84 -17.24 41.67
CA TYR B 182 11.58 -16.00 41.42
C TYR B 182 11.94 -15.41 42.77
N VAL B 183 13.24 -15.35 43.05
CA VAL B 183 13.75 -14.98 44.37
C VAL B 183 14.44 -13.63 44.24
N TYR B 184 13.84 -12.62 44.85
CA TYR B 184 14.24 -11.22 44.66
C TYR B 184 14.49 -10.59 46.01
N LYS B 185 15.57 -9.80 46.10
CA LYS B 185 16.04 -9.28 47.37
C LYS B 185 16.30 -7.79 47.30
N GLY B 186 15.69 -7.04 48.21
CA GLY B 186 16.04 -5.65 48.45
C GLY B 186 16.39 -5.47 49.90
N TYR B 187 17.41 -4.66 50.17
CA TYR B 187 17.93 -4.58 51.53
C TYR B 187 18.59 -3.22 51.73
N GLN B 188 18.28 -2.59 52.87
CA GLN B 188 18.82 -1.30 53.23
C GLN B 188 18.57 -1.09 54.72
N PRO B 189 19.35 -0.25 55.39
CA PRO B 189 19.06 0.09 56.79
C PRO B 189 17.80 0.92 56.91
N ILE B 190 17.20 0.86 58.10
CA ILE B 190 15.88 1.44 58.33
C ILE B 190 15.79 1.89 59.78
N ASP B 191 14.82 2.76 60.06
CA ASP B 191 14.48 3.17 61.41
C ASP B 191 12.95 3.26 61.46
N VAL B 192 12.31 2.21 61.94
CA VAL B 192 10.86 2.11 61.93
C VAL B 192 10.39 1.49 63.24
N VAL B 193 9.27 2.00 63.78
CA VAL B 193 8.66 1.43 64.97
C VAL B 193 7.82 0.22 64.57
N ARG B 194 6.70 0.49 63.89
CA ARG B 194 5.93 -0.53 63.16
C ARG B 194 5.04 0.18 62.14
N ASP B 195 5.39 0.03 60.86
CA ASP B 195 4.68 0.54 59.68
C ASP B 195 5.49 0.05 58.50
N LEU B 196 4.93 0.20 57.30
CA LEU B 196 5.75 0.23 56.10
C LEU B 196 6.05 1.68 55.77
N PRO B 197 7.29 2.15 55.92
CA PRO B 197 7.62 3.49 55.48
C PRO B 197 7.74 3.54 53.97
N SER B 198 7.54 4.75 53.43
CA SER B 198 7.65 4.94 51.99
C SER B 198 9.11 4.96 51.56
N GLY B 199 9.32 5.06 50.27
CA GLY B 199 10.67 5.08 49.71
C GLY B 199 10.72 4.31 48.42
N PHE B 200 11.90 4.36 47.80
CA PHE B 200 12.15 3.73 46.52
C PHE B 200 13.39 2.87 46.63
N ASN B 201 13.22 1.55 46.70
CA ASN B 201 14.33 0.63 46.85
C ASN B 201 14.30 -0.37 45.70
N THR B 202 15.49 -0.77 45.26
CA THR B 202 15.64 -1.60 44.08
C THR B 202 15.97 -3.03 44.50
N LEU B 203 15.19 -3.99 44.00
CA LEU B 203 15.46 -5.38 44.29
C LEU B 203 16.29 -6.01 43.19
N LYS B 204 16.98 -7.10 43.55
CA LYS B 204 17.87 -7.77 42.63
C LYS B 204 17.55 -9.26 42.57
N PRO B 205 17.79 -9.91 41.44
CA PRO B 205 17.58 -11.36 41.36
C PRO B 205 18.66 -12.11 42.11
N ILE B 206 18.24 -13.14 42.84
CA ILE B 206 19.13 -14.00 43.60
C ILE B 206 19.12 -15.42 43.05
N PHE B 207 17.93 -15.98 42.83
CA PHE B 207 17.82 -17.30 42.25
C PHE B 207 16.59 -17.41 41.36
N LYS B 208 16.68 -18.31 40.41
CA LYS B 208 15.52 -18.95 39.80
C LYS B 208 15.63 -20.44 40.08
N LEU B 209 14.54 -21.03 40.56
CA LEU B 209 14.61 -22.34 41.19
C LEU B 209 13.79 -23.34 40.40
N PRO B 210 14.41 -24.29 39.70
CA PRO B 210 13.65 -25.29 38.94
C PRO B 210 12.92 -26.29 39.82
N LEU B 211 11.76 -25.88 40.32
CA LEU B 211 10.94 -26.68 41.22
C LEU B 211 9.94 -27.55 40.46
N GLY B 212 9.18 -26.95 39.56
CA GLY B 212 8.26 -27.70 38.72
C GLY B 212 7.01 -28.17 39.42
N ILE B 213 6.56 -27.46 40.46
CA ILE B 213 5.36 -27.83 41.19
C ILE B 213 4.35 -26.70 41.10
N ASN B 214 3.12 -26.99 41.50
CA ASN B 214 2.07 -25.99 41.59
C ASN B 214 2.04 -25.45 43.00
N ILE B 215 2.13 -24.14 43.13
CA ILE B 215 2.10 -23.47 44.42
C ILE B 215 0.95 -22.46 44.40
N THR B 216 -0.05 -22.68 45.24
CA THR B 216 -1.14 -21.73 45.39
C THR B 216 -1.27 -21.20 46.81
N ASN B 217 -0.55 -21.77 47.77
CA ASN B 217 -0.64 -21.35 49.17
C ASN B 217 0.76 -21.35 49.77
N PHE B 218 0.85 -20.77 50.95
CA PHE B 218 2.11 -20.70 51.70
C PHE B 218 1.79 -20.32 53.12
N ARG B 219 2.73 -20.61 54.01
CA ARG B 219 2.82 -19.97 55.31
C ARG B 219 4.28 -19.69 55.60
N ALA B 220 4.54 -18.55 56.22
CA ALA B 220 5.91 -18.24 56.62
C ALA B 220 6.31 -19.10 57.80
N ILE B 221 7.54 -19.59 57.76
CA ILE B 221 8.09 -20.37 58.85
C ILE B 221 8.90 -19.42 59.70
N LEU B 222 8.38 -19.08 60.87
CA LEU B 222 8.90 -17.96 61.63
C LEU B 222 9.61 -18.44 62.89
N THR B 223 10.63 -17.69 63.29
CA THR B 223 11.52 -18.08 64.38
C THR B 223 10.79 -17.93 65.71
N ALA B 224 10.42 -19.07 66.31
CA ALA B 224 9.77 -19.01 67.60
C ALA B 224 10.77 -18.69 68.70
N PHE B 225 10.25 -18.14 69.78
CA PHE B 225 11.05 -17.60 70.87
C PHE B 225 10.49 -18.11 72.20
N SER B 226 11.35 -18.70 73.02
CA SER B 226 10.97 -19.38 74.24
C SER B 226 11.88 -18.99 75.39
N PRO B 227 11.35 -18.91 76.62
CA PRO B 227 12.19 -18.58 77.77
C PRO B 227 13.10 -19.74 78.20
N ILE B 231 5.19 -24.12 74.87
CA ILE B 231 4.56 -22.81 74.70
C ILE B 231 5.52 -21.89 73.93
N TRP B 232 5.29 -21.79 72.63
CA TRP B 232 6.23 -21.14 71.71
C TRP B 232 5.66 -19.80 71.26
N GLY B 233 6.30 -18.72 71.67
CA GLY B 233 5.88 -17.38 71.32
C GLY B 233 6.71 -16.78 70.21
N THR B 234 7.03 -15.50 70.36
CA THR B 234 7.74 -14.72 69.35
C THR B 234 8.38 -13.51 70.04
N SER B 235 8.82 -12.52 69.26
CA SER B 235 9.21 -11.23 69.81
C SER B 235 8.81 -10.14 68.82
N ALA B 236 9.34 -8.94 69.02
CA ALA B 236 8.93 -7.74 68.29
C ALA B 236 9.42 -7.82 66.84
N ALA B 237 8.47 -7.95 65.92
CA ALA B 237 8.77 -8.01 64.49
C ALA B 237 7.50 -7.64 63.71
N ALA B 238 7.69 -6.95 62.59
CA ALA B 238 6.59 -6.59 61.72
C ALA B 238 6.97 -6.96 60.30
N TYR B 239 6.24 -7.89 59.70
CA TYR B 239 6.47 -8.28 58.32
C TYR B 239 5.20 -8.03 57.52
N PHE B 240 5.39 -7.84 56.22
CA PHE B 240 4.32 -7.35 55.35
C PHE B 240 4.26 -8.22 54.10
N VAL B 241 3.05 -8.40 53.59
CA VAL B 241 2.84 -9.12 52.34
C VAL B 241 1.96 -8.28 51.44
N GLY B 242 2.51 -7.87 50.30
CA GLY B 242 1.73 -7.29 49.24
C GLY B 242 1.43 -8.31 48.16
N TYR B 243 0.46 -7.99 47.32
CA TYR B 243 0.07 -8.87 46.24
C TYR B 243 0.44 -8.23 44.91
N LEU B 244 0.91 -9.05 43.98
CA LEU B 244 1.46 -8.54 42.73
C LEU B 244 0.42 -8.66 41.62
N LYS B 245 0.41 -7.68 40.73
CA LYS B 245 -0.60 -7.60 39.70
C LYS B 245 0.04 -7.40 38.34
N PRO B 246 -0.55 -7.98 37.28
CA PRO B 246 0.00 -7.84 35.92
C PRO B 246 -0.37 -6.51 35.24
N THR B 247 0.37 -5.47 35.56
CA THR B 247 0.10 -4.14 35.04
C THR B 247 1.27 -3.67 34.18
N THR B 248 1.21 -2.42 33.75
CA THR B 248 2.22 -1.83 32.89
C THR B 248 3.05 -0.83 33.67
N PHE B 249 4.37 -0.97 33.61
CA PHE B 249 5.27 0.01 34.18
C PHE B 249 6.06 0.75 33.12
N MET B 250 6.55 1.91 33.53
CA MET B 250 7.57 2.67 32.83
C MET B 250 8.76 2.81 33.78
N LEU B 251 9.96 2.62 33.25
CA LEU B 251 11.16 2.72 34.07
C LEU B 251 12.10 3.75 33.48
N LYS B 252 13.04 4.19 34.31
CA LYS B 252 14.15 5.02 33.85
C LYS B 252 15.46 4.40 34.34
N TYR B 253 16.39 4.21 33.43
CA TYR B 253 17.70 3.67 33.77
C TYR B 253 18.75 4.77 33.64
N ASP B 254 19.81 4.64 34.44
CA ASP B 254 20.86 5.65 34.46
C ASP B 254 21.89 5.34 33.37
N GLU B 255 23.05 5.99 33.49
CA GLU B 255 24.16 5.73 32.60
C GLU B 255 24.83 4.38 32.85
N ASN B 256 24.61 3.77 34.01
CA ASN B 256 25.23 2.49 34.34
C ASN B 256 24.21 1.37 34.53
N GLY B 257 22.98 1.56 34.05
CA GLY B 257 22.00 0.49 34.11
C GLY B 257 21.44 0.24 35.50
N THR B 258 20.93 1.28 36.14
CA THR B 258 20.37 1.16 37.48
C THR B 258 18.97 1.77 37.49
N ILE B 259 18.04 1.09 38.16
CA ILE B 259 16.67 1.55 38.25
C ILE B 259 16.62 2.83 39.07
N THR B 260 16.27 3.93 38.43
CA THR B 260 16.23 5.23 39.08
C THR B 260 14.82 5.74 39.35
N ASP B 261 13.88 5.49 38.45
CA ASP B 261 12.56 6.09 38.55
C ASP B 261 11.54 5.18 37.88
N ALA B 262 10.33 5.18 38.43
CA ALA B 262 9.30 4.27 37.99
C ALA B 262 7.95 4.98 38.05
N VAL B 263 7.06 4.60 37.14
CA VAL B 263 5.74 5.20 36.99
C VAL B 263 4.74 4.13 36.62
N ASP B 264 3.68 3.99 37.43
CA ASP B 264 2.52 3.20 37.04
C ASP B 264 1.86 3.81 35.82
N CYS B 265 1.63 2.99 34.81
CA CYS B 265 0.85 3.42 33.66
C CYS B 265 -0.65 3.28 33.88
N SER B 266 -1.10 3.04 35.12
CA SER B 266 -2.52 2.89 35.39
C SER B 266 -2.95 3.58 36.67
N GLN B 267 -2.12 4.45 37.25
CA GLN B 267 -2.43 5.01 38.55
C GLN B 267 -3.50 6.10 38.46
N ASN B 268 -3.20 7.19 37.78
CA ASN B 268 -4.10 8.33 37.64
C ASN B 268 -4.15 8.72 36.17
N PRO B 269 -5.07 9.62 35.78
CA PRO B 269 -5.01 10.18 34.43
C PRO B 269 -3.70 10.88 34.07
N LEU B 270 -2.98 11.42 35.06
CA LEU B 270 -1.68 12.03 34.77
C LEU B 270 -0.67 11.02 34.27
N ALA B 271 -0.46 9.95 35.04
CA ALA B 271 0.62 9.04 34.71
C ALA B 271 0.31 8.13 33.54
N GLU B 272 -0.91 8.17 32.99
CA GLU B 272 -1.11 7.60 31.69
C GLU B 272 -0.35 8.39 30.64
N LEU B 273 -0.34 9.71 30.77
CA LEU B 273 0.23 10.55 29.74
C LEU B 273 1.76 10.50 29.77
N LYS B 274 2.35 10.36 30.95
CA LYS B 274 3.79 10.16 31.02
C LYS B 274 4.19 8.82 30.42
N CYS B 275 3.31 7.83 30.50
CA CYS B 275 3.54 6.60 29.75
C CYS B 275 3.25 6.79 28.28
N SER B 276 2.36 7.73 27.93
CA SER B 276 1.99 7.94 26.54
C SER B 276 3.10 8.67 25.79
N VAL B 277 3.46 9.87 26.25
CA VAL B 277 4.47 10.66 25.57
C VAL B 277 5.86 10.07 25.79
N LYS B 278 6.00 9.21 26.80
CA LYS B 278 7.27 8.62 27.24
C LYS B 278 8.26 9.72 27.62
N SER B 279 7.88 10.48 28.64
CA SER B 279 8.69 11.52 29.23
C SER B 279 8.17 11.78 30.64
N PHE B 280 9.09 12.02 31.58
CA PHE B 280 8.64 12.45 32.90
C PHE B 280 8.20 13.90 32.89
N GLU B 281 8.85 14.75 32.09
CA GLU B 281 8.49 16.16 32.02
C GLU B 281 7.58 16.37 30.81
N ILE B 282 6.44 17.00 31.06
CA ILE B 282 5.42 17.23 30.04
C ILE B 282 5.01 18.69 30.07
N ASP B 283 5.09 19.34 28.92
CA ASP B 283 4.80 20.76 28.82
C ASP B 283 3.28 20.98 28.78
N LYS B 284 2.89 22.25 28.85
CA LYS B 284 1.47 22.60 28.90
C LYS B 284 0.82 22.46 27.54
N GLY B 285 -0.30 21.77 27.50
CA GLY B 285 -1.03 21.60 26.26
C GLY B 285 -2.06 20.50 26.42
N ILE B 286 -2.84 20.30 25.36
CA ILE B 286 -3.78 19.19 25.33
C ILE B 286 -3.13 18.05 24.56
N TYR B 287 -2.98 16.92 25.22
CA TYR B 287 -2.41 15.74 24.60
C TYR B 287 -3.48 14.67 24.53
N GLN B 288 -3.39 13.84 23.50
CA GLN B 288 -4.41 12.86 23.21
C GLN B 288 -3.84 11.46 23.37
N THR B 289 -4.49 10.65 24.19
CA THR B 289 -4.07 9.29 24.46
C THR B 289 -5.21 8.33 24.13
N SER B 290 -5.00 7.05 24.45
CA SER B 290 -5.82 5.96 23.96
C SER B 290 -7.24 6.03 24.49
N ASN B 291 -8.15 5.35 23.78
CA ASN B 291 -9.58 5.62 23.85
C ASN B 291 -10.19 5.06 25.14
N PHE B 292 -11.52 5.14 25.22
CA PHE B 292 -12.27 4.51 26.28
C PHE B 292 -13.41 3.70 25.66
N ARG B 293 -14.07 2.95 26.53
CA ARG B 293 -15.24 2.17 26.14
C ARG B 293 -16.05 1.87 27.39
N VAL B 294 -17.35 1.79 27.23
CA VAL B 294 -18.28 1.63 28.34
C VAL B 294 -18.68 0.16 28.41
N VAL B 295 -18.49 -0.44 29.58
CA VAL B 295 -18.78 -1.86 29.75
C VAL B 295 -20.29 -2.06 29.91
N PRO B 296 -20.90 -2.96 29.15
CA PRO B 296 -22.33 -3.22 29.34
C PRO B 296 -22.58 -3.92 30.65
N SER B 297 -23.80 -3.73 31.17
CA SER B 297 -24.23 -4.34 32.43
C SER B 297 -25.65 -4.81 32.24
N GLY B 298 -25.80 -6.05 31.81
CA GLY B 298 -27.11 -6.63 31.61
C GLY B 298 -27.12 -7.57 30.43
N ASP B 299 -28.09 -8.48 30.45
CA ASP B 299 -28.25 -9.47 29.40
C ASP B 299 -29.74 -9.58 29.11
N VAL B 300 -30.18 -9.00 27.99
CA VAL B 300 -31.58 -8.98 27.60
C VAL B 300 -31.77 -10.01 26.50
N VAL B 301 -32.48 -11.08 26.83
CA VAL B 301 -32.69 -12.19 25.92
C VAL B 301 -34.16 -12.17 25.52
N ARG B 302 -34.43 -12.05 24.22
CA ARG B 302 -35.81 -11.87 23.76
C ARG B 302 -36.16 -12.91 22.71
N PHE B 303 -37.39 -13.40 22.81
CA PHE B 303 -37.89 -14.47 21.96
C PHE B 303 -39.39 -14.30 21.85
N PRO B 304 -40.05 -15.00 20.89
CA PRO B 304 -41.51 -15.06 20.92
C PRO B 304 -42.07 -15.91 22.06
N ASN B 305 -43.38 -16.18 22.00
CA ASN B 305 -44.12 -16.75 23.11
C ASN B 305 -43.63 -18.14 23.50
N ILE B 306 -43.70 -18.40 24.81
CA ILE B 306 -43.03 -19.54 25.43
C ILE B 306 -43.74 -20.82 25.03
N THR B 307 -43.11 -21.60 24.17
CA THR B 307 -43.63 -22.91 23.83
C THR B 307 -43.00 -23.96 24.74
N ASN B 308 -43.23 -25.23 24.41
CA ASN B 308 -43.02 -26.34 25.33
C ASN B 308 -41.67 -27.01 25.16
N LEU B 309 -41.38 -27.90 26.10
CA LEU B 309 -40.16 -28.72 26.10
C LEU B 309 -40.59 -30.14 25.75
N CYS B 310 -40.38 -30.55 24.50
CA CYS B 310 -40.94 -31.83 24.10
C CYS B 310 -39.97 -32.71 23.33
N PRO B 311 -39.99 -34.01 23.55
CA PRO B 311 -39.08 -34.92 22.86
C PRO B 311 -39.53 -35.21 21.43
N PHE B 312 -38.59 -35.70 20.64
CA PHE B 312 -38.82 -36.05 19.24
C PHE B 312 -38.13 -37.36 18.88
N GLY B 313 -38.41 -38.40 19.67
CA GLY B 313 -37.89 -39.72 19.37
C GLY B 313 -38.36 -40.27 18.04
N GLU B 314 -39.65 -40.12 17.74
CA GLU B 314 -40.23 -40.56 16.46
C GLU B 314 -39.89 -39.63 15.30
N VAL B 315 -39.16 -38.55 15.57
CA VAL B 315 -38.81 -37.56 14.55
C VAL B 315 -37.29 -37.51 14.34
N PHE B 316 -36.49 -37.95 15.31
CA PHE B 316 -35.04 -38.04 15.21
C PHE B 316 -34.49 -39.46 15.16
N ASN B 317 -35.11 -40.40 15.87
CA ASN B 317 -34.60 -41.76 15.98
C ASN B 317 -35.73 -42.76 15.76
N ALA B 318 -36.52 -42.55 14.71
CA ALA B 318 -37.72 -43.32 14.50
C ALA B 318 -37.40 -44.71 13.97
N THR B 319 -38.46 -45.50 13.75
CA THR B 319 -38.31 -46.92 13.47
C THR B 319 -37.86 -47.18 12.04
N LYS B 320 -38.51 -46.54 11.06
CA LYS B 320 -38.17 -46.74 9.65
C LYS B 320 -38.10 -45.41 8.94
N PHE B 321 -37.06 -45.23 8.11
CA PHE B 321 -36.82 -44.02 7.34
C PHE B 321 -36.95 -44.28 5.84
N PRO B 322 -37.50 -43.33 5.07
CA PRO B 322 -37.65 -43.53 3.62
C PRO B 322 -36.35 -43.43 2.82
N SER B 323 -36.46 -43.38 1.51
CA SER B 323 -35.30 -43.37 0.62
C SER B 323 -34.68 -41.98 0.55
N VAL B 324 -33.69 -41.82 -0.35
CA VAL B 324 -32.89 -40.59 -0.42
C VAL B 324 -33.43 -39.63 -1.50
N TYR B 325 -34.17 -40.13 -2.48
CA TYR B 325 -34.94 -39.24 -3.34
C TYR B 325 -36.27 -38.84 -2.72
N ALA B 326 -36.59 -39.33 -1.51
CA ALA B 326 -37.88 -39.17 -0.87
C ALA B 326 -37.72 -38.79 0.60
N TRP B 327 -36.95 -37.74 0.88
CA TRP B 327 -36.80 -37.27 2.26
C TRP B 327 -38.13 -36.71 2.73
N GLU B 328 -38.69 -37.31 3.79
CA GLU B 328 -39.96 -36.82 4.31
C GLU B 328 -39.74 -35.60 5.18
N ARG B 329 -40.62 -34.62 5.04
CA ARG B 329 -40.46 -33.30 5.66
C ARG B 329 -40.89 -33.33 7.12
N LYS B 330 -40.07 -33.98 7.93
CA LYS B 330 -40.24 -33.91 9.37
C LYS B 330 -39.66 -32.59 9.88
N LYS B 331 -40.46 -31.84 10.61
CA LYS B 331 -40.07 -30.50 11.07
C LYS B 331 -40.05 -30.44 12.58
N ILE B 332 -39.37 -29.41 13.09
CA ILE B 332 -39.42 -29.05 14.51
C ILE B 332 -39.90 -27.62 14.57
N SER B 333 -41.11 -27.43 15.10
CA SER B 333 -41.67 -26.10 15.26
C SER B 333 -42.48 -26.08 16.55
N ASN B 334 -42.39 -24.95 17.26
CA ASN B 334 -43.04 -24.72 18.56
C ASN B 334 -42.66 -25.81 19.58
N CYS B 335 -41.35 -25.93 19.81
CA CYS B 335 -40.84 -26.72 20.91
C CYS B 335 -39.44 -26.20 21.27
N VAL B 336 -39.25 -25.85 22.54
CA VAL B 336 -38.00 -25.29 23.04
C VAL B 336 -36.92 -26.37 23.02
N ALA B 337 -35.87 -26.15 22.24
CA ALA B 337 -34.88 -27.20 22.03
C ALA B 337 -33.57 -26.64 21.47
N ASP B 338 -32.46 -27.21 21.96
CA ASP B 338 -31.18 -27.20 21.26
C ASP B 338 -30.67 -28.60 20.94
N TYR B 339 -31.26 -29.63 21.56
CA TYR B 339 -30.84 -31.03 21.48
C TYR B 339 -29.37 -31.21 21.84
N SER B 340 -28.98 -30.56 22.94
CA SER B 340 -27.65 -30.75 23.50
C SER B 340 -27.50 -32.13 24.10
N VAL B 341 -28.54 -32.61 24.79
CA VAL B 341 -28.51 -33.96 25.33
C VAL B 341 -28.59 -35.01 24.23
N LEU B 342 -29.17 -34.67 23.08
CA LEU B 342 -29.05 -35.55 21.92
C LEU B 342 -27.65 -35.48 21.34
N TYR B 343 -27.05 -34.28 21.38
CA TYR B 343 -25.64 -34.13 21.05
C TYR B 343 -24.74 -34.76 22.10
N ASN B 344 -25.22 -34.96 23.33
CA ASN B 344 -24.47 -35.61 24.40
C ASN B 344 -24.56 -37.14 24.29
N SER B 345 -24.03 -37.67 23.18
CA SER B 345 -24.11 -39.11 22.93
C SER B 345 -23.05 -39.51 21.92
N THR B 346 -22.49 -40.71 22.10
CA THR B 346 -21.61 -41.33 21.12
C THR B 346 -22.22 -42.58 20.49
N PHE B 347 -23.53 -42.75 20.60
CA PHE B 347 -24.22 -43.75 19.80
C PHE B 347 -24.34 -43.34 18.34
N PHE B 348 -24.19 -42.04 18.06
CA PHE B 348 -24.24 -41.52 16.71
C PHE B 348 -22.84 -41.57 16.09
N SER B 349 -22.70 -41.04 14.88
CA SER B 349 -21.44 -41.22 14.17
C SER B 349 -20.84 -39.93 13.63
N THR B 350 -21.68 -38.96 13.25
CA THR B 350 -21.20 -37.83 12.47
C THR B 350 -21.28 -36.49 13.21
N PHE B 351 -22.48 -36.06 13.61
CA PHE B 351 -22.75 -34.72 14.16
C PHE B 351 -22.17 -33.59 13.30
N LYS B 352 -22.20 -33.77 11.98
CA LYS B 352 -21.59 -32.82 11.07
C LYS B 352 -22.58 -31.71 10.74
N CYS B 353 -22.26 -30.49 11.14
CA CYS B 353 -23.13 -29.34 10.95
C CYS B 353 -22.41 -28.33 10.07
N TYR B 354 -23.16 -27.69 9.17
CA TYR B 354 -22.54 -26.79 8.19
C TYR B 354 -23.30 -25.49 8.05
N ALA B 358 -19.73 -26.88 21.46
CA ALA B 358 -18.95 -26.33 20.35
C ALA B 358 -19.67 -25.15 19.72
N THR B 359 -19.23 -24.76 18.52
CA THR B 359 -19.80 -23.62 17.82
C THR B 359 -21.05 -23.99 17.02
N LYS B 360 -21.33 -25.26 16.85
CA LYS B 360 -22.41 -25.71 15.98
C LYS B 360 -23.68 -26.07 16.75
N LEU B 361 -23.67 -25.86 18.07
CA LEU B 361 -24.88 -25.65 18.84
C LEU B 361 -25.03 -24.19 19.24
N ASN B 362 -24.07 -23.34 18.89
CA ASN B 362 -24.18 -21.90 19.03
C ASN B 362 -24.79 -21.24 17.80
N ASP B 363 -24.72 -21.91 16.65
CA ASP B 363 -25.30 -21.41 15.41
C ASP B 363 -26.72 -21.92 15.18
N LEU B 364 -27.17 -22.91 15.96
CA LEU B 364 -28.51 -23.48 15.83
C LEU B 364 -29.51 -22.49 16.44
N CYS B 365 -29.79 -21.42 15.68
CA CYS B 365 -30.82 -20.45 16.04
C CYS B 365 -31.31 -19.81 14.74
N PHE B 366 -32.42 -20.31 14.21
CA PHE B 366 -32.94 -19.90 12.91
C PHE B 366 -34.46 -20.09 12.92
N SER B 367 -35.04 -20.17 11.72
CA SER B 367 -36.44 -20.49 11.50
C SER B 367 -36.70 -21.98 11.70
N ASN B 368 -37.83 -22.48 11.18
CA ASN B 368 -38.27 -23.85 11.39
C ASN B 368 -37.25 -24.91 10.95
N VAL B 369 -36.65 -25.58 11.93
CA VAL B 369 -35.57 -26.54 11.72
C VAL B 369 -36.19 -27.90 11.44
N TYR B 370 -35.68 -28.59 10.42
CA TYR B 370 -36.30 -29.82 9.97
C TYR B 370 -35.58 -31.05 10.53
N ALA B 371 -36.14 -32.21 10.23
CA ALA B 371 -35.60 -33.48 10.66
C ALA B 371 -35.67 -34.49 9.52
N ASP B 372 -35.14 -34.09 8.36
CA ASP B 372 -35.21 -34.91 7.14
C ASP B 372 -34.52 -36.24 7.33
N SER B 373 -35.31 -37.31 7.36
CA SER B 373 -34.87 -38.63 7.76
C SER B 373 -34.96 -39.58 6.57
N PHE B 374 -33.94 -40.41 6.43
CA PHE B 374 -33.74 -41.22 5.22
C PHE B 374 -32.66 -42.27 5.50
N VAL B 375 -32.71 -43.36 4.73
CA VAL B 375 -31.76 -44.46 4.85
C VAL B 375 -30.77 -44.36 3.71
N VAL B 376 -29.49 -44.20 4.06
CA VAL B 376 -28.42 -44.04 3.08
C VAL B 376 -27.51 -45.26 3.11
N LYS B 377 -26.62 -45.31 2.13
CA LYS B 377 -25.48 -46.22 2.14
C LYS B 377 -24.33 -45.57 2.90
N GLY B 378 -23.35 -46.38 3.29
CA GLY B 378 -22.14 -45.84 3.88
C GLY B 378 -21.31 -45.04 2.89
N ASP B 379 -21.48 -45.31 1.59
CA ASP B 379 -20.96 -44.44 0.55
C ASP B 379 -21.82 -43.19 0.35
N ASP B 380 -23.06 -43.20 0.84
CA ASP B 380 -23.94 -42.05 0.71
C ASP B 380 -23.96 -41.16 1.95
N VAL B 381 -23.44 -41.65 3.09
CA VAL B 381 -23.23 -40.79 4.26
C VAL B 381 -22.26 -39.67 3.93
N ARG B 382 -21.23 -40.00 3.14
CA ARG B 382 -20.25 -39.01 2.68
C ARG B 382 -20.90 -37.95 1.80
N GLN B 383 -21.97 -38.28 1.08
CA GLN B 383 -22.62 -37.35 0.18
C GLN B 383 -23.83 -36.65 0.79
N ILE B 384 -24.03 -36.75 2.10
CA ILE B 384 -25.00 -35.90 2.81
C ILE B 384 -24.19 -34.75 3.42
N ALA B 385 -24.02 -33.70 2.61
CA ALA B 385 -23.21 -32.53 2.90
C ALA B 385 -23.57 -31.46 1.88
N PRO B 386 -23.43 -30.17 2.19
CA PRO B 386 -23.73 -29.13 1.20
C PRO B 386 -22.81 -29.19 -0.01
N GLY B 387 -23.42 -29.37 -1.19
CA GLY B 387 -22.68 -29.70 -2.39
C GLY B 387 -22.87 -31.16 -2.75
N GLN B 388 -21.74 -31.88 -2.91
CA GLN B 388 -21.70 -33.33 -3.14
C GLN B 388 -22.42 -33.73 -4.44
N THR B 389 -22.11 -33.01 -5.52
CA THR B 389 -22.82 -33.14 -6.80
C THR B 389 -22.35 -34.39 -7.55
N GLY B 390 -22.67 -35.54 -6.98
CA GLY B 390 -22.49 -36.83 -7.62
C GLY B 390 -23.82 -37.50 -7.89
N VAL B 391 -24.18 -38.41 -7.00
CA VAL B 391 -25.41 -39.17 -7.11
C VAL B 391 -26.53 -38.59 -6.25
N ILE B 392 -26.22 -38.26 -4.99
CA ILE B 392 -27.26 -37.85 -4.04
C ILE B 392 -27.77 -36.46 -4.37
N ALA B 393 -26.88 -35.52 -4.71
CA ALA B 393 -27.29 -34.13 -4.90
C ALA B 393 -28.10 -33.95 -6.16
N ASP B 394 -27.49 -34.22 -7.33
CA ASP B 394 -28.11 -33.86 -8.60
C ASP B 394 -29.30 -34.73 -8.94
N TYR B 395 -29.43 -35.90 -8.32
CA TYR B 395 -30.50 -36.83 -8.65
C TYR B 395 -31.45 -37.05 -7.49
N ASN B 396 -30.95 -37.47 -6.32
CA ASN B 396 -31.83 -37.76 -5.19
C ASN B 396 -32.33 -36.47 -4.53
N TYR B 397 -31.41 -35.68 -3.98
CA TYR B 397 -31.80 -34.47 -3.26
C TYR B 397 -30.60 -33.55 -3.18
N LYS B 398 -30.73 -32.34 -3.74
CA LYS B 398 -29.65 -31.37 -3.74
C LYS B 398 -29.71 -30.49 -2.50
N LEU B 399 -28.52 -30.12 -1.99
CA LEU B 399 -28.35 -29.30 -0.81
C LEU B 399 -27.63 -28.02 -1.22
N PRO B 400 -28.09 -26.85 -0.78
CA PRO B 400 -27.35 -25.62 -1.05
C PRO B 400 -26.16 -25.49 -0.11
N ASP B 401 -25.19 -24.65 -0.52
CA ASP B 401 -23.88 -24.62 0.11
C ASP B 401 -23.63 -23.39 0.97
N ASP B 402 -24.67 -22.76 1.50
CA ASP B 402 -24.48 -21.68 2.48
C ASP B 402 -25.25 -21.90 3.78
N PHE B 403 -26.50 -22.38 3.71
CA PHE B 403 -27.37 -22.55 4.88
C PHE B 403 -27.75 -24.02 5.03
N MET B 404 -27.28 -24.64 6.12
CA MET B 404 -27.63 -26.02 6.43
C MET B 404 -27.30 -26.28 7.89
N GLY B 405 -28.07 -27.19 8.51
CA GLY B 405 -27.80 -27.62 9.86
C GLY B 405 -26.97 -28.88 9.95
N CYS B 406 -27.40 -29.83 10.78
CA CYS B 406 -26.54 -30.93 11.21
C CYS B 406 -26.86 -32.24 10.50
N VAL B 407 -25.93 -33.17 10.62
CA VAL B 407 -26.05 -34.53 10.08
C VAL B 407 -26.06 -35.48 11.27
N LEU B 408 -27.20 -36.15 11.47
CA LEU B 408 -27.43 -36.98 12.65
C LEU B 408 -27.47 -38.45 12.19
N ALA B 409 -26.31 -39.08 12.14
CA ALA B 409 -26.16 -40.45 11.64
C ALA B 409 -25.70 -41.37 12.75
N TRP B 410 -26.31 -42.56 12.86
CA TRP B 410 -25.93 -43.54 13.87
C TRP B 410 -25.90 -44.93 13.25
N ASN B 411 -25.57 -45.91 14.10
CA ASN B 411 -25.30 -47.27 13.70
C ASN B 411 -26.62 -48.05 13.56
N THR B 412 -26.93 -48.50 12.35
CA THR B 412 -28.11 -49.33 12.08
C THR B 412 -27.72 -50.57 11.30
N ARG B 413 -26.67 -51.26 11.76
CA ARG B 413 -26.26 -52.51 11.14
C ARG B 413 -27.27 -53.62 11.40
N ASN B 414 -27.72 -53.75 12.65
CA ASN B 414 -28.66 -54.79 13.02
C ASN B 414 -30.10 -54.47 12.66
N ILE B 415 -30.38 -53.25 12.21
CA ILE B 415 -31.76 -52.80 11.97
C ILE B 415 -32.12 -52.88 10.49
N ASP B 416 -31.32 -52.28 9.63
CA ASP B 416 -31.71 -52.13 8.23
C ASP B 416 -31.12 -53.18 7.30
N ALA B 417 -30.01 -53.80 7.68
CA ALA B 417 -29.31 -54.71 6.78
C ALA B 417 -29.63 -56.17 7.08
N THR B 418 -29.26 -57.01 6.11
CA THR B 418 -29.28 -58.46 6.23
C THR B 418 -28.03 -58.95 5.50
N SER B 419 -27.46 -60.07 5.96
CA SER B 419 -26.14 -60.51 5.49
C SER B 419 -26.11 -60.90 4.02
N THR B 420 -27.27 -61.19 3.41
CA THR B 420 -27.33 -61.53 1.99
C THR B 420 -27.86 -60.40 1.12
N GLY B 421 -28.45 -59.35 1.71
CA GLY B 421 -28.84 -58.20 0.92
C GLY B 421 -30.13 -57.52 1.31
N ASN B 422 -30.10 -56.20 1.44
CA ASN B 422 -31.31 -55.39 1.64
C ASN B 422 -31.67 -54.81 0.28
N TYR B 423 -32.52 -55.54 -0.45
CA TYR B 423 -32.97 -55.14 -1.78
C TYR B 423 -34.23 -54.28 -1.75
N ASN B 424 -34.57 -53.71 -0.59
CA ASN B 424 -35.88 -53.09 -0.42
C ASN B 424 -35.90 -51.59 -0.69
N TYR B 425 -34.76 -50.91 -0.53
CA TYR B 425 -34.70 -49.45 -0.64
C TYR B 425 -33.77 -49.06 -1.80
N LYS B 426 -34.09 -47.95 -2.47
CA LYS B 426 -33.47 -47.60 -3.74
C LYS B 426 -33.16 -46.11 -3.80
N TYR B 427 -32.36 -45.72 -4.80
CA TYR B 427 -32.00 -44.32 -5.03
C TYR B 427 -32.25 -43.95 -6.48
N ARG B 428 -32.40 -42.65 -6.72
CA ARG B 428 -32.44 -42.13 -8.07
C ARG B 428 -31.04 -41.89 -8.61
N TYR B 429 -30.77 -42.41 -9.80
CA TYR B 429 -29.63 -41.96 -10.59
C TYR B 429 -30.07 -41.39 -11.94
N LEU B 430 -31.37 -41.17 -12.13
CA LEU B 430 -31.94 -40.98 -13.45
C LEU B 430 -32.87 -39.77 -13.40
N ARG B 431 -32.49 -38.69 -14.10
CA ARG B 431 -33.35 -37.52 -14.23
C ARG B 431 -33.03 -36.81 -15.52
N HIS B 432 -34.07 -36.35 -16.22
CA HIS B 432 -33.89 -35.39 -17.31
C HIS B 432 -33.46 -34.07 -16.68
N GLY B 433 -32.17 -33.80 -16.71
CA GLY B 433 -31.63 -32.66 -16.02
C GLY B 433 -31.24 -33.00 -14.61
N LYS B 434 -30.96 -31.94 -13.85
CA LYS B 434 -30.51 -32.06 -12.47
C LYS B 434 -31.42 -31.20 -11.60
N LEU B 435 -31.19 -31.28 -10.29
CA LEU B 435 -32.08 -30.65 -9.32
C LEU B 435 -31.60 -29.24 -8.98
N ARG B 436 -32.55 -28.43 -8.51
CA ARG B 436 -32.24 -27.23 -7.76
C ARG B 436 -31.95 -27.65 -6.32
N PRO B 437 -31.31 -26.78 -5.52
CA PRO B 437 -31.11 -27.13 -4.10
C PRO B 437 -32.41 -27.22 -3.33
N PHE B 438 -32.47 -28.17 -2.40
CA PHE B 438 -33.63 -28.44 -1.53
C PHE B 438 -34.87 -28.79 -2.36
N GLU B 439 -34.80 -29.96 -2.99
CA GLU B 439 -35.82 -30.37 -3.96
C GLU B 439 -36.03 -31.88 -3.93
N ARG B 440 -37.25 -32.32 -3.61
CA ARG B 440 -37.58 -33.74 -3.72
C ARG B 440 -37.91 -34.09 -5.17
N ASP B 441 -37.76 -35.38 -5.49
CA ASP B 441 -38.14 -35.92 -6.79
C ASP B 441 -38.39 -37.41 -6.62
N ILE B 442 -39.64 -37.83 -6.73
CA ILE B 442 -40.00 -39.24 -6.58
C ILE B 442 -40.71 -39.74 -7.83
N SER B 443 -40.39 -39.13 -8.97
CA SER B 443 -40.99 -39.47 -10.26
C SER B 443 -40.66 -40.90 -10.67
N ASN B 444 -41.70 -41.71 -10.82
CA ASN B 444 -41.62 -43.04 -11.42
C ASN B 444 -41.89 -42.98 -12.92
N VAL B 445 -41.18 -42.09 -13.60
CA VAL B 445 -41.21 -41.96 -15.05
C VAL B 445 -39.83 -42.35 -15.56
N PRO B 446 -39.72 -43.20 -16.59
CA PRO B 446 -38.40 -43.55 -17.11
C PRO B 446 -37.76 -42.38 -17.86
N PHE B 447 -36.54 -42.04 -17.44
CA PHE B 447 -35.77 -40.91 -17.95
C PHE B 447 -34.48 -41.42 -18.62
N SER B 448 -33.59 -40.48 -18.94
CA SER B 448 -32.25 -40.66 -19.48
C SER B 448 -31.21 -40.18 -18.48
N PRO B 449 -30.04 -40.82 -18.40
CA PRO B 449 -29.07 -40.46 -17.35
C PRO B 449 -28.35 -39.14 -17.57
N ASP B 450 -28.39 -38.55 -18.77
CA ASP B 450 -27.77 -37.26 -18.99
C ASP B 450 -28.73 -36.24 -19.61
N GLY B 451 -30.02 -36.34 -19.27
CA GLY B 451 -30.96 -35.30 -19.59
C GLY B 451 -31.54 -35.33 -20.99
N LYS B 452 -31.66 -36.49 -21.59
CA LYS B 452 -32.12 -36.61 -22.96
C LYS B 452 -33.60 -36.94 -22.99
N PRO B 453 -34.40 -36.25 -23.82
CA PRO B 453 -35.87 -36.45 -23.79
C PRO B 453 -36.27 -37.84 -24.29
N CYS B 454 -37.04 -38.55 -23.48
CA CYS B 454 -37.36 -39.96 -23.70
C CYS B 454 -38.87 -40.16 -23.72
N THR B 455 -39.39 -40.60 -24.87
CA THR B 455 -40.68 -41.28 -24.92
C THR B 455 -40.38 -42.76 -25.06
N PRO B 456 -40.51 -43.55 -23.98
CA PRO B 456 -40.11 -44.96 -24.06
C PRO B 456 -41.11 -45.76 -24.86
N PRO B 457 -40.67 -46.84 -25.52
CA PRO B 457 -39.30 -47.40 -25.61
C PRO B 457 -38.35 -46.64 -26.55
N ALA B 458 -37.34 -46.01 -25.96
CA ALA B 458 -36.37 -45.21 -26.71
C ALA B 458 -34.97 -45.59 -26.23
N LEU B 459 -33.97 -44.85 -26.69
CA LEU B 459 -32.59 -45.15 -26.36
C LEU B 459 -32.24 -44.59 -24.97
N ASN B 460 -31.53 -45.42 -24.18
CA ASN B 460 -31.02 -45.06 -22.85
C ASN B 460 -32.15 -44.71 -21.88
N CYS B 461 -33.19 -45.54 -21.85
CA CYS B 461 -34.35 -45.30 -21.00
C CYS B 461 -34.53 -46.51 -20.08
N TYR B 462 -34.28 -46.30 -18.79
CA TYR B 462 -34.24 -47.38 -17.80
C TYR B 462 -35.19 -47.12 -16.63
N TRP B 463 -35.09 -47.95 -15.60
CA TRP B 463 -35.74 -47.66 -14.32
C TRP B 463 -35.14 -46.40 -13.71
N PRO B 464 -35.95 -45.57 -13.04
CA PRO B 464 -35.38 -44.43 -12.30
C PRO B 464 -34.59 -44.83 -11.08
N LEU B 465 -34.74 -46.07 -10.60
CA LEU B 465 -34.30 -46.47 -9.28
C LEU B 465 -33.25 -47.58 -9.38
N ASN B 466 -32.30 -47.57 -8.44
CA ASN B 466 -31.20 -48.52 -8.40
C ASN B 466 -30.98 -49.00 -6.98
N ASP B 467 -30.46 -50.22 -6.85
CA ASP B 467 -30.40 -50.95 -5.59
C ASP B 467 -29.40 -50.32 -4.60
N TYR B 468 -29.53 -50.71 -3.34
CA TYR B 468 -28.54 -50.42 -2.30
C TYR B 468 -27.69 -51.64 -1.98
N GLY B 469 -28.33 -52.74 -1.59
CA GLY B 469 -27.63 -53.97 -1.29
C GLY B 469 -26.84 -53.94 0.01
N PHE B 470 -27.52 -53.74 1.13
CA PHE B 470 -26.83 -53.66 2.42
C PHE B 470 -26.50 -55.05 2.93
N TYR B 471 -25.29 -55.21 3.44
CA TYR B 471 -24.89 -56.44 4.13
C TYR B 471 -24.54 -56.10 5.57
N THR B 472 -24.61 -57.12 6.43
CA THR B 472 -23.97 -57.07 7.74
C THR B 472 -22.57 -57.66 7.72
N THR B 473 -22.16 -58.24 6.59
CA THR B 473 -20.84 -58.82 6.42
C THR B 473 -20.03 -58.04 5.39
N THR B 474 -20.13 -56.71 5.45
CA THR B 474 -19.43 -55.82 4.53
C THR B 474 -18.71 -54.74 5.33
N GLY B 475 -18.04 -53.85 4.60
CA GLY B 475 -17.39 -52.71 5.20
C GLY B 475 -18.38 -51.60 5.53
N ILE B 476 -17.82 -50.49 6.04
CA ILE B 476 -18.63 -49.37 6.50
C ILE B 476 -19.30 -48.66 5.32
N GLY B 477 -18.68 -48.69 4.15
CA GLY B 477 -19.23 -48.04 2.96
C GLY B 477 -20.49 -48.68 2.42
N TYR B 478 -20.79 -49.92 2.81
CA TYR B 478 -22.05 -50.55 2.46
C TYR B 478 -22.85 -50.97 3.70
N GLN B 479 -22.50 -50.41 4.87
CA GLN B 479 -23.38 -50.47 6.04
C GLN B 479 -24.49 -49.44 5.90
N PRO B 480 -25.69 -49.74 6.38
CA PRO B 480 -26.76 -48.73 6.38
C PRO B 480 -26.73 -47.85 7.62
N TYR B 481 -26.71 -46.54 7.40
CA TYR B 481 -26.89 -45.57 8.46
C TYR B 481 -28.20 -44.82 8.24
N ARG B 482 -28.58 -44.04 9.24
CA ARG B 482 -29.80 -43.25 9.20
C ARG B 482 -29.47 -41.81 9.56
N VAL B 483 -29.57 -40.92 8.57
CA VAL B 483 -29.13 -39.53 8.69
C VAL B 483 -30.34 -38.64 8.85
N VAL B 484 -30.32 -37.81 9.89
CA VAL B 484 -31.35 -36.80 10.12
C VAL B 484 -30.75 -35.42 9.86
N VAL B 485 -31.30 -34.71 8.87
CA VAL B 485 -30.81 -33.40 8.46
C VAL B 485 -31.59 -32.33 9.21
N LEU B 486 -30.88 -31.38 9.82
CA LEU B 486 -31.52 -30.20 10.40
C LEU B 486 -31.64 -29.11 9.34
N SER B 487 -32.54 -29.37 8.38
CA SER B 487 -32.68 -28.50 7.21
C SER B 487 -33.31 -27.17 7.60
N PHE B 488 -32.58 -26.08 7.38
CA PHE B 488 -33.01 -24.74 7.79
C PHE B 488 -33.88 -24.09 6.70
N GLU B 489 -35.02 -24.73 6.42
CA GLU B 489 -36.01 -24.16 5.50
C GLU B 489 -37.41 -24.51 5.96
N THR B 496 -39.35 -21.34 16.00
CA THR B 496 -37.98 -20.98 16.36
C THR B 496 -37.33 -22.08 17.19
N VAL B 497 -36.15 -22.51 16.76
CA VAL B 497 -35.38 -23.53 17.47
C VAL B 497 -34.07 -22.85 17.87
N CYS B 498 -34.02 -22.30 19.08
CA CYS B 498 -32.88 -21.50 19.53
C CYS B 498 -32.52 -21.83 20.98
N GLY B 499 -32.57 -23.10 21.35
CA GLY B 499 -32.15 -23.53 22.66
C GLY B 499 -33.08 -23.08 23.75
N PRO B 500 -32.53 -22.86 24.95
CA PRO B 500 -33.36 -22.42 26.08
C PRO B 500 -33.84 -20.99 25.91
N LYS B 501 -34.93 -20.82 25.17
CA LYS B 501 -35.49 -19.51 24.86
C LYS B 501 -36.01 -18.87 26.14
N LEU B 502 -35.23 -17.91 26.66
CA LEU B 502 -35.56 -17.20 27.89
C LEU B 502 -36.12 -15.85 27.50
N SER B 503 -37.43 -15.65 27.70
CA SER B 503 -38.08 -14.37 27.45
C SER B 503 -37.80 -13.45 28.64
N THR B 504 -36.59 -12.90 28.68
CA THR B 504 -36.22 -12.00 29.75
C THR B 504 -36.86 -10.63 29.55
N ASP B 505 -36.69 -9.77 30.54
CA ASP B 505 -37.25 -8.43 30.47
C ASP B 505 -36.32 -7.51 29.68
N LEU B 506 -36.90 -6.49 29.07
CA LEU B 506 -36.17 -5.48 28.33
C LEU B 506 -35.59 -4.47 29.31
N ILE B 507 -34.30 -4.60 29.61
CA ILE B 507 -33.62 -3.62 30.46
C ILE B 507 -33.25 -2.44 29.58
N LYS B 508 -34.12 -1.45 29.53
CA LYS B 508 -33.97 -0.37 28.57
C LYS B 508 -33.18 0.79 29.19
N ASN B 509 -32.81 1.73 28.32
CA ASN B 509 -32.08 2.96 28.66
C ASN B 509 -30.74 2.69 29.33
N GLN B 510 -30.14 1.55 29.02
CA GLN B 510 -28.90 1.15 29.66
C GLN B 510 -28.19 0.13 28.77
N CYS B 511 -26.86 0.23 28.74
CA CYS B 511 -26.02 -0.61 27.89
C CYS B 511 -26.08 -2.05 28.36
N VAL B 512 -26.73 -2.90 27.57
CA VAL B 512 -26.85 -4.32 27.88
C VAL B 512 -26.21 -5.11 26.75
N ASN B 513 -26.01 -6.40 27.00
CA ASN B 513 -25.63 -7.35 25.97
C ASN B 513 -26.92 -8.05 25.57
N PHE B 514 -27.52 -7.61 24.48
CA PHE B 514 -28.79 -8.21 24.10
C PHE B 514 -28.59 -9.44 23.22
N ASN B 515 -29.63 -10.26 23.15
CA ASN B 515 -29.61 -11.44 22.29
C ASN B 515 -31.05 -11.70 21.87
N PHE B 516 -31.41 -11.20 20.70
CA PHE B 516 -32.79 -11.22 20.24
C PHE B 516 -33.01 -12.46 19.38
N ASN B 517 -34.11 -12.48 18.62
CA ASN B 517 -34.45 -13.60 17.75
C ASN B 517 -33.50 -13.60 16.56
N GLY B 518 -32.29 -14.13 16.80
CA GLY B 518 -31.25 -14.10 15.80
C GLY B 518 -30.71 -12.72 15.50
N LEU B 519 -30.79 -11.81 16.47
CA LEU B 519 -30.37 -10.41 16.31
C LEU B 519 -29.50 -10.07 17.52
N THR B 520 -28.19 -10.27 17.38
CA THR B 520 -27.27 -10.20 18.50
C THR B 520 -26.57 -8.84 18.55
N GLY B 521 -25.70 -8.68 19.52
CA GLY B 521 -24.93 -7.48 19.72
C GLY B 521 -25.13 -6.91 21.11
N THR B 522 -24.44 -5.81 21.38
CA THR B 522 -24.63 -5.02 22.57
C THR B 522 -25.13 -3.63 22.18
N GLY B 523 -25.90 -3.02 23.07
CA GLY B 523 -26.44 -1.72 22.74
C GLY B 523 -27.27 -1.15 23.86
N VAL B 524 -27.92 -0.03 23.56
CA VAL B 524 -28.77 0.69 24.50
C VAL B 524 -30.19 0.63 23.96
N LEU B 525 -31.06 -0.11 24.65
CA LEU B 525 -32.43 -0.30 24.19
C LEU B 525 -33.29 0.90 24.56
N THR B 526 -34.00 1.45 23.58
CA THR B 526 -34.95 2.52 23.75
C THR B 526 -35.94 2.43 22.60
N PRO B 527 -37.21 2.73 22.81
CA PRO B 527 -38.21 2.57 21.75
C PRO B 527 -38.24 3.75 20.80
N SER B 528 -38.95 3.55 19.69
CA SER B 528 -39.24 4.62 18.74
C SER B 528 -40.47 4.23 17.93
N SER B 529 -40.84 5.12 17.01
CA SER B 529 -42.03 4.97 16.18
C SER B 529 -41.67 4.99 14.70
N LYS B 530 -40.52 4.41 14.35
CA LYS B 530 -40.23 4.16 12.94
C LYS B 530 -41.07 2.98 12.50
N ARG B 531 -42.05 3.25 11.65
CA ARG B 531 -43.22 2.39 11.51
C ARG B 531 -42.87 1.16 10.69
N PHE B 532 -42.60 0.08 11.40
CA PHE B 532 -42.25 -1.19 10.77
C PHE B 532 -43.47 -1.77 10.08
N GLN B 533 -43.37 -1.97 8.78
CA GLN B 533 -44.42 -2.61 8.02
C GLN B 533 -44.52 -4.07 8.47
N PRO B 534 -45.74 -4.64 8.57
CA PRO B 534 -45.96 -5.83 9.42
C PRO B 534 -45.29 -7.14 9.00
N PHE B 535 -44.48 -7.11 7.94
CA PHE B 535 -43.61 -8.22 7.60
C PHE B 535 -42.20 -8.04 8.12
N GLN B 536 -41.79 -6.80 8.43
CA GLN B 536 -40.42 -6.47 8.78
C GLN B 536 -40.11 -6.91 10.21
N GLN B 537 -39.11 -7.79 10.36
CA GLN B 537 -38.67 -8.15 11.70
C GLN B 537 -37.94 -7.02 12.39
N PHE B 538 -37.26 -6.16 11.63
CA PHE B 538 -36.35 -5.19 12.22
C PHE B 538 -36.11 -4.09 11.19
N GLY B 539 -35.12 -3.24 11.47
CA GLY B 539 -34.67 -2.27 10.53
C GLY B 539 -33.16 -2.22 10.48
N ARG B 540 -32.65 -1.64 9.40
CA ARG B 540 -31.21 -1.43 9.23
C ARG B 540 -30.96 0.02 8.82
N ASP B 541 -29.84 0.56 9.31
CA ASP B 541 -29.32 1.87 8.92
C ASP B 541 -28.96 1.88 7.43
N VAL B 542 -28.68 3.09 6.92
CA VAL B 542 -28.17 3.27 5.57
C VAL B 542 -26.77 2.67 5.40
N SER B 543 -26.05 2.43 6.48
CA SER B 543 -24.81 1.69 6.45
C SER B 543 -25.09 0.24 6.84
N ASP B 544 -24.03 -0.54 7.01
CA ASP B 544 -24.17 -1.98 7.22
C ASP B 544 -24.32 -2.31 8.71
N PHE B 545 -25.37 -1.72 9.29
CA PHE B 545 -25.52 -1.58 10.74
C PHE B 545 -26.99 -1.76 11.08
N THR B 546 -27.30 -2.76 11.90
CA THR B 546 -28.68 -2.92 12.33
C THR B 546 -29.01 -1.85 13.36
N ASP B 547 -29.98 -0.99 13.05
CA ASP B 547 -30.25 0.19 13.86
C ASP B 547 -31.52 0.09 14.70
N SER B 548 -32.41 -0.84 14.39
CA SER B 548 -33.70 -0.88 15.02
C SER B 548 -34.30 -2.27 14.86
N VAL B 549 -35.05 -2.70 15.86
CA VAL B 549 -35.69 -4.01 15.87
C VAL B 549 -37.12 -3.90 16.37
N ARG B 550 -37.92 -4.89 15.99
CA ARG B 550 -39.25 -5.11 16.53
C ARG B 550 -39.16 -6.32 17.45
N ASP B 551 -39.71 -6.19 18.66
CA ASP B 551 -39.45 -7.19 19.69
C ASP B 551 -40.19 -8.49 19.36
N PRO B 552 -39.53 -9.65 19.56
CA PRO B 552 -40.12 -10.92 19.10
C PRO B 552 -41.34 -11.36 19.90
N LYS B 553 -41.55 -10.80 21.09
CA LYS B 553 -42.62 -11.21 21.98
C LYS B 553 -43.83 -10.29 21.92
N THR B 554 -43.60 -8.97 21.86
CA THR B 554 -44.68 -7.98 21.97
C THR B 554 -44.77 -7.07 20.75
N SER B 555 -44.04 -7.35 19.68
CA SER B 555 -43.97 -6.53 18.45
C SER B 555 -43.59 -5.08 18.77
N GLU B 556 -42.62 -4.90 19.64
CA GLU B 556 -42.29 -3.60 20.19
C GLU B 556 -41.08 -3.03 19.45
N ILE B 557 -41.24 -1.84 18.90
CA ILE B 557 -40.20 -1.21 18.09
C ILE B 557 -39.17 -0.59 19.02
N LEU B 558 -37.90 -0.97 18.85
CA LEU B 558 -36.82 -0.49 19.70
C LEU B 558 -35.71 0.09 18.85
N ASP B 559 -35.01 1.08 19.39
CA ASP B 559 -33.82 1.61 18.73
C ASP B 559 -32.57 0.88 19.21
N ILE B 560 -31.58 0.82 18.33
CA ILE B 560 -30.28 0.23 18.65
C ILE B 560 -29.25 1.34 18.53
N SER B 561 -28.68 1.74 19.65
CA SER B 561 -27.63 2.74 19.65
C SER B 561 -26.37 2.15 20.28
N PRO B 562 -25.19 2.57 19.84
CA PRO B 562 -23.96 2.04 20.43
C PRO B 562 -23.79 2.52 21.85
N CYS B 563 -23.01 1.74 22.62
CA CYS B 563 -22.98 1.84 24.08
C CYS B 563 -22.48 3.19 24.55
N ALA B 564 -21.18 3.43 24.38
CA ALA B 564 -20.49 4.70 24.19
C ALA B 564 -19.01 4.38 24.08
N PHE B 565 -18.29 5.31 23.44
CA PHE B 565 -16.83 5.27 23.29
C PHE B 565 -16.43 6.62 22.71
N GLY B 566 -15.13 6.85 22.69
CA GLY B 566 -14.61 8.07 22.08
C GLY B 566 -13.15 8.26 22.46
N GLY B 567 -12.64 9.43 22.12
CA GLY B 567 -11.26 9.74 22.43
C GLY B 567 -11.06 10.19 23.87
N VAL B 568 -9.80 10.12 24.30
CA VAL B 568 -9.40 10.58 25.63
C VAL B 568 -8.33 11.65 25.44
N SER B 569 -8.66 12.87 25.83
CA SER B 569 -7.74 13.98 25.75
C SER B 569 -7.42 14.48 27.16
N VAL B 570 -6.13 14.70 27.41
CA VAL B 570 -5.65 15.15 28.71
C VAL B 570 -5.28 16.62 28.59
N ILE B 571 -5.82 17.44 29.46
CA ILE B 571 -5.44 18.84 29.56
C ILE B 571 -4.47 18.97 30.71
N THR B 572 -3.22 19.35 30.40
CA THR B 572 -2.28 19.59 31.47
C THR B 572 -1.85 21.05 31.53
N PRO B 573 -1.67 21.60 32.73
CA PRO B 573 -0.98 22.89 32.85
C PRO B 573 0.52 22.77 32.70
N GLY B 574 1.04 21.56 32.60
CA GLY B 574 2.47 21.30 32.60
C GLY B 574 2.87 20.71 33.93
N THR B 575 3.73 19.68 33.87
CA THR B 575 4.19 19.04 35.10
C THR B 575 5.11 19.94 35.90
N ASN B 576 5.73 20.94 35.26
CA ASN B 576 6.40 21.98 36.04
C ASN B 576 5.39 22.79 36.82
N ALA B 577 4.24 23.09 36.21
CA ALA B 577 3.25 23.93 36.86
C ALA B 577 2.55 23.17 37.99
N SER B 578 1.93 22.04 37.69
CA SER B 578 1.14 21.34 38.67
C SER B 578 1.10 19.85 38.32
N SER B 579 0.49 19.09 39.20
CA SER B 579 0.16 17.70 38.95
C SER B 579 -1.32 17.50 38.65
N GLU B 580 -2.09 18.58 38.65
CA GLU B 580 -3.53 18.48 38.44
C GLU B 580 -3.84 18.21 36.98
N VAL B 581 -4.90 17.44 36.74
CA VAL B 581 -5.34 17.11 35.39
C VAL B 581 -6.80 17.48 35.25
N ALA B 582 -7.23 17.53 34.00
CA ALA B 582 -8.65 17.63 33.66
C ALA B 582 -8.83 16.92 32.34
N VAL B 583 -9.58 15.82 32.35
CA VAL B 583 -9.67 14.97 31.18
C VAL B 583 -11.02 15.17 30.53
N LEU B 584 -11.02 15.05 29.21
CA LEU B 584 -12.22 15.26 28.43
C LEU B 584 -12.67 13.94 27.83
N TYR B 585 -13.97 13.80 27.75
CA TYR B 585 -14.62 12.62 27.19
C TYR B 585 -15.30 13.08 25.92
N GLN B 586 -14.74 12.68 24.77
CA GLN B 586 -15.07 13.33 23.50
C GLN B 586 -16.42 12.86 23.00
N ASP B 587 -17.32 13.84 22.79
CA ASP B 587 -18.58 13.69 22.05
C ASP B 587 -19.50 12.65 22.69
N VAL B 588 -19.72 12.81 23.99
CA VAL B 588 -20.54 11.88 24.75
C VAL B 588 -21.57 12.67 25.55
N ASN B 589 -22.63 11.96 25.94
CA ASN B 589 -23.69 12.52 26.77
C ASN B 589 -23.34 12.23 28.22
N CYS B 590 -23.23 13.27 29.03
CA CYS B 590 -22.65 13.20 30.37
C CYS B 590 -23.46 12.37 31.35
N THR B 591 -24.72 12.07 31.05
CA THR B 591 -25.56 11.30 31.94
C THR B 591 -25.06 9.86 32.10
N ASP B 592 -24.82 9.19 30.98
CA ASP B 592 -24.24 7.85 31.02
C ASP B 592 -22.79 7.88 31.45
N VAL B 593 -22.13 9.03 31.32
CA VAL B 593 -20.74 9.16 31.73
C VAL B 593 -20.61 9.06 33.24
N SER B 594 -21.29 9.96 33.96
CA SER B 594 -21.16 10.02 35.41
C SER B 594 -21.76 8.82 36.10
N THR B 595 -22.72 8.14 35.45
CA THR B 595 -23.24 6.90 36.00
C THR B 595 -22.21 5.78 35.90
N ALA B 596 -21.63 5.60 34.71
CA ALA B 596 -20.66 4.53 34.49
C ALA B 596 -19.35 4.77 35.23
N ILE B 597 -19.07 6.00 35.64
CA ILE B 597 -18.00 6.23 36.61
C ILE B 597 -18.35 5.59 37.94
N HIS B 598 -19.51 5.94 38.48
CA HIS B 598 -19.90 5.41 39.79
C HIS B 598 -20.39 3.97 39.69
N ALA B 599 -20.82 3.52 38.51
CA ALA B 599 -21.07 2.10 38.32
C ALA B 599 -19.78 1.34 38.04
N ASP B 600 -18.68 2.06 37.79
CA ASP B 600 -17.34 1.51 37.58
C ASP B 600 -17.35 0.52 36.40
N GLN B 601 -17.71 1.05 35.24
CA GLN B 601 -17.85 0.28 34.01
C GLN B 601 -16.98 0.84 32.90
N LEU B 602 -15.85 1.41 33.27
CA LEU B 602 -14.98 2.14 32.35
C LEU B 602 -13.82 1.25 31.95
N THR B 603 -13.68 1.00 30.65
CA THR B 603 -12.44 0.47 30.10
C THR B 603 -11.78 1.60 29.34
N PRO B 604 -10.63 2.14 29.79
CA PRO B 604 -9.78 1.73 30.90
C PRO B 604 -10.30 2.16 32.26
N ALA B 605 -9.71 1.58 33.31
CA ALA B 605 -10.09 1.86 34.69
C ALA B 605 -9.15 2.87 35.31
N TRP B 606 -9.59 3.46 36.41
CA TRP B 606 -8.79 4.46 37.12
C TRP B 606 -8.87 4.17 38.60
N ARG B 607 -7.78 3.66 39.16
CA ARG B 607 -7.81 3.19 40.54
C ARG B 607 -7.88 4.36 41.51
N ILE B 608 -7.04 5.37 41.33
CA ILE B 608 -7.08 6.57 42.15
C ILE B 608 -7.53 7.70 41.23
N TYR B 609 -8.84 7.91 41.15
CA TYR B 609 -9.43 9.09 40.56
C TYR B 609 -10.88 9.17 41.04
N SER B 610 -11.37 10.39 41.20
CA SER B 610 -12.77 10.62 41.47
C SER B 610 -13.24 11.82 40.66
N THR B 611 -14.54 12.09 40.74
CA THR B 611 -15.16 13.05 39.82
C THR B 611 -14.80 14.48 40.17
N GLY B 612 -14.88 14.84 41.46
CA GLY B 612 -14.76 16.24 41.85
C GLY B 612 -15.99 17.07 41.61
N ASN B 613 -17.03 16.49 40.97
CA ASN B 613 -18.33 17.12 40.70
C ASN B 613 -18.20 18.40 39.87
N ASN B 614 -17.13 18.52 39.10
CA ASN B 614 -16.99 19.57 38.10
C ASN B 614 -17.26 18.95 36.74
N VAL B 615 -18.53 18.78 36.43
CA VAL B 615 -18.97 18.04 35.26
C VAL B 615 -19.68 19.04 34.36
N PHE B 616 -19.04 19.42 33.26
CA PHE B 616 -19.65 20.30 32.27
C PHE B 616 -19.80 19.57 30.95
N GLN B 617 -20.95 19.79 30.31
CA GLN B 617 -21.23 19.24 28.99
C GLN B 617 -21.08 20.34 27.95
N THR B 618 -20.18 20.14 27.00
CA THR B 618 -20.02 21.02 25.86
C THR B 618 -20.28 20.21 24.58
N GLN B 619 -20.16 20.89 23.44
CA GLN B 619 -20.35 20.22 22.15
C GLN B 619 -19.23 19.23 21.87
N ALA B 620 -18.04 19.47 22.43
CA ALA B 620 -16.96 18.49 22.33
C ALA B 620 -17.20 17.27 23.21
N GLY B 621 -18.05 17.37 24.21
CA GLY B 621 -18.40 16.21 25.00
C GLY B 621 -18.56 16.47 26.48
N CYS B 622 -17.86 15.71 27.31
CA CYS B 622 -17.97 15.79 28.76
C CYS B 622 -16.59 16.06 29.35
N LEU B 623 -16.32 17.31 29.67
CA LEU B 623 -15.08 17.68 30.32
C LEU B 623 -15.29 17.64 31.83
N ILE B 624 -14.54 16.78 32.50
CA ILE B 624 -14.58 16.67 33.95
C ILE B 624 -13.20 17.01 34.46
N GLY B 625 -13.14 17.78 35.56
CA GLY B 625 -11.90 18.17 36.19
C GLY B 625 -11.73 19.67 36.31
N ALA B 626 -12.31 20.42 35.37
CA ALA B 626 -12.20 21.86 35.36
C ALA B 626 -13.52 22.50 35.78
N GLU B 627 -13.41 23.70 36.35
CA GLU B 627 -14.54 24.40 36.94
C GLU B 627 -15.08 25.41 35.94
N HIS B 628 -16.41 25.44 35.79
CA HIS B 628 -17.00 26.42 34.88
C HIS B 628 -16.91 27.83 35.44
N VAL B 629 -16.37 28.73 34.65
CA VAL B 629 -16.43 30.17 34.90
C VAL B 629 -17.07 30.80 33.67
N ASP B 630 -18.02 31.70 33.90
CA ASP B 630 -18.74 32.32 32.79
C ASP B 630 -18.19 33.70 32.43
N THR B 631 -16.88 33.89 32.57
CA THR B 631 -16.24 35.11 32.11
C THR B 631 -15.89 34.98 30.62
N SER B 632 -15.15 35.95 30.09
CA SER B 632 -14.71 35.95 28.70
C SER B 632 -13.23 36.30 28.67
N TYR B 633 -12.37 35.28 28.55
CA TYR B 633 -10.92 35.46 28.56
C TYR B 633 -10.31 34.93 27.27
N GLU B 634 -9.03 35.24 27.09
CA GLU B 634 -8.28 34.80 25.92
C GLU B 634 -8.01 33.31 26.00
N CYS B 635 -7.74 32.72 24.84
CA CYS B 635 -7.59 31.27 24.76
C CYS B 635 -6.18 30.86 25.15
N ASP B 636 -6.09 29.84 26.01
CA ASP B 636 -4.82 29.27 26.44
C ASP B 636 -4.61 27.88 25.88
N ILE B 637 -5.61 27.01 26.00
CA ILE B 637 -5.59 25.68 25.42
C ILE B 637 -6.91 25.45 24.72
N PRO B 638 -6.93 25.10 23.43
CA PRO B 638 -8.20 24.90 22.73
C PRO B 638 -8.89 23.61 23.15
N ILE B 639 -10.22 23.64 23.09
CA ILE B 639 -11.05 22.52 23.50
C ILE B 639 -11.96 22.09 22.36
N GLY B 640 -12.79 23.01 21.89
CA GLY B 640 -13.80 22.72 20.89
C GLY B 640 -15.00 23.59 21.17
N ALA B 641 -15.69 23.99 20.10
CA ALA B 641 -16.88 24.85 20.13
C ALA B 641 -16.61 26.17 20.83
N GLY B 642 -15.44 26.75 20.56
CA GLY B 642 -15.10 28.06 21.10
C GLY B 642 -14.80 28.09 22.59
N ILE B 643 -14.57 26.93 23.21
CA ILE B 643 -14.27 26.87 24.63
C ILE B 643 -12.77 26.74 24.79
N CYS B 644 -12.20 27.44 25.75
CA CYS B 644 -10.78 27.34 26.04
C CYS B 644 -10.58 27.25 27.54
N ALA B 645 -9.62 26.43 27.96
CA ALA B 645 -9.34 26.25 29.37
C ALA B 645 -7.99 26.86 29.75
N SER B 646 -7.85 27.27 31.01
CA SER B 646 -6.62 27.87 31.49
C SER B 646 -6.28 27.38 32.89
N TYR B 647 -5.24 27.96 33.48
CA TYR B 647 -4.81 27.58 34.83
C TYR B 647 -4.53 28.81 35.67
N HIS B 648 -5.58 29.42 36.22
CA HIS B 648 -5.44 30.61 37.05
C HIS B 648 -5.91 30.33 38.48
N THR B 649 -6.10 31.39 39.25
CA THR B 649 -6.53 31.27 40.63
C THR B 649 -7.73 30.34 40.76
N LYS B 659 -5.08 28.09 43.05
CA LYS B 659 -5.02 28.05 41.60
C LYS B 659 -5.52 26.72 41.05
N SER B 660 -6.45 26.78 40.11
CA SER B 660 -7.09 25.59 39.57
C SER B 660 -7.26 25.75 38.06
N ILE B 661 -7.72 24.67 37.43
CA ILE B 661 -8.00 24.65 36.00
C ILE B 661 -9.46 25.00 35.79
N VAL B 662 -9.73 26.00 34.96
CA VAL B 662 -11.09 26.44 34.70
C VAL B 662 -11.33 26.58 33.21
N ALA B 663 -12.58 26.29 32.81
CA ALA B 663 -13.05 26.48 31.45
C ALA B 663 -13.87 27.76 31.36
N TYR B 664 -13.92 28.34 30.18
CA TYR B 664 -14.61 29.61 29.97
C TYR B 664 -14.92 29.76 28.49
N THR B 665 -15.62 30.84 28.17
CA THR B 665 -15.91 31.22 26.80
C THR B 665 -14.76 32.09 26.29
N MET B 666 -14.29 31.79 25.07
CA MET B 666 -13.09 32.43 24.55
C MET B 666 -13.38 33.86 24.12
N SER B 667 -12.53 34.78 24.59
CA SER B 667 -12.60 36.16 24.10
C SER B 667 -12.06 36.24 22.68
N LEU B 668 -12.51 37.26 21.96
CA LEU B 668 -12.23 37.37 20.54
C LEU B 668 -11.26 38.49 20.19
N GLY B 669 -11.16 39.52 21.02
CA GLY B 669 -10.28 40.62 20.73
C GLY B 669 -10.62 41.81 21.61
N ALA B 670 -9.86 42.88 21.43
CA ALA B 670 -10.03 44.09 22.23
C ALA B 670 -11.23 44.87 21.69
N ASP B 671 -12.29 44.95 22.48
CA ASP B 671 -13.50 45.63 22.05
C ASP B 671 -13.27 47.13 22.08
N SER B 672 -13.44 47.77 20.92
CA SER B 672 -13.33 49.21 20.81
C SER B 672 -14.34 49.66 19.77
N SER B 673 -14.42 50.98 19.58
CA SER B 673 -15.24 51.54 18.53
C SER B 673 -14.68 52.91 18.18
N ILE B 674 -14.57 53.19 16.88
CA ILE B 674 -14.22 54.52 16.40
C ILE B 674 -15.41 55.03 15.60
N ALA B 675 -15.95 56.17 16.03
CA ALA B 675 -17.10 56.76 15.35
C ALA B 675 -16.69 57.30 13.99
N TYR B 676 -17.69 57.48 13.14
CA TYR B 676 -17.45 57.98 11.78
C TYR B 676 -17.46 59.51 11.84
N SER B 677 -16.28 60.11 11.88
CA SER B 677 -16.17 61.55 11.77
C SER B 677 -16.53 61.99 10.36
N ASN B 678 -17.38 63.01 10.27
CA ASN B 678 -17.76 63.51 8.97
C ASN B 678 -16.70 64.44 8.39
N ASN B 679 -15.85 65.04 9.24
CA ASN B 679 -14.86 66.01 8.77
C ASN B 679 -13.50 65.93 9.43
N THR B 680 -13.26 64.97 10.31
CA THR B 680 -12.09 64.99 11.18
C THR B 680 -11.20 63.79 10.89
N ILE B 681 -9.90 64.04 10.71
CA ILE B 681 -8.93 63.02 10.39
C ILE B 681 -8.14 62.68 11.64
N ALA B 682 -7.51 61.51 11.63
CA ALA B 682 -6.49 61.12 12.59
C ALA B 682 -5.20 60.89 11.81
N ILE B 683 -4.21 61.75 12.03
CA ILE B 683 -2.92 61.68 11.34
C ILE B 683 -1.83 61.56 12.40
N PRO B 684 -0.90 60.62 12.26
CA PRO B 684 0.16 60.49 13.27
C PRO B 684 1.15 61.63 13.21
N THR B 685 1.75 61.87 14.35
CA THR B 685 2.82 62.85 14.52
C THR B 685 4.13 62.19 14.88
N ASN B 686 4.10 61.20 15.76
CA ASN B 686 5.27 60.49 16.19
C ASN B 686 5.39 59.22 15.37
N PHE B 687 6.44 58.44 15.62
CA PHE B 687 6.55 57.13 15.00
C PHE B 687 7.30 56.19 15.93
N SER B 688 7.54 54.97 15.43
CA SER B 688 8.27 53.96 16.18
C SER B 688 8.81 52.94 15.20
N ILE B 689 10.01 52.48 15.44
CA ILE B 689 10.59 51.40 14.66
C ILE B 689 10.72 50.18 15.56
N SER B 690 10.55 49.00 14.96
CA SER B 690 10.62 47.76 15.71
C SER B 690 11.00 46.63 14.77
N ILE B 691 11.65 45.60 15.33
CA ILE B 691 12.05 44.43 14.58
C ILE B 691 11.26 43.24 15.09
N THR B 692 10.52 42.60 14.20
CA THR B 692 9.74 41.41 14.51
C THR B 692 10.36 40.22 13.80
N THR B 693 10.38 39.09 14.49
CA THR B 693 10.98 37.87 13.97
C THR B 693 9.93 37.00 13.30
N GLU B 694 10.37 36.22 12.32
CA GLU B 694 9.70 34.98 11.97
C GLU B 694 10.75 34.00 11.47
N VAL B 695 10.29 32.80 11.16
CA VAL B 695 11.16 31.65 10.96
C VAL B 695 10.44 30.61 10.11
N MET B 696 11.13 30.08 9.11
CA MET B 696 10.59 29.01 8.30
C MET B 696 11.68 27.98 8.08
N PRO B 697 11.34 26.70 8.10
CA PRO B 697 12.31 25.69 7.70
C PRO B 697 12.46 25.67 6.20
N VAL B 698 13.67 25.32 5.75
CA VAL B 698 13.96 25.23 4.33
C VAL B 698 14.35 23.83 3.92
N SER B 699 14.50 22.91 4.86
CA SER B 699 15.12 21.63 4.60
C SER B 699 14.77 20.68 5.73
N MET B 700 15.26 19.45 5.61
CA MET B 700 15.16 18.45 6.66
C MET B 700 16.40 17.56 6.53
N ALA B 701 16.37 16.40 7.15
CA ALA B 701 17.50 15.48 7.11
C ALA B 701 17.22 14.41 6.06
N LYS B 702 18.12 14.30 5.08
CA LYS B 702 17.99 13.27 4.07
C LYS B 702 18.41 11.92 4.66
N THR B 703 17.60 10.91 4.44
CA THR B 703 17.80 9.61 5.06
C THR B 703 18.35 8.63 4.02
N SER B 704 18.58 7.39 4.46
CA SER B 704 19.02 6.32 3.58
C SER B 704 18.73 4.99 4.26
N VAL B 705 18.29 4.02 3.46
CA VAL B 705 17.82 2.74 3.98
C VAL B 705 18.48 1.62 3.18
N ASP B 706 19.09 0.66 3.88
CA ASP B 706 19.45 -0.60 3.26
C ASP B 706 18.22 -1.50 3.21
N CYS B 707 17.84 -1.92 2.01
CA CYS B 707 16.71 -2.82 1.88
C CYS B 707 17.06 -4.22 2.36
N ASN B 708 18.30 -4.66 2.12
CA ASN B 708 18.73 -6.02 2.43
C ASN B 708 18.72 -6.26 3.93
N MET B 709 19.48 -5.45 4.67
CA MET B 709 19.67 -5.73 6.09
C MET B 709 18.44 -5.38 6.91
N TYR B 710 17.53 -4.57 6.38
CA TYR B 710 16.38 -4.19 7.17
C TYR B 710 15.39 -5.34 7.30
N ILE B 711 14.94 -5.87 6.17
CA ILE B 711 13.92 -6.93 6.23
C ILE B 711 14.54 -8.23 6.70
N CYS B 712 15.67 -8.61 6.13
CA CYS B 712 16.29 -9.88 6.48
C CYS B 712 16.94 -9.84 7.85
N GLY B 713 17.96 -9.01 8.01
CA GLY B 713 18.80 -9.17 9.18
C GLY B 713 19.89 -10.19 8.97
N ASP B 714 20.50 -10.20 7.77
CA ASP B 714 21.74 -10.89 7.46
C ASP B 714 21.60 -12.41 7.53
N SER B 715 20.45 -12.94 7.12
CA SER B 715 20.29 -14.37 6.92
C SER B 715 20.30 -14.68 5.43
N THR B 716 21.06 -15.70 5.04
CA THR B 716 21.01 -16.20 3.67
C THR B 716 19.62 -16.76 3.36
N GLU B 717 19.01 -17.41 4.35
CA GLU B 717 17.72 -18.06 4.19
C GLU B 717 16.60 -17.05 3.94
N CYS B 718 16.77 -15.82 4.43
CA CYS B 718 15.88 -14.74 4.04
C CYS B 718 16.13 -14.30 2.60
N ALA B 719 17.39 -14.03 2.26
CA ALA B 719 17.73 -13.36 1.01
C ALA B 719 17.44 -14.21 -0.21
N ASN B 720 17.37 -15.53 -0.06
CA ASN B 720 16.89 -16.37 -1.14
C ASN B 720 15.42 -16.10 -1.43
N LEU B 721 14.63 -15.89 -0.40
CA LEU B 721 13.24 -15.51 -0.58
C LEU B 721 13.06 -14.01 -0.69
N LEU B 722 14.15 -13.25 -0.83
CA LEU B 722 14.08 -11.83 -1.15
C LEU B 722 14.01 -11.59 -2.65
N LEU B 723 14.81 -12.32 -3.42
CA LEU B 723 14.89 -12.10 -4.85
C LEU B 723 13.65 -12.57 -5.61
N GLN B 724 12.77 -13.32 -4.95
CA GLN B 724 11.52 -13.72 -5.58
C GLN B 724 10.53 -12.56 -5.68
N TYR B 725 10.73 -11.50 -4.90
CA TYR B 725 9.88 -10.32 -4.99
C TYR B 725 10.44 -9.25 -5.90
N GLY B 726 11.40 -9.62 -6.74
CA GLY B 726 11.93 -8.70 -7.73
C GLY B 726 12.81 -7.63 -7.11
N SER B 727 13.17 -6.66 -7.96
CA SER B 727 14.01 -5.54 -7.55
C SER B 727 13.19 -4.46 -6.86
N PHE B 728 12.41 -4.84 -5.85
CA PHE B 728 11.62 -3.86 -5.13
C PHE B 728 12.48 -3.00 -4.24
N CYS B 729 13.67 -3.49 -3.87
CA CYS B 729 14.64 -2.67 -3.15
C CYS B 729 15.15 -1.54 -4.01
N THR B 730 15.17 -1.73 -5.32
CA THR B 730 15.78 -0.75 -6.22
C THR B 730 14.93 0.50 -6.33
N GLN B 731 13.60 0.34 -6.43
CA GLN B 731 12.71 1.50 -6.50
C GLN B 731 12.66 2.24 -5.18
N LEU B 732 13.00 1.58 -4.08
CA LEU B 732 13.09 2.28 -2.82
C LEU B 732 14.36 3.11 -2.73
N ASN B 733 15.43 2.70 -3.43
CA ASN B 733 16.62 3.54 -3.48
C ASN B 733 16.38 4.81 -4.26
N ARG B 734 15.61 4.72 -5.35
CA ARG B 734 15.53 5.82 -6.30
C ARG B 734 14.71 6.98 -5.73
N ALA B 735 13.53 6.68 -5.19
CA ALA B 735 12.70 7.73 -4.62
C ALA B 735 13.32 8.34 -3.38
N LEU B 736 13.99 7.54 -2.56
CA LEU B 736 14.67 8.11 -1.42
C LEU B 736 15.95 8.82 -1.80
N SER B 737 16.52 8.51 -2.95
CA SER B 737 17.53 9.41 -3.50
C SER B 737 16.90 10.63 -4.15
N GLY B 738 15.63 10.52 -4.54
CA GLY B 738 14.94 11.66 -5.13
C GLY B 738 14.71 12.77 -4.13
N ILE B 739 14.31 12.41 -2.90
CA ILE B 739 14.15 13.42 -1.87
C ILE B 739 15.49 13.89 -1.35
N ALA B 740 16.56 13.11 -1.57
CA ALA B 740 17.88 13.57 -1.20
C ALA B 740 18.32 14.71 -2.09
N ALA B 741 18.05 14.61 -3.40
CA ALA B 741 18.43 15.65 -4.33
C ALA B 741 17.55 16.88 -4.18
N GLU B 742 16.29 16.70 -3.82
CA GLU B 742 15.39 17.85 -3.66
C GLU B 742 15.77 18.67 -2.44
N GLN B 743 15.97 18.01 -1.31
CA GLN B 743 16.28 18.67 -0.05
C GLN B 743 17.62 19.40 -0.08
N ASP B 744 18.56 18.99 -0.93
CA ASP B 744 19.81 19.72 -1.10
C ASP B 744 19.64 20.89 -2.06
N ARG B 745 18.83 20.71 -3.09
CA ARG B 745 18.55 21.75 -4.07
C ARG B 745 17.82 22.93 -3.46
N ASN B 746 17.00 22.66 -2.44
CA ASN B 746 16.17 23.70 -1.83
C ASN B 746 17.03 24.73 -1.12
N THR B 747 17.94 24.27 -0.26
CA THR B 747 18.84 25.17 0.46
C THR B 747 19.79 25.86 -0.49
N ARG B 748 20.13 25.20 -1.61
CA ARG B 748 20.98 25.79 -2.63
C ARG B 748 20.28 26.97 -3.31
N GLU B 749 18.99 26.86 -3.57
CA GLU B 749 18.27 27.95 -4.19
C GLU B 749 17.78 29.00 -3.19
N VAL B 750 17.91 28.76 -1.90
CA VAL B 750 17.60 29.82 -0.94
C VAL B 750 18.81 30.71 -0.71
N PHE B 751 19.95 30.11 -0.39
CA PHE B 751 21.09 30.91 0.05
C PHE B 751 22.01 31.33 -1.09
N ALA B 752 22.29 30.45 -2.06
CA ALA B 752 23.19 30.79 -3.15
C ALA B 752 22.43 31.65 -4.16
N GLN B 753 22.27 32.92 -3.79
CA GLN B 753 21.73 33.94 -4.67
C GLN B 753 22.78 34.96 -5.07
N VAL B 754 23.93 34.96 -4.40
CA VAL B 754 25.00 35.92 -4.63
C VAL B 754 26.04 35.27 -5.52
N LYS B 755 26.50 36.02 -6.52
CA LYS B 755 27.49 35.46 -7.44
C LYS B 755 28.85 35.28 -6.79
N GLN B 756 29.22 36.15 -5.85
CA GLN B 756 30.56 36.14 -5.28
C GLN B 756 30.53 36.91 -3.97
N MET B 757 31.20 36.37 -2.95
CA MET B 757 31.00 36.89 -1.61
C MET B 757 31.79 38.17 -1.39
N TYR B 758 31.41 38.88 -0.32
CA TYR B 758 32.04 40.15 0.03
C TYR B 758 32.41 40.14 1.50
N LYS B 759 33.49 40.84 1.82
CA LYS B 759 34.10 40.71 3.13
C LYS B 759 33.30 41.49 4.18
N THR B 760 33.44 41.05 5.42
CA THR B 760 32.84 41.74 6.54
C THR B 760 33.64 43.02 6.82
N PRO B 761 32.99 44.17 6.96
CA PRO B 761 33.74 45.39 7.29
C PRO B 761 34.23 45.35 8.73
N THR B 762 35.44 45.88 8.93
CA THR B 762 35.96 46.02 10.28
C THR B 762 35.24 47.14 11.04
N LEU B 763 34.80 48.17 10.32
CA LEU B 763 33.87 49.14 10.89
C LEU B 763 32.53 48.46 11.09
N LYS B 764 32.14 48.24 12.35
CA LYS B 764 30.88 47.61 12.66
C LYS B 764 29.87 48.62 13.20
N TYR B 765 30.06 49.89 12.86
CA TYR B 765 29.26 50.98 13.40
C TYR B 765 29.06 51.98 12.28
N PHE B 766 27.85 52.04 11.73
CA PHE B 766 27.57 52.76 10.49
C PHE B 766 26.55 53.85 10.74
N GLY B 767 27.02 55.07 10.95
CA GLY B 767 26.14 56.21 11.15
C GLY B 767 25.31 56.15 12.42
N GLY B 768 25.93 55.75 13.54
CA GLY B 768 25.22 55.56 14.77
C GLY B 768 24.55 54.22 14.92
N PHE B 769 24.71 53.33 13.96
CA PHE B 769 23.97 52.07 13.95
C PHE B 769 24.91 50.97 14.40
N ASN B 770 24.45 50.14 15.33
CA ASN B 770 25.28 49.10 15.91
C ASN B 770 24.81 47.77 15.36
N PHE B 771 25.61 47.16 14.47
CA PHE B 771 25.24 45.92 13.82
C PHE B 771 26.22 44.77 14.07
N SER B 772 27.12 44.89 15.04
CA SER B 772 28.08 43.82 15.28
C SER B 772 27.44 42.56 15.84
N GLN B 773 26.25 42.67 16.43
CA GLN B 773 25.51 41.49 16.86
C GLN B 773 24.98 40.71 15.67
N ILE B 774 24.77 41.36 14.53
CA ILE B 774 24.33 40.69 13.31
C ILE B 774 25.52 40.26 12.46
N LEU B 775 26.51 41.13 12.38
CA LEU B 775 27.77 40.83 11.71
C LEU B 775 28.48 39.67 12.39
N PRO B 776 29.27 38.89 11.66
CA PRO B 776 30.04 37.82 12.31
C PRO B 776 31.13 38.38 13.21
N ASP B 777 31.60 37.52 14.10
CA ASP B 777 32.60 37.85 15.10
C ASP B 777 33.93 37.22 14.71
N PRO B 778 34.83 37.93 14.04
CA PRO B 778 36.14 37.34 13.73
C PRO B 778 37.09 37.33 14.90
N LEU B 779 36.75 38.01 16.00
CA LEU B 779 37.61 38.04 17.18
C LEU B 779 37.73 36.66 17.82
N LYS B 780 36.65 35.88 17.78
CA LYS B 780 36.74 34.50 18.20
C LYS B 780 36.48 33.58 17.01
N PRO B 781 37.16 32.44 16.92
CA PRO B 781 36.94 31.54 15.78
C PRO B 781 35.59 30.85 15.82
N THR B 782 34.54 31.61 15.48
CA THR B 782 33.18 31.12 15.56
C THR B 782 32.54 30.88 14.21
N LYS B 783 32.94 31.65 13.19
CA LYS B 783 32.24 31.78 11.90
C LYS B 783 30.79 32.22 12.09
N ARG B 784 30.50 32.95 13.17
CA ARG B 784 29.13 33.17 13.61
C ARG B 784 28.98 34.55 14.20
N SER B 785 27.76 35.06 14.13
CA SER B 785 27.35 36.15 15.00
C SER B 785 26.82 35.55 16.30
N PHE B 786 26.61 36.42 17.29
CA PHE B 786 25.98 35.96 18.51
C PHE B 786 24.52 35.61 18.29
N ILE B 787 23.85 36.34 17.39
CA ILE B 787 22.45 36.05 17.08
C ILE B 787 22.32 34.72 16.36
N GLU B 788 23.31 34.37 15.53
CA GLU B 788 23.35 33.03 14.97
C GLU B 788 23.58 31.98 16.05
N ASP B 789 24.55 32.23 16.94
CA ASP B 789 25.05 31.19 17.81
C ASP B 789 24.07 30.85 18.94
N LEU B 790 23.25 31.82 19.37
CA LEU B 790 22.19 31.51 20.31
C LEU B 790 21.16 30.56 19.69
N LEU B 791 20.88 30.75 18.39
CA LEU B 791 19.95 29.88 17.70
C LEU B 791 20.54 28.52 17.39
N PHE B 792 21.87 28.38 17.46
CA PHE B 792 22.45 27.03 17.39
C PHE B 792 22.12 26.22 18.63
N ASN B 793 22.15 26.85 19.80
CA ASN B 793 22.00 26.08 21.03
C ASN B 793 20.57 25.65 21.29
N LYS B 794 19.60 26.46 20.90
CA LYS B 794 18.21 26.19 21.23
C LYS B 794 17.54 25.20 20.27
N VAL B 795 18.20 24.86 19.16
CA VAL B 795 17.62 23.86 18.25
C VAL B 795 17.69 22.48 18.88
N THR B 796 18.88 22.08 19.32
CA THR B 796 19.08 20.74 19.85
C THR B 796 18.48 20.61 21.25
N GLN B 805 19.92 6.88 17.13
CA GLN B 805 18.65 6.24 16.82
C GLN B 805 18.68 5.73 15.39
N TYR B 806 19.86 5.88 14.78
CA TYR B 806 20.08 5.66 13.36
C TYR B 806 21.58 5.73 13.13
N GLY B 807 22.01 5.16 12.01
CA GLY B 807 23.41 5.23 11.65
C GLY B 807 23.82 6.65 11.29
N GLU B 808 24.99 7.04 11.76
CA GLU B 808 25.41 8.44 11.64
C GLU B 808 26.92 8.51 11.80
N CYS B 809 27.58 9.30 10.96
CA CYS B 809 29.01 9.48 11.03
C CYS B 809 29.33 10.89 11.52
N LEU B 810 30.16 10.98 12.55
CA LEU B 810 30.45 12.25 13.21
C LEU B 810 31.94 12.50 13.20
N GLY B 811 32.30 13.78 13.31
CA GLY B 811 33.69 14.18 13.41
C GLY B 811 34.08 15.35 12.55
N LEU B 818 37.04 11.74 13.36
CA LEU B 818 36.01 11.37 12.40
C LEU B 818 35.77 9.87 12.41
N ILE B 819 34.70 9.46 13.09
CA ILE B 819 34.34 8.06 13.20
C ILE B 819 32.91 7.87 12.72
N CYS B 820 32.67 6.74 12.05
CA CYS B 820 31.38 6.43 11.44
C CYS B 820 30.80 5.23 12.17
N ALA B 821 29.74 5.45 12.95
CA ALA B 821 29.09 4.40 13.70
C ALA B 821 27.75 4.09 13.05
N GLN B 822 27.60 2.87 12.55
CA GLN B 822 26.35 2.44 11.96
C GLN B 822 25.61 1.51 12.93
N LYS B 823 24.33 1.30 12.66
CA LYS B 823 23.47 0.52 13.52
C LYS B 823 23.14 -0.81 12.85
N PHE B 824 22.61 -1.73 13.66
CA PHE B 824 22.05 -2.97 13.13
C PHE B 824 20.66 -2.78 12.55
N ASN B 825 20.12 -1.57 12.62
CA ASN B 825 18.94 -1.19 11.86
C ASN B 825 19.42 -0.28 10.75
N GLY B 826 19.26 -0.72 9.50
CA GLY B 826 19.85 -0.04 8.37
C GLY B 826 19.25 1.30 8.02
N LEU B 827 19.26 2.22 8.98
CA LEU B 827 18.70 3.55 8.81
C LEU B 827 19.82 4.54 9.06
N THR B 828 20.20 5.28 8.04
CA THR B 828 21.26 6.26 8.18
C THR B 828 20.87 7.57 7.51
N VAL B 829 21.26 8.66 8.16
CA VAL B 829 21.05 10.01 7.66
C VAL B 829 22.34 10.45 6.99
N LEU B 830 22.25 10.89 5.80
CA LEU B 830 23.50 11.32 5.21
C LEU B 830 23.74 12.80 5.47
N PRO B 831 25.00 13.22 5.59
CA PRO B 831 25.27 14.64 5.78
C PRO B 831 25.05 15.42 4.49
N PRO B 832 24.43 16.58 4.57
CA PRO B 832 24.23 17.40 3.37
C PRO B 832 25.55 17.97 2.85
N LEU B 833 25.52 18.34 1.58
CA LEU B 833 26.70 18.93 0.95
C LEU B 833 26.99 20.31 1.53
N LEU B 834 25.96 21.09 1.79
CA LEU B 834 26.12 22.43 2.35
C LEU B 834 26.33 22.31 3.85
N THR B 835 27.57 22.46 4.30
CA THR B 835 27.86 22.41 5.72
C THR B 835 27.34 23.67 6.41
N ASP B 836 27.20 23.58 7.73
CA ASP B 836 26.64 24.68 8.49
C ASP B 836 27.60 25.85 8.61
N ASP B 837 28.89 25.61 8.36
CA ASP B 837 29.84 26.70 8.27
C ASP B 837 29.60 27.53 7.01
N MET B 838 29.44 26.86 5.88
CA MET B 838 29.38 27.55 4.61
C MET B 838 28.06 28.27 4.39
N ILE B 839 26.98 27.82 5.01
CA ILE B 839 25.71 28.52 4.87
C ILE B 839 25.76 29.82 5.67
N ALA B 840 26.47 29.81 6.79
CA ALA B 840 26.72 31.05 7.53
C ALA B 840 27.58 32.02 6.73
N ALA B 841 28.48 31.50 5.88
CA ALA B 841 29.22 32.35 4.97
C ALA B 841 28.30 32.97 3.93
N TYR B 842 27.27 32.25 3.49
CA TYR B 842 26.24 32.87 2.67
C TYR B 842 25.46 33.91 3.47
N THR B 843 25.23 33.63 4.75
CA THR B 843 24.52 34.58 5.60
C THR B 843 25.37 35.83 5.83
N ALA B 844 26.68 35.64 5.98
CA ALA B 844 27.58 36.75 6.30
C ALA B 844 27.67 37.74 5.15
N ALA B 845 28.07 37.26 3.96
CA ALA B 845 28.25 38.13 2.80
C ALA B 845 26.94 38.71 2.29
N LEU B 846 25.81 38.06 2.58
CA LEU B 846 24.52 38.67 2.30
C LEU B 846 24.31 39.90 3.16
N VAL B 847 24.67 39.81 4.44
CA VAL B 847 24.55 40.97 5.31
C VAL B 847 25.59 42.03 4.94
N SER B 848 26.84 41.62 4.71
CA SER B 848 27.89 42.56 4.36
C SER B 848 27.70 43.18 2.98
N GLY B 849 26.98 42.51 2.09
CA GLY B 849 26.57 43.16 0.86
C GLY B 849 25.55 44.27 1.11
N THR B 850 24.46 43.93 1.81
CA THR B 850 23.38 44.87 2.07
C THR B 850 23.80 46.01 2.99
N ALA B 851 24.88 45.85 3.74
CA ALA B 851 25.43 46.98 4.46
C ALA B 851 26.21 47.92 3.56
N THR B 852 26.61 47.46 2.37
CA THR B 852 27.45 48.24 1.48
C THR B 852 26.88 48.47 0.09
N ALA B 853 25.95 47.64 -0.37
CA ALA B 853 25.54 47.71 -1.77
C ALA B 853 24.16 48.31 -1.99
N GLY B 854 23.29 48.31 -0.98
CA GLY B 854 22.00 48.94 -1.14
C GLY B 854 20.99 48.05 -1.86
N TRP B 855 19.98 48.72 -2.41
CA TRP B 855 18.90 48.02 -3.09
C TRP B 855 19.29 47.49 -4.46
N THR B 856 20.41 47.97 -5.01
CA THR B 856 20.93 47.41 -6.25
C THR B 856 21.78 46.17 -6.03
N PHE B 857 21.86 45.68 -4.78
CA PHE B 857 22.55 44.42 -4.52
C PHE B 857 21.86 43.27 -5.23
N GLY B 858 20.53 43.28 -5.25
CA GLY B 858 19.79 42.20 -5.86
C GLY B 858 19.30 42.49 -7.25
N ALA B 859 19.09 43.78 -7.56
CA ALA B 859 18.71 44.17 -8.91
C ALA B 859 19.83 43.88 -9.89
N GLY B 860 20.97 44.54 -9.71
CA GLY B 860 22.11 44.33 -10.59
C GLY B 860 23.36 43.90 -9.86
N ALA B 861 24.41 44.71 -9.94
CA ALA B 861 25.67 44.46 -9.27
C ALA B 861 25.78 45.31 -8.00
N ALA B 862 26.69 44.90 -7.13
CA ALA B 862 26.90 45.58 -5.86
C ALA B 862 27.59 46.92 -6.10
N LEU B 863 27.08 47.98 -5.48
CA LEU B 863 27.54 49.33 -5.76
C LEU B 863 27.79 50.09 -4.46
N GLN B 864 28.88 50.85 -4.44
CA GLN B 864 29.23 51.61 -3.23
C GLN B 864 28.22 52.71 -2.98
N ILE B 865 27.71 52.76 -1.76
CA ILE B 865 26.73 53.76 -1.34
C ILE B 865 26.81 53.88 0.19
N PRO B 866 26.76 55.09 0.73
CA PRO B 866 26.64 55.23 2.18
C PRO B 866 25.31 54.69 2.65
N PHE B 867 25.31 54.11 3.85
CA PHE B 867 24.11 53.48 4.36
C PHE B 867 23.03 54.49 4.73
N ALA B 868 23.44 55.73 5.04
CA ALA B 868 22.45 56.77 5.26
C ALA B 868 21.75 57.15 3.96
N MET B 869 22.43 56.98 2.81
CA MET B 869 21.76 57.17 1.54
C MET B 869 20.73 56.07 1.28
N GLN B 870 20.92 54.88 1.87
CA GLN B 870 19.98 53.79 1.66
C GLN B 870 18.68 54.04 2.39
N MET B 871 18.76 54.29 3.70
CA MET B 871 17.58 54.38 4.55
C MET B 871 16.72 55.57 4.17
N ALA B 872 17.35 56.65 3.71
CA ALA B 872 16.61 57.78 3.16
C ALA B 872 15.82 57.36 1.93
N TYR B 873 16.46 56.60 1.04
CA TYR B 873 15.74 56.05 -0.09
C TYR B 873 14.74 54.99 0.34
N ARG B 874 15.00 54.32 1.47
CA ARG B 874 14.02 53.37 1.98
C ARG B 874 12.82 54.10 2.56
N PHE B 875 13.03 55.24 3.21
CA PHE B 875 11.89 56.06 3.60
C PHE B 875 11.20 56.63 2.38
N ASN B 876 11.96 56.95 1.33
CA ASN B 876 11.39 57.39 0.06
C ASN B 876 10.46 56.34 -0.52
N GLY B 877 10.76 55.07 -0.29
CA GLY B 877 9.88 54.01 -0.77
C GLY B 877 8.57 53.89 -0.02
N ILE B 878 8.55 54.24 1.26
CA ILE B 878 7.39 53.93 2.10
C ILE B 878 6.47 55.13 2.27
N GLY B 879 6.72 56.22 1.56
CA GLY B 879 5.84 57.37 1.64
C GLY B 879 6.13 58.35 2.75
N VAL B 880 7.36 58.40 3.24
CA VAL B 880 7.80 59.39 4.22
C VAL B 880 9.07 60.01 3.68
N THR B 881 9.03 61.32 3.43
CA THR B 881 10.17 61.99 2.82
C THR B 881 11.39 61.98 3.75
N GLN B 882 12.57 62.04 3.13
CA GLN B 882 13.84 61.88 3.85
C GLN B 882 14.20 63.09 4.70
N ASN B 883 13.31 64.08 4.82
CA ASN B 883 13.25 64.99 5.94
C ASN B 883 13.44 64.23 7.26
N VAL B 884 12.57 63.25 7.49
CA VAL B 884 12.38 62.70 8.83
C VAL B 884 13.57 61.86 9.28
N LEU B 885 14.23 61.17 8.35
CA LEU B 885 15.49 60.50 8.67
C LEU B 885 16.57 61.51 9.04
N TYR B 886 16.72 62.54 8.22
CA TYR B 886 17.77 63.51 8.44
C TYR B 886 17.48 64.38 9.67
N GLU B 887 16.19 64.56 9.98
CA GLU B 887 15.78 65.10 11.28
C GLU B 887 16.34 64.29 12.43
N ASN B 888 16.32 62.97 12.30
CA ASN B 888 16.46 62.08 13.43
C ASN B 888 17.49 61.01 13.15
N GLN B 889 18.68 61.45 12.70
CA GLN B 889 19.73 60.52 12.31
C GLN B 889 20.29 59.73 13.49
N LYS B 890 20.05 60.18 14.72
CA LYS B 890 20.42 59.40 15.89
C LYS B 890 19.26 59.15 16.85
N GLN B 891 18.10 59.79 16.66
CA GLN B 891 16.89 59.28 17.29
C GLN B 891 16.53 57.92 16.73
N ILE B 892 16.71 57.74 15.43
CA ILE B 892 16.48 56.42 14.83
C ILE B 892 17.60 55.46 15.21
N ALA B 893 18.83 55.96 15.39
CA ALA B 893 19.95 55.10 15.75
C ALA B 893 19.87 54.53 17.16
N ASN B 894 19.05 55.12 18.02
CA ASN B 894 18.90 54.60 19.38
C ASN B 894 17.88 53.47 19.45
N GLN B 895 16.82 53.56 18.65
CA GLN B 895 15.62 52.79 18.92
C GLN B 895 15.73 51.33 18.49
N PHE B 896 16.27 51.06 17.31
CA PHE B 896 16.40 49.67 16.91
C PHE B 896 17.62 49.03 17.54
N ASN B 897 18.65 49.83 17.87
CA ASN B 897 19.79 49.29 18.60
C ASN B 897 19.37 48.84 20.00
N LYS B 898 18.34 49.47 20.57
CA LYS B 898 17.62 48.84 21.68
C LYS B 898 16.98 47.55 21.22
N ALA B 899 16.23 47.60 20.12
CA ALA B 899 15.43 46.46 19.70
C ALA B 899 16.26 45.30 19.16
N ILE B 900 17.52 45.54 18.79
CA ILE B 900 18.40 44.43 18.44
C ILE B 900 18.68 43.58 19.66
N SER B 901 19.10 44.19 20.77
CA SER B 901 19.39 43.43 21.96
C SER B 901 18.15 42.99 22.70
N GLN B 902 16.99 43.56 22.38
CA GLN B 902 15.73 43.04 22.92
C GLN B 902 15.32 41.74 22.26
N ILE B 903 15.90 41.41 21.10
CA ILE B 903 15.72 40.07 20.55
C ILE B 903 16.53 39.07 21.36
N GLN B 904 17.79 39.42 21.67
CA GLN B 904 18.62 38.57 22.51
C GLN B 904 18.12 38.47 23.94
N GLU B 905 17.25 39.38 24.38
CA GLU B 905 16.46 39.14 25.57
C GLU B 905 15.63 37.87 25.42
N SER B 906 14.70 37.86 24.46
CA SER B 906 13.82 36.72 24.26
C SER B 906 14.52 35.55 23.58
N LEU B 907 15.69 35.76 22.99
CA LEU B 907 16.48 34.61 22.58
C LEU B 907 17.00 33.86 23.79
N THR B 908 17.38 34.58 24.85
CA THR B 908 18.12 33.96 25.94
C THR B 908 17.22 33.09 26.80
N THR B 909 16.23 33.68 27.45
CA THR B 909 15.45 32.93 28.43
C THR B 909 14.35 32.12 27.76
N THR B 910 13.40 32.80 27.11
CA THR B 910 12.16 32.14 26.76
C THR B 910 12.33 31.31 25.48
N SER B 911 11.24 30.66 25.11
CA SER B 911 11.22 29.68 24.04
C SER B 911 9.93 29.88 23.26
N THR B 912 9.55 28.86 22.48
CA THR B 912 8.36 28.73 21.64
C THR B 912 8.33 29.70 20.47
N ALA B 913 9.36 30.53 20.29
CA ALA B 913 9.56 31.19 19.01
C ALA B 913 10.25 30.29 18.00
N LEU B 914 10.63 29.08 18.42
CA LEU B 914 11.35 28.12 17.60
C LEU B 914 10.60 26.80 17.49
N GLY B 915 9.27 26.85 17.58
CA GLY B 915 8.48 25.65 17.46
C GLY B 915 8.54 25.04 16.07
N LYS B 916 8.59 25.89 15.05
CA LYS B 916 8.52 25.40 13.67
C LYS B 916 9.80 24.69 13.25
N LEU B 917 10.95 25.09 13.79
CA LEU B 917 12.19 24.40 13.46
C LEU B 917 12.23 23.01 14.05
N GLN B 918 12.05 22.89 15.37
CA GLN B 918 12.22 21.61 16.03
C GLN B 918 11.11 20.62 15.71
N ASP B 919 9.95 21.11 15.27
CA ASP B 919 8.90 20.17 14.87
C ASP B 919 9.25 19.47 13.57
N VAL B 920 10.06 20.09 12.71
CA VAL B 920 10.59 19.40 11.54
C VAL B 920 11.51 18.27 11.98
N VAL B 921 12.31 18.52 13.02
CA VAL B 921 13.18 17.49 13.54
C VAL B 921 12.36 16.41 14.25
N ASN B 922 11.26 16.82 14.91
CA ASN B 922 10.39 15.86 15.57
C ASN B 922 9.65 14.97 14.57
N GLN B 923 9.32 15.50 13.40
CA GLN B 923 8.62 14.72 12.38
C GLN B 923 9.49 13.58 11.87
N ASN B 924 10.74 13.87 11.53
CA ASN B 924 11.66 12.80 11.16
C ASN B 924 12.02 11.92 12.34
N ALA B 925 11.88 12.43 13.57
CA ALA B 925 12.11 11.60 14.74
C ALA B 925 10.99 10.57 14.90
N GLN B 926 9.73 11.01 14.72
CA GLN B 926 8.60 10.11 14.85
C GLN B 926 8.62 9.03 13.78
N ALA B 927 8.92 9.40 12.54
CA ALA B 927 8.88 8.45 11.44
C ALA B 927 9.98 7.42 11.57
N LEU B 928 11.13 7.80 12.13
CA LEU B 928 12.15 6.80 12.43
C LEU B 928 11.72 5.89 13.56
N ASN B 929 10.92 6.40 14.49
CA ASN B 929 10.43 5.57 15.58
C ASN B 929 9.41 4.55 15.07
N THR B 930 8.49 5.01 14.22
CA THR B 930 7.48 4.14 13.64
C THR B 930 8.10 3.01 12.84
N LEU B 931 9.14 3.33 12.07
CA LEU B 931 9.81 2.30 11.28
C LEU B 931 10.58 1.33 12.16
N VAL B 932 11.22 1.82 13.21
CA VAL B 932 12.07 0.93 13.98
C VAL B 932 11.24 0.09 14.95
N LYS B 933 10.07 0.57 15.38
CA LYS B 933 9.28 -0.20 16.33
C LYS B 933 8.54 -1.34 15.67
N GLN B 934 8.25 -1.26 14.37
CA GLN B 934 7.54 -2.34 13.71
C GLN B 934 8.44 -3.51 13.36
N LEU B 935 9.73 -3.44 13.68
CA LEU B 935 10.58 -4.62 13.58
C LEU B 935 10.13 -5.72 14.53
N SER B 936 9.78 -5.36 15.76
CA SER B 936 9.36 -6.34 16.74
C SER B 936 7.91 -6.78 16.54
N SER B 937 7.20 -6.20 15.59
CA SER B 937 5.82 -6.57 15.37
C SER B 937 5.75 -7.90 14.64
N ASN B 938 5.01 -8.85 15.23
CA ASN B 938 4.88 -10.17 14.65
C ASN B 938 3.94 -10.21 13.46
N PHE B 939 3.12 -9.17 13.27
CA PHE B 939 2.20 -9.02 12.12
C PHE B 939 1.19 -10.17 12.03
N GLY B 940 0.85 -10.76 13.17
CA GLY B 940 0.04 -11.94 13.21
C GLY B 940 0.78 -13.24 12.97
N ALA B 941 2.06 -13.18 12.61
CA ALA B 941 2.86 -14.38 12.42
C ALA B 941 3.50 -14.78 13.76
N ILE B 942 4.48 -15.68 13.71
CA ILE B 942 4.93 -16.34 14.92
C ILE B 942 5.95 -15.50 15.68
N SER B 943 7.09 -15.21 15.07
CA SER B 943 8.22 -14.63 15.80
C SER B 943 8.76 -13.40 15.11
N SER B 944 9.32 -12.50 15.93
CA SER B 944 10.01 -11.33 15.39
C SER B 944 11.30 -11.74 14.70
N VAL B 945 12.08 -12.58 15.34
CA VAL B 945 13.37 -13.02 14.83
C VAL B 945 13.11 -14.13 13.83
N LEU B 946 13.88 -14.12 12.73
CA LEU B 946 13.77 -15.15 11.70
C LEU B 946 14.09 -16.53 12.24
N ASN B 947 15.25 -16.68 12.88
CA ASN B 947 15.76 -17.99 13.26
C ASN B 947 14.95 -18.63 14.38
N ASP B 948 14.11 -17.87 15.08
CA ASP B 948 13.15 -18.49 15.99
C ASP B 948 12.05 -19.20 15.22
N ILE B 949 11.81 -18.81 13.97
CA ILE B 949 10.96 -19.59 13.08
C ILE B 949 11.79 -20.55 12.24
N LEU B 950 12.96 -20.11 11.79
CA LEU B 950 13.77 -20.91 10.87
C LEU B 950 14.37 -22.13 11.56
N SER B 951 15.01 -21.92 12.72
CA SER B 951 15.65 -23.02 13.41
C SER B 951 14.73 -23.73 14.40
N ARG B 952 13.42 -23.51 14.31
CA ARG B 952 12.48 -24.21 15.18
C ARG B 952 11.31 -24.84 14.45
N LEU B 953 11.08 -24.54 13.18
CA LEU B 953 9.96 -25.10 12.45
C LEU B 953 10.45 -25.89 11.25
N ASP B 954 9.49 -26.40 10.48
CA ASP B 954 9.81 -27.11 9.27
C ASP B 954 10.31 -26.13 8.21
N PRO B 955 11.34 -26.50 7.45
CA PRO B 955 11.84 -25.64 6.36
C PRO B 955 10.81 -25.36 5.27
N PRO B 956 9.78 -26.24 5.03
CA PRO B 956 8.61 -25.72 4.32
C PRO B 956 7.84 -24.69 5.11
N GLU B 957 7.53 -25.00 6.38
CA GLU B 957 6.71 -24.13 7.20
C GLU B 957 7.42 -22.84 7.56
N ALA B 958 8.74 -22.88 7.71
CA ALA B 958 9.48 -21.66 8.04
C ALA B 958 9.55 -20.71 6.86
N GLU B 959 9.55 -21.24 5.64
CA GLU B 959 9.51 -20.37 4.46
C GLU B 959 8.19 -19.64 4.35
N VAL B 960 7.09 -20.27 4.78
CA VAL B 960 5.79 -19.64 4.70
C VAL B 960 5.70 -18.48 5.70
N GLN B 961 6.13 -18.71 6.94
CA GLN B 961 6.00 -17.70 7.97
C GLN B 961 6.97 -16.54 7.81
N ILE B 962 8.11 -16.75 7.13
CA ILE B 962 8.93 -15.58 6.84
C ILE B 962 8.42 -14.84 5.62
N ASP B 963 7.71 -15.52 4.72
CA ASP B 963 7.11 -14.83 3.59
C ASP B 963 5.98 -13.91 4.02
N ARG B 964 5.30 -14.24 5.11
CA ARG B 964 4.39 -13.27 5.71
C ARG B 964 5.16 -12.09 6.30
N LEU B 965 6.37 -12.33 6.78
CA LEU B 965 7.13 -11.29 7.44
C LEU B 965 8.19 -10.66 6.54
N ILE B 966 8.47 -11.23 5.37
CA ILE B 966 9.11 -10.43 4.34
C ILE B 966 8.17 -9.33 3.90
N THR B 967 6.94 -9.71 3.53
CA THR B 967 5.98 -8.74 3.00
C THR B 967 5.48 -7.79 4.09
N GLY B 968 5.36 -8.30 5.31
CA GLY B 968 4.96 -7.42 6.41
C GLY B 968 5.99 -6.35 6.71
N ARG B 969 7.27 -6.70 6.61
CA ARG B 969 8.31 -5.69 6.74
C ARG B 969 8.41 -4.85 5.47
N LEU B 970 8.04 -5.42 4.33
CA LEU B 970 8.18 -4.73 3.05
C LEU B 970 7.21 -3.55 2.95
N GLN B 971 5.97 -3.74 3.39
CA GLN B 971 5.00 -2.67 3.29
C GLN B 971 5.30 -1.53 4.25
N SER B 972 5.98 -1.84 5.36
CA SER B 972 6.41 -0.79 6.26
C SER B 972 7.49 0.08 5.64
N LEU B 973 8.33 -0.50 4.79
CA LEU B 973 9.22 0.34 3.97
C LEU B 973 8.43 1.22 3.04
N GLN B 974 7.37 0.67 2.44
CA GLN B 974 6.62 1.45 1.47
C GLN B 974 5.78 2.52 2.15
N THR B 975 5.39 2.29 3.40
CA THR B 975 4.70 3.31 4.17
C THR B 975 5.66 4.45 4.52
N TYR B 976 6.91 4.11 4.81
CA TYR B 976 7.89 5.11 5.22
C TYR B 976 8.29 6.02 4.06
N VAL B 977 8.17 5.53 2.82
CA VAL B 977 8.58 6.33 1.67
C VAL B 977 7.60 7.47 1.43
N THR B 978 6.32 7.14 1.31
CA THR B 978 5.34 8.15 0.89
C THR B 978 5.07 9.15 2.01
N GLN B 979 5.09 8.68 3.27
CA GLN B 979 4.98 9.59 4.40
C GLN B 979 6.17 10.52 4.51
N GLN B 980 7.31 10.18 3.92
CA GLN B 980 8.37 11.16 3.75
C GLN B 980 8.34 11.83 2.39
N LEU B 981 7.56 11.33 1.45
CA LEU B 981 7.34 12.09 0.23
C LEU B 981 6.42 13.28 0.48
N ILE B 982 5.44 13.13 1.37
CA ILE B 982 4.46 14.19 1.57
C ILE B 982 5.08 15.37 2.28
N ARG B 983 5.82 15.11 3.36
CA ARG B 983 6.52 16.18 4.03
C ARG B 983 7.76 16.65 3.27
N ALA B 984 8.18 15.94 2.22
CA ALA B 984 9.10 16.55 1.28
C ALA B 984 8.42 17.64 0.49
N ALA B 985 7.18 17.39 0.04
CA ALA B 985 6.41 18.41 -0.66
C ALA B 985 6.05 19.56 0.27
N GLU B 986 5.89 19.28 1.56
CA GLU B 986 5.60 20.33 2.53
C GLU B 986 6.78 21.28 2.68
N ILE B 987 7.99 20.73 2.73
CA ILE B 987 9.18 21.57 2.74
C ILE B 987 9.31 22.31 1.42
N ARG B 988 8.97 21.64 0.31
CA ARG B 988 9.03 22.25 -1.01
C ARG B 988 8.11 23.46 -1.10
N ALA B 989 6.92 23.37 -0.51
CA ALA B 989 6.03 24.52 -0.44
C ALA B 989 6.62 25.62 0.44
N SER B 990 7.25 25.22 1.55
CA SER B 990 7.86 26.22 2.41
C SER B 990 9.12 26.79 1.80
N ALA B 991 9.91 25.96 1.10
CA ALA B 991 11.16 26.44 0.53
C ALA B 991 10.94 27.38 -0.65
N ASN B 992 9.75 27.35 -1.25
CA ASN B 992 9.43 28.36 -2.25
C ASN B 992 9.28 29.73 -1.62
N LEU B 993 8.51 29.81 -0.53
CA LEU B 993 8.26 31.10 0.10
C LEU B 993 9.50 31.63 0.82
N ALA B 994 10.42 30.75 1.21
CA ALA B 994 11.63 31.19 1.88
C ALA B 994 12.55 31.96 0.95
N ALA B 995 12.91 31.36 -0.17
CA ALA B 995 13.72 32.07 -1.17
C ALA B 995 12.94 33.20 -1.82
N THR B 996 11.60 33.15 -1.78
CA THR B 996 10.80 34.29 -2.21
C THR B 996 11.04 35.49 -1.32
N LYS B 997 10.92 35.31 -0.01
CA LYS B 997 11.09 36.43 0.90
C LYS B 997 12.54 36.88 1.01
N MET B 998 13.49 35.98 0.73
CA MET B 998 14.88 36.40 0.78
C MET B 998 15.24 37.27 -0.43
N SER B 999 14.85 36.83 -1.63
CA SER B 999 15.13 37.63 -2.81
C SER B 999 14.27 38.90 -2.84
N GLU B 1000 13.12 38.88 -2.19
CA GLU B 1000 12.31 40.10 -2.10
C GLU B 1000 12.77 41.01 -0.97
N CYS B 1001 12.65 40.54 0.26
CA CYS B 1001 12.71 41.43 1.39
C CYS B 1001 14.12 41.63 1.94
N VAL B 1002 15.14 41.07 1.27
CA VAL B 1002 16.52 41.35 1.58
C VAL B 1002 17.25 41.95 0.39
N LEU B 1003 17.11 41.34 -0.77
CA LEU B 1003 17.76 41.85 -1.99
C LEU B 1003 17.07 43.11 -2.51
N GLY B 1004 15.92 43.47 -2.00
CA GLY B 1004 15.25 44.72 -2.35
C GLY B 1004 14.47 45.24 -1.17
N GLN B 1005 13.43 46.02 -1.46
CA GLN B 1005 12.56 46.60 -0.45
C GLN B 1005 11.12 46.30 -0.82
N SER B 1006 10.41 45.64 0.07
CA SER B 1006 9.07 45.17 -0.26
C SER B 1006 8.02 46.24 0.05
N LYS B 1007 7.01 46.30 -0.80
CA LYS B 1007 5.87 47.19 -0.62
C LYS B 1007 4.60 46.35 -0.47
N ARG B 1008 4.74 45.15 0.06
CA ARG B 1008 3.62 44.24 0.17
C ARG B 1008 3.08 44.28 1.60
N VAL B 1009 1.78 44.52 1.73
CA VAL B 1009 1.18 44.76 3.04
C VAL B 1009 0.98 43.43 3.74
N ASP B 1010 1.38 43.38 5.02
CA ASP B 1010 1.38 42.19 5.87
C ASP B 1010 2.22 41.09 5.24
N PHE B 1011 3.47 41.43 4.95
CA PHE B 1011 4.40 40.55 4.28
C PHE B 1011 5.79 41.01 4.67
N CYS B 1012 6.61 40.06 5.12
CA CYS B 1012 7.92 40.32 5.73
C CYS B 1012 7.80 41.27 6.91
N GLY B 1013 7.02 40.84 7.91
CA GLY B 1013 6.72 41.66 9.06
C GLY B 1013 5.43 42.44 8.86
N LYS B 1014 5.04 43.15 9.93
CA LYS B 1014 3.89 44.04 9.87
C LYS B 1014 4.32 45.47 10.13
N GLY B 1015 3.54 46.40 9.60
CA GLY B 1015 3.96 47.79 9.52
C GLY B 1015 4.35 48.12 8.11
N TYR B 1016 5.37 48.97 7.93
CA TYR B 1016 5.90 49.27 6.60
C TYR B 1016 7.31 48.72 6.53
N HIS B 1017 7.57 47.94 5.49
CA HIS B 1017 8.84 47.22 5.39
C HIS B 1017 9.98 48.17 5.12
N LEU B 1018 10.92 48.26 6.06
CA LEU B 1018 12.13 49.05 5.83
C LEU B 1018 13.22 48.18 5.21
N MET B 1019 13.64 47.16 5.94
CA MET B 1019 14.60 46.17 5.46
C MET B 1019 14.42 44.92 6.31
N SER B 1020 15.21 43.90 6.01
CA SER B 1020 15.16 42.68 6.81
C SER B 1020 16.49 41.96 6.68
N PHE B 1021 16.98 41.46 7.82
CA PHE B 1021 18.24 40.73 7.86
C PHE B 1021 17.97 39.29 8.25
N PRO B 1022 18.38 38.31 7.46
CA PRO B 1022 18.13 36.92 7.82
C PRO B 1022 19.27 36.33 8.64
N GLN B 1023 18.93 35.36 9.46
CA GLN B 1023 19.87 34.70 10.34
C GLN B 1023 19.91 33.21 10.04
N ALA B 1024 21.12 32.68 9.91
CA ALA B 1024 21.29 31.25 9.68
C ALA B 1024 20.84 30.47 10.90
N ALA B 1025 20.29 29.28 10.65
CA ALA B 1025 19.77 28.42 11.69
C ALA B 1025 19.84 26.99 11.19
N PRO B 1026 19.94 26.01 12.10
CA PRO B 1026 19.83 24.61 11.66
C PRO B 1026 18.44 24.32 11.12
N HIS B 1027 18.42 23.86 9.86
CA HIS B 1027 17.21 23.45 9.14
C HIS B 1027 16.21 24.59 8.99
N GLY B 1028 16.68 25.77 8.62
CA GLY B 1028 15.76 26.83 8.27
C GLY B 1028 16.40 28.20 8.29
N VAL B 1029 15.57 29.20 8.04
CA VAL B 1029 15.97 30.59 8.06
C VAL B 1029 15.24 31.29 9.20
N VAL B 1030 15.86 32.36 9.68
CA VAL B 1030 15.29 33.17 10.74
C VAL B 1030 15.23 34.61 10.26
N PHE B 1031 14.04 35.19 10.31
CA PHE B 1031 13.85 36.53 9.79
C PHE B 1031 13.85 37.56 10.92
N LEU B 1032 14.14 38.81 10.53
CA LEU B 1032 14.23 39.95 11.45
C LEU B 1032 13.74 41.14 10.65
N HIS B 1033 12.52 41.59 10.92
CA HIS B 1033 11.85 42.54 10.04
C HIS B 1033 11.95 43.94 10.61
N VAL B 1034 12.92 44.71 10.10
CA VAL B 1034 13.03 46.13 10.42
C VAL B 1034 11.82 46.83 9.80
N THR B 1035 10.92 47.33 10.64
CA THR B 1035 9.62 47.81 10.18
C THR B 1035 9.32 49.18 10.77
N TYR B 1036 8.13 49.69 10.42
CA TYR B 1036 7.63 50.98 10.85
C TYR B 1036 6.42 50.80 11.75
N VAL B 1037 6.29 51.68 12.76
CA VAL B 1037 5.06 51.79 13.53
C VAL B 1037 4.67 53.27 13.58
N PRO B 1038 3.42 53.63 13.31
CA PRO B 1038 2.97 55.02 13.50
C PRO B 1038 2.62 55.29 14.96
N SER B 1039 2.61 56.57 15.32
CA SER B 1039 2.46 56.92 16.73
C SER B 1039 1.91 58.33 16.91
N GLN B 1040 1.13 58.49 18.00
CA GLN B 1040 0.66 59.77 18.53
C GLN B 1040 -0.20 60.54 17.53
N GLU B 1041 -1.39 59.99 17.33
CA GLU B 1041 -2.36 60.49 16.37
C GLU B 1041 -3.34 61.44 17.06
N ARG B 1042 -3.75 62.50 16.36
CA ARG B 1042 -4.64 63.50 16.94
C ARG B 1042 -5.71 63.89 15.93
N ASN B 1043 -6.81 64.42 16.47
CA ASN B 1043 -8.01 64.70 15.69
C ASN B 1043 -7.89 66.05 15.00
N PHE B 1044 -7.73 66.04 13.69
CA PHE B 1044 -7.46 67.24 12.92
C PHE B 1044 -8.56 67.49 11.90
N THR B 1045 -8.81 68.77 11.61
CA THR B 1045 -9.92 69.18 10.76
C THR B 1045 -9.51 69.20 9.29
N THR B 1046 -10.23 68.43 8.46
CA THR B 1046 -9.91 68.31 7.04
C THR B 1046 -11.14 68.54 6.17
N ALA B 1047 -10.87 68.86 4.91
CA ALA B 1047 -11.89 69.24 3.93
C ALA B 1047 -11.28 69.16 2.53
N PRO B 1048 -12.08 68.80 1.50
CA PRO B 1048 -11.49 68.46 0.19
C PRO B 1048 -10.82 69.57 -0.62
N ALA B 1049 -11.50 70.68 -0.87
CA ALA B 1049 -11.03 71.65 -1.86
C ALA B 1049 -11.16 73.06 -1.30
N ILE B 1050 -10.51 74.01 -1.95
CA ILE B 1050 -10.44 75.40 -1.48
C ILE B 1050 -11.04 76.30 -2.53
N CYS B 1051 -12.06 77.07 -2.14
CA CYS B 1051 -12.74 77.98 -3.07
C CYS B 1051 -11.98 79.31 -3.03
N HIS B 1052 -10.95 79.41 -3.86
CA HIS B 1052 -10.12 80.60 -3.92
C HIS B 1052 -10.17 81.15 -5.33
N GLU B 1053 -10.56 82.43 -5.45
CA GLU B 1053 -10.83 83.11 -6.73
C GLU B 1053 -11.85 82.33 -7.56
N GLY B 1054 -12.88 81.83 -6.89
CA GLY B 1054 -14.01 81.22 -7.56
C GLY B 1054 -13.85 79.78 -7.98
N LYS B 1055 -12.68 79.19 -7.82
CA LYS B 1055 -12.44 77.84 -8.31
C LYS B 1055 -11.91 76.96 -7.19
N ALA B 1056 -12.48 75.76 -7.10
CA ALA B 1056 -12.04 74.79 -6.10
C ALA B 1056 -10.67 74.26 -6.43
N TYR B 1057 -9.81 74.15 -5.42
CA TYR B 1057 -8.43 73.72 -5.61
C TYR B 1057 -8.22 72.37 -4.94
N PHE B 1058 -7.92 71.34 -5.74
CA PHE B 1058 -7.64 69.98 -5.33
C PHE B 1058 -6.15 69.78 -5.05
N PRO B 1059 -5.83 69.09 -3.96
CA PRO B 1059 -4.42 69.00 -3.54
C PRO B 1059 -3.62 68.05 -4.41
N ARG B 1060 -2.31 68.30 -4.47
CA ARG B 1060 -1.41 67.37 -5.16
C ARG B 1060 -0.92 66.24 -4.27
N GLU B 1061 -1.04 66.38 -2.95
CA GLU B 1061 -0.49 65.40 -2.02
C GLU B 1061 -1.17 65.57 -0.68
N GLY B 1062 -1.74 64.49 -0.14
CA GLY B 1062 -2.34 64.54 1.17
C GLY B 1062 -3.65 65.30 1.18
N VAL B 1063 -4.05 65.70 2.37
CA VAL B 1063 -5.32 66.39 2.59
C VAL B 1063 -5.05 67.77 3.16
N PHE B 1064 -5.99 68.68 2.92
CA PHE B 1064 -5.91 70.00 3.53
C PHE B 1064 -6.35 69.89 4.97
N VAL B 1065 -5.52 70.38 5.89
CA VAL B 1065 -5.72 70.15 7.31
C VAL B 1065 -5.86 71.49 8.01
N PHE B 1066 -6.88 71.61 8.86
CA PHE B 1066 -7.02 72.72 9.79
C PHE B 1066 -6.81 72.19 11.20
N ASN B 1067 -6.22 73.01 12.06
CA ASN B 1067 -5.83 72.56 13.39
C ASN B 1067 -6.23 73.53 14.50
N GLY B 1068 -7.21 74.39 14.25
CA GLY B 1068 -7.51 75.48 15.14
C GLY B 1068 -6.77 76.76 14.81
N THR B 1069 -5.71 76.69 14.01
CA THR B 1069 -4.90 77.85 13.68
C THR B 1069 -4.98 78.19 12.20
N SER B 1070 -4.62 77.26 11.31
CA SER B 1070 -4.44 77.58 9.91
C SER B 1070 -4.74 76.37 9.05
N TRP B 1071 -4.91 76.62 7.76
CA TRP B 1071 -5.00 75.58 6.76
C TRP B 1071 -3.64 75.36 6.12
N PHE B 1072 -3.37 74.11 5.79
CA PHE B 1072 -2.04 73.65 5.39
C PHE B 1072 -2.19 72.24 4.82
N ILE B 1073 -1.10 71.71 4.28
CA ILE B 1073 -1.10 70.36 3.73
C ILE B 1073 -0.10 69.52 4.50
N THR B 1074 -0.33 68.20 4.48
CA THR B 1074 0.57 67.21 5.06
C THR B 1074 0.24 65.86 4.46
N GLN B 1075 1.17 64.92 4.62
CA GLN B 1075 0.92 63.54 4.23
C GLN B 1075 -0.03 62.87 5.21
N ARG B 1076 -0.51 61.69 4.84
CA ARG B 1076 -1.23 60.86 5.78
C ARG B 1076 -0.30 59.95 6.56
N ASN B 1077 0.98 59.93 6.22
CA ASN B 1077 1.92 59.05 6.88
C ASN B 1077 2.49 59.66 8.15
N PHE B 1078 2.57 60.98 8.22
CA PHE B 1078 3.06 61.71 9.37
C PHE B 1078 2.51 63.13 9.26
N PHE B 1079 3.01 64.03 10.10
CA PHE B 1079 2.44 65.37 10.19
C PHE B 1079 3.53 66.41 10.00
N SER B 1080 3.41 67.21 8.95
CA SER B 1080 4.33 68.32 8.69
C SER B 1080 3.59 69.43 7.93
N PRO B 1081 3.42 70.60 8.55
CA PRO B 1081 2.48 71.62 8.01
C PRO B 1081 3.07 72.53 6.94
N GLN B 1082 3.24 72.00 5.73
CA GLN B 1082 3.64 72.83 4.62
C GLN B 1082 2.48 73.72 4.18
N ILE B 1083 2.83 74.86 3.61
CA ILE B 1083 1.88 75.95 3.40
C ILE B 1083 1.28 75.82 2.00
N ILE B 1084 -0.04 76.06 1.91
CA ILE B 1084 -0.79 75.87 0.67
C ILE B 1084 -0.38 76.90 -0.36
N THR B 1085 0.18 76.45 -1.47
CA THR B 1085 0.55 77.30 -2.59
C THR B 1085 -0.11 76.77 -3.86
N THR B 1086 0.33 77.29 -5.01
CA THR B 1086 -0.20 76.88 -6.31
C THR B 1086 0.70 75.90 -7.04
N ASP B 1087 1.83 75.51 -6.45
CA ASP B 1087 2.70 74.47 -7.01
C ASP B 1087 2.68 73.18 -6.20
N ASN B 1088 1.94 73.15 -5.09
CA ASN B 1088 1.68 71.92 -4.36
C ASN B 1088 0.20 71.57 -4.36
N THR B 1089 -0.60 72.30 -5.14
CA THR B 1089 -2.04 72.12 -5.20
C THR B 1089 -2.51 72.69 -6.52
N PHE B 1090 -3.17 71.87 -7.32
CA PHE B 1090 -3.55 72.24 -8.68
C PHE B 1090 -5.00 72.72 -8.72
N VAL B 1091 -5.31 73.48 -9.77
CA VAL B 1091 -6.68 73.91 -10.01
C VAL B 1091 -7.41 72.79 -10.72
N SER B 1092 -8.70 72.62 -10.41
CA SER B 1092 -9.49 71.61 -11.09
C SER B 1092 -10.95 72.02 -10.99
N GLY B 1093 -11.47 72.61 -12.06
CA GLY B 1093 -12.86 73.04 -12.09
C GLY B 1093 -13.15 74.24 -11.22
N ASN B 1094 -14.39 74.73 -11.30
CA ASN B 1094 -14.81 75.87 -10.52
C ASN B 1094 -15.22 75.44 -9.10
N CYS B 1095 -15.82 76.37 -8.36
CA CYS B 1095 -16.53 76.02 -7.13
C CYS B 1095 -17.94 75.56 -7.50
N ASP B 1096 -18.81 75.47 -6.48
CA ASP B 1096 -20.22 75.12 -6.57
C ASP B 1096 -20.45 73.71 -7.13
N VAL B 1097 -19.47 72.81 -7.00
CA VAL B 1097 -19.62 71.45 -7.49
C VAL B 1097 -19.45 70.47 -6.34
N VAL B 1098 -18.27 70.48 -5.73
CA VAL B 1098 -17.94 69.56 -4.64
C VAL B 1098 -18.58 70.09 -3.36
N ILE B 1099 -19.03 69.20 -2.49
CA ILE B 1099 -19.60 69.60 -1.21
C ILE B 1099 -18.49 69.62 -0.16
N GLY B 1100 -18.30 70.76 0.49
CA GLY B 1100 -17.33 70.87 1.55
C GLY B 1100 -16.11 71.69 1.21
N ILE B 1101 -16.28 72.69 0.34
CA ILE B 1101 -15.12 73.45 -0.15
C ILE B 1101 -14.67 74.43 0.91
N ILE B 1102 -13.34 74.53 1.09
CA ILE B 1102 -12.80 75.52 2.02
C ILE B 1102 -12.93 76.90 1.40
N ASN B 1103 -13.34 77.87 2.21
CA ASN B 1103 -13.54 79.23 1.70
C ASN B 1103 -12.37 80.08 2.20
N ASN B 1104 -11.24 79.98 1.50
CA ASN B 1104 -9.98 80.45 2.05
C ASN B 1104 -9.10 81.00 0.92
N THR B 1105 -8.14 81.83 1.32
CA THR B 1105 -7.07 82.28 0.46
C THR B 1105 -6.11 81.15 0.14
N VAL B 1106 -5.55 81.18 -1.07
CA VAL B 1106 -4.42 80.34 -1.45
C VAL B 1106 -3.30 81.25 -1.88
N TYR B 1107 -2.13 81.08 -1.28
CA TYR B 1107 -0.94 81.87 -1.57
C TYR B 1107 -0.47 81.72 -3.01
N ARG C 5 -62.39 -36.49 -11.06
CA ARG C 5 -62.07 -37.11 -12.35
C ARG C 5 -61.33 -36.15 -13.28
N CYS C 6 -60.82 -36.70 -14.37
CA CYS C 6 -59.99 -35.96 -15.32
C CYS C 6 -60.78 -35.76 -16.61
N THR C 7 -61.53 -34.66 -16.65
CA THR C 7 -62.45 -34.37 -17.74
C THR C 7 -61.79 -33.41 -18.71
N THR C 8 -61.49 -33.89 -19.92
CA THR C 8 -60.95 -33.04 -20.97
C THR C 8 -62.07 -32.51 -21.84
N PHE C 9 -61.88 -31.29 -22.34
CA PHE C 9 -62.93 -30.60 -23.09
C PHE C 9 -62.75 -30.86 -24.58
N ASP C 10 -63.71 -30.38 -25.37
CA ASP C 10 -63.84 -30.80 -26.76
C ASP C 10 -63.37 -29.75 -27.77
N ASP C 11 -63.45 -28.47 -27.44
CA ASP C 11 -63.20 -27.38 -28.40
C ASP C 11 -62.15 -26.43 -27.86
N VAL C 12 -61.02 -26.98 -27.43
CA VAL C 12 -59.89 -26.17 -26.95
C VAL C 12 -59.30 -25.41 -28.12
N GLN C 13 -59.48 -24.10 -28.14
CA GLN C 13 -58.84 -23.26 -29.14
C GLN C 13 -57.35 -23.14 -28.80
N ALA C 14 -56.52 -23.04 -29.84
CA ALA C 14 -55.07 -23.00 -29.67
C ALA C 14 -54.63 -21.69 -28.99
N PRO C 15 -53.47 -21.69 -28.33
CA PRO C 15 -52.95 -20.44 -27.77
C PRO C 15 -52.59 -19.43 -28.85
N ASN C 16 -52.58 -18.15 -28.45
CA ASN C 16 -52.48 -17.05 -29.40
C ASN C 16 -51.11 -16.41 -29.50
N TYR C 17 -50.27 -16.52 -28.45
CA TYR C 17 -49.01 -15.79 -28.31
C TYR C 17 -49.21 -14.27 -28.47
N THR C 18 -50.15 -13.73 -27.70
CA THR C 18 -50.43 -12.30 -27.76
C THR C 18 -49.38 -11.54 -26.95
N GLN C 19 -48.69 -10.60 -27.59
CA GLN C 19 -47.57 -9.91 -26.98
C GLN C 19 -48.01 -8.62 -26.30
N HIS C 20 -47.47 -8.37 -25.12
CA HIS C 20 -47.67 -7.13 -24.40
C HIS C 20 -46.36 -6.76 -23.71
N THR C 21 -46.32 -5.56 -23.14
CA THR C 21 -45.13 -5.08 -22.46
C THR C 21 -45.26 -5.25 -20.94
N SER C 22 -44.12 -5.22 -20.27
CA SER C 22 -44.03 -5.42 -18.82
C SER C 22 -43.81 -4.12 -18.08
N SER C 23 -44.48 -3.04 -18.50
CA SER C 23 -43.95 -1.67 -18.58
C SER C 23 -43.05 -1.19 -17.45
N MET C 24 -43.60 -1.03 -16.24
CA MET C 24 -42.78 -0.70 -15.08
C MET C 24 -43.25 -1.44 -13.84
N ARG C 25 -43.94 -2.55 -14.01
CA ARG C 25 -44.39 -3.35 -12.89
C ARG C 25 -43.35 -4.43 -12.59
N GLY C 26 -43.57 -5.19 -11.53
CA GLY C 26 -42.65 -6.21 -11.11
C GLY C 26 -41.71 -5.81 -9.99
N VAL C 27 -42.06 -4.80 -9.20
CA VAL C 27 -41.22 -4.29 -8.12
C VAL C 27 -41.71 -4.89 -6.81
N TYR C 28 -40.80 -5.45 -6.03
CA TYR C 28 -41.18 -6.20 -4.84
C TYR C 28 -40.23 -5.91 -3.69
N TYR C 29 -40.74 -6.15 -2.49
CA TYR C 29 -39.97 -6.13 -1.26
C TYR C 29 -39.09 -7.36 -1.21
N PRO C 30 -37.76 -7.20 -1.22
CA PRO C 30 -36.87 -8.36 -1.21
C PRO C 30 -36.51 -8.85 0.18
N ASP C 31 -36.78 -8.07 1.21
CA ASP C 31 -36.22 -8.25 2.53
C ASP C 31 -37.29 -8.12 3.59
N GLU C 32 -36.97 -8.61 4.80
CA GLU C 32 -37.69 -8.24 6.00
C GLU C 32 -37.05 -7.06 6.71
N ILE C 33 -36.35 -6.22 5.97
CA ILE C 33 -35.55 -5.14 6.52
C ILE C 33 -36.29 -3.82 6.30
N PHE C 34 -36.52 -3.10 7.38
CA PHE C 34 -36.98 -1.73 7.27
C PHE C 34 -35.79 -0.82 6.97
N ARG C 35 -35.99 0.11 6.05
CA ARG C 35 -35.16 1.28 5.91
C ARG C 35 -36.09 2.47 5.80
N SER C 36 -35.51 3.66 5.76
CA SER C 36 -36.33 4.87 5.67
C SER C 36 -35.57 5.95 4.92
N ASP C 37 -36.19 6.42 3.82
CA ASP C 37 -35.78 7.61 3.08
C ASP C 37 -34.35 7.46 2.55
N THR C 38 -34.16 6.48 1.68
CA THR C 38 -32.85 6.23 1.12
C THR C 38 -33.01 5.65 -0.27
N LEU C 39 -31.87 5.46 -0.95
CA LEU C 39 -31.83 4.84 -2.25
C LEU C 39 -30.91 3.63 -2.16
N TYR C 40 -31.41 2.47 -2.60
CA TYR C 40 -30.86 1.19 -2.18
C TYR C 40 -30.63 0.29 -3.38
N LEU C 41 -29.39 -0.16 -3.55
CA LEU C 41 -29.06 -1.15 -4.55
C LEU C 41 -29.70 -2.49 -4.22
N THR C 42 -30.29 -3.14 -5.22
CA THR C 42 -30.84 -4.47 -5.05
C THR C 42 -30.57 -5.28 -6.30
N GLN C 43 -29.94 -6.44 -6.13
CA GLN C 43 -29.68 -7.38 -7.21
C GLN C 43 -30.54 -8.62 -6.96
N ASP C 44 -31.62 -8.76 -7.71
CA ASP C 44 -32.59 -9.80 -7.38
C ASP C 44 -33.33 -10.18 -8.66
N LEU C 45 -34.26 -11.12 -8.54
CA LEU C 45 -34.90 -11.80 -9.66
C LEU C 45 -36.06 -10.93 -10.17
N PHE C 46 -35.72 -9.91 -10.93
CA PHE C 46 -36.72 -8.88 -11.19
C PHE C 46 -37.49 -9.15 -12.48
N LEU C 47 -38.60 -8.44 -12.61
CA LEU C 47 -39.21 -8.22 -13.91
C LEU C 47 -38.55 -7.01 -14.56
N PRO C 48 -37.85 -7.17 -15.67
CA PRO C 48 -37.30 -6.01 -16.37
C PRO C 48 -38.41 -5.19 -17.00
N PHE C 49 -38.09 -3.94 -17.28
CA PHE C 49 -39.12 -2.99 -17.68
C PHE C 49 -39.46 -3.20 -19.15
N TYR C 50 -40.75 -3.07 -19.46
CA TYR C 50 -41.30 -3.05 -20.82
C TYR C 50 -41.07 -4.33 -21.59
N SER C 51 -40.74 -5.44 -20.92
CA SER C 51 -40.36 -6.64 -21.63
C SER C 51 -41.60 -7.39 -22.13
N ASN C 52 -41.37 -8.33 -23.04
CA ASN C 52 -42.46 -8.99 -23.76
C ASN C 52 -43.23 -9.91 -22.84
N VAL C 53 -44.56 -9.74 -22.82
CA VAL C 53 -45.45 -10.45 -21.91
C VAL C 53 -46.48 -11.19 -22.75
N THR C 54 -46.56 -12.51 -22.56
CA THR C 54 -47.50 -13.34 -23.30
C THR C 54 -48.91 -13.17 -22.75
N GLY C 55 -49.83 -12.78 -23.61
CA GLY C 55 -51.21 -12.61 -23.19
C GLY C 55 -52.11 -13.79 -23.55
N PHE C 56 -52.43 -14.62 -22.56
CA PHE C 56 -53.37 -15.72 -22.75
C PHE C 56 -54.76 -15.23 -22.36
N HIS C 57 -55.49 -14.75 -23.35
CA HIS C 57 -56.88 -14.36 -23.20
C HIS C 57 -57.76 -15.61 -23.24
N THR C 58 -58.91 -15.54 -22.59
CA THR C 58 -59.92 -16.59 -22.66
C THR C 58 -61.24 -15.96 -23.05
N ILE C 59 -61.75 -16.34 -24.23
CA ILE C 59 -63.08 -15.93 -24.67
C ILE C 59 -63.90 -17.22 -24.70
N ASN C 60 -65.18 -17.15 -25.07
CA ASN C 60 -66.11 -18.28 -25.00
C ASN C 60 -65.64 -19.51 -25.78
N HIS C 61 -64.81 -19.35 -26.80
CA HIS C 61 -64.15 -20.48 -27.45
C HIS C 61 -62.74 -20.72 -26.96
N THR C 62 -62.00 -19.66 -26.65
CA THR C 62 -60.58 -19.77 -26.31
C THR C 62 -60.43 -20.29 -24.89
N PHE C 63 -59.85 -21.47 -24.76
CA PHE C 63 -59.71 -22.17 -23.47
C PHE C 63 -58.25 -22.60 -23.35
N GLY C 64 -57.42 -21.77 -22.70
CA GLY C 64 -55.98 -21.95 -22.69
C GLY C 64 -55.46 -22.05 -21.26
N ASN C 65 -54.90 -23.22 -20.93
CA ASN C 65 -53.93 -23.33 -19.83
C ASN C 65 -52.96 -24.46 -20.15
N PRO C 66 -51.93 -24.17 -20.96
CA PRO C 66 -51.00 -25.23 -21.37
C PRO C 66 -49.88 -25.47 -20.37
N VAL C 67 -48.94 -26.34 -20.75
CA VAL C 67 -47.68 -26.46 -20.02
C VAL C 67 -46.89 -25.19 -20.26
N ILE C 68 -46.76 -24.37 -19.22
CA ILE C 68 -46.01 -23.11 -19.30
C ILE C 68 -44.77 -23.26 -18.43
N PRO C 69 -43.58 -22.96 -18.94
CA PRO C 69 -42.36 -23.15 -18.15
C PRO C 69 -42.24 -22.14 -17.03
N PHE C 70 -41.71 -22.59 -15.90
CA PHE C 70 -41.50 -21.77 -14.72
C PHE C 70 -40.07 -21.25 -14.64
N LYS C 71 -39.28 -21.46 -15.70
CA LYS C 71 -37.82 -21.62 -15.73
C LYS C 71 -37.00 -20.81 -14.71
N ASP C 72 -37.30 -19.53 -14.56
CA ASP C 72 -36.68 -18.72 -13.53
C ASP C 72 -37.64 -18.30 -12.44
N GLY C 73 -38.94 -18.50 -12.64
CA GLY C 73 -39.96 -17.85 -11.84
C GLY C 73 -40.86 -17.09 -12.78
N ILE C 74 -42.02 -16.64 -12.32
CA ILE C 74 -42.96 -15.93 -13.18
C ILE C 74 -43.49 -14.69 -12.49
N TYR C 75 -43.92 -13.73 -13.32
CA TYR C 75 -44.70 -12.58 -12.90
C TYR C 75 -46.12 -12.83 -13.39
N PHE C 76 -47.00 -13.23 -12.49
CA PHE C 76 -48.38 -13.52 -12.85
C PHE C 76 -49.24 -12.26 -12.74
N ALA C 77 -50.18 -12.12 -13.67
CA ALA C 77 -51.20 -11.08 -13.61
C ALA C 77 -52.57 -11.72 -13.77
N ALA C 78 -53.53 -11.25 -12.98
CA ALA C 78 -54.90 -11.77 -13.00
C ALA C 78 -55.84 -10.62 -13.31
N THR C 79 -56.08 -10.39 -14.60
CA THR C 79 -57.04 -9.38 -15.03
C THR C 79 -58.44 -9.99 -14.88
N GLU C 80 -59.03 -9.81 -13.70
CA GLU C 80 -60.26 -10.52 -13.36
C GLU C 80 -61.41 -9.55 -13.13
N LYS C 81 -62.62 -10.08 -13.37
CA LYS C 81 -63.86 -9.45 -12.96
C LYS C 81 -64.81 -10.42 -12.27
N SER C 82 -64.61 -11.74 -12.43
CA SER C 82 -65.48 -12.74 -11.81
C SER C 82 -64.67 -13.90 -11.23
N ASN C 83 -63.37 -13.71 -11.01
CA ASN C 83 -62.44 -14.70 -10.44
C ASN C 83 -62.41 -15.99 -11.26
N VAL C 84 -62.04 -15.82 -12.54
CA VAL C 84 -61.91 -16.97 -13.43
C VAL C 84 -60.69 -17.79 -13.06
N VAL C 85 -59.52 -17.16 -13.05
CA VAL C 85 -58.29 -17.86 -12.67
C VAL C 85 -58.32 -18.10 -11.16
N ARG C 86 -58.28 -19.38 -10.77
CA ARG C 86 -58.42 -19.74 -9.38
C ARG C 86 -57.36 -20.70 -8.85
N GLY C 87 -56.38 -21.10 -9.64
CA GLY C 87 -55.37 -21.98 -9.09
C GLY C 87 -54.24 -22.29 -10.04
N TRP C 88 -53.26 -23.00 -9.50
CA TRP C 88 -52.13 -23.54 -10.26
C TRP C 88 -51.80 -24.93 -9.76
N VAL C 89 -51.03 -25.65 -10.56
CA VAL C 89 -50.29 -26.82 -10.10
C VAL C 89 -48.84 -26.63 -10.51
N PHE C 90 -47.94 -26.58 -9.54
CA PHE C 90 -46.53 -26.40 -9.81
C PHE C 90 -45.83 -27.76 -9.71
N GLY C 91 -45.26 -28.21 -10.82
CA GLY C 91 -44.60 -29.49 -10.85
C GLY C 91 -43.58 -29.59 -11.96
N SER C 92 -43.15 -30.82 -12.22
CA SER C 92 -42.29 -31.09 -13.36
C SER C 92 -42.89 -32.11 -14.32
N THR C 93 -43.30 -33.28 -13.83
CA THR C 93 -43.72 -34.38 -14.68
C THR C 93 -45.17 -34.32 -15.08
N MET C 94 -45.99 -33.56 -14.33
CA MET C 94 -47.43 -33.38 -14.59
C MET C 94 -48.19 -34.70 -14.57
N ASN C 95 -47.87 -35.57 -13.60
CA ASN C 95 -48.61 -36.80 -13.34
C ASN C 95 -48.53 -37.09 -11.84
N ASN C 96 -48.92 -38.30 -11.46
CA ASN C 96 -48.85 -38.76 -10.07
C ASN C 96 -47.50 -39.37 -9.72
N LYS C 97 -46.46 -39.08 -10.48
CA LYS C 97 -45.17 -39.71 -10.21
C LYS C 97 -44.30 -38.81 -9.34
N SER C 98 -43.99 -37.60 -9.84
CA SER C 98 -43.22 -36.66 -9.05
C SER C 98 -44.13 -35.88 -8.10
N GLN C 99 -43.52 -35.32 -7.07
CA GLN C 99 -44.24 -34.40 -6.19
C GLN C 99 -44.60 -33.12 -6.93
N SER C 100 -45.79 -32.62 -6.66
CA SER C 100 -46.27 -31.37 -7.25
C SER C 100 -47.22 -30.73 -6.26
N VAL C 101 -47.26 -29.40 -6.25
CA VAL C 101 -48.05 -28.68 -5.27
C VAL C 101 -49.25 -28.05 -5.97
N ILE C 102 -50.36 -28.01 -5.24
CA ILE C 102 -51.59 -27.36 -5.70
C ILE C 102 -51.84 -26.16 -4.81
N ILE C 103 -51.93 -24.98 -5.41
CA ILE C 103 -52.33 -23.77 -4.71
C ILE C 103 -53.57 -23.25 -5.41
N ILE C 104 -54.73 -23.37 -4.75
CA ILE C 104 -55.99 -22.94 -5.32
C ILE C 104 -56.75 -22.10 -4.31
N ASN C 105 -57.72 -21.36 -4.83
CA ASN C 105 -58.80 -20.78 -4.04
C ASN C 105 -60.08 -21.44 -4.54
N ASN C 106 -60.70 -22.25 -3.69
CA ASN C 106 -61.95 -22.93 -4.01
C ASN C 106 -63.18 -22.13 -3.59
N SER C 107 -63.07 -20.81 -3.53
CA SER C 107 -64.07 -19.83 -3.08
C SER C 107 -64.48 -20.02 -1.62
N THR C 108 -63.78 -20.87 -0.87
CA THR C 108 -64.01 -21.03 0.55
C THR C 108 -62.69 -20.92 1.30
N ASN C 109 -61.61 -21.38 0.67
CA ASN C 109 -60.31 -21.49 1.31
C ASN C 109 -59.21 -21.30 0.28
N VAL C 110 -58.03 -20.89 0.76
CA VAL C 110 -56.82 -20.97 -0.04
C VAL C 110 -56.18 -22.32 0.30
N VAL C 111 -56.38 -23.30 -0.57
CA VAL C 111 -55.98 -24.68 -0.31
C VAL C 111 -54.60 -24.90 -0.92
N ILE C 112 -53.63 -25.21 -0.06
CA ILE C 112 -52.23 -25.32 -0.45
C ILE C 112 -51.79 -26.75 -0.10
N ARG C 113 -51.49 -27.55 -1.11
CA ARG C 113 -51.30 -28.97 -0.86
C ARG C 113 -50.33 -29.55 -1.87
N ALA C 114 -49.38 -30.36 -1.38
CA ALA C 114 -48.38 -31.03 -2.22
C ALA C 114 -48.45 -32.53 -1.99
N CYS C 115 -48.79 -33.27 -3.05
CA CYS C 115 -48.92 -34.72 -3.00
C CYS C 115 -48.34 -35.28 -4.31
N ASN C 116 -48.62 -36.55 -4.59
CA ASN C 116 -48.50 -37.08 -5.95
C ASN C 116 -49.89 -37.05 -6.54
N PHE C 117 -50.30 -35.86 -6.98
CA PHE C 117 -51.61 -35.73 -7.59
C PHE C 117 -51.59 -36.34 -8.98
N GLU C 118 -52.58 -37.18 -9.27
CA GLU C 118 -52.75 -37.60 -10.66
C GLU C 118 -53.27 -36.39 -11.41
N LEU C 119 -52.38 -35.77 -12.19
CA LEU C 119 -52.71 -34.56 -12.91
C LEU C 119 -53.75 -34.85 -13.98
N CYS C 120 -54.95 -34.35 -13.75
CA CYS C 120 -55.93 -34.27 -14.82
C CYS C 120 -55.41 -33.34 -15.90
N ASP C 121 -55.39 -33.83 -17.14
CA ASP C 121 -54.81 -33.08 -18.25
C ASP C 121 -55.65 -31.88 -18.66
N ASN C 122 -56.84 -31.72 -18.09
CA ASN C 122 -57.61 -30.49 -18.17
C ASN C 122 -58.15 -30.21 -16.77
N PRO C 123 -57.43 -29.41 -15.97
CA PRO C 123 -57.95 -29.01 -14.66
C PRO C 123 -58.86 -27.79 -14.75
N PHE C 124 -60.03 -27.85 -14.10
CA PHE C 124 -61.00 -26.78 -14.21
C PHE C 124 -61.95 -26.81 -13.03
N PHE C 125 -62.58 -25.66 -12.79
CA PHE C 125 -63.77 -25.56 -11.96
C PHE C 125 -64.98 -25.32 -12.85
N ALA C 126 -66.09 -25.98 -12.54
CA ALA C 126 -67.32 -25.84 -13.30
C ALA C 126 -68.32 -25.04 -12.45
N VAL C 127 -68.70 -23.86 -12.95
CA VAL C 127 -69.66 -22.98 -12.29
C VAL C 127 -70.86 -22.81 -13.21
N SER C 128 -72.06 -23.04 -12.66
CA SER C 128 -73.28 -22.84 -13.42
C SER C 128 -73.49 -21.35 -13.67
N LYS C 129 -73.52 -20.95 -14.95
CA LYS C 129 -73.68 -19.57 -15.37
C LYS C 129 -75.05 -18.96 -15.00
N PRO C 130 -76.22 -19.64 -15.18
CA PRO C 130 -77.46 -19.01 -14.69
C PRO C 130 -77.62 -19.08 -13.17
N MET C 131 -77.15 -20.16 -12.55
CA MET C 131 -77.36 -20.33 -11.12
C MET C 131 -76.37 -19.51 -10.29
N GLY C 132 -75.09 -19.59 -10.63
CA GLY C 132 -74.09 -18.75 -9.98
C GLY C 132 -73.29 -19.39 -8.88
N THR C 133 -73.30 -20.73 -8.77
CA THR C 133 -72.50 -21.42 -7.78
C THR C 133 -71.61 -22.46 -8.45
N GLN C 134 -70.53 -22.81 -7.76
CA GLN C 134 -69.61 -23.83 -8.26
C GLN C 134 -70.23 -25.21 -8.13
N THR C 135 -70.12 -26.02 -9.19
CA THR C 135 -70.59 -27.39 -9.19
C THR C 135 -69.47 -28.40 -8.98
N HIS C 136 -68.35 -28.25 -9.67
CA HIS C 136 -67.31 -29.26 -9.68
C HIS C 136 -66.02 -28.74 -9.07
N THR C 137 -65.22 -29.68 -8.54
CA THR C 137 -63.79 -29.49 -8.30
C THR C 137 -63.05 -30.69 -8.91
N MET C 138 -62.79 -30.61 -10.21
CA MET C 138 -62.11 -31.66 -10.95
C MET C 138 -60.67 -31.21 -11.16
N ILE C 139 -59.81 -31.55 -10.21
CA ILE C 139 -58.41 -31.15 -10.25
C ILE C 139 -57.55 -32.41 -10.27
N PHE C 140 -57.78 -33.28 -9.28
CA PHE C 140 -56.96 -34.44 -9.03
C PHE C 140 -57.81 -35.69 -9.18
N ASP C 141 -57.17 -36.77 -9.64
CA ASP C 141 -57.76 -38.09 -9.61
C ASP C 141 -57.24 -38.90 -8.43
N ASN C 142 -55.93 -39.01 -8.30
CA ASN C 142 -55.27 -39.65 -7.18
C ASN C 142 -54.49 -38.59 -6.41
N ALA C 143 -54.12 -38.92 -5.18
CA ALA C 143 -53.27 -38.07 -4.35
C ALA C 143 -52.63 -38.96 -3.30
N PHE C 144 -51.31 -39.11 -3.35
CA PHE C 144 -50.61 -39.91 -2.36
C PHE C 144 -49.24 -39.30 -2.10
N ASN C 145 -48.61 -39.78 -1.01
CA ASN C 145 -47.39 -39.22 -0.43
C ASN C 145 -47.52 -37.72 -0.22
N CYS C 146 -48.62 -37.33 0.42
CA CYS C 146 -48.95 -35.92 0.64
C CYS C 146 -47.96 -35.31 1.60
N THR C 147 -47.08 -34.46 1.08
CA THR C 147 -45.93 -33.96 1.82
C THR C 147 -46.18 -32.59 2.43
N PHE C 148 -47.03 -31.76 1.82
CA PHE C 148 -47.44 -30.50 2.41
C PHE C 148 -48.95 -30.37 2.38
N GLU C 149 -49.49 -29.73 3.43
CA GLU C 149 -50.91 -29.43 3.54
C GLU C 149 -51.09 -28.05 4.15
N TYR C 150 -51.91 -27.23 3.51
CA TYR C 150 -52.47 -26.06 4.19
C TYR C 150 -53.82 -25.71 3.56
N ILE C 151 -54.77 -25.35 4.42
CA ILE C 151 -56.08 -24.84 4.03
C ILE C 151 -56.36 -23.61 4.87
N SER C 152 -56.72 -22.50 4.22
CA SER C 152 -56.81 -21.21 4.89
C SER C 152 -58.16 -21.06 5.60
N ASP C 153 -58.45 -19.83 6.01
CA ASP C 153 -59.69 -19.51 6.72
C ASP C 153 -60.90 -19.66 5.80
N ALA C 154 -62.06 -19.87 6.42
CA ALA C 154 -63.30 -20.08 5.68
C ALA C 154 -63.93 -18.75 5.34
N PHE C 155 -64.37 -18.61 4.09
CA PHE C 155 -65.01 -17.40 3.61
C PHE C 155 -65.92 -17.76 2.43
N SER C 156 -66.43 -16.74 1.76
CA SER C 156 -67.13 -16.93 0.50
C SER C 156 -66.72 -15.81 -0.44
N LEU C 157 -66.41 -16.18 -1.68
CA LEU C 157 -65.87 -15.27 -2.67
C LEU C 157 -66.89 -15.06 -3.78
N ASP C 158 -66.61 -14.07 -4.64
CA ASP C 158 -67.28 -13.87 -5.92
C ASP C 158 -67.18 -15.15 -6.76
N VAL C 159 -68.32 -15.78 -7.03
CA VAL C 159 -68.36 -17.01 -7.81
C VAL C 159 -69.02 -16.80 -9.16
N SER C 160 -70.14 -16.09 -9.20
CA SER C 160 -70.91 -15.92 -10.43
C SER C 160 -70.20 -14.97 -11.40
N GLU C 161 -70.70 -14.94 -12.63
CA GLU C 161 -70.11 -14.16 -13.70
C GLU C 161 -70.66 -12.73 -13.70
N LYS C 162 -69.76 -11.76 -13.74
CA LYS C 162 -70.11 -10.37 -13.93
C LYS C 162 -69.84 -9.97 -15.38
N SER C 163 -70.16 -8.73 -15.72
CA SER C 163 -69.96 -8.23 -17.06
C SER C 163 -69.37 -6.83 -16.99
N GLY C 164 -68.83 -6.37 -18.13
CA GLY C 164 -68.24 -5.05 -18.22
C GLY C 164 -66.73 -5.08 -18.29
N ASN C 165 -66.09 -4.11 -17.63
CA ASN C 165 -64.64 -4.08 -17.53
C ASN C 165 -64.17 -5.08 -16.47
N PHE C 166 -62.86 -5.32 -16.46
CA PHE C 166 -62.27 -6.20 -15.46
C PHE C 166 -62.10 -5.41 -14.17
N LYS C 167 -62.61 -5.99 -13.06
CA LYS C 167 -62.77 -5.21 -11.83
C LYS C 167 -61.44 -4.99 -11.12
N HIS C 168 -60.61 -6.02 -11.02
CA HIS C 168 -59.43 -5.95 -10.17
C HIS C 168 -58.29 -6.75 -10.79
N LEU C 169 -57.07 -6.31 -10.52
CA LEU C 169 -55.86 -6.95 -11.02
C LEU C 169 -55.08 -7.53 -9.85
N ARG C 170 -54.82 -8.84 -9.91
CA ARG C 170 -54.01 -9.52 -8.90
C ARG C 170 -52.67 -9.87 -9.52
N GLU C 171 -51.60 -9.39 -8.90
CA GLU C 171 -50.25 -9.50 -9.43
C GLU C 171 -49.46 -10.44 -8.53
N PHE C 172 -49.08 -11.59 -9.07
CA PHE C 172 -48.49 -12.65 -8.28
C PHE C 172 -47.09 -12.98 -8.80
N VAL C 173 -46.16 -13.21 -7.88
CA VAL C 173 -44.78 -13.53 -8.21
C VAL C 173 -44.39 -14.80 -7.48
N PHE C 174 -43.90 -15.77 -8.22
CA PHE C 174 -43.55 -17.08 -7.68
C PHE C 174 -42.08 -17.35 -7.96
N LYS C 175 -41.32 -17.64 -6.91
CA LYS C 175 -39.88 -17.82 -7.05
C LYS C 175 -39.43 -19.05 -6.27
N ASN C 176 -38.69 -19.92 -6.94
CA ASN C 176 -38.09 -21.11 -6.32
C ASN C 176 -36.64 -20.76 -6.01
N LYS C 177 -36.35 -20.47 -4.75
CA LYS C 177 -34.98 -20.25 -4.31
C LYS C 177 -34.76 -21.00 -3.00
N ASP C 178 -33.73 -21.86 -3.00
CA ASP C 178 -33.24 -22.58 -1.82
C ASP C 178 -34.32 -23.47 -1.22
N GLY C 179 -35.16 -24.04 -2.07
CA GLY C 179 -36.29 -24.83 -1.64
C GLY C 179 -37.51 -24.05 -1.23
N PHE C 180 -37.38 -22.76 -0.97
CA PHE C 180 -38.56 -21.94 -0.69
C PHE C 180 -39.35 -21.71 -1.96
N LEU C 181 -40.64 -21.44 -1.79
CA LEU C 181 -41.45 -20.91 -2.87
C LEU C 181 -41.85 -19.51 -2.42
N TYR C 182 -41.07 -18.53 -2.86
CA TYR C 182 -41.39 -17.13 -2.59
C TYR C 182 -42.64 -16.75 -3.35
N VAL C 183 -43.71 -16.46 -2.62
CA VAL C 183 -45.01 -16.15 -3.21
C VAL C 183 -45.34 -14.72 -2.84
N TYR C 184 -45.40 -13.84 -3.83
CA TYR C 184 -45.65 -12.43 -3.59
C TYR C 184 -47.02 -12.06 -4.13
N LYS C 185 -47.51 -10.90 -3.68
CA LYS C 185 -48.87 -10.46 -3.99
C LYS C 185 -48.88 -8.99 -4.39
N GLY C 186 -49.59 -8.68 -5.45
CA GLY C 186 -49.92 -7.30 -5.77
C GLY C 186 -51.38 -7.20 -6.15
N TYR C 187 -52.00 -6.10 -5.74
CA TYR C 187 -53.45 -5.95 -5.90
C TYR C 187 -53.81 -4.47 -5.86
N GLN C 188 -54.41 -3.97 -6.94
CA GLN C 188 -55.06 -2.66 -6.94
C GLN C 188 -56.12 -2.67 -8.04
N PRO C 189 -57.21 -1.94 -7.87
CA PRO C 189 -58.32 -2.02 -8.84
C PRO C 189 -57.98 -1.36 -10.16
N ILE C 190 -58.55 -1.93 -11.23
CA ILE C 190 -58.40 -1.43 -12.59
C ILE C 190 -59.78 -1.41 -13.26
N ASP C 191 -59.82 -0.88 -14.48
CA ASP C 191 -61.04 -0.86 -15.27
C ASP C 191 -60.64 -0.79 -16.75
N VAL C 192 -60.65 -1.94 -17.43
CA VAL C 192 -60.08 -2.05 -18.76
C VAL C 192 -60.67 -3.31 -19.41
N VAL C 193 -60.63 -3.36 -20.73
CA VAL C 193 -61.13 -4.52 -21.47
C VAL C 193 -60.07 -5.60 -21.61
N ARG C 194 -58.94 -5.27 -22.24
CA ARG C 194 -57.80 -6.17 -22.45
C ARG C 194 -56.54 -5.32 -22.41
N ASP C 195 -55.43 -5.88 -22.92
CA ASP C 195 -54.18 -5.16 -23.20
C ASP C 195 -53.56 -4.54 -21.95
N LEU C 196 -52.93 -5.39 -21.10
CA LEU C 196 -52.38 -5.19 -19.76
C LEU C 196 -51.76 -3.80 -19.57
N PRO C 197 -52.29 -3.02 -18.62
CA PRO C 197 -51.98 -1.58 -18.61
C PRO C 197 -50.61 -1.29 -18.02
N SER C 198 -50.13 -0.09 -18.34
CA SER C 198 -48.89 0.40 -17.78
C SER C 198 -49.14 0.92 -16.37
N GLY C 199 -48.35 0.44 -15.42
CA GLY C 199 -48.65 0.75 -14.03
C GLY C 199 -47.44 0.69 -13.13
N PHE C 200 -47.71 0.88 -11.84
CA PHE C 200 -46.66 1.16 -10.87
C PHE C 200 -47.20 0.76 -9.48
N ASN C 201 -46.79 -0.41 -8.98
CA ASN C 201 -47.21 -0.84 -7.66
C ASN C 201 -46.24 -1.89 -7.13
N THR C 202 -46.16 -1.97 -5.80
CA THR C 202 -45.17 -2.79 -5.14
C THR C 202 -45.76 -4.14 -4.73
N LEU C 203 -45.05 -5.20 -5.08
CA LEU C 203 -45.44 -6.56 -4.73
C LEU C 203 -45.01 -6.88 -3.31
N LYS C 204 -45.85 -7.61 -2.58
CA LYS C 204 -45.60 -7.74 -1.16
C LYS C 204 -45.53 -9.21 -0.75
N PRO C 205 -44.65 -9.55 0.21
CA PRO C 205 -44.49 -10.96 0.60
C PRO C 205 -45.64 -11.45 1.47
N ILE C 206 -46.22 -12.59 1.08
CA ILE C 206 -47.28 -13.19 1.87
C ILE C 206 -46.96 -14.64 2.22
N PHE C 207 -46.15 -15.31 1.39
CA PHE C 207 -45.91 -16.74 1.61
C PHE C 207 -44.47 -17.07 1.20
N LYS C 208 -43.59 -17.12 2.20
CA LYS C 208 -42.27 -17.74 2.06
C LYS C 208 -42.46 -19.21 2.41
N LEU C 209 -42.64 -20.04 1.37
CA LEU C 209 -43.04 -21.42 1.60
C LEU C 209 -41.93 -22.39 1.20
N PRO C 210 -41.25 -22.99 2.13
CA PRO C 210 -40.32 -24.08 1.80
C PRO C 210 -41.08 -25.33 1.41
N LEU C 211 -41.42 -25.48 0.13
CA LEU C 211 -42.08 -26.71 -0.30
C LEU C 211 -41.05 -27.80 -0.59
N GLY C 212 -39.97 -27.46 -1.26
CA GLY C 212 -38.91 -28.42 -1.51
C GLY C 212 -39.21 -29.45 -2.57
N ILE C 213 -39.95 -29.07 -3.61
CA ILE C 213 -40.35 -30.03 -4.63
C ILE C 213 -39.78 -29.65 -5.99
N ASN C 214 -40.06 -30.47 -6.99
CA ASN C 214 -39.56 -30.28 -8.35
C ASN C 214 -40.57 -29.44 -9.11
N ILE C 215 -40.23 -28.18 -9.36
CA ILE C 215 -41.08 -27.27 -10.12
C ILE C 215 -40.26 -26.77 -11.31
N THR C 216 -40.50 -27.35 -12.47
CA THR C 216 -39.96 -26.85 -13.73
C THR C 216 -41.04 -26.35 -14.67
N ASN C 217 -42.29 -26.76 -14.47
CA ASN C 217 -43.42 -26.30 -15.25
C ASN C 217 -44.55 -25.94 -14.31
N PHE C 218 -45.61 -25.38 -14.87
CA PHE C 218 -46.84 -25.16 -14.13
C PHE C 218 -47.98 -25.11 -15.12
N ARG C 219 -49.19 -24.93 -14.60
CA ARG C 219 -50.38 -24.89 -15.44
C ARG C 219 -51.47 -24.15 -14.68
N ALA C 220 -52.08 -23.18 -15.34
CA ALA C 220 -53.14 -22.41 -14.72
C ALA C 220 -54.38 -23.27 -14.55
N ILE C 221 -55.17 -22.93 -13.54
CA ILE C 221 -56.44 -23.60 -13.30
C ILE C 221 -57.53 -22.55 -13.52
N LEU C 222 -58.25 -22.70 -14.62
CA LEU C 222 -59.29 -21.75 -15.01
C LEU C 222 -60.57 -22.04 -14.24
N THR C 223 -61.66 -21.42 -14.68
CA THR C 223 -62.99 -21.74 -14.19
C THR C 223 -63.91 -21.82 -15.40
N ALA C 224 -64.47 -22.99 -15.65
CA ALA C 224 -65.35 -23.20 -16.79
C ALA C 224 -66.77 -22.79 -16.39
N PHE C 225 -67.31 -21.76 -17.04
CA PHE C 225 -68.67 -21.31 -16.79
C PHE C 225 -69.61 -22.07 -17.72
N SER C 226 -70.29 -23.08 -17.17
CA SER C 226 -71.17 -23.93 -17.95
C SER C 226 -72.60 -23.44 -17.81
N PRO C 227 -73.23 -22.92 -18.87
CA PRO C 227 -74.62 -22.44 -18.78
C PRO C 227 -75.65 -23.56 -18.93
N ILE C 231 -71.10 -30.00 -21.48
CA ILE C 231 -71.04 -28.65 -22.01
C ILE C 231 -70.16 -27.77 -21.14
N TRP C 232 -69.09 -27.25 -21.71
CA TRP C 232 -68.22 -26.30 -21.04
C TRP C 232 -68.33 -24.93 -21.71
N GLY C 233 -67.75 -23.95 -21.06
CA GLY C 233 -67.76 -22.59 -21.58
C GLY C 233 -67.04 -21.68 -20.62
N THR C 234 -66.66 -20.52 -21.12
CA THR C 234 -65.91 -19.56 -20.29
C THR C 234 -66.57 -18.19 -20.29
N SER C 235 -65.86 -17.22 -19.72
CA SER C 235 -66.18 -15.81 -19.84
C SER C 235 -64.89 -15.07 -20.21
N ALA C 236 -64.98 -13.75 -20.32
CA ALA C 236 -63.82 -12.95 -20.70
C ALA C 236 -62.85 -12.84 -19.53
N ALA C 237 -61.61 -13.25 -19.76
CA ALA C 237 -60.53 -13.15 -18.78
C ALA C 237 -59.20 -13.21 -19.51
N ALA C 238 -58.12 -12.92 -18.79
CA ALA C 238 -56.79 -12.98 -19.36
C ALA C 238 -55.77 -13.11 -18.24
N TYR C 239 -54.74 -13.93 -18.47
CA TYR C 239 -53.62 -14.04 -17.56
C TYR C 239 -52.33 -13.89 -18.34
N PHE C 240 -51.24 -13.67 -17.60
CA PHE C 240 -49.98 -13.27 -18.22
C PHE C 240 -48.83 -14.06 -17.60
N VAL C 241 -47.88 -14.45 -18.45
CA VAL C 241 -46.82 -15.35 -18.02
C VAL C 241 -45.75 -14.60 -17.22
N GLY C 242 -45.09 -13.63 -17.85
CA GLY C 242 -44.18 -12.74 -17.15
C GLY C 242 -42.90 -13.37 -16.63
N TYR C 243 -41.98 -13.73 -17.51
CA TYR C 243 -40.72 -14.31 -17.06
C TYR C 243 -39.86 -13.28 -16.36
N LEU C 244 -39.06 -13.75 -15.41
CA LEU C 244 -38.28 -12.89 -14.52
C LEU C 244 -36.80 -13.04 -14.83
N LYS C 245 -36.04 -12.00 -14.47
CA LYS C 245 -34.61 -11.98 -14.73
C LYS C 245 -33.84 -11.43 -13.54
N PRO C 246 -32.66 -11.97 -13.26
CA PRO C 246 -31.79 -11.40 -12.21
C PRO C 246 -30.96 -10.19 -12.68
N THR C 247 -31.60 -9.04 -12.72
CA THR C 247 -30.91 -7.78 -12.98
C THR C 247 -30.74 -7.02 -11.67
N THR C 248 -30.25 -5.78 -11.76
CA THR C 248 -30.05 -4.93 -10.59
C THR C 248 -30.97 -3.72 -10.68
N PHE C 249 -31.65 -3.42 -9.58
CA PHE C 249 -32.50 -2.25 -9.48
C PHE C 249 -31.97 -1.29 -8.41
N MET C 250 -32.41 -0.04 -8.53
CA MET C 250 -32.32 0.93 -7.46
C MET C 250 -33.71 1.15 -6.89
N LEU C 251 -33.80 1.21 -5.56
CA LEU C 251 -35.08 1.30 -4.87
C LEU C 251 -35.04 2.50 -3.94
N LYS C 252 -35.95 3.45 -4.15
CA LYS C 252 -36.05 4.61 -3.29
C LYS C 252 -37.19 4.40 -2.31
N TYR C 253 -36.85 4.38 -1.02
CA TYR C 253 -37.83 4.22 0.03
C TYR C 253 -38.26 5.58 0.53
N ASP C 254 -39.47 5.66 1.07
CA ASP C 254 -40.01 6.87 1.68
C ASP C 254 -39.70 6.88 3.17
N GLU C 255 -40.41 7.73 3.92
CA GLU C 255 -40.45 7.64 5.38
C GLU C 255 -40.78 6.23 5.86
N ASN C 256 -41.79 5.61 5.26
CA ASN C 256 -42.39 4.40 5.79
C ASN C 256 -41.77 3.13 5.21
N GLY C 257 -40.70 3.26 4.43
CA GLY C 257 -40.13 2.08 3.80
C GLY C 257 -40.94 1.57 2.62
N THR C 258 -41.86 2.37 2.09
CA THR C 258 -42.59 2.02 0.90
C THR C 258 -41.77 2.42 -0.32
N ILE C 259 -41.64 1.49 -1.27
CA ILE C 259 -41.00 1.80 -2.54
C ILE C 259 -41.86 2.81 -3.29
N THR C 260 -41.35 4.03 -3.44
CA THR C 260 -42.08 5.07 -4.15
C THR C 260 -41.52 5.33 -5.55
N ASP C 261 -40.38 4.73 -5.89
CA ASP C 261 -39.79 4.81 -7.22
C ASP C 261 -38.76 3.70 -7.35
N ALA C 262 -38.55 3.25 -8.58
CA ALA C 262 -37.59 2.20 -8.87
C ALA C 262 -37.03 2.43 -10.26
N VAL C 263 -35.74 2.17 -10.44
CA VAL C 263 -35.03 2.49 -11.67
C VAL C 263 -34.23 1.26 -12.10
N ASP C 264 -34.46 0.81 -13.33
CA ASP C 264 -33.66 -0.26 -13.92
C ASP C 264 -32.23 0.19 -14.11
N CYS C 265 -31.32 -0.76 -14.11
CA CYS C 265 -29.94 -0.50 -14.47
C CYS C 265 -29.58 -1.06 -15.84
N SER C 266 -30.58 -1.43 -16.64
CA SER C 266 -30.29 -2.12 -17.89
C SER C 266 -31.12 -1.66 -19.07
N GLN C 267 -31.88 -0.56 -18.95
CA GLN C 267 -32.63 -0.05 -20.09
C GLN C 267 -31.71 0.56 -21.13
N ASN C 268 -31.03 1.63 -20.74
CA ASN C 268 -30.22 2.43 -21.65
C ASN C 268 -29.03 2.93 -20.86
N PRO C 269 -27.99 3.45 -21.52
CA PRO C 269 -26.89 4.10 -20.78
C PRO C 269 -27.31 5.30 -19.93
N LEU C 270 -28.51 5.86 -20.13
CA LEU C 270 -29.07 6.77 -19.15
C LEU C 270 -29.36 6.07 -17.83
N ALA C 271 -29.83 4.82 -17.89
CA ALA C 271 -30.30 4.14 -16.69
C ALA C 271 -29.16 3.75 -15.76
N GLU C 272 -27.99 3.39 -16.32
CA GLU C 272 -26.86 3.04 -15.46
C GLU C 272 -26.32 4.26 -14.74
N LEU C 273 -26.45 5.44 -15.35
CA LEU C 273 -25.94 6.66 -14.75
C LEU C 273 -26.71 7.00 -13.47
N LYS C 274 -28.01 6.71 -13.45
CA LYS C 274 -28.75 6.78 -12.19
C LYS C 274 -28.25 5.73 -11.21
N CYS C 275 -27.82 4.56 -11.71
CA CYS C 275 -27.38 3.49 -10.84
C CYS C 275 -25.97 3.70 -10.33
N SER C 276 -25.11 4.37 -11.11
CA SER C 276 -23.73 4.59 -10.67
C SER C 276 -23.61 5.76 -9.72
N VAL C 277 -24.46 6.77 -9.87
CA VAL C 277 -24.36 7.99 -9.06
C VAL C 277 -25.33 7.95 -7.88
N LYS C 278 -26.30 7.02 -7.90
CA LYS C 278 -27.33 6.87 -6.87
C LYS C 278 -28.13 8.15 -6.69
N SER C 279 -28.59 8.72 -7.79
CA SER C 279 -29.49 9.85 -7.73
C SER C 279 -30.54 9.71 -8.82
N PHE C 280 -31.62 10.48 -8.66
CA PHE C 280 -32.63 10.55 -9.71
C PHE C 280 -32.56 11.84 -10.49
N GLU C 281 -31.87 12.84 -9.95
CA GLU C 281 -31.50 14.05 -10.68
C GLU C 281 -29.99 14.02 -10.91
N ILE C 282 -29.58 14.30 -12.15
CA ILE C 282 -28.20 14.18 -12.58
C ILE C 282 -27.83 15.46 -13.31
N ASP C 283 -26.71 16.05 -12.91
CA ASP C 283 -26.25 17.29 -13.53
C ASP C 283 -25.77 17.05 -14.96
N LYS C 284 -25.92 18.09 -15.77
CA LYS C 284 -25.20 18.24 -17.03
C LYS C 284 -23.70 18.01 -16.83
N GLY C 285 -23.13 17.13 -17.63
CA GLY C 285 -21.70 16.86 -17.58
C GLY C 285 -21.35 15.38 -17.72
N ILE C 286 -20.21 15.12 -18.37
CA ILE C 286 -19.80 13.74 -18.65
C ILE C 286 -19.35 13.07 -17.36
N TYR C 287 -19.95 11.92 -17.07
CA TYR C 287 -19.59 11.10 -15.94
C TYR C 287 -19.07 9.77 -16.44
N GLN C 288 -17.99 9.30 -15.83
CA GLN C 288 -17.43 8.01 -16.21
C GLN C 288 -18.30 6.91 -15.63
N THR C 289 -18.53 5.87 -16.43
CA THR C 289 -19.19 4.66 -15.98
C THR C 289 -18.22 3.49 -16.16
N SER C 290 -18.72 2.27 -15.96
CA SER C 290 -17.91 1.09 -16.21
C SER C 290 -17.61 0.95 -17.69
N ASN C 291 -16.56 0.20 -17.97
CA ASN C 291 -15.92 0.18 -19.27
C ASN C 291 -16.31 -1.07 -20.06
N PHE C 292 -15.96 -1.09 -21.34
CA PHE C 292 -16.38 -2.16 -22.23
C PHE C 292 -15.21 -3.05 -22.63
N ARG C 293 -15.53 -4.32 -22.88
CA ARG C 293 -14.64 -5.24 -23.58
C ARG C 293 -15.50 -6.06 -24.55
N VAL C 294 -14.84 -6.71 -25.50
CA VAL C 294 -15.53 -7.46 -26.53
C VAL C 294 -15.18 -8.93 -26.41
N VAL C 295 -16.21 -9.76 -26.24
CA VAL C 295 -16.00 -11.21 -26.13
C VAL C 295 -15.66 -11.77 -27.51
N PRO C 296 -14.59 -12.55 -27.63
CA PRO C 296 -14.17 -13.03 -28.96
C PRO C 296 -15.09 -14.11 -29.50
N SER C 297 -14.81 -14.49 -30.74
CA SER C 297 -15.70 -15.39 -31.49
C SER C 297 -14.84 -16.23 -32.44
N GLY C 298 -14.59 -17.48 -32.05
CA GLY C 298 -13.85 -18.41 -32.86
C GLY C 298 -12.66 -18.98 -32.12
N ASP C 299 -12.04 -19.99 -32.75
CA ASP C 299 -10.82 -20.60 -32.24
C ASP C 299 -9.83 -20.74 -33.37
N VAL C 300 -8.57 -20.41 -33.08
CA VAL C 300 -7.50 -20.51 -34.06
C VAL C 300 -6.47 -21.47 -33.49
N VAL C 301 -6.60 -22.75 -33.83
CA VAL C 301 -5.63 -23.75 -33.43
C VAL C 301 -4.89 -24.19 -34.67
N ARG C 302 -3.58 -23.95 -34.69
CA ARG C 302 -2.72 -24.48 -35.74
C ARG C 302 -1.47 -25.03 -35.08
N PHE C 303 -1.15 -26.25 -35.43
CA PHE C 303 -0.03 -27.01 -34.89
C PHE C 303 0.92 -27.29 -36.04
N PRO C 304 2.20 -27.69 -35.80
CA PRO C 304 3.05 -28.04 -36.95
C PRO C 304 2.63 -29.34 -37.62
N ASN C 305 3.29 -29.70 -38.71
CA ASN C 305 2.93 -30.94 -39.38
C ASN C 305 3.32 -32.13 -38.53
N ILE C 306 2.54 -33.20 -38.69
CA ILE C 306 2.59 -34.33 -37.77
C ILE C 306 3.92 -35.05 -37.92
N THR C 307 4.50 -35.46 -36.79
CA THR C 307 5.70 -36.27 -36.72
C THR C 307 5.36 -37.74 -37.03
N ASN C 308 6.25 -38.67 -36.63
CA ASN C 308 6.23 -40.07 -37.04
C ASN C 308 4.88 -40.75 -36.87
N LEU C 309 4.24 -41.06 -38.00
CA LEU C 309 3.00 -41.81 -37.99
C LEU C 309 3.31 -43.28 -37.83
N CYS C 310 2.49 -43.97 -37.06
CA CYS C 310 2.70 -45.38 -36.83
C CYS C 310 2.42 -46.17 -38.11
N PRO C 311 3.21 -47.19 -38.41
CA PRO C 311 3.01 -47.93 -39.66
C PRO C 311 1.77 -48.83 -39.59
N PHE C 312 0.60 -48.24 -39.87
CA PHE C 312 -0.65 -48.99 -39.82
C PHE C 312 -0.71 -50.06 -40.89
N GLY C 313 -0.03 -49.86 -42.01
CA GLY C 313 0.00 -50.86 -43.07
C GLY C 313 0.86 -52.07 -42.76
N GLU C 314 1.78 -51.96 -41.80
CA GLU C 314 2.66 -53.08 -41.48
C GLU C 314 2.73 -53.39 -39.98
N VAL C 315 1.87 -52.79 -39.17
CA VAL C 315 1.64 -53.23 -37.79
C VAL C 315 0.18 -53.57 -37.56
N PHE C 316 -0.73 -52.70 -38.00
CA PHE C 316 -2.16 -53.00 -37.93
C PHE C 316 -2.67 -53.57 -39.24
N ASN C 317 -1.77 -53.91 -40.17
CA ASN C 317 -2.13 -54.61 -41.38
C ASN C 317 -1.02 -55.60 -41.76
N ALA C 318 -0.32 -56.14 -40.76
CA ALA C 318 0.84 -56.98 -41.02
C ALA C 318 0.43 -58.40 -41.38
N THR C 319 1.42 -59.27 -41.57
CA THR C 319 1.22 -60.57 -42.21
C THR C 319 1.48 -61.77 -41.32
N LYS C 320 1.87 -61.56 -40.06
CA LYS C 320 2.20 -62.68 -39.17
C LYS C 320 1.70 -62.35 -37.77
N PHE C 321 0.52 -62.88 -37.42
CA PHE C 321 -0.13 -62.53 -36.18
C PHE C 321 -0.41 -63.76 -35.32
N PRO C 322 -0.29 -63.65 -33.99
CA PRO C 322 -0.55 -64.79 -33.10
C PRO C 322 -2.01 -64.95 -32.74
N SER C 323 -2.31 -65.84 -31.80
CA SER C 323 -3.65 -66.04 -31.32
C SER C 323 -3.93 -65.15 -30.10
N VAL C 324 -5.03 -65.40 -29.40
CA VAL C 324 -5.50 -64.52 -28.35
C VAL C 324 -4.88 -64.85 -26.99
N TYR C 325 -4.30 -66.04 -26.83
CA TYR C 325 -3.58 -66.33 -25.59
C TYR C 325 -2.19 -65.67 -25.55
N ALA C 326 -1.68 -65.21 -26.69
CA ALA C 326 -0.27 -64.85 -26.84
C ALA C 326 -0.07 -63.55 -27.63
N TRP C 327 -0.71 -62.44 -27.19
CA TRP C 327 -0.73 -61.19 -27.95
C TRP C 327 0.67 -60.63 -28.22
N GLU C 328 0.91 -60.27 -29.48
CA GLU C 328 2.22 -59.83 -29.95
C GLU C 328 2.50 -58.42 -29.47
N ARG C 329 3.43 -58.28 -28.52
CA ARG C 329 3.75 -56.97 -27.93
C ARG C 329 4.58 -56.15 -28.93
N LYS C 330 3.89 -55.58 -29.91
CA LYS C 330 4.54 -54.72 -30.91
C LYS C 330 4.84 -53.38 -30.26
N LYS C 331 6.08 -53.23 -29.78
CA LYS C 331 6.51 -52.01 -29.12
C LYS C 331 6.59 -50.86 -30.13
N ILE C 332 5.68 -49.90 -30.02
CA ILE C 332 5.72 -48.68 -30.80
C ILE C 332 5.80 -47.51 -29.82
N SER C 333 6.78 -46.64 -30.03
CA SER C 333 6.94 -45.46 -29.19
C SER C 333 7.50 -44.33 -30.04
N ASN C 334 7.41 -43.11 -29.50
CA ASN C 334 7.79 -41.87 -30.18
C ASN C 334 7.04 -41.73 -31.50
N CYS C 335 5.74 -42.00 -31.47
CA CYS C 335 4.96 -42.16 -32.68
C CYS C 335 3.66 -41.41 -32.56
N VAL C 336 2.91 -41.40 -33.67
CA VAL C 336 1.56 -40.84 -33.71
C VAL C 336 0.63 -41.96 -34.20
N ALA C 337 -0.18 -42.48 -33.30
CA ALA C 337 -1.19 -43.50 -33.62
C ALA C 337 -2.53 -42.80 -33.71
N ASP C 338 -2.97 -42.50 -34.94
CA ASP C 338 -4.17 -41.71 -35.15
C ASP C 338 -5.30 -42.48 -35.83
N TYR C 339 -5.07 -43.74 -36.21
CA TYR C 339 -6.02 -44.61 -36.91
C TYR C 339 -6.51 -44.01 -38.23
N SER C 340 -5.70 -43.14 -38.85
CA SER C 340 -6.15 -42.40 -40.02
C SER C 340 -6.19 -43.25 -41.28
N VAL C 341 -5.33 -44.28 -41.35
CA VAL C 341 -5.34 -45.18 -42.48
C VAL C 341 -6.57 -46.08 -42.45
N LEU C 342 -7.09 -46.34 -41.24
CA LEU C 342 -7.99 -47.47 -41.04
C LEU C 342 -9.40 -47.13 -40.57
N TYR C 343 -9.66 -45.90 -40.11
CA TYR C 343 -11.06 -45.58 -39.84
C TYR C 343 -11.83 -45.34 -41.14
N ASN C 344 -11.16 -44.81 -42.16
CA ASN C 344 -11.73 -44.70 -43.51
C ASN C 344 -11.36 -45.94 -44.30
N SER C 345 -11.94 -47.07 -43.88
CA SER C 345 -11.64 -48.35 -44.48
C SER C 345 -12.84 -49.27 -44.32
N THR C 346 -13.04 -50.15 -45.31
CA THR C 346 -14.12 -51.13 -45.31
C THR C 346 -13.66 -52.48 -44.79
N PHE C 347 -12.50 -52.55 -44.13
CA PHE C 347 -11.96 -53.81 -43.65
C PHE C 347 -12.69 -54.31 -42.41
N PHE C 348 -13.18 -53.40 -41.57
CA PHE C 348 -13.35 -53.66 -40.15
C PHE C 348 -14.80 -53.89 -39.78
N SER C 349 -15.00 -54.57 -38.66
CA SER C 349 -16.33 -54.91 -38.17
C SER C 349 -16.73 -54.17 -36.91
N THR C 350 -15.82 -54.03 -35.94
CA THR C 350 -16.19 -53.48 -34.63
C THR C 350 -16.10 -51.96 -34.59
N PHE C 351 -14.89 -51.41 -34.82
CA PHE C 351 -14.53 -50.01 -34.53
C PHE C 351 -14.88 -49.63 -33.08
N LYS C 352 -14.70 -50.57 -32.16
CA LYS C 352 -15.07 -50.38 -30.76
C LYS C 352 -13.86 -49.93 -29.96
N CYS C 353 -14.01 -48.84 -29.21
CA CYS C 353 -12.90 -48.25 -28.48
C CYS C 353 -13.31 -48.02 -27.04
N TYR C 354 -12.33 -48.11 -26.14
CA TYR C 354 -12.62 -48.02 -24.72
C TYR C 354 -11.60 -47.15 -23.99
N ALA C 358 -13.10 -46.38 -34.80
CA ALA C 358 -11.80 -45.95 -34.33
C ALA C 358 -11.90 -44.57 -33.72
N THR C 359 -12.65 -44.46 -32.62
CA THR C 359 -12.87 -43.17 -31.97
C THR C 359 -11.69 -42.71 -31.14
N LYS C 360 -10.60 -43.49 -31.07
CA LYS C 360 -9.31 -42.97 -30.65
C LYS C 360 -8.53 -42.34 -31.79
N LEU C 361 -9.23 -41.98 -32.87
CA LEU C 361 -8.69 -41.02 -33.83
C LEU C 361 -8.44 -39.67 -33.17
N ASN C 362 -9.19 -39.34 -32.13
CA ASN C 362 -8.99 -38.12 -31.37
C ASN C 362 -8.39 -38.37 -29.99
N ASP C 363 -8.88 -39.37 -29.26
CA ASP C 363 -8.67 -39.48 -27.82
C ASP C 363 -7.48 -40.36 -27.46
N LEU C 364 -6.48 -40.45 -28.33
CA LEU C 364 -5.33 -41.34 -28.10
C LEU C 364 -4.10 -40.48 -27.86
N CYS C 365 -3.69 -40.34 -26.60
CA CYS C 365 -2.38 -39.74 -26.29
C CYS C 365 -1.95 -40.29 -24.93
N PHE C 366 -1.07 -41.27 -24.94
CA PHE C 366 -0.77 -42.07 -23.75
C PHE C 366 0.72 -42.40 -23.73
N SER C 367 1.08 -43.39 -22.90
CA SER C 367 2.46 -43.79 -22.65
C SER C 367 3.01 -44.67 -23.77
N ASN C 368 4.09 -45.40 -23.49
CA ASN C 368 4.66 -46.35 -24.43
C ASN C 368 3.70 -47.52 -24.60
N VAL C 369 2.89 -47.48 -25.66
CA VAL C 369 1.79 -48.40 -25.85
C VAL C 369 2.23 -49.49 -26.82
N TYR C 370 2.05 -50.75 -26.43
CA TYR C 370 2.48 -51.86 -27.28
C TYR C 370 1.27 -52.34 -28.08
N ALA C 371 1.45 -52.45 -29.40
CA ALA C 371 0.37 -52.69 -30.33
C ALA C 371 0.07 -54.18 -30.39
N ASP C 372 -0.77 -54.63 -29.46
CA ASP C 372 -0.90 -56.06 -29.21
C ASP C 372 -1.91 -56.69 -30.17
N SER C 373 -1.44 -57.65 -30.97
CA SER C 373 -2.20 -58.22 -32.07
C SER C 373 -2.52 -59.69 -31.82
N PHE C 374 -3.60 -60.15 -32.46
CA PHE C 374 -4.23 -61.44 -32.15
C PHE C 374 -5.31 -61.75 -33.18
N VAL C 375 -5.65 -63.04 -33.27
CA VAL C 375 -6.58 -63.54 -34.28
C VAL C 375 -7.72 -64.27 -33.59
N VAL C 376 -8.95 -63.80 -33.81
CA VAL C 376 -10.11 -64.28 -33.05
C VAL C 376 -10.98 -65.19 -33.91
N LYS C 377 -11.79 -65.99 -33.21
CA LYS C 377 -12.91 -66.69 -33.80
C LYS C 377 -14.01 -65.69 -34.17
N GLY C 378 -14.85 -66.06 -35.14
CA GLY C 378 -16.01 -65.25 -35.46
C GLY C 378 -17.00 -65.14 -34.33
N ASP C 379 -17.06 -66.14 -33.46
CA ASP C 379 -17.86 -66.03 -32.24
C ASP C 379 -17.18 -65.16 -31.18
N ASP C 380 -15.87 -64.97 -31.27
CA ASP C 380 -15.12 -64.18 -30.31
C ASP C 380 -14.85 -62.76 -30.81
N VAL C 381 -15.72 -62.21 -31.66
CA VAL C 381 -15.52 -60.87 -32.18
C VAL C 381 -16.06 -59.83 -31.20
N ARG C 382 -17.28 -60.03 -30.72
CA ARG C 382 -17.92 -59.07 -29.82
C ARG C 382 -17.37 -59.11 -28.40
N GLN C 383 -16.54 -60.10 -28.07
CA GLN C 383 -16.03 -60.25 -26.71
C GLN C 383 -14.64 -59.63 -26.52
N ILE C 384 -14.22 -58.76 -27.45
CA ILE C 384 -13.00 -57.97 -27.25
C ILE C 384 -13.46 -56.66 -26.62
N ALA C 385 -13.61 -56.69 -25.30
CA ALA C 385 -14.29 -55.63 -24.56
C ALA C 385 -13.84 -55.70 -23.10
N PRO C 386 -14.01 -54.62 -22.33
CA PRO C 386 -13.71 -54.70 -20.89
C PRO C 386 -14.66 -55.66 -20.18
N GLY C 387 -14.09 -56.53 -19.35
CA GLY C 387 -14.89 -57.58 -18.74
C GLY C 387 -15.30 -58.59 -19.79
N GLN C 388 -16.61 -58.87 -19.83
CA GLN C 388 -17.27 -59.73 -20.82
C GLN C 388 -16.65 -61.13 -20.82
N THR C 389 -16.86 -61.81 -19.68
CA THR C 389 -16.16 -63.03 -19.35
C THR C 389 -16.62 -64.23 -20.19
N GLY C 390 -15.98 -64.43 -21.34
CA GLY C 390 -16.29 -65.55 -22.19
C GLY C 390 -15.05 -66.34 -22.56
N VAL C 391 -14.80 -66.48 -23.86
CA VAL C 391 -13.62 -67.21 -24.32
C VAL C 391 -12.35 -66.40 -24.08
N ILE C 392 -12.42 -65.10 -24.40
CA ILE C 392 -11.22 -64.26 -24.43
C ILE C 392 -10.76 -63.89 -23.04
N ALA C 393 -11.66 -63.29 -22.25
CA ALA C 393 -11.26 -62.68 -20.98
C ALA C 393 -11.00 -63.69 -19.87
N ASP C 394 -11.52 -64.91 -19.99
CA ASP C 394 -11.31 -65.88 -18.93
C ASP C 394 -9.93 -66.52 -19.01
N TYR C 395 -9.56 -67.06 -20.17
CA TYR C 395 -8.34 -67.85 -20.26
C TYR C 395 -7.41 -67.46 -21.40
N ASN C 396 -7.82 -66.62 -22.35
CA ASN C 396 -6.90 -66.16 -23.38
C ASN C 396 -6.21 -64.87 -22.97
N TYR C 397 -6.99 -63.80 -22.76
CA TYR C 397 -6.43 -62.50 -22.39
C TYR C 397 -7.56 -61.66 -21.82
N LYS C 398 -7.40 -61.18 -20.59
CA LYS C 398 -8.45 -60.39 -19.95
C LYS C 398 -8.22 -58.91 -20.22
N LEU C 399 -9.31 -58.17 -20.40
CA LEU C 399 -9.24 -56.78 -20.82
C LEU C 399 -9.70 -55.84 -19.73
N PRO C 400 -8.89 -54.86 -19.34
CA PRO C 400 -9.31 -53.86 -18.36
C PRO C 400 -10.24 -52.84 -18.99
N ASP C 401 -10.62 -51.85 -18.19
CA ASP C 401 -11.58 -50.83 -18.61
C ASP C 401 -10.95 -49.45 -18.79
N ASP C 402 -9.65 -49.34 -18.64
CA ASP C 402 -8.98 -48.06 -18.91
C ASP C 402 -7.77 -48.16 -19.82
N PHE C 403 -7.03 -49.27 -19.77
CA PHE C 403 -5.79 -49.39 -20.55
C PHE C 403 -6.03 -50.08 -21.89
N MET C 404 -6.94 -49.55 -22.69
CA MET C 404 -7.13 -50.06 -24.05
C MET C 404 -7.44 -48.93 -25.02
N GLY C 405 -6.99 -49.12 -26.26
CA GLY C 405 -7.39 -48.28 -27.37
C GLY C 405 -8.62 -48.84 -28.06
N CYS C 406 -8.52 -49.07 -29.36
CA CYS C 406 -9.65 -49.52 -30.17
C CYS C 406 -9.53 -51.00 -30.51
N VAL C 407 -10.64 -51.56 -30.96
CA VAL C 407 -10.72 -52.94 -31.42
C VAL C 407 -10.88 -52.91 -32.93
N LEU C 408 -9.80 -53.24 -33.65
CA LEU C 408 -9.81 -53.26 -35.11
C LEU C 408 -9.89 -54.71 -35.56
N ALA C 409 -11.11 -55.20 -35.77
CA ALA C 409 -11.34 -56.57 -36.22
C ALA C 409 -11.62 -56.56 -37.71
N TRP C 410 -10.61 -56.87 -38.52
CA TRP C 410 -10.75 -56.85 -39.96
C TRP C 410 -10.75 -58.27 -40.53
N ASN C 411 -11.41 -58.43 -41.68
CA ASN C 411 -11.68 -59.77 -42.20
C ASN C 411 -10.48 -60.30 -42.96
N THR C 412 -10.06 -61.52 -42.62
CA THR C 412 -8.92 -62.23 -43.21
C THR C 412 -9.31 -63.66 -43.58
N ARG C 413 -10.41 -63.80 -44.31
CA ARG C 413 -10.88 -65.11 -44.73
C ARG C 413 -9.90 -65.80 -45.67
N ASN C 414 -9.47 -65.09 -46.71
CA ASN C 414 -8.54 -65.65 -47.69
C ASN C 414 -7.08 -65.41 -47.32
N ILE C 415 -6.80 -65.04 -46.08
CA ILE C 415 -5.43 -64.80 -45.62
C ILE C 415 -5.00 -65.82 -44.58
N ASP C 416 -5.89 -66.17 -43.65
CA ASP C 416 -5.59 -67.17 -42.63
C ASP C 416 -6.33 -68.48 -42.85
N ALA C 417 -7.63 -68.43 -43.09
CA ALA C 417 -8.43 -69.65 -43.20
C ALA C 417 -8.16 -70.36 -44.53
N THR C 418 -8.36 -71.67 -44.53
CA THR C 418 -8.23 -72.52 -45.70
C THR C 418 -9.54 -73.25 -45.94
N SER C 419 -9.53 -74.15 -46.94
CA SER C 419 -10.72 -74.91 -47.25
C SER C 419 -10.94 -76.06 -46.29
N THR C 420 -9.87 -76.57 -45.66
CA THR C 420 -9.97 -77.65 -44.70
C THR C 420 -9.79 -77.21 -43.26
N GLY C 421 -9.25 -76.01 -43.03
CA GLY C 421 -9.11 -75.50 -41.67
C GLY C 421 -7.67 -75.15 -41.32
N ASN C 422 -7.50 -73.93 -40.80
CA ASN C 422 -6.21 -73.47 -40.32
C ASN C 422 -6.14 -73.78 -38.83
N TYR C 423 -5.52 -74.91 -38.50
CA TYR C 423 -5.50 -75.43 -37.14
C TYR C 423 -4.16 -75.19 -36.44
N ASN C 424 -3.54 -74.04 -36.69
CA ASN C 424 -2.38 -73.61 -35.92
C ASN C 424 -2.70 -72.44 -35.01
N TYR C 425 -3.89 -71.87 -35.10
CA TYR C 425 -4.38 -70.89 -34.14
C TYR C 425 -5.30 -71.59 -33.14
N LYS C 426 -5.07 -71.36 -31.86
CA LYS C 426 -5.78 -72.06 -30.80
C LYS C 426 -6.26 -71.08 -29.74
N TYR C 427 -7.37 -71.42 -29.08
CA TYR C 427 -7.87 -70.69 -27.92
C TYR C 427 -7.94 -71.63 -26.73
N ARG C 428 -7.76 -71.07 -25.54
CA ARG C 428 -7.83 -71.83 -24.30
C ARG C 428 -9.19 -71.64 -23.66
N TYR C 429 -9.79 -72.74 -23.20
CA TYR C 429 -11.08 -72.70 -22.54
C TYR C 429 -11.05 -73.18 -21.09
N LEU C 430 -9.95 -73.79 -20.64
CA LEU C 430 -9.81 -74.21 -19.25
C LEU C 430 -8.36 -74.09 -18.82
N ARG C 431 -8.15 -73.66 -17.58
CA ARG C 431 -6.84 -73.47 -16.97
C ARG C 431 -7.07 -73.31 -15.47
N HIS C 432 -6.00 -73.43 -14.68
CA HIS C 432 -6.08 -73.29 -13.23
C HIS C 432 -6.36 -71.85 -12.83
N GLY C 433 -7.64 -71.49 -12.77
CA GLY C 433 -8.02 -70.13 -12.43
C GLY C 433 -8.11 -69.23 -13.64
N LYS C 434 -9.09 -68.35 -13.65
CA LYS C 434 -9.27 -67.43 -14.76
C LYS C 434 -8.21 -66.33 -14.71
N LEU C 435 -8.05 -65.63 -15.83
CA LEU C 435 -6.96 -64.67 -15.93
C LEU C 435 -7.31 -63.34 -15.27
N ARG C 436 -6.33 -62.45 -15.28
CA ARG C 436 -6.40 -61.09 -14.79
C ARG C 436 -6.04 -60.17 -15.96
N PRO C 437 -6.36 -58.86 -15.90
CA PRO C 437 -6.06 -57.98 -17.04
C PRO C 437 -4.57 -57.86 -17.37
N PHE C 438 -4.32 -57.55 -18.64
CA PHE C 438 -3.04 -57.57 -19.36
C PHE C 438 -2.15 -58.76 -19.04
N GLU C 439 -2.74 -59.95 -18.85
CA GLU C 439 -1.97 -61.16 -18.59
C GLU C 439 -2.16 -62.17 -19.71
N ARG C 440 -1.09 -62.91 -19.99
CA ARG C 440 -1.04 -63.91 -21.05
C ARG C 440 -0.61 -65.25 -20.48
N ASP C 441 -0.94 -66.31 -21.22
CA ASP C 441 -0.32 -67.62 -21.00
C ASP C 441 -0.10 -68.25 -22.37
N ILE C 442 1.15 -68.56 -22.68
CA ILE C 442 1.49 -69.22 -23.94
C ILE C 442 1.60 -70.73 -23.78
N SER C 443 1.45 -71.25 -22.57
CA SER C 443 1.77 -72.64 -22.27
C SER C 443 0.59 -73.56 -22.52
N ASN C 444 0.87 -74.71 -23.14
CA ASN C 444 -0.10 -75.80 -23.26
C ASN C 444 -0.02 -76.61 -21.97
N VAL C 445 -0.79 -76.17 -20.98
CA VAL C 445 -0.70 -76.71 -19.62
C VAL C 445 -1.35 -78.09 -19.58
N PRO C 446 -0.71 -79.11 -18.98
CA PRO C 446 -1.38 -80.41 -18.82
C PRO C 446 -2.51 -80.33 -17.80
N PHE C 447 -3.67 -79.86 -18.25
CA PHE C 447 -4.72 -79.43 -17.34
C PHE C 447 -5.44 -80.60 -16.68
N SER C 448 -5.71 -80.43 -15.39
CA SER C 448 -6.45 -81.39 -14.60
C SER C 448 -7.49 -80.63 -13.78
N PRO C 449 -8.76 -81.00 -13.85
CA PRO C 449 -9.81 -80.22 -13.17
C PRO C 449 -9.90 -80.44 -11.66
N ASP C 450 -9.03 -81.26 -11.07
CA ASP C 450 -9.07 -81.47 -9.62
C ASP C 450 -7.72 -81.33 -8.94
N GLY C 451 -6.65 -81.03 -9.67
CA GLY C 451 -5.36 -80.80 -9.09
C GLY C 451 -4.43 -81.99 -9.07
N LYS C 452 -4.86 -83.14 -9.59
CA LYS C 452 -4.01 -84.32 -9.66
C LYS C 452 -2.97 -84.16 -10.76
N PRO C 453 -1.84 -84.87 -10.68
CA PRO C 453 -0.87 -84.85 -11.78
C PRO C 453 -1.45 -85.45 -13.05
N CYS C 454 -1.12 -84.83 -14.19
CA CYS C 454 -1.80 -85.09 -15.44
C CYS C 454 -0.81 -85.34 -16.56
N THR C 455 -0.88 -86.51 -17.17
CA THR C 455 -0.23 -86.81 -18.44
C THR C 455 -1.31 -87.22 -19.43
N PRO C 456 -1.73 -86.31 -20.31
CA PRO C 456 -2.89 -86.59 -21.19
C PRO C 456 -2.56 -87.65 -22.23
N PRO C 457 -3.58 -88.36 -22.76
CA PRO C 457 -5.03 -88.29 -22.50
C PRO C 457 -5.53 -89.26 -21.43
N ALA C 458 -4.88 -89.28 -20.26
CA ALA C 458 -5.26 -90.19 -19.19
C ALA C 458 -6.47 -89.63 -18.42
N LEU C 459 -6.75 -90.21 -17.26
CA LEU C 459 -7.90 -89.81 -16.45
C LEU C 459 -7.67 -88.42 -15.86
N ASN C 460 -8.75 -87.62 -15.82
CA ASN C 460 -8.75 -86.23 -15.35
C ASN C 460 -7.79 -85.36 -16.15
N CYS C 461 -7.73 -85.58 -17.46
CA CYS C 461 -6.80 -84.86 -18.33
C CYS C 461 -7.52 -84.36 -19.57
N TYR C 462 -7.49 -83.04 -19.76
CA TYR C 462 -8.06 -82.36 -20.92
C TYR C 462 -6.94 -81.66 -21.69
N TRP C 463 -7.29 -81.17 -22.88
CA TRP C 463 -6.40 -80.30 -23.63
C TRP C 463 -6.93 -78.88 -23.55
N PRO C 464 -6.16 -77.93 -23.01
CA PRO C 464 -6.70 -76.57 -22.83
C PRO C 464 -6.85 -75.81 -24.13
N LEU C 465 -5.89 -75.91 -25.04
CA LEU C 465 -5.90 -75.12 -26.27
C LEU C 465 -6.81 -75.80 -27.29
N ASN C 466 -7.96 -75.20 -27.54
CA ASN C 466 -8.93 -75.70 -28.51
C ASN C 466 -8.76 -74.96 -29.82
N ASP C 467 -9.03 -75.67 -30.91
CA ASP C 467 -8.89 -75.09 -32.25
C ASP C 467 -10.08 -74.19 -32.57
N TYR C 468 -9.78 -73.08 -33.26
CA TYR C 468 -10.84 -72.16 -33.68
C TYR C 468 -11.71 -72.75 -34.78
N GLY C 469 -11.10 -73.50 -35.70
CA GLY C 469 -11.82 -73.96 -36.88
C GLY C 469 -12.05 -72.88 -37.90
N PHE C 470 -10.95 -72.38 -38.50
CA PHE C 470 -11.02 -71.32 -39.52
C PHE C 470 -11.20 -71.96 -40.89
N TYR C 471 -12.44 -71.94 -41.37
CA TYR C 471 -12.76 -72.42 -42.71
C TYR C 471 -12.97 -71.25 -43.65
N THR C 472 -12.88 -71.53 -44.96
CA THR C 472 -13.34 -70.61 -45.99
C THR C 472 -14.72 -70.97 -46.50
N THR C 473 -15.29 -72.08 -46.04
CA THR C 473 -16.62 -72.55 -46.42
C THR C 473 -17.50 -72.75 -45.20
N THR C 474 -17.48 -71.79 -44.29
CA THR C 474 -18.27 -71.84 -43.05
C THR C 474 -19.19 -70.63 -42.97
N GLY C 475 -19.87 -70.52 -41.84
CA GLY C 475 -20.71 -69.37 -41.55
C GLY C 475 -19.90 -68.20 -41.02
N ILE C 476 -20.63 -67.25 -40.41
CA ILE C 476 -19.99 -66.04 -39.89
C ILE C 476 -19.27 -66.34 -38.58
N GLY C 477 -19.78 -67.28 -37.78
CA GLY C 477 -19.24 -67.56 -36.46
C GLY C 477 -17.88 -68.24 -36.44
N TYR C 478 -17.42 -68.76 -37.57
CA TYR C 478 -16.10 -69.38 -37.66
C TYR C 478 -15.21 -68.66 -38.66
N GLN C 479 -15.36 -67.34 -38.78
CA GLN C 479 -14.55 -66.48 -39.63
C GLN C 479 -13.34 -65.96 -38.86
N PRO C 480 -12.16 -65.92 -39.48
CA PRO C 480 -10.98 -65.36 -38.80
C PRO C 480 -10.86 -63.86 -38.97
N TYR C 481 -10.74 -63.15 -37.85
CA TYR C 481 -10.41 -61.73 -37.84
C TYR C 481 -9.07 -61.55 -37.16
N ARG C 482 -8.08 -61.08 -37.93
CA ARG C 482 -6.88 -60.54 -37.30
C ARG C 482 -7.25 -59.23 -36.62
N VAL C 483 -7.00 -59.13 -35.31
CA VAL C 483 -7.40 -57.97 -34.53
C VAL C 483 -6.18 -57.43 -33.80
N VAL C 484 -6.02 -56.10 -33.81
CA VAL C 484 -5.04 -55.46 -32.94
C VAL C 484 -5.77 -54.53 -32.00
N VAL C 485 -5.48 -54.65 -30.70
CA VAL C 485 -5.96 -53.71 -29.70
C VAL C 485 -4.75 -53.17 -28.95
N LEU C 486 -4.66 -51.85 -28.85
CA LEU C 486 -3.60 -51.22 -28.08
C LEU C 486 -3.76 -51.48 -26.59
N SER C 487 -2.63 -51.58 -25.90
CA SER C 487 -2.61 -51.75 -24.44
C SER C 487 -1.73 -50.66 -23.84
N PHE C 488 -2.33 -49.82 -23.00
CA PHE C 488 -1.71 -48.57 -22.55
C PHE C 488 -0.65 -48.89 -21.50
N GLU C 489 0.55 -49.21 -21.96
CA GLU C 489 1.65 -49.43 -21.03
C GLU C 489 2.51 -48.18 -20.89
N THR C 496 6.45 -43.13 -26.24
CA THR C 496 5.05 -42.76 -26.06
C THR C 496 4.40 -42.44 -27.40
N VAL C 497 3.20 -42.94 -27.61
CA VAL C 497 2.45 -42.66 -28.81
C VAL C 497 1.33 -41.69 -28.46
N CYS C 498 0.83 -41.00 -29.48
CA CYS C 498 -0.18 -39.96 -29.29
C CYS C 498 -1.02 -39.85 -30.56
N GLY C 499 -1.84 -38.80 -30.61
CA GLY C 499 -2.76 -38.61 -31.71
C GLY C 499 -2.33 -37.51 -32.66
N PRO C 500 -3.21 -37.14 -33.59
CA PRO C 500 -2.83 -36.20 -34.64
C PRO C 500 -2.93 -34.76 -34.15
N LYS C 501 -2.65 -33.84 -35.06
CA LYS C 501 -2.73 -32.40 -34.79
C LYS C 501 -4.03 -31.87 -35.39
N LEU C 502 -4.94 -31.42 -34.53
CA LEU C 502 -6.21 -30.85 -34.97
C LEU C 502 -5.99 -29.38 -35.27
N SER C 503 -5.99 -29.02 -36.54
CA SER C 503 -5.72 -27.65 -36.95
C SER C 503 -6.90 -27.07 -37.71
N THR C 504 -6.92 -25.74 -37.81
CA THR C 504 -7.98 -25.01 -38.49
C THR C 504 -7.37 -23.81 -39.21
N ASP C 505 -8.22 -22.90 -39.66
CA ASP C 505 -7.81 -21.76 -40.46
C ASP C 505 -7.40 -20.58 -39.58
N LEU C 506 -6.62 -19.68 -40.16
CA LEU C 506 -6.39 -18.36 -39.60
C LEU C 506 -7.58 -17.47 -39.91
N ILE C 507 -8.46 -17.28 -38.93
CA ILE C 507 -9.54 -16.32 -39.08
C ILE C 507 -8.92 -14.97 -38.73
N LYS C 508 -8.35 -14.30 -39.74
CA LYS C 508 -7.60 -13.10 -39.48
C LYS C 508 -8.52 -11.91 -39.29
N ASN C 509 -8.03 -10.94 -38.51
CA ASN C 509 -8.68 -9.65 -38.28
C ASN C 509 -10.06 -9.80 -37.65
N GLN C 510 -10.16 -10.71 -36.68
CA GLN C 510 -11.33 -10.77 -35.81
C GLN C 510 -10.88 -11.00 -34.37
N CYS C 511 -11.71 -10.53 -33.46
CA CYS C 511 -11.55 -10.83 -32.03
C CYS C 511 -11.80 -12.33 -31.88
N VAL C 512 -10.74 -13.10 -31.69
CA VAL C 512 -10.81 -14.55 -31.71
C VAL C 512 -10.11 -15.11 -30.47
N ASN C 513 -10.23 -16.41 -30.28
CA ASN C 513 -9.37 -17.18 -29.40
C ASN C 513 -8.34 -17.91 -30.25
N PHE C 514 -7.22 -18.25 -29.63
CA PHE C 514 -6.22 -19.00 -30.37
C PHE C 514 -5.53 -19.99 -29.44
N ASN C 515 -5.01 -21.06 -30.05
CA ASN C 515 -4.14 -22.01 -29.35
C ASN C 515 -3.17 -22.57 -30.40
N PHE C 516 -2.01 -21.92 -30.50
CA PHE C 516 -0.96 -22.41 -31.39
C PHE C 516 -0.16 -23.49 -30.67
N ASN C 517 1.02 -23.83 -31.21
CA ASN C 517 1.88 -24.85 -30.62
C ASN C 517 2.52 -24.25 -29.36
N GLY C 518 1.74 -24.25 -28.27
CA GLY C 518 2.21 -23.80 -26.99
C GLY C 518 1.82 -22.40 -26.58
N LEU C 519 0.97 -21.72 -27.34
CA LEU C 519 0.62 -20.33 -27.06
C LEU C 519 -0.91 -20.19 -27.13
N THR C 520 -1.51 -19.75 -26.03
CA THR C 520 -2.96 -19.65 -25.90
C THR C 520 -3.37 -18.19 -25.70
N GLY C 521 -4.69 -17.97 -25.65
CA GLY C 521 -5.26 -16.70 -25.24
C GLY C 521 -6.24 -16.16 -26.26
N THR C 522 -6.66 -14.92 -26.04
CA THR C 522 -7.44 -14.14 -26.99
C THR C 522 -6.52 -13.21 -27.76
N GLY C 523 -6.95 -12.82 -28.95
CA GLY C 523 -6.12 -11.92 -29.72
C GLY C 523 -6.72 -11.60 -31.07
N VAL C 524 -5.95 -10.83 -31.83
CA VAL C 524 -6.27 -10.46 -33.20
C VAL C 524 -5.07 -10.85 -34.06
N LEU C 525 -5.33 -11.56 -35.16
CA LEU C 525 -4.26 -12.07 -36.00
C LEU C 525 -4.21 -11.35 -37.33
N THR C 526 -3.01 -10.96 -37.73
CA THR C 526 -2.70 -10.34 -39.00
C THR C 526 -1.24 -10.64 -39.31
N PRO C 527 -0.88 -10.81 -40.58
CA PRO C 527 0.53 -11.02 -40.91
C PRO C 527 1.35 -9.77 -40.70
N SER C 528 2.65 -9.96 -40.52
CA SER C 528 3.54 -8.87 -40.16
C SER C 528 4.75 -8.86 -41.06
N SER C 529 5.61 -7.87 -40.84
CA SER C 529 6.85 -7.70 -41.57
C SER C 529 8.08 -8.02 -40.73
N LYS C 530 7.89 -8.70 -39.59
CA LYS C 530 8.99 -8.96 -38.68
C LYS C 530 9.86 -10.07 -39.23
N ARG C 531 11.18 -9.87 -39.15
CA ARG C 531 12.13 -10.84 -39.69
C ARG C 531 12.43 -11.88 -38.62
N PHE C 532 11.63 -12.93 -38.60
CA PHE C 532 11.89 -14.08 -37.73
C PHE C 532 13.14 -14.81 -38.18
N GLN C 533 13.89 -15.29 -37.21
CA GLN C 533 15.08 -16.09 -37.43
C GLN C 533 14.67 -17.55 -37.64
N PRO C 534 15.58 -18.41 -38.15
CA PRO C 534 15.21 -19.83 -38.31
C PRO C 534 14.84 -20.55 -37.02
N PHE C 535 15.52 -20.26 -35.92
CA PHE C 535 15.24 -20.96 -34.67
C PHE C 535 14.00 -20.46 -33.96
N GLN C 536 13.49 -19.28 -34.32
CA GLN C 536 12.51 -18.60 -33.49
C GLN C 536 11.13 -19.20 -33.64
N GLN C 537 10.48 -19.45 -32.51
CA GLN C 537 9.07 -19.84 -32.51
C GLN C 537 8.16 -18.62 -32.63
N PHE C 538 8.40 -17.60 -31.82
CA PHE C 538 7.50 -16.47 -31.74
C PHE C 538 8.29 -15.24 -31.31
N GLY C 539 7.59 -14.12 -31.20
CA GLY C 539 8.23 -12.89 -30.79
C GLY C 539 7.55 -12.20 -29.63
N ARG C 540 8.29 -11.32 -28.95
CA ARG C 540 7.73 -10.52 -27.87
C ARG C 540 7.90 -9.03 -28.15
N ASP C 541 7.48 -8.25 -27.17
CA ASP C 541 7.43 -6.80 -27.21
C ASP C 541 8.77 -6.25 -26.74
N VAL C 542 8.89 -4.92 -26.68
CA VAL C 542 9.89 -4.31 -25.80
C VAL C 542 9.51 -4.54 -24.35
N SER C 543 8.22 -4.76 -24.06
CA SER C 543 7.77 -5.35 -22.81
C SER C 543 7.79 -6.87 -22.96
N ASP C 544 7.16 -7.58 -22.04
CA ASP C 544 7.21 -9.04 -22.08
C ASP C 544 5.84 -9.68 -22.22
N PHE C 545 4.98 -9.10 -23.05
CA PHE C 545 3.88 -9.87 -23.63
C PHE C 545 4.32 -10.47 -24.96
N THR C 546 3.61 -11.51 -25.37
CA THR C 546 3.83 -12.07 -26.69
C THR C 546 3.06 -11.25 -27.71
N ASP C 547 3.76 -10.70 -28.70
CA ASP C 547 3.11 -9.87 -29.70
C ASP C 547 3.01 -10.53 -31.07
N SER C 548 3.95 -11.41 -31.41
CA SER C 548 4.05 -11.95 -32.75
C SER C 548 4.40 -13.42 -32.66
N VAL C 549 3.73 -14.23 -33.49
CA VAL C 549 3.94 -15.67 -33.49
C VAL C 549 4.09 -16.13 -34.94
N ARG C 550 5.03 -17.05 -35.17
CA ARG C 550 5.14 -17.77 -36.42
C ARG C 550 4.18 -18.95 -36.38
N ASP C 551 3.51 -19.19 -37.48
CA ASP C 551 2.71 -20.40 -37.62
C ASP C 551 3.65 -21.59 -37.62
N PRO C 552 3.50 -22.55 -36.70
CA PRO C 552 4.33 -23.76 -36.80
C PRO C 552 3.95 -24.65 -37.97
N LYS C 553 2.77 -24.44 -38.56
CA LYS C 553 2.30 -25.19 -39.71
C LYS C 553 2.90 -24.67 -41.01
N THR C 554 2.71 -23.37 -41.30
CA THR C 554 3.04 -22.83 -42.61
C THR C 554 4.03 -21.66 -42.55
N SER C 555 4.74 -21.50 -41.42
CA SER C 555 5.82 -20.51 -41.25
C SER C 555 5.33 -19.08 -41.49
N GLU C 556 4.14 -18.77 -41.01
CA GLU C 556 3.46 -17.53 -41.34
C GLU C 556 3.64 -16.53 -40.20
N ILE C 557 4.18 -15.36 -40.55
CA ILE C 557 4.73 -14.42 -39.57
C ILE C 557 3.61 -13.49 -39.16
N LEU C 558 2.94 -13.83 -38.06
CA LEU C 558 1.73 -13.14 -37.64
C LEU C 558 2.02 -12.14 -36.52
N ASP C 559 0.99 -11.34 -36.20
CA ASP C 559 0.98 -10.52 -34.99
C ASP C 559 -0.22 -10.84 -34.13
N ILE C 560 -0.07 -10.59 -32.84
CA ILE C 560 -1.16 -10.74 -31.87
C ILE C 560 -1.33 -9.39 -31.19
N SER C 561 -2.45 -8.76 -31.44
CA SER C 561 -2.90 -7.57 -30.73
C SER C 561 -3.97 -7.95 -29.72
N PRO C 562 -4.23 -7.10 -28.73
CA PRO C 562 -5.36 -7.37 -27.83
C PRO C 562 -6.68 -7.32 -28.57
N CYS C 563 -7.69 -7.94 -27.96
CA CYS C 563 -8.88 -8.28 -28.73
C CYS C 563 -9.76 -7.05 -28.93
N ALA C 564 -10.29 -6.49 -27.83
CA ALA C 564 -10.84 -5.14 -27.73
C ALA C 564 -11.16 -4.85 -26.26
N PHE C 565 -10.84 -3.63 -25.83
CA PHE C 565 -11.36 -3.10 -24.58
C PHE C 565 -11.60 -1.61 -24.77
N GLY C 566 -11.85 -0.91 -23.67
CA GLY C 566 -11.91 0.53 -23.70
C GLY C 566 -12.88 1.06 -22.67
N GLY C 567 -12.70 2.34 -22.33
CA GLY C 567 -13.60 2.98 -21.39
C GLY C 567 -14.87 3.47 -22.04
N VAL C 568 -15.87 3.73 -21.20
CA VAL C 568 -17.17 4.24 -21.64
C VAL C 568 -17.42 5.56 -20.93
N SER C 569 -17.79 6.58 -21.70
CA SER C 569 -18.23 7.85 -21.14
C SER C 569 -19.62 8.18 -21.66
N VAL C 570 -20.35 8.94 -20.86
CA VAL C 570 -21.75 9.27 -21.16
C VAL C 570 -21.88 10.78 -21.23
N ILE C 571 -22.38 11.28 -22.34
CA ILE C 571 -22.73 12.69 -22.48
C ILE C 571 -24.20 12.84 -22.12
N THR C 572 -24.49 13.78 -21.21
CA THR C 572 -25.87 14.09 -20.92
C THR C 572 -26.05 15.55 -20.61
N PRO C 573 -27.17 16.16 -21.04
CA PRO C 573 -27.46 17.55 -20.66
C PRO C 573 -28.15 17.67 -19.31
N GLY C 574 -28.44 16.57 -18.64
CA GLY C 574 -29.15 16.60 -17.39
C GLY C 574 -30.53 15.97 -17.50
N THR C 575 -31.06 15.58 -16.34
CA THR C 575 -32.38 14.96 -16.30
C THR C 575 -33.47 15.94 -16.69
N ASN C 576 -33.33 17.20 -16.26
CA ASN C 576 -34.37 18.17 -16.52
C ASN C 576 -34.38 18.62 -17.97
N ALA C 577 -33.24 18.54 -18.65
CA ALA C 577 -33.18 18.95 -20.05
C ALA C 577 -33.85 17.92 -20.95
N SER C 578 -33.34 16.70 -20.98
CA SER C 578 -33.84 15.67 -21.88
C SER C 578 -33.52 14.32 -21.29
N SER C 579 -33.68 13.27 -22.10
CA SER C 579 -33.46 11.92 -21.61
C SER C 579 -32.71 11.04 -22.59
N GLU C 580 -32.12 11.58 -23.64
CA GLU C 580 -31.25 10.76 -24.49
C GLU C 580 -29.80 11.13 -24.21
N VAL C 581 -28.92 10.16 -24.46
CA VAL C 581 -27.51 10.29 -24.15
C VAL C 581 -26.70 9.89 -25.38
N ALA C 582 -25.48 10.43 -25.45
CA ALA C 582 -24.52 10.05 -26.46
C ALA C 582 -23.36 9.38 -25.76
N VAL C 583 -23.11 8.12 -26.09
CA VAL C 583 -22.04 7.39 -25.45
C VAL C 583 -20.70 7.77 -26.10
N LEU C 584 -19.63 7.56 -25.34
CA LEU C 584 -18.28 7.77 -25.83
C LEU C 584 -17.46 6.54 -25.52
N TYR C 585 -17.00 5.88 -26.55
CA TYR C 585 -16.26 4.63 -26.42
C TYR C 585 -14.81 4.97 -26.72
N GLN C 586 -14.03 5.21 -25.67
CA GLN C 586 -12.73 5.82 -25.86
C GLN C 586 -11.66 4.80 -26.27
N ASP C 587 -10.72 5.29 -27.07
CA ASP C 587 -9.44 4.64 -27.38
C ASP C 587 -9.65 3.30 -28.10
N VAL C 588 -10.39 3.37 -29.20
CA VAL C 588 -10.77 2.17 -29.94
C VAL C 588 -11.15 2.60 -31.35
N ASN C 589 -10.93 1.69 -32.30
CA ASN C 589 -11.29 1.95 -33.69
C ASN C 589 -12.78 1.73 -33.88
N CYS C 590 -13.45 2.69 -34.55
CA CYS C 590 -14.88 2.60 -34.78
C CYS C 590 -15.28 1.48 -35.72
N THR C 591 -14.31 0.96 -36.49
CA THR C 591 -14.56 -0.18 -37.35
C THR C 591 -14.98 -1.40 -36.55
N ASP C 592 -14.26 -1.69 -35.46
CA ASP C 592 -14.64 -2.80 -34.60
C ASP C 592 -15.65 -2.40 -33.54
N VAL C 593 -16.10 -1.14 -33.54
CA VAL C 593 -17.21 -0.74 -32.68
C VAL C 593 -18.55 -1.08 -33.33
N SER C 594 -18.74 -0.58 -34.56
CA SER C 594 -20.05 -0.63 -35.21
C SER C 594 -20.49 -2.05 -35.53
N THR C 595 -19.55 -2.92 -35.86
CA THR C 595 -19.91 -4.31 -36.12
C THR C 595 -20.32 -5.02 -34.84
N ALA C 596 -19.51 -4.85 -33.78
CA ALA C 596 -19.76 -5.48 -32.49
C ALA C 596 -21.05 -4.99 -31.84
N ILE C 597 -21.54 -3.81 -32.23
CA ILE C 597 -22.92 -3.42 -31.92
C ILE C 597 -23.88 -4.46 -32.48
N HIS C 598 -23.79 -4.71 -33.78
CA HIS C 598 -24.74 -5.60 -34.44
C HIS C 598 -24.29 -7.04 -34.44
N ALA C 599 -22.99 -7.30 -34.24
CA ALA C 599 -22.57 -8.66 -33.93
C ALA C 599 -22.94 -9.06 -32.51
N ASP C 600 -23.21 -8.07 -31.65
CA ASP C 600 -23.74 -8.24 -30.30
C ASP C 600 -22.80 -9.08 -29.43
N GLN C 601 -21.56 -8.62 -29.34
CA GLN C 601 -20.56 -9.22 -28.46
C GLN C 601 -19.92 -8.16 -27.60
N LEU C 602 -20.74 -7.25 -27.09
CA LEU C 602 -20.29 -6.15 -26.24
C LEU C 602 -20.69 -6.44 -24.80
N THR C 603 -19.76 -6.19 -23.87
CA THR C 603 -20.02 -6.32 -22.46
C THR C 603 -19.92 -4.95 -21.82
N PRO C 604 -21.01 -4.39 -21.26
CA PRO C 604 -22.35 -4.97 -21.18
C PRO C 604 -23.19 -4.76 -22.45
N ALA C 605 -24.44 -5.18 -22.39
CA ALA C 605 -25.42 -4.96 -23.45
C ALA C 605 -26.62 -4.23 -22.88
N TRP C 606 -27.43 -3.64 -23.75
CA TRP C 606 -28.55 -2.82 -23.33
C TRP C 606 -29.87 -3.35 -23.87
N ARG C 607 -30.96 -2.99 -23.18
CA ARG C 607 -32.27 -3.34 -23.66
C ARG C 607 -32.64 -2.52 -24.88
N ILE C 608 -32.73 -1.20 -24.71
CA ILE C 608 -32.97 -0.30 -25.82
C ILE C 608 -31.64 0.35 -26.18
N TYR C 609 -31.18 0.11 -27.39
CA TYR C 609 -29.84 0.54 -27.78
C TYR C 609 -29.79 0.64 -29.29
N SER C 610 -29.65 1.85 -29.79
CA SER C 610 -29.59 2.10 -31.22
C SER C 610 -28.26 2.76 -31.58
N THR C 611 -27.74 2.38 -32.75
CA THR C 611 -26.62 3.13 -33.30
C THR C 611 -27.08 4.52 -33.75
N GLY C 612 -28.24 4.58 -34.41
CA GLY C 612 -28.79 5.86 -34.83
C GLY C 612 -27.99 6.55 -35.90
N ASN C 613 -27.28 5.78 -36.74
CA ASN C 613 -26.44 6.15 -37.90
C ASN C 613 -25.60 7.42 -37.70
N ASN C 614 -25.09 7.65 -36.49
CA ASN C 614 -24.22 8.79 -36.19
C ASN C 614 -22.99 8.25 -35.47
N VAL C 615 -21.99 7.88 -36.25
CA VAL C 615 -20.71 7.41 -35.75
C VAL C 615 -19.66 8.39 -36.24
N PHE C 616 -18.93 8.99 -35.31
CA PHE C 616 -17.84 9.88 -35.68
C PHE C 616 -16.54 9.37 -35.06
N GLN C 617 -15.61 8.95 -35.92
CA GLN C 617 -14.25 8.68 -35.48
C GLN C 617 -13.61 9.98 -35.02
N THR C 618 -13.27 10.06 -33.74
CA THR C 618 -12.59 11.22 -33.20
C THR C 618 -11.29 10.77 -32.55
N GLN C 619 -10.53 11.75 -32.07
CA GLN C 619 -9.26 11.45 -31.42
C GLN C 619 -9.47 10.74 -30.09
N ALA C 620 -10.53 11.06 -29.38
CA ALA C 620 -10.78 10.44 -28.08
C ALA C 620 -11.27 9.01 -28.22
N GLY C 621 -11.98 8.72 -29.30
CA GLY C 621 -12.56 7.40 -29.48
C GLY C 621 -13.68 7.37 -30.50
N CYS C 622 -14.82 6.79 -30.13
CA CYS C 622 -15.94 6.62 -31.04
C CYS C 622 -17.18 7.27 -30.44
N LEU C 623 -17.49 8.48 -30.92
CA LEU C 623 -18.76 9.10 -30.58
C LEU C 623 -19.91 8.39 -31.28
N ILE C 624 -20.90 7.99 -30.49
CA ILE C 624 -22.12 7.42 -31.02
C ILE C 624 -23.29 8.21 -30.45
N GLY C 625 -24.12 8.76 -31.33
CA GLY C 625 -25.35 9.36 -30.91
C GLY C 625 -25.52 10.82 -31.30
N ALA C 626 -24.44 11.59 -31.23
CA ALA C 626 -24.52 13.01 -31.52
C ALA C 626 -24.27 13.27 -33.00
N GLU C 627 -24.93 14.29 -33.53
CA GLU C 627 -24.69 14.70 -34.90
C GLU C 627 -23.42 15.53 -34.98
N HIS C 628 -22.51 15.13 -35.86
CA HIS C 628 -21.27 15.85 -36.06
C HIS C 628 -21.53 17.07 -36.93
N VAL C 629 -21.83 18.19 -36.30
CA VAL C 629 -22.01 19.45 -37.00
C VAL C 629 -20.64 20.13 -37.07
N ASP C 630 -20.29 20.64 -38.25
CA ASP C 630 -19.03 21.35 -38.39
C ASP C 630 -19.26 22.86 -38.30
N THR C 631 -19.71 23.31 -37.14
CA THR C 631 -19.74 24.71 -36.77
C THR C 631 -18.75 24.96 -35.63
N SER C 632 -18.74 26.19 -35.12
CA SER C 632 -17.79 26.58 -34.08
C SER C 632 -18.52 27.34 -32.99
N TYR C 633 -18.66 26.70 -31.83
CA TYR C 633 -19.17 27.33 -30.62
C TYR C 633 -18.12 27.28 -29.52
N GLU C 634 -18.47 27.79 -28.34
CA GLU C 634 -17.62 27.61 -27.18
C GLU C 634 -17.72 26.18 -26.69
N CYS C 635 -16.72 25.76 -25.92
CA CYS C 635 -16.75 24.42 -25.34
C CYS C 635 -17.72 24.40 -24.18
N ASP C 636 -18.77 23.58 -24.32
CA ASP C 636 -19.75 23.39 -23.26
C ASP C 636 -19.39 22.16 -22.43
N ILE C 637 -19.34 20.99 -23.06
CA ILE C 637 -19.06 19.75 -22.34
C ILE C 637 -17.87 19.07 -23.00
N PRO C 638 -16.70 19.06 -22.37
CA PRO C 638 -15.47 18.72 -23.08
C PRO C 638 -15.28 17.22 -23.27
N ILE C 639 -14.64 16.88 -24.39
CA ILE C 639 -14.44 15.49 -24.77
C ILE C 639 -12.96 15.22 -24.94
N GLY C 640 -12.32 15.96 -25.84
CA GLY C 640 -10.90 15.75 -26.11
C GLY C 640 -10.50 16.24 -27.48
N ALA C 641 -9.31 16.85 -27.55
CA ALA C 641 -8.65 17.26 -28.81
C ALA C 641 -9.48 18.26 -29.59
N GLY C 642 -9.92 19.32 -28.92
CA GLY C 642 -10.68 20.37 -29.57
C GLY C 642 -12.08 20.00 -29.98
N ILE C 643 -12.58 18.86 -29.53
CA ILE C 643 -13.94 18.42 -29.83
C ILE C 643 -14.73 18.50 -28.53
N CYS C 644 -15.90 19.12 -28.58
CA CYS C 644 -16.61 19.48 -27.37
C CYS C 644 -18.10 19.47 -27.63
N ALA C 645 -18.85 18.78 -26.77
CA ALA C 645 -20.26 18.53 -27.02
C ALA C 645 -21.16 19.58 -26.38
N SER C 646 -22.34 19.77 -26.97
CA SER C 646 -23.33 20.71 -26.45
C SER C 646 -24.72 20.25 -26.87
N TYR C 647 -25.70 21.13 -26.71
CA TYR C 647 -27.12 20.78 -26.87
C TYR C 647 -27.88 22.00 -27.37
N HIS C 648 -28.24 21.99 -28.65
CA HIS C 648 -29.10 23.02 -29.23
C HIS C 648 -30.16 22.39 -30.11
N THR C 649 -30.86 23.21 -30.87
CA THR C 649 -31.85 22.71 -31.82
C THR C 649 -31.15 22.21 -33.10
N LYS C 659 -34.78 19.56 -30.34
CA LYS C 659 -33.38 19.77 -30.01
C LYS C 659 -32.61 18.46 -29.94
N SER C 660 -31.34 18.49 -30.30
CA SER C 660 -30.51 17.30 -30.35
C SER C 660 -29.15 17.58 -29.74
N ILE C 661 -28.35 16.54 -29.60
CA ILE C 661 -27.04 16.64 -28.97
C ILE C 661 -26.01 16.87 -30.06
N VAL C 662 -25.22 17.92 -29.92
CA VAL C 662 -24.34 18.40 -30.97
C VAL C 662 -22.88 18.21 -30.59
N ALA C 663 -22.05 17.94 -31.59
CA ALA C 663 -20.61 17.88 -31.44
C ALA C 663 -19.96 18.63 -32.60
N TYR C 664 -18.81 19.23 -32.32
CA TYR C 664 -18.21 20.19 -33.24
C TYR C 664 -16.76 20.43 -32.81
N THR C 665 -16.11 21.35 -33.50
CA THR C 665 -14.74 21.76 -33.17
C THR C 665 -14.82 23.02 -32.33
N MET C 666 -14.05 23.07 -31.26
CA MET C 666 -14.12 24.16 -30.29
C MET C 666 -13.62 25.47 -30.90
N SER C 667 -14.39 26.53 -30.72
CA SER C 667 -13.91 27.87 -31.03
C SER C 667 -13.08 28.38 -29.87
N LEU C 668 -11.95 29.01 -30.20
CA LEU C 668 -11.03 29.49 -29.18
C LEU C 668 -11.52 30.78 -28.55
N GLY C 669 -12.23 31.60 -29.32
CA GLY C 669 -12.67 32.89 -28.85
C GLY C 669 -13.10 33.74 -30.04
N ALA C 670 -13.29 35.03 -29.76
CA ALA C 670 -13.72 35.95 -30.80
C ALA C 670 -12.53 36.48 -31.57
N ASP C 671 -12.62 36.47 -32.89
CA ASP C 671 -11.56 37.04 -33.72
C ASP C 671 -11.75 38.54 -33.78
N SER C 672 -10.95 39.27 -33.02
CA SER C 672 -10.90 40.72 -33.13
C SER C 672 -9.62 41.14 -33.84
N SER C 673 -9.56 42.42 -34.18
CA SER C 673 -8.43 42.97 -34.90
C SER C 673 -8.13 44.36 -34.38
N ILE C 674 -6.84 44.70 -34.39
CA ILE C 674 -6.37 46.00 -33.91
C ILE C 674 -5.66 46.68 -35.07
N ALA C 675 -6.17 47.85 -35.45
CA ALA C 675 -5.50 48.65 -36.48
C ALA C 675 -4.18 49.17 -35.96
N TYR C 676 -3.08 48.67 -36.52
CA TYR C 676 -1.76 49.06 -36.08
C TYR C 676 -1.39 50.40 -36.68
N SER C 677 -0.96 51.33 -35.82
CA SER C 677 -0.68 52.67 -36.28
C SER C 677 0.37 53.32 -35.37
N ASN C 678 1.31 54.03 -35.99
CA ASN C 678 2.36 54.71 -35.27
C ASN C 678 2.01 56.16 -34.95
N ASN C 679 0.73 56.51 -35.01
CA ASN C 679 0.31 57.87 -34.68
C ASN C 679 -0.91 57.95 -33.77
N THR C 680 -1.58 56.85 -33.52
CA THR C 680 -2.92 56.88 -32.96
C THR C 680 -2.97 56.07 -31.67
N ILE C 681 -3.67 56.59 -30.67
CA ILE C 681 -3.93 55.85 -29.45
C ILE C 681 -5.44 55.91 -29.19
N ALA C 682 -5.93 54.90 -28.48
CA ALA C 682 -7.28 54.90 -27.94
C ALA C 682 -7.17 55.07 -26.44
N ILE C 683 -7.74 56.16 -25.91
CA ILE C 683 -7.69 56.42 -24.49
C ILE C 683 -9.11 56.57 -23.97
N PRO C 684 -9.48 55.86 -22.91
CA PRO C 684 -10.86 55.92 -22.40
C PRO C 684 -11.19 57.27 -21.79
N THR C 685 -12.48 57.55 -21.75
CA THR C 685 -13.01 58.84 -21.34
C THR C 685 -13.97 58.74 -20.16
N ASN C 686 -14.74 57.68 -20.07
CA ASN C 686 -15.73 57.47 -19.02
C ASN C 686 -15.46 56.10 -18.41
N PHE C 687 -16.03 55.82 -17.25
CA PHE C 687 -15.74 54.53 -16.63
C PHE C 687 -17.00 53.96 -16.00
N SER C 688 -16.85 52.77 -15.44
CA SER C 688 -17.87 52.14 -14.63
C SER C 688 -17.18 51.47 -13.46
N ILE C 689 -17.98 51.03 -12.49
CA ILE C 689 -17.49 50.33 -11.30
C ILE C 689 -18.30 49.07 -11.14
N SER C 690 -17.64 47.92 -11.22
CA SER C 690 -18.29 46.63 -11.01
C SER C 690 -17.58 45.89 -9.88
N ILE C 691 -18.31 44.98 -9.26
CA ILE C 691 -17.79 44.19 -8.14
C ILE C 691 -17.72 42.74 -8.59
N THR C 692 -16.62 42.07 -8.25
CA THR C 692 -16.36 40.70 -8.69
C THR C 692 -16.18 39.81 -7.48
N THR C 693 -16.89 38.68 -7.46
CA THR C 693 -16.79 37.73 -6.38
C THR C 693 -15.74 36.67 -6.69
N GLU C 694 -15.24 36.05 -5.63
CA GLU C 694 -14.15 35.08 -5.73
C GLU C 694 -14.16 34.27 -4.44
N VAL C 695 -14.33 32.96 -4.54
CA VAL C 695 -14.56 32.12 -3.37
C VAL C 695 -13.42 31.13 -3.25
N MET C 696 -12.83 31.05 -2.05
CA MET C 696 -11.81 30.06 -1.75
C MET C 696 -12.23 29.26 -0.53
N PRO C 697 -12.23 27.93 -0.61
CA PRO C 697 -12.40 27.13 0.61
C PRO C 697 -11.17 27.25 1.49
N VAL C 698 -11.41 27.23 2.80
CA VAL C 698 -10.34 27.51 3.77
C VAL C 698 -10.13 26.37 4.75
N SER C 699 -11.09 25.47 4.93
CA SER C 699 -10.95 24.44 5.95
C SER C 699 -11.88 23.29 5.60
N MET C 700 -11.55 22.12 6.12
CA MET C 700 -12.38 20.94 5.96
C MET C 700 -12.73 20.40 7.34
N ALA C 701 -13.75 19.55 7.38
CA ALA C 701 -14.22 19.01 8.64
C ALA C 701 -13.22 17.97 9.15
N LYS C 702 -12.61 18.27 10.28
CA LYS C 702 -11.70 17.31 10.89
C LYS C 702 -12.49 16.13 11.44
N THR C 703 -11.98 14.94 11.23
CA THR C 703 -12.66 13.72 11.64
C THR C 703 -11.79 12.97 12.63
N SER C 704 -12.31 11.84 13.09
CA SER C 704 -11.53 10.93 13.90
C SER C 704 -12.09 9.53 13.70
N VAL C 705 -11.26 8.54 14.02
CA VAL C 705 -11.60 7.15 13.86
C VAL C 705 -11.24 6.43 15.15
N ASP C 706 -12.25 5.86 15.81
CA ASP C 706 -11.95 4.85 16.82
C ASP C 706 -11.40 3.64 16.09
N CYS C 707 -10.10 3.42 16.25
CA CYS C 707 -9.41 2.36 15.50
C CYS C 707 -9.93 0.98 15.89
N ASN C 708 -10.28 0.81 17.16
CA ASN C 708 -10.68 -0.50 17.66
C ASN C 708 -12.07 -0.88 17.17
N MET C 709 -13.06 -0.03 17.44
CA MET C 709 -14.45 -0.35 17.10
C MET C 709 -14.75 -0.31 15.61
N TYR C 710 -13.80 0.12 14.78
CA TYR C 710 -14.01 0.09 13.34
C TYR C 710 -13.69 -1.27 12.75
N ILE C 711 -12.71 -1.98 13.30
CA ILE C 711 -12.28 -3.25 12.74
C ILE C 711 -12.51 -4.40 13.69
N CYS C 712 -13.10 -4.17 14.86
CA CYS C 712 -13.44 -5.27 15.76
C CYS C 712 -14.95 -5.46 15.89
N GLY C 713 -15.67 -4.43 16.28
CA GLY C 713 -17.12 -4.53 16.44
C GLY C 713 -17.55 -5.47 17.54
N ASP C 714 -17.28 -5.09 18.79
CA ASP C 714 -17.74 -5.74 20.02
C ASP C 714 -17.21 -7.17 20.18
N SER C 715 -16.04 -7.48 19.62
CA SER C 715 -15.38 -8.76 19.86
C SER C 715 -14.01 -8.52 20.47
N THR C 716 -13.71 -9.23 21.54
CA THR C 716 -12.41 -9.11 22.20
C THR C 716 -11.34 -9.94 21.53
N GLU C 717 -11.72 -10.96 20.76
CA GLU C 717 -10.75 -11.79 20.07
C GLU C 717 -10.06 -11.02 18.96
N CYS C 718 -10.73 -10.01 18.41
CA CYS C 718 -10.12 -9.07 17.50
C CYS C 718 -8.96 -8.32 18.15
N ALA C 719 -9.21 -7.68 19.29
CA ALA C 719 -8.19 -6.84 19.92
C ALA C 719 -7.04 -7.64 20.51
N ASN C 720 -7.21 -8.94 20.69
CA ASN C 720 -6.12 -9.76 21.20
C ASN C 720 -5.05 -9.97 20.14
N LEU C 721 -5.45 -10.19 18.89
CA LEU C 721 -4.47 -10.26 17.81
C LEU C 721 -4.00 -8.89 17.35
N LEU C 722 -4.72 -7.82 17.70
CA LEU C 722 -4.28 -6.48 17.34
C LEU C 722 -2.99 -6.11 18.07
N LEU C 723 -2.77 -6.69 19.24
CA LEU C 723 -1.55 -6.44 19.98
C LEU C 723 -0.38 -7.26 19.46
N GLN C 724 -0.60 -8.11 18.45
CA GLN C 724 0.47 -8.64 17.61
C GLN C 724 0.74 -7.76 16.40
N TYR C 725 0.21 -6.54 16.39
CA TYR C 725 0.57 -5.53 15.40
C TYR C 725 1.18 -4.28 16.02
N GLY C 726 1.13 -4.14 17.34
CA GLY C 726 1.75 -3.02 18.00
C GLY C 726 0.86 -1.80 18.13
N SER C 727 1.49 -0.62 18.06
CA SER C 727 0.84 0.66 18.34
C SER C 727 0.45 1.39 17.07
N PHE C 728 -0.04 0.66 16.07
CA PHE C 728 -0.44 1.28 14.81
C PHE C 728 -1.69 2.14 14.99
N CYS C 729 -2.60 1.76 15.90
CA CYS C 729 -3.77 2.60 16.15
C CYS C 729 -3.39 3.89 16.84
N THR C 730 -2.30 3.88 17.62
CA THR C 730 -1.77 5.11 18.18
C THR C 730 -1.28 6.04 17.08
N GLN C 731 -0.61 5.47 16.08
CA GLN C 731 -0.05 6.27 14.99
C GLN C 731 -1.14 6.88 14.13
N LEU C 732 -2.20 6.13 13.86
CA LEU C 732 -3.28 6.68 13.07
C LEU C 732 -4.13 7.66 13.86
N ASN C 733 -4.04 7.63 15.19
CA ASN C 733 -4.58 8.73 15.97
C ASN C 733 -3.72 9.97 15.89
N ARG C 734 -2.40 9.79 15.72
CA ARG C 734 -1.51 10.94 15.62
C ARG C 734 -1.74 11.71 14.33
N ALA C 735 -1.95 10.99 13.22
CA ALA C 735 -2.05 11.65 11.93
C ALA C 735 -3.37 12.39 11.79
N LEU C 736 -4.45 11.84 12.35
CA LEU C 736 -5.75 12.51 12.27
C LEU C 736 -5.76 13.76 13.11
N SER C 737 -5.31 13.66 14.37
CA SER C 737 -5.12 14.85 15.18
C SER C 737 -4.01 15.74 14.63
N GLY C 738 -3.06 15.18 13.89
CA GLY C 738 -2.14 16.02 13.14
C GLY C 738 -2.84 16.82 12.06
N ILE C 739 -3.88 16.25 11.45
CA ILE C 739 -4.70 16.99 10.51
C ILE C 739 -5.65 17.94 11.25
N ALA C 740 -6.19 17.47 12.38
CA ALA C 740 -7.27 18.16 13.06
C ALA C 740 -6.85 19.51 13.61
N ALA C 741 -5.68 19.57 14.24
CA ALA C 741 -5.19 20.85 14.75
C ALA C 741 -4.64 21.72 13.64
N GLU C 742 -4.16 21.12 12.55
CA GLU C 742 -3.61 21.93 11.47
C GLU C 742 -4.70 22.48 10.59
N GLN C 743 -5.84 21.79 10.49
CA GLN C 743 -7.01 22.40 9.88
C GLN C 743 -7.64 23.45 10.76
N ASP C 744 -7.42 23.38 12.08
CA ASP C 744 -7.87 24.45 12.96
C ASP C 744 -7.09 25.73 12.75
N ARG C 745 -5.77 25.63 12.65
CA ARG C 745 -4.93 26.83 12.60
C ARG C 745 -5.15 27.58 11.30
N ASN C 746 -5.54 26.88 10.24
CA ASN C 746 -5.87 27.50 8.97
C ASN C 746 -7.05 28.45 9.07
N THR C 747 -7.96 28.21 10.02
CA THR C 747 -9.06 29.14 10.24
C THR C 747 -8.55 30.44 10.85
N ARG C 748 -7.69 30.34 11.87
CA ARG C 748 -7.10 31.55 12.44
C ARG C 748 -5.96 32.12 11.62
N GLU C 749 -5.56 31.45 10.53
CA GLU C 749 -4.71 32.12 9.55
C GLU C 749 -5.47 33.20 8.80
N VAL C 750 -6.78 33.05 8.68
CA VAL C 750 -7.58 33.95 7.85
C VAL C 750 -8.24 35.02 8.69
N PHE C 751 -9.11 34.60 9.62
CA PHE C 751 -10.03 35.53 10.27
C PHE C 751 -9.31 36.47 11.23
N ALA C 752 -8.66 35.92 12.25
CA ALA C 752 -8.11 36.74 13.33
C ALA C 752 -6.78 37.40 12.92
N GLN C 753 -6.85 38.20 11.88
CA GLN C 753 -5.77 39.10 11.52
C GLN C 753 -5.99 40.50 12.07
N VAL C 754 -7.15 40.76 12.62
CA VAL C 754 -7.41 42.02 13.31
C VAL C 754 -6.94 41.88 14.75
N LYS C 755 -6.47 43.00 15.30
CA LYS C 755 -6.06 43.01 16.68
C LYS C 755 -7.26 43.23 17.61
N GLN C 756 -8.19 44.09 17.18
CA GLN C 756 -9.14 44.73 18.08
C GLN C 756 -10.55 44.58 17.53
N MET C 757 -11.48 44.14 18.40
CA MET C 757 -12.88 44.09 18.02
C MET C 757 -13.45 45.49 17.88
N TYR C 758 -14.11 45.73 16.75
CA TYR C 758 -14.65 47.04 16.42
C TYR C 758 -16.15 46.93 16.21
N LYS C 759 -16.90 47.77 16.92
CA LYS C 759 -18.34 47.63 17.01
C LYS C 759 -19.00 48.07 15.71
N THR C 760 -20.23 47.63 15.53
CA THR C 760 -21.02 48.01 14.36
C THR C 760 -21.49 49.46 14.51
N PRO C 761 -21.12 50.36 13.61
CA PRO C 761 -21.68 51.71 13.67
C PRO C 761 -23.11 51.72 13.18
N THR C 762 -23.88 52.66 13.72
CA THR C 762 -25.26 52.81 13.26
C THR C 762 -25.35 53.65 11.99
N LEU C 763 -24.23 54.18 11.50
CA LEU C 763 -24.18 54.94 10.26
C LEU C 763 -23.91 53.93 9.14
N LYS C 764 -24.99 53.35 8.62
CA LYS C 764 -24.89 52.36 7.56
C LYS C 764 -25.00 52.99 6.17
N TYR C 765 -24.74 54.29 6.05
CA TYR C 765 -24.90 54.98 4.77
C TYR C 765 -23.89 56.12 4.72
N PHE C 766 -22.73 55.85 4.12
CA PHE C 766 -21.63 56.81 4.09
C PHE C 766 -21.65 57.60 2.78
N GLY C 767 -22.29 58.77 2.83
CA GLY C 767 -22.16 59.77 1.78
C GLY C 767 -22.65 59.35 0.41
N GLY C 768 -23.75 58.59 0.34
CA GLY C 768 -24.21 57.99 -0.88
C GLY C 768 -24.00 56.49 -0.94
N PHE C 769 -22.93 56.01 -0.32
CA PHE C 769 -22.63 54.59 -0.32
C PHE C 769 -23.48 53.90 0.73
N ASN C 770 -24.25 52.90 0.31
CA ASN C 770 -25.19 52.22 1.17
C ASN C 770 -24.62 50.85 1.53
N PHE C 771 -24.46 50.59 2.84
CA PHE C 771 -23.78 49.40 3.34
C PHE C 771 -24.74 48.44 4.04
N SER C 772 -25.98 48.36 3.57
CA SER C 772 -27.01 47.67 4.33
C SER C 772 -26.83 46.15 4.27
N GLN C 773 -26.71 45.60 3.07
CA GLN C 773 -26.62 44.16 2.92
C GLN C 773 -25.20 43.64 3.05
N ILE C 774 -24.26 44.48 3.45
CA ILE C 774 -22.87 44.09 3.60
C ILE C 774 -22.49 43.91 5.06
N LEU C 775 -22.76 44.92 5.88
CA LEU C 775 -22.67 44.73 7.32
C LEU C 775 -23.84 43.87 7.81
N PRO C 776 -23.66 43.12 8.89
CA PRO C 776 -24.78 42.38 9.46
C PRO C 776 -25.82 43.30 10.08
N ASP C 777 -27.03 42.81 10.11
CA ASP C 777 -28.16 43.59 10.59
C ASP C 777 -28.21 43.54 12.11
N PRO C 778 -28.24 44.69 12.80
CA PRO C 778 -28.38 44.68 14.27
C PRO C 778 -29.79 44.37 14.75
N LEU C 779 -30.77 44.29 13.85
CA LEU C 779 -32.16 44.10 14.23
C LEU C 779 -32.68 42.70 13.92
N LYS C 780 -32.14 42.04 12.90
CA LYS C 780 -32.52 40.67 12.60
C LYS C 780 -31.67 39.72 13.43
N PRO C 781 -32.26 38.80 14.19
CA PRO C 781 -31.51 37.94 15.11
C PRO C 781 -30.79 36.76 14.45
N THR C 782 -30.11 37.03 13.34
CA THR C 782 -29.10 36.14 12.82
C THR C 782 -27.70 36.73 12.93
N LYS C 783 -27.60 38.07 13.05
CA LYS C 783 -26.35 38.83 13.14
C LYS C 783 -25.46 38.55 11.93
N ARG C 784 -26.09 38.43 10.77
CA ARG C 784 -25.45 38.14 9.50
C ARG C 784 -25.94 39.16 8.49
N SER C 785 -25.15 39.39 7.46
CA SER C 785 -25.62 40.25 6.39
C SER C 785 -26.60 39.48 5.50
N PHE C 786 -27.23 40.18 4.58
CA PHE C 786 -28.15 39.51 3.67
C PHE C 786 -27.40 38.67 2.65
N ILE C 787 -26.15 39.03 2.36
CA ILE C 787 -25.29 38.22 1.51
C ILE C 787 -25.06 36.86 2.14
N GLU C 788 -24.65 36.85 3.41
CA GLU C 788 -24.31 35.61 4.09
C GLU C 788 -25.55 34.81 4.45
N ASP C 789 -26.73 35.42 4.43
CA ASP C 789 -27.98 34.66 4.48
C ASP C 789 -28.08 33.73 3.28
N LEU C 790 -27.68 34.24 2.10
CA LEU C 790 -27.83 33.47 0.88
C LEU C 790 -26.82 32.33 0.81
N LEU C 791 -25.69 32.47 1.50
CA LEU C 791 -24.66 31.45 1.45
C LEU C 791 -25.04 30.22 2.25
N PHE C 792 -25.77 30.39 3.35
CA PHE C 792 -26.36 29.24 4.02
C PHE C 792 -27.49 28.65 3.19
N ASN C 793 -28.12 29.46 2.35
CA ASN C 793 -29.22 28.97 1.53
C ASN C 793 -28.73 28.11 0.38
N LYS C 794 -27.47 28.26 -0.01
CA LYS C 794 -26.92 27.52 -1.15
C LYS C 794 -25.93 26.45 -0.73
N VAL C 795 -26.08 25.89 0.47
CA VAL C 795 -25.29 24.74 0.88
C VAL C 795 -26.15 23.54 1.20
N THR C 796 -27.41 23.54 0.76
CA THR C 796 -28.29 22.40 0.96
C THR C 796 -27.86 21.25 0.07
N GLN C 805 -23.89 6.61 7.42
CA GLN C 805 -23.43 7.99 7.47
C GLN C 805 -22.29 8.17 8.46
N TYR C 806 -22.32 9.29 9.19
CA TYR C 806 -21.26 9.66 10.10
C TYR C 806 -21.85 10.12 11.42
N GLY C 807 -21.21 9.71 12.52
CA GLY C 807 -21.65 10.13 13.83
C GLY C 807 -21.12 11.52 14.15
N GLU C 808 -22.02 12.42 14.56
CA GLU C 808 -21.64 13.76 14.94
C GLU C 808 -22.50 14.20 16.11
N CYS C 809 -22.12 15.31 16.71
CA CYS C 809 -22.70 15.78 17.96
C CYS C 809 -23.21 17.20 17.77
N LEU C 810 -24.51 17.38 17.94
CA LEU C 810 -25.12 18.71 17.91
C LEU C 810 -25.27 19.27 19.32
N ILE C 819 -28.19 17.72 21.67
CA ILE C 819 -28.62 16.48 21.05
C ILE C 819 -27.41 15.80 20.42
N CYS C 820 -26.99 14.69 21.00
CA CYS C 820 -25.70 14.10 20.67
C CYS C 820 -25.87 12.59 20.55
N ALA C 821 -25.81 12.08 19.32
CA ALA C 821 -25.93 10.66 19.06
C ALA C 821 -24.54 10.05 18.88
N GLN C 822 -24.49 8.78 18.54
CA GLN C 822 -23.24 8.08 18.28
C GLN C 822 -23.58 6.93 17.35
N LYS C 823 -22.61 6.49 16.56
CA LYS C 823 -22.88 5.47 15.57
C LYS C 823 -21.97 4.26 15.75
N PHE C 824 -22.44 3.12 15.24
CA PHE C 824 -21.66 1.90 15.25
C PHE C 824 -20.48 1.97 14.29
N ASN C 825 -20.56 2.86 13.31
CA ASN C 825 -19.38 3.33 12.62
C ASN C 825 -18.47 4.02 13.62
N GLY C 826 -17.24 3.54 13.74
CA GLY C 826 -16.26 4.21 14.58
C GLY C 826 -15.81 5.55 14.05
N LEU C 827 -16.08 5.82 12.79
CA LEU C 827 -15.88 7.14 12.21
C LEU C 827 -16.74 8.17 12.93
N THR C 828 -16.15 9.32 13.21
CA THR C 828 -16.88 10.41 13.86
C THR C 828 -16.31 11.74 13.40
N VAL C 829 -17.16 12.76 13.40
CA VAL C 829 -16.80 14.09 12.95
C VAL C 829 -16.73 14.99 14.17
N LEU C 830 -15.53 15.47 14.48
CA LEU C 830 -15.36 16.39 15.57
C LEU C 830 -15.92 17.76 15.18
N PRO C 831 -16.42 18.53 16.14
CA PRO C 831 -16.85 19.90 15.84
C PRO C 831 -15.64 20.82 15.69
N PRO C 832 -15.77 21.88 14.90
CA PRO C 832 -14.65 22.83 14.78
C PRO C 832 -14.50 23.67 16.03
N LEU C 833 -13.31 24.24 16.18
CA LEU C 833 -13.03 25.08 17.35
C LEU C 833 -13.73 26.42 17.26
N LEU C 834 -13.42 27.19 16.22
CA LEU C 834 -13.95 28.54 16.07
C LEU C 834 -15.33 28.45 15.43
N THR C 835 -16.38 28.77 16.19
CA THR C 835 -17.75 28.57 15.73
C THR C 835 -18.16 29.67 14.75
N ASP C 836 -19.41 29.59 14.31
CA ASP C 836 -19.85 30.41 13.19
C ASP C 836 -20.16 31.85 13.58
N ASP C 837 -20.63 32.08 14.81
CA ASP C 837 -20.85 33.44 15.26
C ASP C 837 -19.53 34.18 15.39
N MET C 838 -18.50 33.49 15.87
CA MET C 838 -17.18 34.09 15.95
C MET C 838 -16.57 34.31 14.57
N ILE C 839 -16.91 33.43 13.62
CA ILE C 839 -16.59 33.69 12.21
C ILE C 839 -17.25 34.97 11.75
N ALA C 840 -18.50 35.18 12.13
CA ALA C 840 -19.17 36.43 11.83
C ALA C 840 -18.61 37.61 12.61
N ALA C 841 -17.94 37.36 13.74
CA ALA C 841 -17.44 38.45 14.56
C ALA C 841 -16.21 39.10 13.93
N TYR C 842 -15.27 38.28 13.47
CA TYR C 842 -14.14 38.81 12.72
C TYR C 842 -14.55 39.27 11.34
N THR C 843 -15.70 38.82 10.84
CA THR C 843 -16.22 39.27 9.56
C THR C 843 -16.57 40.75 9.61
N ALA C 844 -17.48 41.13 10.49
CA ALA C 844 -17.97 42.51 10.54
C ALA C 844 -16.90 43.48 11.01
N ALA C 845 -15.95 42.99 11.82
CA ALA C 845 -14.83 43.83 12.23
C ALA C 845 -13.93 44.17 11.06
N LEU C 846 -13.86 43.29 10.06
CA LEU C 846 -13.18 43.64 8.83
C LEU C 846 -13.98 44.66 8.03
N VAL C 847 -15.29 44.48 7.96
CA VAL C 847 -16.10 45.31 7.07
C VAL C 847 -16.31 46.69 7.66
N SER C 848 -16.82 46.75 8.90
CA SER C 848 -16.99 48.03 9.57
C SER C 848 -15.67 48.68 9.93
N GLY C 849 -14.60 47.90 10.05
CA GLY C 849 -13.29 48.47 10.35
C GLY C 849 -12.65 49.12 9.15
N THR C 850 -12.88 48.56 7.96
CA THR C 850 -12.44 49.21 6.74
C THR C 850 -13.24 50.49 6.49
N ALA C 851 -14.51 50.50 6.90
CA ALA C 851 -15.40 51.61 6.63
C ALA C 851 -15.06 52.88 7.41
N THR C 852 -14.31 52.77 8.51
CA THR C 852 -13.97 53.95 9.30
C THR C 852 -12.50 54.11 9.62
N ALA C 853 -11.70 53.05 9.54
CA ALA C 853 -10.26 53.21 9.74
C ALA C 853 -9.48 53.30 8.44
N GLY C 854 -10.13 53.05 7.30
CA GLY C 854 -9.55 53.36 6.02
C GLY C 854 -8.43 52.42 5.61
N TRP C 855 -7.50 52.97 4.83
CA TRP C 855 -6.40 52.19 4.27
C TRP C 855 -5.36 51.83 5.32
N THR C 856 -5.32 52.54 6.44
CA THR C 856 -4.38 52.26 7.51
C THR C 856 -4.77 51.05 8.35
N PHE C 857 -5.96 50.48 8.09
CA PHE C 857 -6.60 49.54 9.02
C PHE C 857 -5.84 48.22 9.16
N GLY C 858 -5.08 47.84 8.14
CA GLY C 858 -4.26 46.65 8.26
C GLY C 858 -2.79 46.98 8.42
N ALA C 859 -2.45 48.24 8.17
CA ALA C 859 -1.05 48.67 8.21
C ALA C 859 -0.56 48.81 9.64
N GLY C 860 -1.17 49.73 10.40
CA GLY C 860 -0.87 49.90 11.80
C GLY C 860 -2.12 49.75 12.65
N ALA C 861 -2.41 50.75 13.46
CA ALA C 861 -3.64 50.76 14.25
C ALA C 861 -4.73 51.55 13.52
N ALA C 862 -5.94 51.49 14.06
CA ALA C 862 -7.11 52.07 13.40
C ALA C 862 -7.09 53.59 13.53
N LEU C 863 -7.29 54.29 12.41
CA LEU C 863 -7.13 55.73 12.34
C LEU C 863 -8.36 56.35 11.67
N GLN C 864 -8.96 57.34 12.34
CA GLN C 864 -10.27 57.85 11.92
C GLN C 864 -10.15 58.79 10.74
N ILE C 865 -11.07 58.66 9.78
CA ILE C 865 -11.13 59.47 8.56
C ILE C 865 -12.54 59.34 7.99
N PRO C 866 -13.07 60.34 7.29
CA PRO C 866 -14.30 60.14 6.51
C PRO C 866 -14.08 59.19 5.35
N PHE C 867 -15.19 58.69 4.80
CA PHE C 867 -15.10 57.57 3.86
C PHE C 867 -14.65 58.03 2.49
N ALA C 868 -15.15 59.16 2.01
CA ALA C 868 -14.80 59.62 0.67
C ALA C 868 -13.34 60.04 0.56
N MET C 869 -12.71 60.41 1.68
CA MET C 869 -11.30 60.79 1.66
C MET C 869 -10.42 59.60 1.32
N GLN C 870 -10.59 58.49 2.05
CA GLN C 870 -9.85 57.28 1.73
C GLN C 870 -10.31 56.67 0.40
N MET C 871 -11.55 56.94 -0.01
CA MET C 871 -11.99 56.58 -1.36
C MET C 871 -11.16 57.31 -2.41
N ALA C 872 -11.08 58.64 -2.30
CA ALA C 872 -10.27 59.43 -3.22
C ALA C 872 -8.79 59.10 -3.09
N TYR C 873 -8.37 58.66 -1.90
CA TYR C 873 -6.99 58.21 -1.70
C TYR C 873 -6.69 56.96 -2.52
N ARG C 874 -7.69 56.12 -2.75
CA ARG C 874 -7.47 54.92 -3.53
C ARG C 874 -7.44 55.19 -5.02
N PHE C 875 -8.05 56.30 -5.47
CA PHE C 875 -7.89 56.70 -6.87
C PHE C 875 -6.47 57.16 -7.16
N ASN C 876 -5.77 57.65 -6.14
CA ASN C 876 -4.37 57.99 -6.27
C ASN C 876 -3.53 56.76 -6.58
N GLY C 877 -3.98 55.59 -6.17
CA GLY C 877 -3.24 54.37 -6.43
C GLY C 877 -3.29 53.93 -7.88
N ILE C 878 -4.40 54.17 -8.56
CA ILE C 878 -4.55 53.66 -9.92
C ILE C 878 -4.07 54.65 -10.99
N GLY C 879 -3.81 55.89 -10.62
CA GLY C 879 -3.38 56.88 -11.59
C GLY C 879 -4.45 57.87 -12.03
N VAL C 880 -5.49 58.06 -11.23
CA VAL C 880 -6.59 58.97 -11.55
C VAL C 880 -6.68 60.00 -10.43
N THR C 881 -6.78 61.27 -10.80
CA THR C 881 -6.79 62.35 -9.81
C THR C 881 -8.04 62.30 -8.94
N GLN C 882 -7.88 62.83 -7.73
CA GLN C 882 -8.96 62.79 -6.74
C GLN C 882 -9.98 63.88 -6.93
N ASN C 883 -9.90 64.65 -8.02
CA ASN C 883 -11.07 65.38 -8.49
C ASN C 883 -12.19 64.41 -8.83
N VAL C 884 -11.85 63.34 -9.56
CA VAL C 884 -12.80 62.53 -10.32
C VAL C 884 -13.83 61.86 -9.44
N LEU C 885 -13.44 61.47 -8.23
CA LEU C 885 -14.42 61.03 -7.23
C LEU C 885 -15.37 62.16 -6.86
N TYR C 886 -14.82 63.30 -6.47
CA TYR C 886 -15.66 64.43 -6.11
C TYR C 886 -16.32 65.03 -7.34
N GLU C 887 -15.73 64.84 -8.51
CA GLU C 887 -16.32 65.36 -9.73
C GLU C 887 -17.56 64.56 -10.13
N ASN C 888 -17.52 63.24 -9.97
CA ASN C 888 -18.58 62.36 -10.46
C ASN C 888 -19.22 61.61 -9.30
N GLN C 889 -19.57 62.36 -8.25
CA GLN C 889 -19.86 61.78 -6.95
C GLN C 889 -21.11 60.90 -6.96
N LYS C 890 -22.21 61.40 -7.50
CA LYS C 890 -23.44 60.60 -7.52
C LYS C 890 -23.35 59.46 -8.53
N GLN C 891 -22.53 59.63 -9.57
CA GLN C 891 -22.30 58.56 -10.54
C GLN C 891 -21.64 57.36 -9.89
N ILE C 892 -20.54 57.60 -9.16
CA ILE C 892 -19.82 56.55 -8.46
C ILE C 892 -20.68 55.97 -7.34
N ALA C 893 -21.55 56.80 -6.75
CA ALA C 893 -22.52 56.30 -5.79
C ALA C 893 -23.52 55.36 -6.44
N ASN C 894 -23.94 55.66 -7.67
CA ASN C 894 -24.92 54.84 -8.34
C ASN C 894 -24.28 53.70 -9.12
N GLN C 895 -22.99 53.80 -9.47
CA GLN C 895 -22.22 52.62 -9.85
C GLN C 895 -22.15 51.62 -8.71
N PHE C 896 -22.06 52.12 -7.48
CA PHE C 896 -21.95 51.29 -6.30
C PHE C 896 -23.27 50.65 -5.90
N ASN C 897 -24.38 51.34 -6.16
CA ASN C 897 -25.69 50.84 -5.77
C ASN C 897 -26.09 49.61 -6.57
N LYS C 898 -25.72 49.59 -7.85
CA LYS C 898 -26.21 48.55 -8.75
C LYS C 898 -25.51 47.22 -8.51
N ALA C 899 -24.19 47.24 -8.45
CA ALA C 899 -23.40 46.00 -8.39
C ALA C 899 -23.57 45.25 -7.08
N ILE C 900 -24.10 45.90 -6.04
CA ILE C 900 -24.51 45.18 -4.86
C ILE C 900 -25.77 44.37 -5.15
N SER C 901 -26.79 45.03 -5.72
CA SER C 901 -28.07 44.39 -5.95
C SER C 901 -28.00 43.32 -7.03
N GLN C 902 -27.04 43.41 -7.96
CA GLN C 902 -26.88 42.37 -8.97
C GLN C 902 -26.29 41.11 -8.34
N ILE C 903 -25.23 41.27 -7.55
CA ILE C 903 -24.63 40.15 -6.84
C ILE C 903 -25.59 39.59 -5.80
N GLN C 904 -26.43 40.46 -5.22
CA GLN C 904 -27.58 40.01 -4.45
C GLN C 904 -28.47 39.07 -5.26
N GLU C 905 -28.85 39.50 -6.46
CA GLU C 905 -29.68 38.64 -7.31
C GLU C 905 -28.88 37.48 -7.86
N SER C 906 -27.55 37.64 -8.01
CA SER C 906 -26.73 36.55 -8.52
C SER C 906 -26.63 35.42 -7.50
N LEU C 907 -26.56 35.75 -6.22
CA LEU C 907 -26.46 34.70 -5.21
C LEU C 907 -27.80 34.02 -4.97
N THR C 908 -28.90 34.74 -5.12
CA THR C 908 -30.21 34.10 -5.07
C THR C 908 -30.41 33.19 -6.27
N THR C 909 -30.21 33.71 -7.47
CA THR C 909 -30.39 32.94 -8.70
C THR C 909 -29.02 32.39 -9.08
N THR C 910 -28.65 31.27 -8.46
CA THR C 910 -27.41 30.61 -8.83
C THR C 910 -27.59 29.11 -8.82
N SER C 911 -26.76 28.46 -9.62
CA SER C 911 -26.57 27.03 -9.56
C SER C 911 -25.09 26.70 -9.71
N THR C 912 -24.25 27.71 -9.76
CA THR C 912 -22.82 27.56 -10.03
C THR C 912 -22.06 28.60 -9.23
N ALA C 913 -20.77 28.77 -9.57
CA ALA C 913 -19.79 29.62 -8.87
C ALA C 913 -19.66 29.28 -7.39
N LEU C 914 -19.96 28.02 -7.03
CA LEU C 914 -19.87 27.53 -5.67
C LEU C 914 -19.28 26.13 -5.65
N GLY C 915 -18.65 25.72 -6.76
CA GLY C 915 -18.07 24.39 -6.82
C GLY C 915 -16.87 24.22 -5.92
N LYS C 916 -16.15 25.31 -5.66
CA LYS C 916 -14.97 25.22 -4.81
C LYS C 916 -15.33 24.94 -3.36
N LEU C 917 -16.53 25.35 -2.93
CA LEU C 917 -17.01 24.94 -1.62
C LEU C 917 -17.42 23.48 -1.62
N GLN C 918 -18.32 23.10 -2.53
CA GLN C 918 -18.99 21.82 -2.42
C GLN C 918 -18.11 20.64 -2.81
N ASP C 919 -17.04 20.89 -3.56
CA ASP C 919 -16.12 19.80 -3.90
C ASP C 919 -15.41 19.27 -2.66
N VAL C 920 -14.95 20.17 -1.79
CA VAL C 920 -14.40 19.77 -0.50
C VAL C 920 -15.49 19.14 0.35
N VAL C 921 -16.73 19.62 0.23
CA VAL C 921 -17.85 19.00 0.92
C VAL C 921 -18.14 17.62 0.35
N ASN C 922 -18.12 17.49 -0.97
CA ASN C 922 -18.46 16.20 -1.58
C ASN C 922 -17.33 15.19 -1.42
N GLN C 923 -16.08 15.61 -1.64
CA GLN C 923 -14.99 14.64 -1.57
C GLN C 923 -14.67 14.23 -0.15
N ASN C 924 -15.08 15.02 0.85
CA ASN C 924 -15.12 14.50 2.22
C ASN C 924 -16.08 13.33 2.32
N ALA C 925 -17.29 13.49 1.81
CA ALA C 925 -18.30 12.45 1.90
C ALA C 925 -17.91 11.21 1.11
N GLN C 926 -17.33 11.42 -0.07
CA GLN C 926 -16.93 10.30 -0.92
C GLN C 926 -15.82 9.48 -0.29
N ALA C 927 -14.93 10.12 0.47
CA ALA C 927 -13.92 9.38 1.21
C ALA C 927 -14.55 8.55 2.31
N LEU C 928 -15.61 9.07 2.94
CA LEU C 928 -16.30 8.31 3.97
C LEU C 928 -17.02 7.11 3.37
N ASN C 929 -17.68 7.33 2.22
CA ASN C 929 -18.50 6.30 1.60
C ASN C 929 -17.66 5.12 1.15
N THR C 930 -16.46 5.40 0.62
CA THR C 930 -15.49 4.34 0.35
C THR C 930 -15.10 3.62 1.62
N LEU C 931 -14.86 4.39 2.69
CA LEU C 931 -14.41 3.83 3.95
C LEU C 931 -15.51 2.99 4.61
N VAL C 932 -16.77 3.40 4.45
CA VAL C 932 -17.87 2.63 5.01
C VAL C 932 -18.06 1.33 4.24
N LYS C 933 -18.07 1.41 2.90
CA LYS C 933 -18.47 0.28 2.07
C LYS C 933 -17.47 -0.87 2.10
N GLN C 934 -16.20 -0.60 2.37
CA GLN C 934 -15.22 -1.67 2.36
C GLN C 934 -15.28 -2.55 3.60
N LEU C 935 -16.11 -2.22 4.58
CA LEU C 935 -16.40 -3.14 5.67
C LEU C 935 -17.13 -4.37 5.17
N SER C 936 -17.97 -4.21 4.15
CA SER C 936 -18.69 -5.31 3.53
C SER C 936 -17.81 -6.23 2.70
N SER C 937 -16.58 -5.82 2.40
CA SER C 937 -15.73 -6.60 1.52
C SER C 937 -15.27 -7.87 2.21
N ASN C 938 -15.25 -8.97 1.45
CA ASN C 938 -14.87 -10.26 2.01
C ASN C 938 -13.39 -10.32 2.30
N PHE C 939 -12.58 -9.63 1.49
CA PHE C 939 -11.11 -9.70 1.49
C PHE C 939 -10.62 -11.13 1.40
N GLY C 940 -11.27 -11.92 0.55
CA GLY C 940 -10.90 -13.31 0.35
C GLY C 940 -11.26 -14.26 1.48
N ALA C 941 -11.94 -13.79 2.53
CA ALA C 941 -12.30 -14.64 3.64
C ALA C 941 -13.65 -15.31 3.37
N ILE C 942 -14.10 -16.12 4.33
CA ILE C 942 -15.40 -16.78 4.19
C ILE C 942 -16.52 -15.75 4.32
N SER C 943 -16.55 -15.04 5.45
CA SER C 943 -17.55 -14.01 5.67
C SER C 943 -16.88 -12.65 5.81
N SER C 944 -17.69 -11.61 5.64
CA SER C 944 -17.30 -10.26 6.00
C SER C 944 -17.92 -9.82 7.31
N VAL C 945 -18.51 -10.75 8.06
CA VAL C 945 -19.05 -10.50 9.38
C VAL C 945 -18.38 -11.45 10.35
N LEU C 946 -17.82 -10.89 11.43
CA LEU C 946 -17.04 -11.69 12.37
C LEU C 946 -17.90 -12.65 13.18
N ASN C 947 -19.18 -12.33 13.39
CA ASN C 947 -20.04 -13.17 14.23
C ASN C 947 -20.48 -14.45 13.53
N ASP C 948 -20.15 -14.63 12.25
CA ASP C 948 -20.40 -15.90 11.59
C ASP C 948 -19.14 -16.72 11.38
N ILE C 949 -17.96 -16.10 11.30
CA ILE C 949 -16.76 -16.93 11.25
C ILE C 949 -16.41 -17.45 12.64
N LEU C 950 -16.86 -16.77 13.68
CA LEU C 950 -16.54 -17.19 15.04
C LEU C 950 -17.57 -18.18 15.58
N SER C 951 -18.85 -17.92 15.33
CA SER C 951 -19.92 -18.75 15.89
C SER C 951 -20.27 -19.93 15.00
N ARG C 952 -19.50 -20.20 13.98
CA ARG C 952 -19.76 -21.38 13.16
C ARG C 952 -18.53 -22.22 12.93
N LEU C 953 -17.36 -21.60 12.82
CA LEU C 953 -16.13 -22.35 12.58
C LEU C 953 -15.46 -22.69 13.91
N ASP C 954 -14.52 -23.63 13.83
CA ASP C 954 -13.80 -24.03 15.02
C ASP C 954 -12.74 -22.98 15.37
N PRO C 955 -12.37 -22.87 16.65
CA PRO C 955 -11.41 -21.82 17.08
C PRO C 955 -10.01 -21.97 16.49
N PRO C 956 -9.54 -23.14 16.06
CA PRO C 956 -8.36 -23.11 15.16
C PRO C 956 -8.66 -22.49 13.80
N GLU C 957 -9.80 -22.81 13.19
CA GLU C 957 -10.14 -22.22 11.91
C GLU C 957 -10.66 -20.79 12.03
N ALA C 958 -11.14 -20.40 13.21
CA ALA C 958 -11.56 -19.03 13.39
C ALA C 958 -10.38 -18.07 13.43
N GLU C 959 -9.20 -18.55 13.82
CA GLU C 959 -8.02 -17.68 13.97
C GLU C 959 -7.55 -17.15 12.63
N VAL C 960 -7.39 -18.02 11.63
CA VAL C 960 -6.89 -17.59 10.33
C VAL C 960 -7.93 -16.74 9.61
N GLN C 961 -9.21 -17.06 9.80
CA GLN C 961 -10.29 -16.23 9.24
C GLN C 961 -10.31 -14.85 9.86
N ILE C 962 -10.20 -14.78 11.20
CA ILE C 962 -10.18 -13.47 11.84
C ILE C 962 -8.83 -12.79 11.65
N ASP C 963 -7.79 -13.53 11.26
CA ASP C 963 -6.51 -12.92 10.91
C ASP C 963 -6.65 -12.05 9.68
N ARG C 964 -7.25 -12.59 8.62
CA ARG C 964 -7.22 -11.90 7.34
C ARG C 964 -8.18 -10.71 7.31
N LEU C 965 -9.31 -10.81 8.02
CA LEU C 965 -10.23 -9.68 8.08
C LEU C 965 -9.68 -8.51 8.86
N ILE C 966 -8.73 -8.75 9.76
CA ILE C 966 -8.01 -7.65 10.38
C ILE C 966 -7.09 -6.98 9.37
N THR C 967 -6.31 -7.78 8.65
CA THR C 967 -5.35 -7.24 7.68
C THR C 967 -6.06 -6.58 6.51
N GLY C 968 -7.18 -7.16 6.08
CA GLY C 968 -7.91 -6.60 4.95
C GLY C 968 -8.54 -5.25 5.29
N ARG C 969 -9.14 -5.14 6.46
CA ARG C 969 -9.72 -3.87 6.86
C ARG C 969 -8.69 -2.87 7.34
N LEU C 970 -7.48 -3.32 7.69
CA LEU C 970 -6.42 -2.39 8.06
C LEU C 970 -5.95 -1.58 6.86
N GLN C 971 -5.76 -2.25 5.73
CA GLN C 971 -5.26 -1.54 4.57
C GLN C 971 -6.37 -0.77 3.86
N SER C 972 -7.62 -0.90 4.31
CA SER C 972 -8.60 0.12 4.00
C SER C 972 -8.35 1.38 4.80
N LEU C 973 -7.76 1.26 5.98
CA LEU C 973 -7.69 2.40 6.89
C LEU C 973 -6.52 3.30 6.57
N GLN C 974 -5.33 2.73 6.38
CA GLN C 974 -4.19 3.56 5.99
C GLN C 974 -4.34 4.13 4.59
N THR C 975 -5.17 3.49 3.76
CA THR C 975 -5.65 4.13 2.54
C THR C 975 -6.34 5.44 2.86
N TYR C 976 -7.27 5.41 3.81
CA TYR C 976 -8.04 6.60 4.14
C TYR C 976 -7.18 7.67 4.80
N VAL C 977 -6.17 7.26 5.56
CA VAL C 977 -5.30 8.21 6.25
C VAL C 977 -4.49 9.01 5.24
N THR C 978 -3.87 8.32 4.28
CA THR C 978 -2.96 8.98 3.36
C THR C 978 -3.71 9.89 2.41
N GLN C 979 -4.86 9.46 1.92
CA GLN C 979 -5.64 10.32 1.04
C GLN C 979 -6.30 11.46 1.79
N GLN C 980 -6.52 11.32 3.10
CA GLN C 980 -6.99 12.48 3.85
C GLN C 980 -5.86 13.47 4.06
N LEU C 981 -4.64 12.97 4.19
CA LEU C 981 -3.49 13.87 4.34
C LEU C 981 -3.22 14.64 3.06
N ILE C 982 -3.49 14.03 1.91
CA ILE C 982 -3.24 14.71 0.64
C ILE C 982 -4.20 15.85 0.45
N ARG C 983 -5.47 15.64 0.80
CA ARG C 983 -6.43 16.75 0.78
C ARG C 983 -6.13 17.79 1.83
N ALA C 984 -5.36 17.45 2.87
CA ALA C 984 -4.91 18.48 3.79
C ALA C 984 -3.85 19.37 3.14
N ALA C 985 -3.12 18.84 2.18
CA ALA C 985 -2.12 19.66 1.50
C ALA C 985 -2.75 20.64 0.53
N GLU C 986 -3.84 20.25 -0.13
CA GLU C 986 -4.50 21.14 -1.07
C GLU C 986 -5.18 22.30 -0.35
N ILE C 987 -5.77 22.04 0.81
CA ILE C 987 -6.48 23.09 1.52
C ILE C 987 -5.51 24.12 2.08
N ARG C 988 -4.35 23.67 2.55
CA ARG C 988 -3.35 24.60 3.09
C ARG C 988 -2.81 25.51 2.00
N ALA C 989 -2.65 24.98 0.78
CA ALA C 989 -2.29 25.85 -0.33
C ALA C 989 -3.40 26.83 -0.67
N SER C 990 -4.66 26.45 -0.42
CA SER C 990 -5.76 27.39 -0.60
C SER C 990 -5.86 28.36 0.56
N ALA C 991 -5.52 27.91 1.77
CA ALA C 991 -5.66 28.78 2.94
C ALA C 991 -4.63 29.89 2.93
N ASN C 992 -3.36 29.55 2.65
CA ASN C 992 -2.33 30.56 2.56
C ASN C 992 -2.51 31.45 1.34
N LEU C 993 -3.18 30.97 0.30
CA LEU C 993 -3.62 31.86 -0.77
C LEU C 993 -4.65 32.85 -0.24
N ALA C 994 -5.67 32.34 0.44
CA ALA C 994 -6.73 33.20 0.95
C ALA C 994 -6.24 34.10 2.07
N ALA C 995 -5.24 33.66 2.82
CA ALA C 995 -4.68 34.50 3.87
C ALA C 995 -3.96 35.71 3.29
N THR C 996 -3.23 35.52 2.21
CA THR C 996 -2.63 36.65 1.52
C THR C 996 -3.66 37.41 0.69
N LYS C 997 -4.71 36.74 0.24
CA LYS C 997 -5.75 37.44 -0.49
C LYS C 997 -6.66 38.24 0.45
N MET C 998 -6.48 38.11 1.76
CA MET C 998 -7.11 39.02 2.69
C MET C 998 -6.17 40.15 3.11
N SER C 999 -4.96 39.80 3.55
CA SER C 999 -4.12 40.72 4.31
C SER C 999 -3.49 41.83 3.48
N GLU C 1000 -3.65 41.83 2.15
CA GLU C 1000 -3.34 43.02 1.37
C GLU C 1000 -4.33 43.23 0.25
N CYS C 1001 -5.59 42.84 0.45
CA CYS C 1001 -6.61 43.14 -0.54
C CYS C 1001 -7.82 43.78 0.14
N VAL C 1002 -8.08 43.41 1.40
CA VAL C 1002 -9.00 44.18 2.23
C VAL C 1002 -8.26 45.06 3.21
N LEU C 1003 -6.95 44.89 3.36
CA LEU C 1003 -6.13 45.68 4.26
C LEU C 1003 -5.09 46.49 3.50
N GLY C 1004 -5.28 46.61 2.20
CA GLY C 1004 -4.39 47.37 1.35
C GLY C 1004 -4.90 47.28 -0.06
N GLN C 1005 -4.30 48.06 -0.95
CA GLN C 1005 -4.67 48.01 -2.36
C GLN C 1005 -3.63 47.19 -3.10
N SER C 1006 -4.07 46.11 -3.73
CA SER C 1006 -3.19 45.38 -4.62
C SER C 1006 -3.02 46.15 -5.92
N LYS C 1007 -1.78 46.26 -6.36
CA LYS C 1007 -1.46 46.83 -7.65
C LYS C 1007 -0.87 45.77 -8.55
N ARG C 1008 -1.42 44.56 -8.44
CA ARG C 1008 -0.98 43.42 -9.21
C ARG C 1008 -2.08 43.05 -10.22
N VAL C 1009 -1.67 42.75 -11.45
CA VAL C 1009 -2.62 42.52 -12.52
C VAL C 1009 -3.31 41.18 -12.31
N ASP C 1010 -4.65 41.19 -12.33
CA ASP C 1010 -5.59 40.07 -12.18
C ASP C 1010 -5.66 39.54 -10.75
N PHE C 1011 -4.79 40.02 -9.89
CA PHE C 1011 -4.92 39.77 -8.47
C PHE C 1011 -6.09 40.61 -7.97
N CYS C 1012 -6.84 40.04 -7.01
CA CYS C 1012 -8.10 40.63 -6.51
C CYS C 1012 -9.09 40.88 -7.65
N GLY C 1013 -9.21 39.92 -8.56
CA GLY C 1013 -10.08 40.09 -9.70
C GLY C 1013 -9.46 40.95 -10.78
N LYS C 1014 -10.26 41.20 -11.81
CA LYS C 1014 -9.81 41.84 -13.03
C LYS C 1014 -10.04 43.34 -13.00
N GLY C 1015 -9.30 44.06 -13.84
CA GLY C 1015 -9.36 45.51 -13.83
C GLY C 1015 -8.37 46.09 -12.84
N TYR C 1016 -8.66 47.28 -12.34
CA TYR C 1016 -7.77 47.98 -11.42
C TYR C 1016 -8.43 48.06 -10.05
N HIS C 1017 -7.75 47.56 -9.05
CA HIS C 1017 -8.33 47.31 -7.74
C HIS C 1017 -8.64 48.60 -7.00
N LEU C 1018 -9.74 48.59 -6.25
CA LEU C 1018 -10.02 49.63 -5.27
C LEU C 1018 -10.02 49.10 -3.85
N MET C 1019 -10.87 48.13 -3.57
CA MET C 1019 -11.09 47.69 -2.20
C MET C 1019 -11.66 46.30 -2.28
N SER C 1020 -11.70 45.61 -1.15
CA SER C 1020 -12.34 44.31 -1.12
C SER C 1020 -13.06 44.12 0.20
N PHE C 1021 -14.20 43.44 0.14
CA PHE C 1021 -15.08 43.23 1.27
C PHE C 1021 -15.20 41.73 1.54
N PRO C 1022 -14.80 41.24 2.70
CA PRO C 1022 -14.90 39.81 2.97
C PRO C 1022 -16.29 39.41 3.40
N GLN C 1023 -16.63 38.14 3.12
CA GLN C 1023 -17.90 37.56 3.51
C GLN C 1023 -17.66 36.17 4.10
N ALA C 1024 -18.39 35.86 5.14
CA ALA C 1024 -18.29 34.55 5.77
C ALA C 1024 -18.96 33.49 4.91
N ALA C 1025 -18.51 32.24 5.09
CA ALA C 1025 -19.06 31.11 4.36
C ALA C 1025 -18.73 29.86 5.15
N PRO C 1026 -19.60 28.85 5.12
CA PRO C 1026 -19.25 27.56 5.73
C PRO C 1026 -18.10 26.91 4.98
N HIS C 1027 -17.01 26.66 5.71
CA HIS C 1027 -15.76 26.05 5.28
C HIS C 1027 -15.03 26.87 4.21
N GLY C 1028 -15.42 28.12 3.99
CA GLY C 1028 -14.85 28.90 2.92
C GLY C 1028 -14.95 30.38 3.23
N VAL C 1029 -14.44 31.19 2.30
CA VAL C 1029 -14.44 32.65 2.43
C VAL C 1029 -14.81 33.22 1.08
N VAL C 1030 -15.75 34.18 1.07
CA VAL C 1030 -16.18 34.87 -0.14
C VAL C 1030 -15.58 36.27 -0.13
N PHE C 1031 -15.12 36.72 -1.28
CA PHE C 1031 -14.61 38.07 -1.45
C PHE C 1031 -15.51 38.87 -2.39
N LEU C 1032 -15.30 40.19 -2.37
CA LEU C 1032 -16.11 41.15 -3.13
C LEU C 1032 -15.17 42.22 -3.64
N HIS C 1033 -14.77 42.13 -4.90
CA HIS C 1033 -13.69 42.96 -5.43
C HIS C 1033 -14.26 44.15 -6.20
N VAL C 1034 -14.32 45.30 -5.54
CA VAL C 1034 -14.65 46.55 -6.21
C VAL C 1034 -13.45 46.98 -7.05
N THR C 1035 -13.63 47.01 -8.36
CA THR C 1035 -12.55 47.31 -9.29
C THR C 1035 -12.93 48.46 -10.21
N TYR C 1036 -11.91 49.02 -10.87
CA TYR C 1036 -12.07 50.15 -11.77
C TYR C 1036 -12.15 49.67 -13.20
N VAL C 1037 -13.19 50.09 -13.92
CA VAL C 1037 -13.46 49.63 -15.28
C VAL C 1037 -13.55 50.81 -16.23
N PRO C 1038 -12.48 51.16 -16.95
CA PRO C 1038 -12.56 52.25 -17.93
C PRO C 1038 -13.31 51.82 -19.20
N SER C 1039 -13.73 52.83 -19.97
CA SER C 1039 -14.56 52.59 -21.15
C SER C 1039 -14.55 53.83 -22.05
N GLN C 1040 -15.11 53.66 -23.25
CA GLN C 1040 -15.40 54.74 -24.21
C GLN C 1040 -14.13 55.49 -24.63
N GLU C 1041 -13.29 54.76 -25.36
CA GLU C 1041 -12.05 55.29 -25.90
C GLU C 1041 -12.32 56.17 -27.11
N ARG C 1042 -11.28 56.92 -27.52
CA ARG C 1042 -11.33 57.76 -28.71
C ARG C 1042 -9.99 57.70 -29.42
N ASN C 1043 -10.04 57.70 -30.75
CA ASN C 1043 -8.82 57.73 -31.56
C ASN C 1043 -8.24 59.14 -31.50
N PHE C 1044 -7.12 59.30 -30.82
CA PHE C 1044 -6.42 60.57 -30.80
C PHE C 1044 -5.07 60.42 -31.48
N THR C 1045 -4.58 61.53 -32.05
CA THR C 1045 -3.29 61.53 -32.71
C THR C 1045 -2.21 61.80 -31.67
N THR C 1046 -1.11 61.06 -31.75
CA THR C 1046 -0.10 61.04 -30.71
C THR C 1046 1.14 61.82 -31.13
N ALA C 1047 2.04 61.99 -30.16
CA ALA C 1047 3.33 62.63 -30.35
C ALA C 1047 4.28 62.25 -29.22
N PRO C 1048 5.49 61.91 -29.51
CA PRO C 1048 6.50 61.74 -28.46
C PRO C 1048 7.00 63.06 -27.91
N ALA C 1049 7.27 64.04 -28.78
CA ALA C 1049 7.92 65.27 -28.37
C ALA C 1049 7.40 66.43 -29.19
N ILE C 1050 7.69 67.64 -28.73
CA ILE C 1050 7.26 68.86 -29.40
C ILE C 1050 8.44 69.84 -29.47
N CYS C 1051 8.70 70.36 -30.67
CA CYS C 1051 9.83 71.23 -30.94
C CYS C 1051 9.39 72.69 -30.79
N HIS C 1052 9.75 73.30 -29.67
CA HIS C 1052 9.54 74.72 -29.44
C HIS C 1052 10.87 75.35 -29.10
N GLU C 1053 11.22 76.41 -29.84
CA GLU C 1053 12.45 77.19 -29.65
C GLU C 1053 13.70 76.37 -29.84
N GLY C 1054 13.63 75.37 -30.73
CA GLY C 1054 14.76 74.48 -30.94
C GLY C 1054 15.07 73.60 -29.76
N LYS C 1055 14.03 73.06 -29.11
CA LYS C 1055 14.20 72.26 -27.91
C LYS C 1055 13.27 71.07 -27.94
N ALA C 1056 13.80 69.90 -27.60
CA ALA C 1056 12.96 68.72 -27.44
C ALA C 1056 12.21 68.83 -26.11
N TYR C 1057 10.91 68.57 -26.15
CA TYR C 1057 10.08 68.60 -24.95
C TYR C 1057 9.39 67.24 -24.78
N PHE C 1058 9.96 66.41 -23.93
CA PHE C 1058 9.27 65.21 -23.51
C PHE C 1058 8.32 65.52 -22.37
N PRO C 1059 7.17 64.86 -22.32
CA PRO C 1059 6.35 64.94 -21.11
C PRO C 1059 7.03 64.18 -19.99
N ARG C 1060 6.97 64.74 -18.79
CA ARG C 1060 7.39 63.97 -17.63
C ARG C 1060 6.38 62.88 -17.31
N GLU C 1061 5.13 63.06 -17.74
CA GLU C 1061 4.08 62.06 -17.52
C GLU C 1061 3.00 62.28 -18.57
N GLY C 1062 2.27 61.21 -18.87
CA GLY C 1062 1.19 61.30 -19.82
C GLY C 1062 1.66 61.33 -21.27
N VAL C 1063 0.71 61.67 -22.14
CA VAL C 1063 0.91 61.64 -23.59
C VAL C 1063 0.46 62.95 -24.21
N PHE C 1064 1.03 63.24 -25.39
CA PHE C 1064 0.53 64.33 -26.22
C PHE C 1064 -0.62 63.82 -27.08
N VAL C 1065 -1.79 64.44 -26.92
CA VAL C 1065 -2.92 64.09 -27.78
C VAL C 1065 -3.38 65.32 -28.52
N PHE C 1066 -3.87 65.09 -29.73
CA PHE C 1066 -4.38 66.13 -30.61
C PHE C 1066 -5.71 65.62 -31.15
N ASN C 1067 -6.81 66.07 -30.55
CA ASN C 1067 -8.12 65.64 -31.05
C ASN C 1067 -8.44 66.24 -32.41
N GLY C 1068 -7.81 67.35 -32.76
CA GLY C 1068 -8.12 68.06 -33.97
C GLY C 1068 -8.02 69.56 -33.77
N THR C 1069 -7.90 69.99 -32.52
CA THR C 1069 -7.91 71.40 -32.19
C THR C 1069 -6.56 71.88 -31.66
N SER C 1070 -6.05 71.28 -30.60
CA SER C 1070 -4.81 71.73 -30.00
C SER C 1070 -4.13 70.57 -29.29
N TRP C 1071 -2.81 70.63 -29.24
CA TRP C 1071 -2.03 69.56 -28.63
C TRP C 1071 -2.18 69.62 -27.12
N PHE C 1072 -2.70 68.54 -26.56
CA PHE C 1072 -3.08 68.46 -25.15
C PHE C 1072 -2.18 67.48 -24.43
N ILE C 1073 -2.15 67.60 -23.10
CA ILE C 1073 -1.53 66.60 -22.25
C ILE C 1073 -2.64 65.94 -21.46
N THR C 1074 -2.76 64.63 -21.59
CA THR C 1074 -3.67 63.86 -20.75
C THR C 1074 -2.93 62.65 -20.22
N GLN C 1075 -3.56 61.98 -19.27
CA GLN C 1075 -3.00 60.75 -18.73
C GLN C 1075 -3.46 59.56 -19.56
N ARG C 1076 -2.60 58.55 -19.62
CA ARG C 1076 -2.82 57.45 -20.54
C ARG C 1076 -3.82 56.43 -20.04
N ASN C 1077 -4.42 56.64 -18.88
CA ASN C 1077 -5.52 55.81 -18.43
C ASN C 1077 -6.84 56.57 -18.36
N PHE C 1078 -6.81 57.89 -18.35
CA PHE C 1078 -8.06 58.63 -18.28
C PHE C 1078 -7.95 59.94 -19.04
N PHE C 1079 -9.04 60.31 -19.71
CA PHE C 1079 -9.11 61.51 -20.54
C PHE C 1079 -9.25 62.75 -19.68
N SER C 1080 -8.19 63.56 -19.62
CA SER C 1080 -8.25 64.89 -19.00
C SER C 1080 -7.18 65.76 -19.64
N PRO C 1081 -7.56 66.65 -20.57
CA PRO C 1081 -6.56 67.40 -21.33
C PRO C 1081 -5.93 68.53 -20.52
N GLN C 1082 -4.63 68.70 -20.72
CA GLN C 1082 -3.89 69.81 -20.15
C GLN C 1082 -3.23 70.60 -21.26
N ILE C 1083 -3.27 71.92 -21.13
CA ILE C 1083 -2.50 72.77 -22.03
C ILE C 1083 -1.04 72.68 -21.62
N ILE C 1084 -0.16 72.61 -22.62
CA ILE C 1084 1.23 72.21 -22.41
C ILE C 1084 2.00 73.33 -21.74
N THR C 1085 2.19 73.21 -20.44
CA THR C 1085 3.02 74.12 -19.68
C THR C 1085 4.46 73.62 -19.65
N THR C 1086 5.35 74.44 -19.09
CA THR C 1086 6.65 73.94 -18.67
C THR C 1086 6.62 73.41 -17.24
N ASP C 1087 5.48 73.54 -16.57
CA ASP C 1087 5.29 72.92 -15.25
C ASP C 1087 5.39 71.41 -15.36
N ASN C 1088 4.69 70.84 -16.33
CA ASN C 1088 4.53 69.39 -16.47
C ASN C 1088 5.16 68.88 -17.76
N THR C 1089 6.35 69.36 -18.09
CA THR C 1089 7.03 68.95 -19.30
C THR C 1089 8.53 69.06 -19.07
N PHE C 1090 9.27 68.00 -19.41
CA PHE C 1090 10.72 68.02 -19.33
C PHE C 1090 11.32 68.60 -20.60
N VAL C 1091 12.43 69.31 -20.44
CA VAL C 1091 13.15 69.91 -21.56
C VAL C 1091 14.27 68.95 -21.94
N SER C 1092 14.07 68.21 -23.02
CA SER C 1092 14.97 67.12 -23.40
C SER C 1092 16.05 67.56 -24.38
N GLY C 1093 16.73 68.66 -24.08
CA GLY C 1093 17.73 69.16 -25.00
C GLY C 1093 17.11 69.72 -26.27
N ASN C 1094 17.96 69.90 -27.28
CA ASN C 1094 17.58 70.52 -28.53
C ASN C 1094 16.70 69.59 -29.37
N CYS C 1095 16.21 70.13 -30.49
CA CYS C 1095 15.39 69.37 -31.42
C CYS C 1095 16.27 68.52 -32.33
N ASP C 1096 15.61 67.83 -33.29
CA ASP C 1096 16.24 67.11 -34.40
C ASP C 1096 17.16 65.98 -33.93
N VAL C 1097 16.72 65.23 -32.92
CA VAL C 1097 17.43 64.05 -32.44
C VAL C 1097 16.54 62.81 -32.49
N VAL C 1098 15.32 62.94 -32.01
CA VAL C 1098 14.41 61.80 -31.90
C VAL C 1098 13.35 61.90 -33.00
N ILE C 1099 12.55 60.85 -33.12
CA ILE C 1099 11.62 60.70 -34.24
C ILE C 1099 10.26 61.25 -33.82
N GLY C 1100 9.72 62.15 -34.64
CA GLY C 1100 8.34 62.59 -34.46
C GLY C 1100 8.16 63.79 -33.56
N ILE C 1101 9.03 64.78 -33.68
CA ILE C 1101 8.99 65.95 -32.80
C ILE C 1101 7.99 66.93 -33.40
N ILE C 1102 6.77 66.97 -32.87
CA ILE C 1102 5.69 67.68 -33.51
C ILE C 1102 5.83 69.18 -33.31
N ASN C 1103 5.81 69.92 -34.42
CA ASN C 1103 6.28 71.29 -34.48
C ASN C 1103 5.20 72.20 -33.91
N ASN C 1104 5.39 72.64 -32.66
CA ASN C 1104 4.37 73.37 -31.91
C ASN C 1104 5.05 74.19 -30.83
N THR C 1105 4.34 75.20 -30.34
CA THR C 1105 4.85 76.09 -29.31
C THR C 1105 4.60 75.51 -27.92
N VAL C 1106 5.30 76.08 -26.94
CA VAL C 1106 5.11 75.73 -25.53
C VAL C 1106 4.81 77.00 -24.75
N TYR C 1107 3.67 76.99 -24.06
CA TYR C 1107 3.22 78.06 -23.18
C TYR C 1107 4.18 78.33 -22.03
C1 NAG D . 16.99 -5.77 -41.47
C2 NAG D . 17.93 -4.58 -41.52
C3 NAG D . 17.58 -3.73 -42.73
C4 NAG D . 17.71 -4.56 -44.01
C5 NAG D . 16.86 -5.82 -43.90
C6 NAG D . 17.12 -6.79 -45.03
C7 NAG D . 18.81 -3.91 -39.35
C8 NAG D . 18.65 -3.03 -38.15
N2 NAG D . 17.89 -3.80 -40.30
O3 NAG D . 18.46 -2.60 -42.77
O4 NAG D . 17.30 -3.81 -45.14
O5 NAG D . 17.12 -6.54 -42.68
O6 NAG D . 16.27 -6.53 -46.15
O7 NAG D . 19.73 -4.72 -39.44
C1 NAG D . 18.44 -3.41 -45.92
C2 NAG D . 17.98 -2.96 -47.30
C3 NAG D . 19.16 -2.42 -48.12
C4 NAG D . 19.90 -1.35 -47.34
C5 NAG D . 20.29 -1.87 -45.95
C6 NAG D . 20.92 -0.82 -45.08
C7 NAG D . 16.04 -4.02 -48.39
C8 NAG D . 15.53 -5.22 -49.12
N2 NAG D . 17.32 -4.04 -48.02
O3 NAG D . 18.68 -1.90 -49.35
O4 NAG D . 21.07 -0.96 -48.04
O5 NAG D . 19.13 -2.34 -45.26
O6 NAG D . 20.34 -0.81 -43.78
O7 NAG D . 15.31 -3.05 -48.13
C1 NAG E . 38.52 -20.41 31.99
C2 NAG E . 39.37 -19.16 31.65
C3 NAG E . 40.85 -19.42 31.94
C4 NAG E . 41.05 -19.97 33.35
C5 NAG E . 40.18 -21.21 33.53
C6 NAG E . 40.25 -21.80 34.92
C7 NAG E . 39.43 -17.58 29.74
C8 NAG E . 39.21 -17.43 28.26
N2 NAG E . 39.19 -18.80 30.24
O3 NAG E . 41.58 -18.20 31.82
O4 NAG E . 42.41 -20.32 33.54
O5 NAG E . 38.82 -20.84 33.32
O6 NAG E . 40.61 -23.18 34.87
O7 NAG E . 39.83 -16.66 30.44
C1 NAG E . 43.02 -19.44 34.50
C2 NAG E . 44.48 -19.82 34.64
C3 NAG E . 45.17 -18.90 35.64
C4 NAG E . 44.98 -17.44 35.24
C5 NAG E . 43.49 -17.12 35.04
C6 NAG E . 43.24 -15.75 34.49
C7 NAG E . 45.04 -22.16 34.19
C8 NAG E . 45.16 -23.54 34.76
N2 NAG E . 44.64 -21.20 35.03
O3 NAG E . 46.55 -19.24 35.70
O4 NAG E . 45.49 -16.56 36.25
O5 NAG E . 42.92 -18.05 34.12
O6 NAG E . 42.34 -15.80 33.39
O7 NAG E . 45.32 -21.92 33.02
C1 BMA E . 46.76 -16.03 35.84
C2 BMA E . 46.92 -14.59 36.38
C3 BMA E . 48.35 -14.09 36.06
C4 BMA E . 49.42 -15.09 36.56
C5 BMA E . 49.13 -16.49 35.97
C6 BMA E . 50.08 -17.55 36.50
O2 BMA E . 46.77 -14.57 37.78
O3 BMA E . 48.60 -12.81 36.62
O4 BMA E . 50.71 -14.66 36.14
O5 BMA E . 47.80 -16.87 36.35
O6 BMA E . 49.40 -18.29 37.50
C1 NAG F . 30.94 14.71 -24.36
C2 NAG F . 31.49 15.83 -25.25
C3 NAG F . 31.81 17.06 -24.41
C4 NAG F . 30.61 17.46 -23.56
C5 NAG F . 30.09 16.26 -22.78
C6 NAG F . 28.83 16.53 -21.98
C7 NAG F . 32.93 15.71 -27.25
C8 NAG F . 34.20 15.16 -27.84
N2 NAG F . 32.68 15.38 -25.98
O3 NAG F . 32.21 18.12 -25.26
O4 NAG F . 31.01 18.48 -22.65
O5 NAG F . 29.78 15.18 -23.68
O6 NAG F . 28.89 15.94 -20.69
O7 NAG F . 32.17 16.41 -27.90
C1 NAG F . 30.35 19.73 -22.96
C2 NAG F . 30.36 20.62 -21.71
C3 NAG F . 29.73 21.99 -22.04
C4 NAG F . 30.38 22.61 -23.26
C5 NAG F . 30.36 21.63 -24.44
C6 NAG F . 31.08 22.15 -25.65
C7 NAG F . 30.25 19.16 -19.74
C8 NAG F . 29.36 18.60 -18.67
N2 NAG F . 29.66 19.99 -20.62
O3 NAG F . 29.88 22.85 -20.91
O4 NAG F . 29.68 23.80 -23.62
O5 NAG F . 31.00 20.41 -24.06
O6 NAG F . 30.55 21.59 -26.85
O7 NAG F . 31.44 18.89 -19.81
C1 NAG G . 27.57 51.41 -23.67
C2 NAG G . 28.72 52.19 -24.29
C3 NAG G . 28.63 52.14 -25.80
C4 NAG G . 28.55 50.69 -26.29
C5 NAG G . 27.51 49.87 -25.50
C6 NAG G . 27.61 48.39 -25.75
C7 NAG G . 29.60 54.02 -22.92
C8 NAG G . 29.46 55.47 -22.55
N2 NAG G . 28.73 53.57 -23.82
O3 NAG G . 29.77 52.77 -26.35
O4 NAG G . 28.12 50.70 -27.65
O5 NAG G . 27.67 50.06 -24.07
O6 NAG G . 27.13 47.63 -24.65
O7 NAG G . 30.46 53.30 -22.43
C1 NAG G . 29.17 50.41 -28.57
C2 NAG G . 28.49 50.34 -29.94
C3 NAG G . 29.53 50.09 -31.02
C4 NAG G . 30.58 51.18 -31.00
C5 NAG G . 31.23 51.22 -29.61
C6 NAG G . 32.22 52.34 -29.44
C7 NAG G . 26.14 49.64 -29.91
C8 NAG G . 25.20 48.48 -29.95
N2 NAG G . 27.45 49.33 -29.97
O3 NAG G . 28.87 50.04 -32.29
O4 NAG G . 31.58 50.97 -31.99
O5 NAG G . 30.22 51.40 -28.60
O6 NAG G . 31.80 53.52 -30.14
O7 NAG G . 25.75 50.79 -29.82
C1 BMA G . 31.38 51.93 -33.06
C2 BMA G . 32.74 52.17 -33.76
C3 BMA G . 32.65 52.28 -35.34
C4 BMA G . 31.21 52.31 -35.99
C5 BMA G . 30.07 52.33 -34.96
C6 BMA G . 28.76 51.87 -35.55
O2 BMA G . 33.63 51.10 -33.48
O3 BMA G . 33.45 51.26 -35.94
O4 BMA G . 31.07 53.42 -36.86
O5 BMA G . 30.42 51.42 -33.95
O6 BMA G . 28.82 50.46 -35.75
C1 MAN G . 33.92 51.69 -37.24
C2 MAN G . 33.69 50.50 -38.25
C3 MAN G . 34.69 49.39 -38.00
C4 MAN G . 36.14 49.94 -37.98
C5 MAN G . 36.25 51.04 -36.90
C6 MAN G . 37.62 51.67 -36.84
O2 MAN G . 33.90 50.92 -39.60
O3 MAN G . 34.58 48.36 -38.96
O4 MAN G . 37.05 48.91 -37.68
O5 MAN G . 35.28 52.08 -37.19
O6 MAN G . 37.47 53.06 -37.12
C1 MAN G . 27.52 50.01 -36.22
C2 MAN G . 27.23 48.63 -35.55
C3 MAN G . 28.06 47.53 -36.20
C4 MAN G . 27.91 47.53 -37.72
C5 MAN G . 28.32 48.90 -38.28
C6 MAN G . 28.13 49.02 -39.78
O2 MAN G . 25.87 48.24 -35.75
O3 MAN G . 27.74 46.25 -35.68
O4 MAN G . 28.73 46.52 -38.31
O5 MAN G . 27.50 49.92 -37.65
O6 MAN G . 28.22 47.71 -40.36
C1 NAG H . 14.16 39.99 -38.89
C2 NAG H . 15.29 40.36 -39.85
C3 NAG H . 15.28 39.42 -41.05
C4 NAG H . 15.35 37.97 -40.60
C5 NAG H . 14.24 37.67 -39.60
C6 NAG H . 14.35 36.31 -38.95
C7 NAG H . 16.03 42.68 -39.88
C8 NAG H . 15.78 44.06 -40.43
N2 NAG H . 15.17 41.74 -40.28
O3 NAG H . 16.39 39.73 -41.89
O4 NAG H . 15.20 37.15 -41.75
O5 NAG H . 14.28 38.63 -38.51
O6 NAG H . 13.08 35.70 -38.82
O7 NAG H . 16.96 42.45 -39.13
C1 NAG H . 16.35 36.29 -41.91
C2 NAG H . 15.81 35.03 -42.59
C3 NAG H . 16.94 34.03 -42.79
C4 NAG H . 18.05 34.68 -43.62
C5 NAG H . 18.54 35.94 -42.92
C6 NAG H . 19.57 36.71 -43.71
C7 NAG H . 13.46 34.42 -42.31
C8 NAG H . 12.45 33.75 -41.44
N2 NAG H . 14.72 34.44 -41.85
O3 NAG H . 16.41 32.86 -43.42
O4 NAG H . 19.13 33.77 -43.86
O5 NAG H . 17.44 36.84 -42.69
O6 NAG H . 19.23 38.09 -43.81
O7 NAG H . 13.15 34.93 -43.38
C1 BMA H . 18.99 33.39 -45.25
C2 BMA H . 20.33 32.91 -45.85
C3 BMA H . 20.05 32.52 -47.32
C4 BMA H . 18.88 31.51 -47.46
C5 BMA H . 17.64 32.04 -46.71
C6 BMA H . 16.51 31.05 -46.67
O2 BMA H . 20.80 31.75 -45.19
O3 BMA H . 21.22 32.06 -47.97
O4 BMA H . 18.57 31.33 -48.83
O5 BMA H . 18.02 32.33 -45.38
O6 BMA H . 17.09 29.76 -46.59
C1 MAN H . 21.48 32.93 -49.08
C2 MAN H . 22.57 32.25 -49.95
C3 MAN H . 23.94 32.35 -49.25
C4 MAN H . 24.27 33.82 -48.89
C5 MAN H . 23.16 34.37 -47.96
C6 MAN H . 23.34 35.82 -47.57
O2 MAN H . 22.71 32.89 -51.21
O3 MAN H . 24.99 31.80 -50.04
O4 MAN H . 25.53 33.89 -48.23
O5 MAN H . 21.87 34.25 -48.64
O6 MAN H . 22.26 36.18 -46.70
C1 MAN H . 16.12 28.78 -46.98
C2 MAN H . 16.70 27.40 -46.60
C3 MAN H . 17.86 27.04 -47.54
C4 MAN H . 17.40 27.09 -49.01
C5 MAN H . 16.87 28.50 -49.33
C6 MAN H . 16.30 28.63 -50.72
O2 MAN H . 15.73 26.36 -46.77
O3 MAN H . 18.41 25.77 -47.23
O4 MAN H . 18.48 26.79 -49.86
O5 MAN H . 15.81 28.86 -48.39
O6 MAN H . 15.91 29.99 -50.93
C1 NAG I . 30.56 67.32 -13.27
C2 NAG I . 31.24 67.44 -14.64
C3 NAG I . 30.94 68.81 -15.25
C4 NAG I . 29.45 69.13 -15.23
C5 NAG I . 28.88 68.89 -13.82
C6 NAG I . 27.38 69.07 -13.75
C7 NAG I . 33.42 66.70 -15.47
C8 NAG I . 34.89 66.58 -15.17
N2 NAG I . 32.67 67.25 -14.51
O3 NAG I . 31.42 68.83 -16.59
O4 NAG I . 29.25 70.50 -15.58
O5 NAG I . 29.16 67.56 -13.41
O6 NAG I . 27.03 69.70 -12.52
O7 NAG I . 32.95 66.33 -16.54
C1 NAG I . 28.58 70.58 -16.85
C2 NAG I . 27.78 71.88 -16.92
C3 NAG I . 27.11 72.00 -18.28
C4 NAG I . 28.15 71.90 -19.40
C5 NAG I . 28.94 70.60 -19.25
C6 NAG I . 30.07 70.48 -20.24
C7 NAG I . 27.03 72.49 -14.66
C8 NAG I . 25.89 72.51 -13.69
N2 NAG I . 26.78 71.96 -15.86
O3 NAG I . 26.42 73.25 -18.37
O4 NAG I . 27.50 71.90 -20.67
O5 NAG I . 29.53 70.54 -17.94
O6 NAG I . 30.28 69.12 -20.61
O7 NAG I . 28.14 72.92 -14.35
C1 NAG J . 38.43 3.91 11.68
C2 NAG J . 37.89 3.79 13.08
C3 NAG J . 38.74 4.60 14.04
C4 NAG J . 40.19 4.15 13.96
C5 NAG J . 40.68 4.16 12.51
C6 NAG J . 42.05 3.52 12.33
C7 NAG J . 35.53 3.41 13.65
C8 NAG J . 34.16 3.98 13.64
N2 NAG J . 36.50 4.20 13.15
O3 NAG J . 38.26 4.44 15.37
O4 NAG J . 40.99 5.02 14.76
O5 NAG J . 39.79 3.45 11.65
O6 NAG J . 42.40 3.38 10.96
O7 NAG J . 35.78 2.30 14.09
C1 NAG J . 41.55 4.34 15.90
C2 NAG J . 42.78 5.12 16.33
C3 NAG J . 43.45 4.43 17.52
C4 NAG J . 42.44 4.22 18.66
C5 NAG J . 41.19 3.51 18.13
C6 NAG J . 40.09 3.41 19.17
C7 NAG J . 43.91 6.40 14.57
C8 NAG J . 44.92 6.37 13.46
N2 NAG J . 43.74 5.25 15.24
O3 NAG J . 44.54 5.22 17.98
O4 NAG J . 43.02 3.41 19.67
O5 NAG J . 40.64 4.21 17.01
O6 NAG J . 39.69 2.06 19.35
O7 NAG J . 43.29 7.41 14.85
C1 NAG K . -7.91 -0.52 50.52
C2 NAG K . -9.15 -1.09 49.84
C3 NAG K . -10.25 -0.03 49.79
C4 NAG K . -10.54 0.51 51.19
C5 NAG K . -9.24 0.99 51.86
C6 NAG K . -9.44 1.38 53.30
C7 NAG K . -9.46 -2.64 47.97
C8 NAG K . -9.02 -3.01 46.59
N2 NAG K . -8.85 -1.58 48.51
O3 NAG K . -11.41 -0.61 49.20
O4 NAG K . -11.43 1.63 51.13
O5 NAG K . -8.25 -0.06 51.83
O6 NAG K . -9.75 0.26 54.11
O7 NAG K . -10.33 -3.26 48.57
C1 NAG K . -12.78 1.24 51.44
C2 NAG K . -13.50 2.38 52.16
C3 NAG K . -14.95 2.00 52.40
C4 NAG K . -15.64 1.60 51.09
C5 NAG K . -14.83 0.51 50.39
C6 NAG K . -15.36 0.17 49.02
C7 NAG K . -12.21 3.85 53.63
C8 NAG K . -11.58 4.00 54.99
N2 NAG K . -12.83 2.69 53.41
O3 NAG K . -15.63 3.11 52.99
O4 NAG K . -16.95 1.13 51.36
O5 NAG K . -13.48 0.93 50.21
O6 NAG K . -14.31 -0.20 48.14
O7 NAG K . -12.14 4.72 52.78
C1 NAG L . 28.92 5.02 36.21
C2 NAG L . 28.70 6.33 36.97
C3 NAG L . 29.95 7.21 36.88
C4 NAG L . 31.16 6.44 37.39
C5 NAG L . 31.31 5.15 36.60
C6 NAG L . 32.44 4.27 37.09
C7 NAG L . 26.32 6.93 37.00
C8 NAG L . 25.24 7.73 36.35
N2 NAG L . 27.54 7.03 36.46
O3 NAG L . 29.72 8.39 37.66
O4 NAG L . 32.35 7.22 37.27
O5 NAG L . 30.11 4.36 36.72
O6 NAG L . 33.66 4.56 36.40
O7 NAG L . 26.11 6.22 37.97
C1 NAG L . 32.75 7.65 38.60
C2 NAG L . 34.23 8.05 38.60
C3 NAG L . 34.63 8.53 39.99
C4 NAG L . 33.70 9.63 40.50
C5 NAG L . 32.22 9.23 40.33
C6 NAG L . 31.26 10.37 40.57
C7 NAG L . 36.10 7.09 37.36
C8 NAG L . 36.87 5.84 37.03
N2 NAG L . 35.07 6.94 38.18
O3 NAG L . 35.97 9.00 39.95
O4 NAG L . 33.97 9.85 41.88
O5 NAG L . 31.97 8.77 39.00
O6 NAG L . 30.69 10.82 39.36
O7 NAG L . 36.42 8.18 36.90
C1 BMA L . 34.43 11.20 42.17
C2 BMA L . 34.80 11.26 43.68
C3 BMA L . 35.28 12.67 44.03
C4 BMA L . 36.35 13.20 43.04
C5 BMA L . 35.93 12.98 41.57
C6 BMA L . 37.02 13.34 40.57
O2 BMA L . 35.88 10.38 43.96
O3 BMA L . 35.77 12.73 45.36
O4 BMA L . 36.54 14.59 43.26
O5 BMA L . 35.56 11.59 41.38
O6 BMA L . 38.18 12.57 40.88
C1 NAG M . -46.99 -13.47 23.87
C2 NAG M . -48.47 -13.24 23.59
C3 NAG M . -48.77 -11.75 23.62
C4 NAG M . -48.30 -11.12 24.91
C5 NAG M . -46.85 -11.51 25.27
C6 NAG M . -46.46 -11.16 26.69
C7 NAG M . -49.41 -15.05 22.23
C8 NAG M . -49.76 -15.51 20.84
N2 NAG M . -48.87 -13.83 22.33
O3 NAG M . -50.16 -11.55 23.44
O4 NAG M . -48.33 -9.70 24.76
O5 NAG M . -46.66 -12.93 25.15
O6 NAG M . -45.34 -10.30 26.72
O7 NAG M . -49.58 -15.77 23.22
C1 NAG M . -49.30 -9.06 25.64
C2 NAG M . -50.07 -8.01 24.83
C3 NAG M . -51.13 -7.33 25.71
C4 NAG M . -52.01 -8.37 26.41
C5 NAG M . -51.14 -9.38 27.15
C6 NAG M . -51.93 -10.49 27.81
C7 NAG M . -49.37 -6.42 23.09
C8 NAG M . -48.33 -5.42 22.68
N2 NAG M . -49.17 -7.01 24.27
O3 NAG M . -51.93 -6.48 24.92
O4 NAG M . -52.87 -7.73 27.34
O5 NAG M . -50.23 -10.00 26.24
O6 NAG M . -52.05 -10.27 29.20
O7 NAG M . -50.34 -6.67 22.39
C1 NAG N . -28.64 13.02 26.83
C2 NAG N . -29.81 12.79 25.87
C3 NAG N . -30.98 13.68 26.27
C4 NAG N . -31.36 13.45 27.73
C5 NAG N . -30.14 13.53 28.65
C6 NAG N . -30.43 13.06 30.05
C7 NAG N . -29.96 12.36 23.46
C8 NAG N . -29.47 12.73 22.10
N2 NAG N . -29.43 13.03 24.49
O3 NAG N . -32.11 13.42 25.43
O4 NAG N . -32.29 14.46 28.10
O5 NAG N . -29.06 12.72 28.17
O6 NAG N . -29.52 13.63 30.99
O7 NAG N . -30.82 11.50 23.63
C1 NAG N . -33.60 13.94 28.45
C2 NAG N . -34.26 14.94 29.41
C3 NAG N . -35.69 14.50 29.73
C4 NAG N . -36.49 14.18 28.47
C5 NAG N . -35.71 13.22 27.59
C6 NAG N . -36.36 12.95 26.25
C7 NAG N . -32.45 15.90 30.77
C8 NAG N . -31.78 15.90 32.10
N2 NAG N . -33.49 15.07 30.64
O3 NAG N . -36.33 15.54 30.46
O4 NAG N . -37.71 13.55 28.88
O5 NAG N . -34.41 13.76 27.30
O6 NAG N . -36.15 11.61 25.83
O7 NAG N . -32.06 16.61 29.84
C1 BMA N . -38.94 14.22 28.47
C2 BMA N . -40.09 13.22 28.74
C3 BMA N . -41.43 13.84 28.35
C4 BMA N . -41.64 15.22 29.01
C5 BMA N . -40.43 16.13 28.70
C6 BMA N . -40.53 17.50 29.36
O2 BMA N . -40.19 12.92 30.13
O3 BMA N . -42.51 12.97 28.65
O4 BMA N . -42.82 15.82 28.52
O5 BMA N . -39.20 15.47 29.15
O6 BMA N . -40.74 17.30 30.75
C1 MAN N . -43.10 12.52 27.41
C2 MAN N . -44.51 11.90 27.73
C3 MAN N . -44.37 10.46 28.27
C4 MAN N . -43.49 9.61 27.35
C5 MAN N . -42.10 10.25 27.27
C6 MAN N . -41.15 9.47 26.40
O2 MAN N . -45.30 11.78 26.55
O3 MAN N . -45.64 9.83 28.44
O4 MAN N . -43.38 8.30 27.85
O5 MAN N . -42.23 11.59 26.72
O6 MAN N . -41.85 9.09 25.21
C1 NAG O . 7.68 59.68 20.32
C2 NAG O . 7.64 60.32 21.69
C3 NAG O . 9.07 60.55 22.18
C4 NAG O . 9.89 59.26 22.11
C5 NAG O . 9.70 58.51 20.78
C6 NAG O . 10.21 57.09 20.84
C7 NAG O . 5.64 61.67 22.08
C8 NAG O . 5.02 63.03 21.98
N2 NAG O . 6.91 61.57 21.67
O3 NAG O . 9.04 61.05 23.50
O4 NAG O . 11.26 59.60 22.24
O5 NAG O . 8.31 58.42 20.41
O6 NAG O . 9.50 56.33 21.81
O7 NAG O . 5.02 60.71 22.50
C1 NAG O . 11.75 59.10 23.51
C2 NAG O . 13.24 59.42 23.58
C3 NAG O . 13.81 58.91 24.90
C4 NAG O . 12.99 59.40 26.10
C5 NAG O . 11.48 59.19 25.88
C6 NAG O . 10.65 59.90 26.91
C7 NAG O . 15.03 59.43 21.91
C8 NAG O . 15.67 58.68 20.79
N2 NAG O . 13.97 58.84 22.47
O3 NAG O . 15.16 59.34 24.99
O4 NAG O . 13.31 58.63 27.26
O5 NAG O . 11.08 59.71 24.61
O6 NAG O . 11.15 61.20 27.19
O7 NAG O . 15.45 60.51 22.30
C1 BMA O . 14.37 59.18 28.07
C2 BMA O . 14.06 58.90 29.56
C3 BMA O . 15.33 59.02 30.42
C4 BMA O . 16.55 58.32 29.79
C5 BMA O . 16.77 58.89 28.41
C6 BMA O . 17.96 58.31 27.71
O2 BMA O . 13.59 57.57 29.73
O3 BMA O . 15.09 58.53 31.71
O4 BMA O . 17.73 58.52 30.55
O5 BMA O . 15.60 58.58 27.65
O6 BMA O . 17.86 56.89 27.79
C1 MAN O . 15.39 59.56 32.67
C2 MAN O . 16.42 58.94 33.62
C3 MAN O . 15.78 57.73 34.30
C4 MAN O . 14.43 58.10 34.98
C5 MAN O . 13.51 58.85 33.99
C6 MAN O . 12.31 59.46 34.67
O2 MAN O . 16.76 59.85 34.66
O3 MAN O . 16.67 57.12 35.22
O4 MAN O . 13.78 56.92 35.43
O5 MAN O . 14.24 59.94 33.35
O6 MAN O . 12.78 60.41 35.62
C1 NAG P . 27.53 47.95 20.16
C2 NAG P . 27.28 48.04 21.65
C3 NAG P . 28.48 47.49 22.43
C4 NAG P . 28.91 46.12 21.92
C5 NAG P . 28.99 46.08 20.39
C6 NAG P . 29.15 44.68 19.83
C7 NAG P . 25.77 49.88 22.22
C8 NAG P . 25.67 51.32 22.63
N2 NAG P . 27.00 49.41 22.06
O3 NAG P . 28.14 47.40 23.80
O4 NAG P . 30.21 45.84 22.42
O5 NAG P . 27.80 46.61 19.80
O6 NAG P . 27.93 44.19 19.30
O7 NAG P . 24.77 49.18 22.07
C1 NAG P . 30.24 44.72 23.31
C2 NAG P . 31.72 44.43 23.58
C3 NAG P . 31.85 43.25 24.54
C4 NAG P . 31.06 43.53 25.82
C5 NAG P . 29.61 43.89 25.48
C6 NAG P . 28.80 44.33 26.67
C7 NAG P . 33.54 44.83 21.98
C8 NAG P . 34.15 44.43 20.67
N2 NAG P . 32.44 44.16 22.34
O3 NAG P . 33.22 43.03 24.83
O4 NAG P . 31.08 42.37 26.65
O5 NAG P . 29.57 44.98 24.54
O6 NAG P . 28.10 45.54 26.40
O7 NAG P . 34.00 45.72 22.68
C1 BMA P . 31.90 42.61 27.81
C2 BMA P . 31.59 41.50 28.82
C3 BMA P . 32.54 41.63 30.02
C4 BMA P . 34.03 41.69 29.59
C5 BMA P . 34.19 42.85 28.61
C6 BMA P . 35.60 42.99 28.07
O2 BMA P . 31.84 40.21 28.25
O3 BMA P . 32.28 40.61 31.00
O4 BMA P . 34.87 41.88 30.73
O5 BMA P . 33.29 42.64 27.49
O6 BMA P . 35.54 43.48 26.74
C1 MAN P . 31.79 41.22 32.23
C2 MAN P . 31.25 40.06 33.17
C3 MAN P . 29.76 39.85 33.05
C4 MAN P . 28.98 41.17 33.08
C5 MAN P . 29.39 41.98 31.86
C6 MAN P . 28.65 43.28 31.71
O2 MAN P . 31.47 40.39 34.53
O3 MAN P . 29.26 38.99 34.05
O4 MAN P . 27.59 40.93 33.04
O5 MAN P . 30.81 42.30 31.98
O6 MAN P . 29.51 44.35 32.06
C1 NAG Q . -1.46 74.62 12.79
C2 NAG Q . -0.56 75.01 13.96
C3 NAG Q . 0.18 76.31 13.63
C4 NAG Q . 0.84 76.27 12.26
C5 NAG Q . -0.16 75.80 11.21
C6 NAG Q . 0.43 75.62 9.83
C7 NAG Q . -0.84 74.94 16.39
C8 NAG Q . -1.80 75.13 17.53
N2 NAG Q . -1.33 75.15 15.17
O3 NAG Q . 1.17 76.55 14.64
O4 NAG Q . 1.29 77.57 11.90
O5 NAG Q . -0.70 74.53 11.60
O6 NAG Q . -0.43 76.11 8.81
O7 NAG Q . 0.33 74.62 16.57
C1 NAG Q . 2.72 77.60 11.90
C2 NAG Q . 3.18 78.73 11.00
C3 NAG Q . 4.71 78.83 11.02
C4 NAG Q . 5.22 78.98 12.45
C5 NAG Q . 4.66 77.86 13.33
C6 NAG Q . 4.99 78.03 14.79
C7 NAG Q . 1.56 79.08 9.20
C8 NAG Q . 1.21 78.80 7.77
N2 NAG Q . 2.70 78.55 9.64
O3 NAG Q . 5.11 79.93 10.22
O4 NAG Q . 6.63 78.95 12.47
O5 NAG Q . 3.23 77.81 13.23
O6 NAG Q . 3.92 77.59 15.62
O7 NAG Q . 0.83 79.75 9.92
C1 BMA Q . 7.20 80.25 12.78
C2 BMA Q . 8.73 80.06 13.00
C3 BMA Q . 9.45 81.42 13.07
C4 BMA Q . 9.01 82.37 11.94
C5 BMA Q . 7.49 82.52 11.96
C6 BMA Q . 6.98 83.45 10.87
O2 BMA Q . 9.31 79.34 11.93
O3 BMA Q . 10.86 81.25 13.06
O4 BMA Q . 9.62 83.65 12.09
O5 BMA Q . 6.93 81.20 11.74
O6 BMA Q . 7.76 83.26 9.71
C1 NAG R . -17.48 81.80 0.50
C2 NAG R . -18.98 81.64 0.53
C3 NAG R . -19.58 82.22 -0.75
C4 NAG R . -19.10 83.65 -0.98
C5 NAG R . -17.59 83.81 -0.77
C6 NAG R . -17.16 85.26 -0.66
C7 NAG R . -19.69 79.70 1.85
C8 NAG R . -20.04 78.25 1.82
N2 NAG R . -19.34 80.24 0.68
O3 NAG R . -20.99 82.18 -0.64
O4 NAG R . -19.36 83.97 -2.35
O5 NAG R . -17.16 83.18 0.45
O6 NAG R . -17.35 85.75 0.66
O7 NAG R . -19.73 80.36 2.89
C1 NAG R . -20.36 84.99 -2.49
C2 NAG R . -20.40 85.36 -3.97
C3 NAG R . -21.47 86.41 -4.22
C4 NAG R . -22.83 85.92 -3.69
C5 NAG R . -22.71 85.51 -2.23
C6 NAG R . -23.98 84.88 -1.69
C7 NAG R . -18.19 85.03 -4.98
C8 NAG R . -16.90 85.68 -5.39
N2 NAG R . -19.10 85.84 -4.43
O3 NAG R . -21.57 86.69 -5.61
O4 NAG R . -23.79 86.95 -3.82
O5 NAG R . -21.67 84.54 -2.07
O6 NAG R . -23.98 84.84 -0.27
O7 NAG R . -18.38 83.83 -5.14
C1 NAG S . -46.02 7.37 6.27
C2 NAG S . -46.35 8.61 5.44
C3 NAG S . -47.04 9.64 6.32
C4 NAG S . -48.25 9.04 7.03
C5 NAG S . -47.88 7.73 7.73
C6 NAG S . -49.09 6.98 8.25
C7 NAG S . -45.17 9.73 3.61
C8 NAG S . -43.86 10.27 3.12
N2 NAG S . -45.16 9.16 4.82
O3 NAG S . -47.44 10.76 5.54
O4 NAG S . -48.72 9.98 7.99
O5 NAG S . -47.21 6.84 6.82
O6 NAG S . -49.51 7.45 9.51
O7 NAG S . -46.19 9.81 2.94
C1 NAG S . -50.05 10.43 7.63
C2 NAG S . -50.62 11.20 8.82
C3 NAG S . -52.03 11.67 8.49
C4 NAG S . -51.98 12.56 7.25
C5 NAG S . -51.36 11.78 6.08
C6 NAG S . -51.16 12.60 4.83
C7 NAG S . -49.85 10.68 11.09
C8 NAG S . -49.98 9.76 12.27
N2 NAG S . -50.62 10.39 10.03
O3 NAG S . -52.56 12.39 9.61
O4 NAG S . -53.26 13.06 6.91
O5 NAG S . -50.06 11.27 6.45
O6 NAG S . -50.12 12.08 4.02
O7 NAG S . -49.10 11.65 11.09
C1 BMA S . -53.25 14.49 7.22
C2 BMA S . -54.46 15.21 6.62
C3 BMA S . -54.42 16.70 7.05
C4 BMA S . -54.09 16.91 8.58
C5 BMA S . -52.96 15.97 9.05
C6 BMA S . -52.84 15.89 10.55
O2 BMA S . -55.67 14.67 7.12
O3 BMA S . -55.64 17.36 6.73
O4 BMA S . -53.67 18.25 8.85
O5 BMA S . -53.28 14.66 8.63
O6 BMA S . -53.42 14.64 10.95
C1 MAN S . -55.34 18.60 6.06
C2 MAN S . -56.56 19.57 6.30
C3 MAN S . -57.75 19.22 5.39
C4 MAN S . -57.30 19.02 3.92
C5 MAN S . -56.22 17.94 3.87
C6 MAN S . -55.71 17.67 2.47
O2 MAN S . -56.21 20.92 5.99
O3 MAN S . -58.76 20.21 5.46
O4 MAN S . -58.41 18.61 3.13
O5 MAN S . -55.09 18.39 4.66
O6 MAN S . -55.36 18.91 1.88
C1 MAN S . -54.43 14.90 11.94
C2 MAN S . -54.78 13.53 12.63
C3 MAN S . -55.73 12.70 11.76
C4 MAN S . -56.95 13.54 11.30
C5 MAN S . -56.43 14.73 10.50
C6 MAN S . -57.54 15.61 9.96
O2 MAN S . -55.47 13.72 13.87
O3 MAN S . -56.17 11.52 12.44
O4 MAN S . -57.81 12.75 10.50
O5 MAN S . -55.59 15.53 11.36
O6 MAN S . -58.11 16.33 11.04
C1 NAG T . -9.69 0.90 -38.29
C2 NAG T . -8.51 1.81 -38.63
C3 NAG T . -8.25 1.83 -40.13
C4 NAG T . -8.20 0.44 -40.75
C5 NAG T . -9.42 -0.37 -40.29
C6 NAG T . -9.41 -1.84 -40.68
C7 NAG T . -8.24 3.65 -37.01
C8 NAG T . -8.65 5.05 -36.67
N2 NAG T . -8.77 3.16 -38.14
O3 NAG T . -7.03 2.51 -40.40
O4 NAG T . -8.20 0.61 -42.16
O5 NAG T . -9.49 -0.36 -38.86
O6 NAG T . -10.30 -2.59 -39.88
O7 NAG T . -7.48 3.01 -36.31
C1 NAG T . -7.26 -0.17 -42.98
C2 NAG T . -7.82 -0.13 -44.39
C3 NAG T . -7.01 -1.02 -45.31
C4 NAG T . -5.52 -0.64 -45.25
C5 NAG T . -5.02 -0.57 -43.80
C6 NAG T . -3.62 -0.01 -43.69
C7 NAG T . -10.19 0.31 -44.84
C8 NAG T . -11.58 -0.24 -44.80
N2 NAG T . -9.22 -0.51 -44.41
O3 NAG T . -7.50 -0.90 -46.63
O4 NAG T . -4.77 -1.64 -45.94
O5 NAG T . -5.88 0.28 -43.00
O6 NAG T . -2.66 -0.91 -44.22
O7 NAG T . -9.95 1.44 -45.25
C1 NAG U . -20.56 57.96 -18.12
C2 NAG U . -21.53 59.10 -18.41
C3 NAG U . -22.70 59.06 -17.43
C4 NAG U . -23.33 57.68 -17.32
C5 NAG U . -22.25 56.60 -17.16
C6 NAG U . -22.77 55.18 -17.30
C7 NAG U . -21.23 61.46 -19.02
C8 NAG U . -20.40 62.70 -18.82
N2 NAG U . -20.85 60.38 -18.33
O3 NAG U . -23.70 59.99 -17.85
O4 NAG U . -24.17 57.69 -16.17
O5 NAG U . -21.25 56.74 -18.17
O6 NAG U . -23.38 54.97 -18.57
O7 NAG U . -22.20 61.44 -19.76
C1 NAG U . -25.54 57.26 -16.42
C2 NAG U . -26.12 56.94 -15.04
C3 NAG U . -27.54 56.40 -15.20
C4 NAG U . -28.40 57.36 -16.02
C5 NAG U . -27.70 57.76 -17.33
C6 NAG U . -28.43 58.85 -18.08
C7 NAG U . -24.84 56.20 -13.09
C8 NAG U . -24.01 55.12 -12.49
N2 NAG U . -25.29 56.00 -14.32
O3 NAG U . -28.09 56.20 -13.91
O4 NAG U . -29.63 56.71 -16.37
O5 NAG U . -26.38 58.24 -17.08
O6 NAG U . -27.51 59.64 -18.83
O7 NAG U . -25.10 57.24 -12.47
C1 BMA U . -30.75 57.07 -15.54
C2 BMA U . -32.05 56.68 -16.29
C3 BMA U . -33.28 56.82 -15.36
C4 BMA U . -33.06 56.12 -14.01
C5 BMA U . -31.78 56.68 -13.36
C6 BMA U . -31.45 56.04 -12.01
O2 BMA U . -31.98 55.33 -16.70
O3 BMA U . -34.46 56.31 -15.98
O4 BMA U . -34.18 56.35 -13.16
O5 BMA U . -30.67 56.44 -14.26
O6 BMA U . -31.81 54.68 -12.06
C1 NAG V . -30.08 51.33 1.63
C2 NAG V . -31.26 52.23 1.33
C3 NAG V . -32.47 51.76 2.11
C4 NAG V . -32.78 50.29 1.84
C5 NAG V . -31.54 49.41 1.95
C6 NAG V . -31.71 48.06 1.29
C7 NAG V . -30.62 54.50 0.69
C8 NAG V . -30.39 55.91 1.16
N2 NAG V . -30.97 53.63 1.62
O3 NAG V . -33.59 52.56 1.76
O4 NAG V . -33.74 49.88 2.80
O5 NAG V . -30.40 50.00 1.28
O6 NAG V . -30.75 47.12 1.73
O7 NAG V . -30.49 54.18 -0.49
C1 NAG V . -34.94 49.33 2.20
C2 NAG V . -35.37 48.15 3.07
C3 NAG V . -36.54 47.44 2.39
C4 NAG V . -37.67 48.41 2.06
C5 NAG V . -37.18 49.74 1.45
C6 NAG V . -38.23 50.82 1.55
C7 NAG V . -33.49 47.31 4.39
C8 NAG V . -32.39 46.29 4.49
N2 NAG V . -34.26 47.23 3.30
O3 NAG V . -37.01 46.42 3.27
O4 NAG V . -38.47 47.79 1.04
O5 NAG V . -36.02 50.26 2.12
O6 NAG V . -38.69 50.95 2.89
O7 NAG V . -33.65 48.17 5.24
C1 BMA V . -39.81 47.43 1.41
C2 BMA V . -40.24 46.33 0.40
C3 BMA V . -41.62 45.76 0.76
C4 BMA V . -41.74 45.39 2.25
C5 BMA V . -41.31 46.59 3.11
C6 BMA V . -41.41 46.30 4.61
O2 BMA V . -39.33 45.24 0.44
O3 BMA V . -41.96 44.64 -0.05
O4 BMA V . -43.06 45.02 2.56
O5 BMA V . -39.95 46.96 2.77
O6 BMA V . -42.70 45.78 4.88
C1 NAG W . -10.75 69.24 -28.92
C2 NAG W . -12.13 69.55 -29.50
C3 NAG W . -12.49 71.02 -29.25
C4 NAG W . -12.33 71.38 -27.77
C5 NAG W . -10.97 70.94 -27.24
C6 NAG W . -10.81 71.07 -25.74
C7 NAG W . -13.25 68.76 -31.54
C8 NAG W . -13.10 68.51 -33.01
N2 NAG W . -12.17 69.26 -30.92
O3 NAG W . -13.83 71.25 -29.66
O4 NAG W . -12.47 72.79 -27.65
O5 NAG W . -10.75 69.54 -27.54
O6 NAG W . -10.60 69.82 -25.14
O7 NAG W . -14.29 68.54 -30.93
C1 NAG W . -13.59 73.15 -26.83
C2 NAG W . -13.73 74.67 -26.82
C3 NAG W . -14.89 75.08 -25.92
C4 NAG W . -16.18 74.38 -26.36
C5 NAG W . -15.96 72.87 -26.43
C6 NAG W . -17.15 72.14 -27.02
C7 NAG W . -11.68 75.92 -27.28
C8 NAG W . -10.44 76.53 -26.70
N2 NAG W . -12.50 75.32 -26.41
O3 NAG W . -15.05 76.49 -25.96
O4 NAG W . -17.22 74.67 -25.43
O5 NAG W . -14.83 72.55 -27.27
O6 NAG W . -16.75 71.28 -28.09
O7 NAG W . -11.93 75.97 -28.48
C1 NAG X . 2.93 -28.63 -43.56
C2 NAG X . 3.90 -27.79 -44.41
C3 NAG X . 3.11 -26.88 -45.38
C4 NAG X . 2.09 -27.69 -46.18
C5 NAG X . 1.23 -28.54 -45.23
C6 NAG X . 0.27 -29.47 -45.95
C7 NAG X . 5.93 -27.40 -43.08
C8 NAG X . 6.69 -26.45 -42.21
N2 NAG X . 4.75 -26.98 -43.55
O3 NAG X . 4.03 -26.26 -46.26
O4 NAG X . 1.24 -26.80 -46.90
O5 NAG X . 2.08 -29.37 -44.43
O6 NAG X . -0.23 -30.46 -45.07
O7 NAG X . 6.36 -28.53 -43.34
C1 NAG X . 1.51 -26.96 -48.31
C2 NAG X . 0.27 -26.55 -49.11
C3 NAG X . 0.55 -26.70 -50.61
C4 NAG X . 1.83 -25.98 -51.01
C5 NAG X . 2.99 -26.38 -50.10
C6 NAG X . 4.25 -25.59 -50.35
C7 NAG X . -1.77 -26.95 -47.80
C8 NAG X . -2.91 -27.89 -47.53
N2 NAG X . -0.88 -27.34 -48.72
O3 NAG X . -0.57 -26.19 -51.33
O4 NAG X . 2.18 -26.34 -52.35
O5 NAG X . 2.64 -26.18 -48.73
O6 NAG X . 5.40 -26.43 -50.40
O7 NAG X . -1.66 -25.88 -47.21
C1 BMA X . 1.95 -25.27 -53.29
C2 BMA X . 2.70 -25.62 -54.58
C3 BMA X . 2.39 -24.59 -55.67
C4 BMA X . 0.87 -24.35 -55.83
C5 BMA X . 0.23 -24.05 -54.46
C6 BMA X . -1.28 -24.00 -54.52
O2 BMA X . 2.27 -26.87 -55.08
O3 BMA X . 2.94 -24.98 -56.93
O4 BMA X . 0.64 -23.26 -56.71
O5 BMA X . 0.57 -25.11 -53.53
O6 BMA X . -1.78 -25.32 -54.34
C1 NAG Y . 35.90 53.86 -7.50
C2 NAG Y . 37.18 53.49 -8.25
C3 NAG Y . 37.63 52.08 -7.86
C4 NAG Y . 37.75 51.95 -6.35
C5 NAG Y . 36.45 52.37 -5.68
C6 NAG Y . 36.54 52.39 -4.18
C7 NAG Y . 37.88 54.12 -10.51
C8 NAG Y . 37.51 54.14 -11.97
N2 NAG Y . 36.97 53.59 -9.69
O3 NAG Y . 38.89 51.82 -8.47
O4 NAG Y . 38.06 50.61 -6.00
O5 NAG Y . 36.10 53.69 -6.09
O6 NAG Y . 36.67 53.73 -3.70
O7 NAG Y . 38.96 54.56 -10.11
C1 NAG Z . 45.98 -15.08 -16.77
C2 NAG Z . 45.72 -14.02 -15.68
C3 NAG Z . 47.05 -13.45 -15.14
C4 NAG Z . 48.02 -14.56 -14.77
C5 NAG Z . 48.21 -15.49 -15.95
C6 NAG Z . 49.13 -16.66 -15.67
C7 NAG Z . 43.56 -13.01 -16.30
C8 NAG Z . 42.89 -11.80 -16.87
N2 NAG Z . 44.90 -12.93 -16.20
O3 NAG Z . 46.80 -12.62 -14.02
O4 NAG Z . 49.28 -14.00 -14.39
O5 NAG Z . 46.93 -16.04 -16.31
O6 NAG Z . 49.70 -17.14 -16.88
O7 NAG Z . 42.94 -14.01 -15.98
C1 NAG AA . 27.59 79.15 4.43
C2 NAG AA . 27.60 78.89 5.93
C3 NAG AA . 26.93 80.03 6.66
C4 NAG AA . 27.58 81.36 6.29
C5 NAG AA . 27.63 81.53 4.77
C6 NAG AA . 28.44 82.73 4.34
C7 NAG AA . 27.68 76.51 6.55
C8 NAG AA . 26.88 75.29 6.85
N2 NAG AA . 26.98 77.62 6.26
O3 NAG AA . 27.03 79.82 8.07
O4 NAG AA . 26.86 82.44 6.88
O5 NAG AA . 28.23 80.39 4.15
O6 NAG AA . 29.66 82.33 3.73
O7 NAG AA . 28.90 76.51 6.55
C1 NAG BA . 32.99 59.83 7.43
C2 NAG BA . 32.79 60.99 8.39
C3 NAG BA . 34.11 61.71 8.62
C4 NAG BA . 35.20 60.73 9.06
C5 NAG BA . 35.28 59.56 8.08
C6 NAG BA . 36.24 58.48 8.51
C7 NAG BA . 30.89 62.54 8.67
C8 NAG BA . 29.93 63.45 7.97
N2 NAG BA . 31.79 61.92 7.88
O3 NAG BA . 33.95 62.73 9.60
O4 NAG BA . 36.46 61.39 9.11
O5 NAG BA . 33.99 58.95 7.95
O6 NAG BA . 37.00 58.01 7.42
O7 NAG BA . 30.86 62.36 9.87
C1 NAG CA . 9.60 25.64 35.94
C2 NAG CA . 11.07 25.70 35.50
C3 NAG CA . 11.87 26.52 36.50
C4 NAG CA . 11.24 27.89 36.74
C5 NAG CA . 9.75 27.74 37.07
C6 NAG CA . 9.03 29.07 37.13
C7 NAG CA . 12.63 24.06 34.53
C8 NAG CA . 13.07 22.63 34.52
N2 NAG CA . 11.63 24.36 35.37
O3 NAG CA . 13.20 26.69 36.03
O4 NAG CA . 11.89 28.54 37.82
O5 NAG CA . 9.08 26.97 36.06
O6 NAG CA . 8.32 29.34 35.93
O7 NAG CA . 13.16 24.91 33.81
C1 NAG DA . -10.09 61.98 19.09
C2 NAG DA . -9.37 61.92 20.45
C3 NAG DA . -9.76 60.65 21.20
C4 NAG DA . -11.27 60.47 21.28
C5 NAG DA . -11.86 60.53 19.87
C6 NAG DA . -13.37 60.43 19.86
C7 NAG DA . -7.17 62.94 20.80
C8 NAG DA . -5.70 62.85 20.50
N2 NAG DA . -7.93 61.99 20.26
O3 NAG DA . -9.22 60.72 22.53
O4 NAG DA . -11.59 59.21 21.86
O5 NAG DA . -11.51 61.79 19.27
O6 NAG DA . -13.79 59.08 19.72
O7 NAG DA . -7.64 63.84 21.48
C1 NAG EA . -21.72 65.26 6.58
C2 NAG EA . -23.21 65.11 6.86
C3 NAG EA . -24.02 65.40 5.59
C4 NAG EA . -23.64 66.76 5.01
C5 NAG EA . -22.14 66.84 4.79
C6 NAG EA . -21.69 68.21 4.33
C7 NAG EA . -24.33 63.57 8.40
C8 NAG EA . -24.54 62.14 8.79
N2 NAG EA . -23.52 63.78 7.36
O3 NAG EA . -25.41 65.37 5.89
O4 NAG EA . -24.31 66.94 3.75
O5 NAG EA . -21.46 66.58 6.02
O6 NAG EA . -20.43 68.15 3.67
O7 NAG EA . -24.85 64.49 9.02
C1 NAG FA . -41.75 -7.03 -27.55
C2 NAG FA . -42.55 -7.07 -28.85
C3 NAG FA . -42.12 -5.92 -29.78
C4 NAG FA . -42.18 -4.59 -29.06
C5 NAG FA . -41.37 -4.65 -27.77
C6 NAG FA . -41.49 -3.39 -26.94
C7 NAG FA . -43.33 -8.92 -30.27
C8 NAG FA . -42.98 -10.23 -30.89
N2 NAG FA . -42.39 -8.35 -29.52
O3 NAG FA . -42.95 -5.90 -30.93
O4 NAG FA . -41.64 -3.57 -29.90
O5 NAG FA . -41.86 -5.72 -26.95
O6 NAG FA . -41.63 -3.70 -25.56
O7 NAG FA . -44.43 -8.39 -30.43
C1 NAG GA . -36.56 22.05 -14.55
C2 NAG GA . -37.06 21.94 -13.11
C3 NAG GA . -38.43 22.62 -12.98
C4 NAG GA . -38.35 24.06 -13.48
C5 NAG GA . -37.74 24.12 -14.88
C6 NAG GA . -37.47 25.54 -15.34
C7 NAG GA . -36.48 20.08 -11.62
C8 NAG GA . -36.66 18.62 -11.33
N2 NAG GA . -37.14 20.55 -12.68
O3 NAG GA . -38.84 22.60 -11.62
O4 NAG GA . -39.65 24.63 -13.51
O5 NAG GA . -36.48 23.44 -14.91
O6 NAG GA . -36.19 25.65 -15.96
O7 NAG GA . -35.78 20.80 -10.91
C1 NAG HA . -10.98 54.43 -34.47
C2 NAG HA . -12.50 54.40 -34.34
C3 NAG HA . -13.06 53.11 -34.92
C4 NAG HA . -12.59 52.90 -36.36
C5 NAG HA . -11.05 52.95 -36.40
C6 NAG HA . -10.50 52.88 -37.80
C7 NAG HA . -13.02 55.72 -32.33
C8 NAG HA . -13.47 55.66 -30.91
N2 NAG HA . -12.92 54.54 -32.96
O3 NAG HA . -14.49 53.14 -34.90
O4 NAG HA . -13.03 51.64 -36.84
O5 NAG HA . -10.60 54.20 -35.84
O6 NAG HA . -9.69 54.01 -38.09
O7 NAG HA . -12.75 56.78 -32.88
C1 NAG IA . 9.52 73.24 -37.67
C2 NAG IA . 10.13 72.65 -38.95
C3 NAG IA . 11.41 73.40 -39.32
C4 NAG IA . 11.17 74.90 -39.36
C5 NAG IA . 10.50 75.38 -38.07
C6 NAG IA . 10.11 76.83 -38.09
C7 NAG IA . 10.36 70.36 -39.79
C8 NAG IA . 10.66 68.93 -39.44
N2 NAG IA . 10.41 71.23 -38.78
O3 NAG IA . 11.88 72.95 -40.58
O4 NAG IA . 12.41 75.58 -39.52
O5 NAG IA . 9.30 74.63 -37.84
O6 NAG IA . 9.06 77.10 -37.18
O7 NAG IA . 10.09 70.71 -40.94
C1 NAG JA . 4.32 55.44 -39.64
C2 NAG JA . 5.47 56.30 -40.14
C3 NAG JA . 5.24 56.73 -41.59
C4 NAG JA . 4.91 55.53 -42.47
C5 NAG JA . 3.77 54.71 -41.85
C6 NAG JA . 3.47 53.44 -42.61
C7 NAG JA . 6.75 57.75 -38.62
C8 NAG JA . 6.73 59.00 -37.78
N2 NAG JA . 5.63 57.48 -39.29
O3 NAG JA . 6.40 57.38 -42.09
O4 NAG JA . 4.52 55.95 -43.77
O5 NAG JA . 4.14 54.32 -40.52
O6 NAG JA . 2.30 52.82 -42.10
O7 NAG JA . 7.74 57.03 -38.68
#